data_5YKE
#
_entry.id   5YKE
#
_cell.length_a   1.00
_cell.length_b   1.00
_cell.length_c   1.00
_cell.angle_alpha   90.00
_cell.angle_beta   90.00
_cell.angle_gamma   90.00
#
loop_
_entity.id
_entity.type
_entity.pdbx_description
1 polymer 'ATP-sensitive inward rectifier potassium channel 11'
2 polymer 'ATP-binding cassette sub-family C member 8 isoform X2'
3 non-polymer 5-chloro-N-(2-{4-[(cyclohexylcarbamoyl)sulfamoyl]phenyl}ethyl)-2-methoxybenzamide
#
loop_
_entity_poly.entity_id
_entity_poly.type
_entity_poly.pdbx_seq_one_letter_code
_entity_poly.pdbx_strand_id
1 'polypeptide(L)'
;MLSRKGIIPEEYVLTRLAEDPAEPRYRTRERRARFVSKKGNCNVAHKNIREQGRFLQDVFTTLVDLKWPHTLLIFTMSFL
CSWLLFAMVWWLIAFAHGDLAPGEGTNVPCVTSIHSFSSAFLFSIEVQVTIGFGGRMVTEECPLAILILIVQNIVGLMIN
AIMLGCIFMKTAQAHRRAETLIFSKHAVITLRHGRLCFMLRVGDLRKSMIISATIHMQVVRKTTSPEGEVVPLHQVDIPM
ENGVGGNGIFLVAPLIIYHVIDSNSPLYDLAPSDLHHHQDLEIIVILEGVVETTGITTQARTSYLADEILWGQRFVPIVA
EEDGRYSVDYSKFGNTIKVPTPLCTARQLDEDRSLLDALTLASSRGPLRKRSVAVAKAKPKFSISPDSLS
;
A,C,E,G
2 'polypeptide(L)'
;MPLAFCGTENHSAAYRVDQGVLNNGCFVDALNVVPHVFLLFITFPILFIGWGSQSSKVHIHHSTWLHFPGHNLRWILTFI
LLFVLVCEIAEGILSDGVTESRHLHLYMPAGMAFMAAITSVVYYHNIETSNFPKLLIALLIYWTLAFITKTIKFVKFYDH
AIGFSQLRFCLTGLLVILYGMLLLVEVNVIRVRRYIFFKTPREVKPPEDLQDLGVRFLQPFVNLLSKGTYWWMNAFIKTA
HKKPIDLRAIGKLPIAMRALTNYQRLCVAFDAQARKDTQSPQGARAIWRALCHAFGRRLILSSTFRILADLLGFAGPLCI
FGIVDHLGKENHVFQPKTQFLGVYFVSSQEFLGNAYVLAVLLFLALLLQRTFLQASYYVAIETGINLRGAIQTKIYNKIM
HLSTSNLSMGEMTAGQICNLVAIDTNQLMWFFFLCPNLWAMPVQIIVGVILLYYILGVSALIGAAVIILLAPVQYFVATK
LSQAQRSTLEHSNERLKQTNEMLRGMKLLKLYAWESIFCSRVEVTRRKEMTSLRAFAVYTSISIFMNTAIPIAAVLITFV
GHVSFFKESDLSPSVAFASLSLFHILVTPLFLLSSVVRSTVKALVSVQKLSEFLSSAEIREEQCAPREPAPQGQAGKYQA
VPLKVVNRKRPAREEVRDLLGPLQRLAPSMDGDADNFCVQIIGGFFTWTPDGIPTLSNITIRIPRGQLTMIVGQVGCGKS
SLLLATLGEMQKVSGAVFWNSNLPDSEGEDPSSPERETAAGSDIRSRGPVAYASQKPWLLNATVEENITFESPFNKQRYK
MVIEACSLQPDIDILPHGDQTQIGERGINLSGGQRQRISVARALYQQTNVVFLDDPFSALDVHLSDHLMQAGILELLRDD
KRTVVLVTHKLQYLPHADWIIAMKDGTIQREGTLKDFQRSECQLFEHWKTLMNRQDQELEKETVMERKASEPSQGLPRAM
SSRDGLLLDEEEEEEEAAESEEDDNLSSVLHQRAKIPWRACTKYLSSAGILLLSLLVFSQLLKHMVLVAIDYWLAKWTDS
ALVLSPAARNCSLSQECDLDQSVYAMVFTLLCSLGIVLCLVTSVTVEWTGLKVAKRLHRSLLNRIILAPMRFFETTPLGS
ILNRFSSDCNTIDQHIPSTLECLSRSTLLCVSALTVISYVTPVFLVALLPLAVVCYFIQKYFRVASRDLQQLDDTTQLPL
LSHFAETVEGLTTIRAFRYEARFQQKLLEYTDSNNIASLFLTAANRWLEVRMEYIGACVVLIAAATSISNSLHRELSAGL
VGLGLTYALMVSNYLNWMVRNLADMEIQLGAVKRIHALLKTEAESYEGLLAPSLIPKNWPDQGKIQIQNLSVRYDSSLKP
VLKHVNALISPGQKIGICGRTGSGKSSFSLAFFRMVDMFEGRIIIDGIDIAKLPLHTLRSRLSIILQDPVLFSGTIRFNL
DPEKKCSDSTLWEALEIAQLKLVVKALPGGLDAIITEGGENFSQGQRQLFCLARAFVRKTSIFIMDEATASIDMATENIL
QKVVMTAFADRTVVTIAHRVHTILSADLVMVLKRGAILEFDKPETLLSQKDSVFASFVRADK
;
B,D,F,H
#
loop_
_chem_comp.id
_chem_comp.type
_chem_comp.name
_chem_comp.formula
GBM non-polymer 5-chloro-N-(2-{4-[(cyclohexylcarbamoyl)sulfamoyl]phenyl}ethyl)-2-methoxybenzamide 'C23 H28 Cl N3 O5 S'
#
# COMPACT_ATOMS: atom_id res chain seq x y z
N HIS A 46 18.35 -27.61 -11.27
CA HIS A 46 18.63 -28.20 -9.97
C HIS A 46 17.99 -29.56 -9.84
N LYS A 47 18.70 -30.47 -9.18
CA LYS A 47 18.23 -31.83 -9.01
C LYS A 47 18.39 -32.23 -7.55
N ASN A 48 17.43 -33.04 -7.07
CA ASN A 48 17.48 -33.63 -5.74
C ASN A 48 17.50 -32.53 -4.66
N ILE A 49 16.46 -31.72 -4.66
CA ILE A 49 16.26 -30.71 -3.60
C ILE A 49 15.51 -31.36 -2.46
N ARG A 50 16.13 -31.42 -1.28
CA ARG A 50 15.45 -31.95 -0.09
C ARG A 50 14.41 -30.92 0.36
N GLU A 51 13.26 -30.98 -0.30
CA GLU A 51 12.20 -30.04 0.02
C GLU A 51 11.73 -30.28 1.45
N GLN A 52 11.94 -29.32 2.33
CA GLN A 52 11.36 -29.38 3.67
C GLN A 52 10.12 -28.52 3.77
N GLY A 53 9.61 -28.05 2.64
CA GLY A 53 8.38 -27.31 2.58
C GLY A 53 8.55 -25.80 2.55
N ARG A 54 9.78 -25.30 2.70
CA ARG A 54 9.96 -23.85 2.65
C ARG A 54 9.51 -23.25 1.33
N PHE A 55 9.39 -24.06 0.27
CA PHE A 55 8.92 -23.58 -1.02
C PHE A 55 7.51 -23.04 -0.95
N LEU A 56 6.66 -23.66 -0.15
CA LEU A 56 5.35 -23.07 0.10
C LEU A 56 5.32 -22.23 1.36
N GLN A 57 6.27 -22.43 2.29
CA GLN A 57 6.26 -21.67 3.54
C GLN A 57 6.44 -20.17 3.33
N ASP A 58 6.82 -19.77 2.12
CA ASP A 58 7.03 -18.40 1.68
C ASP A 58 5.76 -17.88 1.02
N VAL A 59 4.63 -18.22 1.63
CA VAL A 59 3.31 -18.26 1.00
C VAL A 59 3.08 -17.13 0.03
N PHE A 60 3.28 -15.89 0.46
CA PHE A 60 3.02 -14.81 -0.47
C PHE A 60 4.27 -14.36 -1.22
N THR A 61 5.46 -14.55 -0.66
CA THR A 61 6.65 -14.30 -1.44
C THR A 61 6.88 -15.39 -2.49
N THR A 62 6.06 -16.43 -2.50
CA THR A 62 6.06 -17.37 -3.60
C THR A 62 5.19 -16.85 -4.74
N LEU A 63 3.94 -16.51 -4.45
CA LEU A 63 3.01 -16.15 -5.50
C LEU A 63 3.23 -14.74 -6.03
N VAL A 64 3.86 -13.85 -5.27
CA VAL A 64 4.24 -12.56 -5.84
C VAL A 64 5.34 -12.70 -6.88
N ASP A 65 5.95 -13.87 -6.98
CA ASP A 65 6.88 -14.13 -8.06
C ASP A 65 6.18 -14.48 -9.36
N LEU A 66 4.95 -14.97 -9.30
CA LEU A 66 4.30 -15.61 -10.44
C LEU A 66 4.04 -14.62 -11.57
N LYS A 67 3.54 -15.15 -12.68
CA LYS A 67 3.12 -14.28 -13.76
C LYS A 67 1.85 -13.54 -13.35
N TRP A 68 1.33 -12.77 -14.28
CA TRP A 68 0.09 -12.04 -14.06
C TRP A 68 -1.16 -12.90 -14.22
N PRO A 69 -1.25 -13.75 -15.25
CA PRO A 69 -2.46 -14.59 -15.34
C PRO A 69 -2.63 -15.52 -14.17
N HIS A 70 -1.55 -16.17 -13.70
CA HIS A 70 -1.69 -17.06 -12.56
C HIS A 70 -2.07 -16.31 -11.30
N THR A 71 -1.44 -15.16 -11.07
CA THR A 71 -1.76 -14.41 -9.85
C THR A 71 -3.19 -13.89 -9.91
N LEU A 72 -3.64 -13.42 -11.08
CA LEU A 72 -5.02 -12.98 -11.17
C LEU A 72 -5.98 -14.15 -11.00
N LEU A 73 -5.64 -15.31 -11.55
CA LEU A 73 -6.47 -16.49 -11.36
C LEU A 73 -6.60 -16.84 -9.88
N ILE A 74 -5.48 -16.85 -9.16
CA ILE A 74 -5.55 -17.29 -7.77
C ILE A 74 -6.22 -16.23 -6.91
N PHE A 75 -6.18 -14.96 -7.32
CA PHE A 75 -6.91 -13.94 -6.56
C PHE A 75 -8.41 -14.05 -6.78
N THR A 76 -8.83 -14.23 -8.03
CA THR A 76 -10.26 -14.42 -8.21
C THR A 76 -10.72 -15.70 -7.52
N MET A 77 -9.87 -16.73 -7.46
CA MET A 77 -10.26 -17.96 -6.79
C MET A 77 -10.35 -17.81 -5.29
N SER A 78 -9.44 -17.01 -4.69
CA SER A 78 -9.59 -16.64 -3.29
C SER A 78 -10.92 -15.95 -3.04
N PHE A 79 -11.22 -14.93 -3.83
CA PHE A 79 -12.43 -14.18 -3.58
C PHE A 79 -13.68 -15.04 -3.77
N LEU A 80 -13.76 -15.78 -4.88
CA LEU A 80 -14.93 -16.61 -5.11
C LEU A 80 -15.04 -17.72 -4.08
N CYS A 81 -13.92 -18.29 -3.66
CA CYS A 81 -13.97 -19.30 -2.61
C CYS A 81 -14.62 -18.74 -1.36
N SER A 82 -14.14 -17.58 -0.88
CA SER A 82 -14.72 -17.06 0.35
C SER A 82 -16.19 -16.71 0.18
N TRP A 83 -16.54 -16.09 -0.95
CA TRP A 83 -17.93 -15.70 -1.17
C TRP A 83 -18.86 -16.92 -1.17
N LEU A 84 -18.47 -17.98 -1.86
CA LEU A 84 -19.32 -19.16 -1.92
C LEU A 84 -19.43 -19.84 -0.56
N LEU A 85 -18.33 -19.87 0.19
CA LEU A 85 -18.39 -20.45 1.53
C LEU A 85 -19.46 -19.75 2.37
N PHE A 86 -19.38 -18.41 2.46
CA PHE A 86 -20.33 -17.74 3.33
C PHE A 86 -21.74 -17.72 2.74
N ALA A 87 -21.88 -17.76 1.41
CA ALA A 87 -23.21 -17.85 0.84
C ALA A 87 -23.87 -19.17 1.23
N MET A 88 -23.10 -20.26 1.24
CA MET A 88 -23.63 -21.54 1.67
C MET A 88 -24.05 -21.49 3.14
N VAL A 89 -23.19 -20.95 3.99
CA VAL A 89 -23.56 -20.96 5.41
C VAL A 89 -24.78 -20.08 5.66
N TRP A 90 -24.94 -18.99 4.90
CA TRP A 90 -26.12 -18.15 5.08
C TRP A 90 -27.38 -18.83 4.56
N TRP A 91 -27.30 -19.42 3.37
CA TRP A 91 -28.42 -20.22 2.89
C TRP A 91 -28.85 -21.19 3.98
N LEU A 92 -27.89 -21.88 4.59
CA LEU A 92 -28.22 -22.89 5.58
C LEU A 92 -28.84 -22.28 6.82
N ILE A 93 -28.35 -21.13 7.25
CA ILE A 93 -28.88 -20.59 8.50
C ILE A 93 -30.30 -20.09 8.28
N ALA A 94 -30.58 -19.47 7.13
CA ALA A 94 -31.95 -19.06 6.81
C ALA A 94 -32.86 -20.26 6.64
N PHE A 95 -32.34 -21.36 6.10
CA PHE A 95 -33.13 -22.59 6.02
C PHE A 95 -33.46 -23.11 7.41
N ALA A 96 -32.45 -23.13 8.28
CA ALA A 96 -32.59 -23.74 9.59
C ALA A 96 -33.50 -22.93 10.51
N HIS A 97 -33.38 -21.60 10.48
CA HIS A 97 -34.29 -20.83 11.32
C HIS A 97 -35.74 -21.09 10.94
N GLY A 98 -35.99 -21.55 9.72
CA GLY A 98 -37.33 -21.69 9.22
C GLY A 98 -37.86 -20.45 8.55
N ASP A 99 -37.12 -19.34 8.61
CA ASP A 99 -37.47 -18.16 7.84
C ASP A 99 -37.46 -18.43 6.35
N LEU A 100 -36.81 -19.51 5.91
CA LEU A 100 -36.79 -19.85 4.50
C LEU A 100 -38.13 -20.38 4.04
N ALA A 101 -38.86 -21.05 4.93
CA ALA A 101 -40.20 -21.55 4.65
C ALA A 101 -41.13 -20.35 4.44
N PRO A 102 -41.62 -20.15 3.23
CA PRO A 102 -42.44 -18.97 2.94
C PRO A 102 -43.71 -18.97 3.78
N GLY A 103 -43.81 -17.99 4.67
CA GLY A 103 -44.96 -17.89 5.54
C GLY A 103 -45.22 -16.44 5.90
N GLU A 104 -46.49 -16.11 6.05
CA GLU A 104 -46.93 -14.76 6.35
C GLU A 104 -47.31 -14.70 7.83
N GLY A 105 -46.57 -13.91 8.60
CA GLY A 105 -46.87 -13.71 10.00
C GLY A 105 -46.20 -14.73 10.91
N THR A 106 -46.37 -14.50 12.21
CA THR A 106 -45.83 -15.33 13.30
C THR A 106 -44.31 -15.43 13.25
N ASN A 107 -43.65 -14.65 12.41
CA ASN A 107 -42.20 -14.65 12.33
C ASN A 107 -41.74 -13.37 11.65
N VAL A 108 -40.46 -13.09 11.81
CA VAL A 108 -39.77 -12.12 10.97
C VAL A 108 -38.47 -12.79 10.56
N PRO A 109 -38.13 -12.86 9.28
CA PRO A 109 -36.91 -13.54 8.88
C PRO A 109 -35.70 -12.86 9.50
N CYS A 110 -34.69 -13.66 9.84
CA CYS A 110 -33.44 -13.08 10.31
C CYS A 110 -32.86 -12.15 9.26
N VAL A 111 -33.04 -12.50 7.99
CA VAL A 111 -32.70 -11.64 6.86
C VAL A 111 -33.97 -11.41 6.07
N THR A 112 -34.45 -10.17 6.08
CA THR A 112 -35.72 -9.89 5.44
C THR A 112 -35.61 -10.16 3.94
N SER A 113 -36.70 -10.64 3.35
CA SER A 113 -36.79 -10.86 1.91
C SER A 113 -35.67 -11.78 1.41
N ILE A 114 -35.65 -13.00 1.93
CA ILE A 114 -34.78 -14.04 1.42
C ILE A 114 -35.67 -15.20 0.97
N HIS A 115 -35.43 -15.67 -0.26
CA HIS A 115 -36.29 -16.71 -0.81
C HIS A 115 -35.55 -17.97 -1.19
N SER A 116 -34.45 -17.86 -1.91
CA SER A 116 -33.81 -19.04 -2.46
C SER A 116 -32.31 -18.90 -2.31
N PHE A 117 -31.60 -19.90 -2.83
CA PHE A 117 -30.15 -19.86 -2.78
C PHE A 117 -29.60 -18.66 -3.53
N SER A 118 -30.19 -18.34 -4.68
CA SER A 118 -29.68 -17.24 -5.48
C SER A 118 -29.72 -15.95 -4.70
N SER A 119 -30.85 -15.62 -4.10
CA SER A 119 -30.91 -14.38 -3.33
C SER A 119 -29.98 -14.43 -2.13
N ALA A 120 -29.70 -15.64 -1.62
CA ALA A 120 -28.77 -15.73 -0.50
C ALA A 120 -27.35 -15.43 -0.95
N PHE A 121 -26.93 -15.95 -2.09
CA PHE A 121 -25.61 -15.62 -2.63
C PHE A 121 -25.53 -14.14 -2.97
N LEU A 122 -26.64 -13.55 -3.41
CA LEU A 122 -26.67 -12.11 -3.62
C LEU A 122 -26.49 -11.37 -2.30
N PHE A 123 -27.04 -11.89 -1.22
CA PHE A 123 -26.82 -11.25 0.08
C PHE A 123 -25.37 -11.40 0.51
N SER A 124 -24.77 -12.55 0.24
CA SER A 124 -23.39 -12.76 0.63
C SER A 124 -22.47 -11.79 -0.10
N ILE A 125 -22.64 -11.66 -1.41
CA ILE A 125 -21.80 -10.71 -2.12
C ILE A 125 -22.19 -9.27 -1.78
N GLU A 126 -23.41 -9.04 -1.29
CA GLU A 126 -23.81 -7.69 -0.92
C GLU A 126 -23.14 -7.24 0.37
N VAL A 127 -22.99 -8.13 1.33
CA VAL A 127 -22.37 -7.73 2.58
C VAL A 127 -20.85 -7.93 2.55
N GLN A 128 -20.36 -8.95 1.86
CA GLN A 128 -18.93 -9.21 1.88
C GLN A 128 -18.16 -8.05 1.28
N VAL A 129 -18.37 -7.76 0.00
CA VAL A 129 -17.50 -6.85 -0.73
C VAL A 129 -17.94 -5.43 -0.46
N THR A 130 -18.83 -5.26 0.51
CA THR A 130 -19.18 -3.95 1.07
C THR A 130 -19.81 -3.01 0.04
N ILE A 131 -20.74 -3.54 -0.76
CA ILE A 131 -21.64 -2.73 -1.54
C ILE A 131 -22.88 -2.35 -0.73
N GLY A 132 -23.41 -3.29 0.05
CA GLY A 132 -24.54 -3.03 0.94
C GLY A 132 -25.81 -2.55 0.27
N PHE A 133 -26.48 -3.42 -0.49
CA PHE A 133 -27.65 -3.00 -1.26
C PHE A 133 -28.84 -2.70 -0.37
N GLY A 134 -29.03 -3.49 0.67
CA GLY A 134 -30.08 -3.21 1.64
C GLY A 134 -31.48 -3.58 1.23
N GLY A 135 -31.67 -4.30 0.12
CA GLY A 135 -32.98 -4.82 -0.19
C GLY A 135 -33.37 -5.94 0.76
N ARG A 136 -32.40 -6.76 1.15
CA ARG A 136 -32.60 -7.76 2.17
C ARG A 136 -31.89 -7.30 3.43
N MET A 137 -32.64 -7.20 4.52
CA MET A 137 -32.18 -6.61 5.76
C MET A 137 -31.94 -7.72 6.76
N VAL A 138 -30.76 -7.75 7.34
CA VAL A 138 -30.50 -8.59 8.51
C VAL A 138 -31.06 -7.88 9.73
N THR A 139 -31.77 -8.62 10.58
CA THR A 139 -32.59 -8.05 11.63
C THR A 139 -32.02 -8.37 13.01
N GLU A 140 -32.55 -7.67 14.01
CA GLU A 140 -32.09 -7.78 15.39
C GLU A 140 -32.84 -8.86 16.17
N GLU A 141 -33.47 -9.80 15.48
CA GLU A 141 -34.17 -10.89 16.14
C GLU A 141 -33.27 -12.10 16.40
N CYS A 142 -32.26 -12.32 15.56
CA CYS A 142 -31.40 -13.50 15.64
C CYS A 142 -29.95 -13.10 15.86
N PRO A 143 -29.38 -13.34 17.05
CA PRO A 143 -27.96 -13.01 17.27
C PRO A 143 -26.99 -13.92 16.53
N LEU A 144 -27.44 -15.10 16.09
CA LEU A 144 -26.57 -15.96 15.32
C LEU A 144 -26.17 -15.32 14.00
N ALA A 145 -27.13 -14.64 13.34
CA ALA A 145 -26.82 -13.89 12.13
C ALA A 145 -25.87 -12.75 12.42
N ILE A 146 -25.97 -12.15 13.60
CA ILE A 146 -25.02 -11.11 13.97
C ILE A 146 -23.61 -11.69 14.05
N LEU A 147 -23.47 -12.88 14.63
CA LEU A 147 -22.16 -13.50 14.69
C LEU A 147 -21.61 -13.81 13.31
N ILE A 148 -22.46 -14.38 12.44
CA ILE A 148 -21.95 -14.72 11.11
C ILE A 148 -21.55 -13.46 10.36
N LEU A 149 -22.25 -12.34 10.56
CA LEU A 149 -21.84 -11.10 9.92
C LEU A 149 -20.53 -10.59 10.49
N ILE A 150 -20.37 -10.66 11.81
CA ILE A 150 -19.20 -10.07 12.45
C ILE A 150 -17.95 -10.88 12.21
N VAL A 151 -18.08 -12.13 11.76
CA VAL A 151 -16.90 -12.84 11.28
C VAL A 151 -16.74 -12.70 9.77
N GLN A 152 -17.85 -12.68 9.03
CA GLN A 152 -17.77 -12.48 7.59
C GLN A 152 -17.00 -11.22 7.27
N ASN A 153 -17.35 -10.12 7.91
CA ASN A 153 -16.74 -8.85 7.54
C ASN A 153 -15.27 -8.80 7.88
N ILE A 154 -14.88 -9.29 9.07
CA ILE A 154 -13.46 -9.23 9.41
C ILE A 154 -12.65 -10.15 8.50
N VAL A 155 -13.15 -11.34 8.17
CA VAL A 155 -12.35 -12.17 7.27
C VAL A 155 -12.28 -11.51 5.89
N GLY A 156 -13.38 -10.90 5.47
CA GLY A 156 -13.35 -10.19 4.21
C GLY A 156 -12.30 -9.10 4.22
N LEU A 157 -12.23 -8.36 5.31
CA LEU A 157 -11.30 -7.24 5.35
C LEU A 157 -9.86 -7.74 5.39
N MET A 158 -9.62 -8.84 6.09
CA MET A 158 -8.25 -9.32 6.14
C MET A 158 -7.79 -9.82 4.78
N ILE A 159 -8.64 -10.58 4.09
CA ILE A 159 -8.23 -11.13 2.80
C ILE A 159 -8.15 -10.04 1.74
N ASN A 160 -8.95 -8.99 1.88
CA ASN A 160 -8.79 -7.82 1.03
C ASN A 160 -7.46 -7.12 1.30
N ALA A 161 -7.06 -7.03 2.58
CA ALA A 161 -5.81 -6.36 2.90
C ALA A 161 -4.62 -7.10 2.33
N ILE A 162 -4.58 -8.41 2.49
CA ILE A 162 -3.46 -9.16 1.94
C ILE A 162 -3.49 -9.12 0.41
N MET A 163 -4.68 -9.26 -0.21
CA MET A 163 -4.74 -9.27 -1.66
C MET A 163 -4.52 -7.90 -2.27
N LEU A 164 -4.42 -6.86 -1.45
CA LEU A 164 -3.90 -5.62 -1.99
C LEU A 164 -2.41 -5.47 -1.74
N GLY A 165 -1.94 -5.77 -0.53
CA GLY A 165 -0.52 -5.65 -0.26
C GLY A 165 0.31 -6.51 -1.19
N CYS A 166 -0.10 -7.76 -1.44
CA CYS A 166 0.72 -8.59 -2.29
C CYS A 166 0.70 -8.12 -3.74
N ILE A 167 -0.43 -7.66 -4.28
CA ILE A 167 -0.38 -7.14 -5.65
C ILE A 167 0.50 -5.90 -5.70
N PHE A 168 0.50 -5.07 -4.64
CA PHE A 168 1.40 -3.92 -4.73
C PHE A 168 2.85 -4.36 -4.64
N MET A 169 3.15 -5.29 -3.73
CA MET A 169 4.51 -5.83 -3.64
C MET A 169 4.94 -6.43 -4.96
N LYS A 170 3.96 -6.85 -5.76
CA LYS A 170 4.25 -7.31 -7.12
C LYS A 170 4.59 -6.15 -8.04
N THR A 171 3.77 -5.11 -8.06
CA THR A 171 4.04 -4.04 -9.01
C THR A 171 5.39 -3.34 -8.78
N ALA A 172 6.12 -3.75 -7.74
CA ALA A 172 7.55 -3.44 -7.64
C ALA A 172 8.42 -4.50 -8.29
N GLN A 173 7.87 -5.28 -9.21
CA GLN A 173 8.70 -6.08 -10.10
C GLN A 173 9.36 -5.11 -11.06
N ALA A 174 10.67 -4.91 -10.90
CA ALA A 174 11.42 -4.07 -11.83
C ALA A 174 12.40 -4.87 -12.66
N HIS A 175 12.32 -6.21 -12.62
CA HIS A 175 13.12 -7.00 -13.55
C HIS A 175 12.89 -6.54 -14.98
N ARG A 176 11.69 -6.08 -15.33
CA ARG A 176 11.50 -5.51 -16.67
C ARG A 176 12.55 -4.43 -16.94
N ARG A 177 12.81 -3.56 -15.95
CA ARG A 177 13.97 -2.67 -16.05
C ARG A 177 15.27 -3.44 -16.12
N ALA A 178 15.32 -4.68 -15.63
CA ALA A 178 16.49 -5.46 -15.98
C ALA A 178 16.43 -5.91 -17.43
N ASN B 24 -36.63 -33.52 8.68
CA ASN B 24 -35.84 -32.50 7.98
C ASN B 24 -34.77 -33.12 7.10
N GLY B 25 -35.19 -33.94 6.14
CA GLY B 25 -34.23 -34.64 5.30
C GLY B 25 -33.36 -33.70 4.49
N CYS B 26 -33.99 -32.72 3.83
CA CYS B 26 -33.21 -31.76 3.06
C CYS B 26 -32.23 -30.99 3.94
N PHE B 27 -32.61 -30.73 5.19
CA PHE B 27 -31.71 -30.05 6.11
C PHE B 27 -30.43 -30.86 6.34
N VAL B 28 -30.58 -32.17 6.55
CA VAL B 28 -29.40 -33.00 6.77
C VAL B 28 -28.60 -33.16 5.48
N ASP B 29 -29.29 -33.19 4.33
CA ASP B 29 -28.56 -33.23 3.06
C ASP B 29 -27.67 -32.00 2.91
N ALA B 30 -28.21 -30.82 3.21
CA ALA B 30 -27.41 -29.60 3.14
C ALA B 30 -26.26 -29.63 4.15
N LEU B 31 -26.56 -30.07 5.38
CA LEU B 31 -25.52 -30.17 6.39
C LEU B 31 -24.39 -31.08 5.94
N ASN B 32 -24.70 -32.09 5.13
CA ASN B 32 -23.64 -32.91 4.56
C ASN B 32 -22.90 -32.20 3.44
N VAL B 33 -23.62 -31.41 2.65
CA VAL B 33 -22.98 -30.72 1.53
C VAL B 33 -21.95 -29.73 2.03
N VAL B 34 -22.16 -29.17 3.22
CA VAL B 34 -21.28 -28.08 3.70
C VAL B 34 -19.81 -28.48 3.78
N PRO B 35 -19.42 -29.56 4.46
CA PRO B 35 -17.97 -29.80 4.67
C PRO B 35 -17.20 -30.09 3.39
N HIS B 36 -17.81 -30.80 2.44
CA HIS B 36 -17.19 -30.97 1.13
C HIS B 36 -16.86 -29.62 0.52
N VAL B 37 -17.79 -28.67 0.64
CA VAL B 37 -17.57 -27.33 0.11
C VAL B 37 -16.40 -26.66 0.82
N PHE B 38 -16.34 -26.79 2.15
CA PHE B 38 -15.24 -26.21 2.91
C PHE B 38 -13.89 -26.70 2.40
N LEU B 39 -13.78 -28.02 2.20
CA LEU B 39 -12.51 -28.60 1.77
C LEU B 39 -12.19 -28.22 0.33
N LEU B 40 -13.18 -28.30 -0.57
CA LEU B 40 -12.95 -27.89 -1.95
C LEU B 40 -12.58 -26.43 -2.06
N PHE B 41 -12.94 -25.62 -1.07
CA PHE B 41 -12.57 -24.22 -1.14
C PHE B 41 -11.19 -23.95 -0.57
N ILE B 42 -10.80 -24.67 0.48
CA ILE B 42 -9.43 -24.49 0.96
C ILE B 42 -8.41 -25.16 0.03
N THR B 43 -8.81 -26.15 -0.75
CA THR B 43 -7.82 -26.84 -1.58
C THR B 43 -7.37 -26.00 -2.74
N PHE B 44 -8.17 -25.03 -3.19
CA PHE B 44 -7.90 -24.41 -4.47
C PHE B 44 -6.75 -23.41 -4.44
N PRO B 45 -6.60 -22.59 -3.40
CA PRO B 45 -5.39 -21.77 -3.32
C PRO B 45 -4.11 -22.59 -3.34
N ILE B 46 -4.02 -23.58 -2.46
CA ILE B 46 -2.80 -24.37 -2.39
C ILE B 46 -2.59 -25.13 -3.68
N LEU B 47 -3.66 -25.72 -4.22
CA LEU B 47 -3.51 -26.45 -5.48
C LEU B 47 -3.10 -25.54 -6.61
N PHE B 48 -3.52 -24.27 -6.58
CA PHE B 48 -3.17 -23.37 -7.67
C PHE B 48 -1.78 -22.80 -7.52
N ILE B 49 -1.30 -22.64 -6.29
CA ILE B 49 0.11 -22.28 -6.08
C ILE B 49 1.00 -23.44 -6.51
N GLY B 50 0.64 -24.66 -6.12
CA GLY B 50 1.43 -25.82 -6.48
C GLY B 50 1.39 -26.12 -7.96
N TRP B 51 0.30 -25.79 -8.63
CA TRP B 51 0.21 -26.02 -10.08
C TRP B 51 0.84 -24.89 -10.89
N GLY B 52 0.86 -23.69 -10.35
CA GLY B 52 1.47 -22.56 -11.03
C GLY B 52 2.99 -22.60 -11.06
N SER B 63 13.50 -33.35 -6.09
CA SER B 63 13.01 -34.66 -6.50
C SER B 63 13.19 -35.70 -5.39
N THR B 64 12.54 -35.48 -4.26
CA THR B 64 12.56 -36.40 -3.13
C THR B 64 11.14 -36.78 -2.75
N TRP B 65 10.86 -38.08 -2.71
CA TRP B 65 9.55 -38.60 -2.38
C TRP B 65 9.55 -39.09 -0.93
N LEU B 66 8.69 -38.49 -0.11
CA LEU B 66 8.50 -38.86 1.28
C LEU B 66 7.18 -39.61 1.41
N HIS B 67 7.22 -40.82 1.95
CA HIS B 67 6.02 -41.62 2.14
C HIS B 67 5.66 -41.71 3.61
N PHE B 68 4.36 -41.78 3.86
CA PHE B 68 3.87 -41.83 5.22
C PHE B 68 3.17 -43.17 5.48
N PRO B 69 3.18 -43.66 6.72
CA PRO B 69 2.47 -44.90 7.01
C PRO B 69 0.99 -44.78 6.71
N GLY B 70 0.42 -45.82 6.13
CA GLY B 70 -0.96 -45.83 5.71
C GLY B 70 -1.20 -45.28 4.33
N HIS B 71 -0.15 -44.93 3.60
CA HIS B 71 -0.30 -44.39 2.25
C HIS B 71 -1.10 -45.33 1.37
N ASN B 72 -0.65 -46.58 1.26
CA ASN B 72 -1.36 -47.56 0.44
C ASN B 72 -2.76 -47.84 0.97
N LEU B 73 -2.89 -47.93 2.29
CA LEU B 73 -4.22 -48.04 2.88
C LEU B 73 -5.06 -46.83 2.54
N ARG B 74 -4.46 -45.64 2.54
CA ARG B 74 -5.24 -44.44 2.21
C ARG B 74 -5.76 -44.52 0.79
N TRP B 75 -4.91 -44.91 -0.16
CA TRP B 75 -5.35 -44.97 -1.54
C TRP B 75 -6.38 -46.06 -1.77
N ILE B 76 -6.20 -47.21 -1.14
CA ILE B 76 -7.21 -48.28 -1.23
C ILE B 76 -8.55 -47.77 -0.72
N LEU B 77 -8.55 -47.16 0.47
CA LEU B 77 -9.79 -46.64 1.01
C LEU B 77 -10.37 -45.56 0.11
N THR B 78 -9.52 -44.76 -0.54
CA THR B 78 -10.05 -43.72 -1.42
C THR B 78 -10.72 -44.32 -2.64
N PHE B 79 -10.18 -45.41 -3.17
CA PHE B 79 -10.87 -46.07 -4.28
C PHE B 79 -12.18 -46.69 -3.82
N ILE B 80 -12.21 -47.22 -2.60
CA ILE B 80 -13.48 -47.75 -2.09
C ILE B 80 -14.50 -46.62 -1.93
N LEU B 81 -14.03 -45.44 -1.51
CA LEU B 81 -14.91 -44.27 -1.44
C LEU B 81 -15.44 -43.90 -2.81
N LEU B 82 -14.57 -43.90 -3.82
CA LEU B 82 -15.01 -43.65 -5.19
C LEU B 82 -16.15 -44.59 -5.57
N PHE B 83 -15.99 -45.88 -5.27
CA PHE B 83 -17.03 -46.85 -5.60
C PHE B 83 -18.34 -46.54 -4.88
N VAL B 84 -18.27 -46.35 -3.56
CA VAL B 84 -19.49 -46.09 -2.81
C VAL B 84 -20.16 -44.80 -3.27
N LEU B 85 -19.37 -43.82 -3.72
CA LEU B 85 -19.95 -42.58 -4.21
C LEU B 85 -20.67 -42.80 -5.53
N VAL B 86 -20.11 -43.66 -6.39
CA VAL B 86 -20.85 -44.05 -7.59
C VAL B 86 -22.19 -44.66 -7.22
N CYS B 87 -22.20 -45.51 -6.19
CA CYS B 87 -23.45 -46.12 -5.77
C CYS B 87 -24.44 -45.07 -5.26
N GLU B 88 -23.95 -44.07 -4.52
CA GLU B 88 -24.83 -43.02 -4.03
C GLU B 88 -25.42 -42.22 -5.18
N ILE B 89 -24.62 -41.94 -6.22
CA ILE B 89 -25.15 -41.25 -7.39
C ILE B 89 -26.24 -42.10 -8.04
N ALA B 90 -26.04 -43.42 -8.08
CA ALA B 90 -27.08 -44.30 -8.59
C ALA B 90 -28.37 -44.16 -7.79
N GLU B 91 -28.26 -44.14 -6.46
CA GLU B 91 -29.44 -43.95 -5.63
C GLU B 91 -30.13 -42.63 -5.92
N GLY B 92 -29.34 -41.57 -6.08
CA GLY B 92 -29.91 -40.26 -6.37
C GLY B 92 -30.62 -40.21 -7.71
N ILE B 93 -30.11 -40.96 -8.68
CA ILE B 93 -30.81 -41.05 -9.96
C ILE B 93 -32.12 -41.83 -9.79
N LEU B 94 -32.09 -42.91 -9.01
CA LEU B 94 -33.30 -43.70 -8.83
C LEU B 94 -34.39 -42.90 -8.13
N SER B 95 -34.01 -42.07 -7.16
CA SER B 95 -35.01 -41.33 -6.40
C SER B 95 -35.66 -40.25 -7.24
N ASP B 96 -34.86 -39.39 -7.87
CA ASP B 96 -35.37 -38.25 -8.63
C ASP B 96 -36.22 -38.69 -9.82
N HIS B 103 -35.53 -33.03 -7.50
CA HIS B 103 -34.91 -32.95 -6.17
C HIS B 103 -33.38 -32.95 -6.22
N LEU B 104 -32.79 -31.80 -6.56
CA LEU B 104 -31.33 -31.69 -6.65
C LEU B 104 -30.67 -31.88 -5.30
N HIS B 105 -31.16 -31.14 -4.30
CA HIS B 105 -30.59 -31.13 -2.96
C HIS B 105 -30.57 -32.51 -2.30
N LEU B 106 -31.25 -33.49 -2.87
CA LEU B 106 -31.28 -34.82 -2.28
C LEU B 106 -30.15 -35.72 -2.76
N TYR B 107 -29.59 -35.48 -3.95
CA TYR B 107 -28.45 -36.25 -4.40
C TYR B 107 -27.18 -35.39 -4.56
N MET B 108 -27.22 -34.12 -4.18
CA MET B 108 -25.97 -33.36 -4.22
C MET B 108 -24.85 -33.88 -3.31
N PRO B 109 -25.13 -34.42 -2.10
CA PRO B 109 -24.02 -34.86 -1.24
C PRO B 109 -23.03 -35.81 -1.91
N ALA B 110 -23.50 -36.71 -2.75
CA ALA B 110 -22.60 -37.63 -3.44
C ALA B 110 -21.71 -36.88 -4.42
N GLY B 111 -22.31 -36.03 -5.25
CA GLY B 111 -21.54 -35.25 -6.20
C GLY B 111 -20.53 -34.33 -5.53
N MET B 112 -20.77 -33.94 -4.28
CA MET B 112 -19.79 -33.12 -3.58
C MET B 112 -18.69 -33.96 -2.94
N ALA B 113 -19.06 -35.08 -2.30
CA ALA B 113 -18.03 -35.96 -1.75
C ALA B 113 -17.11 -36.49 -2.84
N PHE B 114 -17.62 -36.60 -4.07
CA PHE B 114 -16.77 -37.06 -5.18
C PHE B 114 -15.60 -36.10 -5.38
N MET B 115 -15.91 -34.82 -5.57
CA MET B 115 -14.85 -33.83 -5.72
C MET B 115 -14.04 -33.67 -4.45
N ALA B 116 -14.66 -33.88 -3.28
CA ALA B 116 -13.91 -33.77 -2.04
C ALA B 116 -12.86 -34.89 -1.92
N ALA B 117 -13.22 -36.11 -2.30
CA ALA B 117 -12.26 -37.21 -2.27
C ALA B 117 -11.18 -37.03 -3.33
N ILE B 118 -11.56 -36.56 -4.52
CA ILE B 118 -10.54 -36.29 -5.53
C ILE B 118 -9.60 -35.19 -5.05
N THR B 119 -10.12 -34.17 -4.37
CA THR B 119 -9.25 -33.12 -3.86
C THR B 119 -8.44 -33.60 -2.67
N SER B 120 -8.94 -34.56 -1.89
CA SER B 120 -8.13 -35.18 -0.87
C SER B 120 -6.97 -35.94 -1.51
N VAL B 121 -7.22 -36.61 -2.63
CA VAL B 121 -6.14 -37.23 -3.37
C VAL B 121 -5.13 -36.19 -3.84
N VAL B 122 -5.62 -35.05 -4.33
CA VAL B 122 -4.71 -34.01 -4.80
C VAL B 122 -3.88 -33.46 -3.65
N TYR B 123 -4.51 -33.28 -2.49
CA TYR B 123 -3.77 -32.87 -1.31
C TYR B 123 -2.70 -33.88 -0.95
N TYR B 124 -3.06 -35.16 -0.96
CA TYR B 124 -2.08 -36.15 -0.54
C TYR B 124 -0.95 -36.26 -1.56
N HIS B 125 -1.23 -36.03 -2.83
CA HIS B 125 -0.13 -35.96 -3.78
C HIS B 125 0.76 -34.75 -3.50
N ASN B 126 0.16 -33.61 -3.18
CA ASN B 126 0.93 -32.41 -2.87
C ASN B 126 1.72 -32.56 -1.57
N ILE B 127 1.29 -33.43 -0.68
CA ILE B 127 2.04 -33.67 0.55
C ILE B 127 3.11 -34.72 0.35
N GLU B 128 2.84 -35.75 -0.44
CA GLU B 128 3.89 -36.71 -0.76
C GLU B 128 5.03 -36.01 -1.48
N THR B 129 4.72 -35.02 -2.33
CA THR B 129 5.80 -34.36 -3.05
C THR B 129 6.58 -33.41 -2.14
N SER B 130 5.91 -32.76 -1.19
CA SER B 130 6.58 -31.87 -0.23
C SER B 130 5.86 -31.97 1.10
N ASN B 131 6.60 -32.32 2.15
CA ASN B 131 5.96 -32.63 3.41
C ASN B 131 5.61 -31.37 4.19
N PHE B 132 4.53 -31.44 4.96
CA PHE B 132 4.10 -30.36 5.82
C PHE B 132 3.39 -30.96 7.03
N PRO B 133 3.39 -30.26 8.15
CA PRO B 133 2.56 -30.69 9.27
C PRO B 133 1.16 -30.08 9.22
N LYS B 134 0.98 -29.05 8.40
CA LYS B 134 -0.27 -28.32 8.45
C LYS B 134 -1.29 -28.84 7.47
N LEU B 135 -0.87 -29.20 6.26
CA LEU B 135 -1.83 -29.71 5.29
C LEU B 135 -2.54 -30.94 5.83
N LEU B 136 -1.82 -31.80 6.59
CA LEU B 136 -2.42 -32.99 7.19
C LEU B 136 -3.54 -32.61 8.16
N ILE B 137 -3.28 -31.66 9.06
CA ILE B 137 -4.36 -31.18 9.93
C ILE B 137 -5.50 -30.64 9.10
N ALA B 138 -5.19 -29.96 7.99
CA ALA B 138 -6.24 -29.51 7.09
C ALA B 138 -7.08 -30.68 6.58
N LEU B 139 -6.49 -31.84 6.39
CA LEU B 139 -7.34 -32.98 6.02
C LEU B 139 -8.12 -33.47 7.24
N LEU B 140 -7.48 -33.47 8.41
CA LEU B 140 -8.09 -34.11 9.57
C LEU B 140 -9.37 -33.38 9.97
N ILE B 141 -9.37 -32.06 9.85
CA ILE B 141 -10.57 -31.29 10.17
C ILE B 141 -11.75 -31.77 9.33
N TYR B 142 -11.53 -31.87 8.02
CA TYR B 142 -12.60 -32.29 7.13
C TYR B 142 -13.07 -33.69 7.46
N TRP B 143 -12.15 -34.61 7.75
CA TRP B 143 -12.59 -35.97 8.07
C TRP B 143 -13.50 -35.97 9.29
N THR B 144 -13.11 -35.23 10.35
CA THR B 144 -13.95 -35.20 11.54
C THR B 144 -15.34 -34.65 11.25
N LEU B 145 -15.41 -33.56 10.48
CA LEU B 145 -16.72 -32.97 10.23
C LEU B 145 -17.59 -33.88 9.37
N ALA B 146 -17.00 -34.55 8.38
CA ALA B 146 -17.79 -35.46 7.55
C ALA B 146 -18.30 -36.64 8.38
N PHE B 147 -17.47 -37.12 9.32
CA PHE B 147 -17.92 -38.19 10.21
C PHE B 147 -19.12 -37.74 11.04
N ILE B 148 -19.07 -36.51 11.55
CA ILE B 148 -20.19 -35.99 12.34
C ILE B 148 -21.47 -35.97 11.51
N THR B 149 -21.40 -35.42 10.30
CA THR B 149 -22.60 -35.34 9.47
C THR B 149 -23.16 -36.73 9.15
N LYS B 150 -22.28 -37.67 8.83
CA LYS B 150 -22.75 -39.02 8.52
C LYS B 150 -23.41 -39.66 9.74
N THR B 151 -22.87 -39.40 10.94
CA THR B 151 -23.47 -39.93 12.16
C THR B 151 -24.88 -39.38 12.35
N ILE B 152 -25.06 -38.08 12.12
CA ILE B 152 -26.40 -37.50 12.25
C ILE B 152 -27.36 -38.16 11.27
N LYS B 153 -26.91 -38.36 10.02
CA LYS B 153 -27.73 -39.05 9.04
C LYS B 153 -28.15 -40.44 9.54
N PHE B 154 -27.19 -41.19 10.07
CA PHE B 154 -27.47 -42.54 10.52
C PHE B 154 -28.49 -42.56 11.65
N VAL B 155 -28.35 -41.65 12.61
CA VAL B 155 -29.30 -41.60 13.73
C VAL B 155 -30.70 -41.31 13.21
N LYS B 156 -30.83 -40.26 12.41
CA LYS B 156 -32.16 -39.89 11.92
C LYS B 156 -32.76 -40.98 11.06
N PHE B 157 -31.92 -41.79 10.40
CA PHE B 157 -32.48 -42.91 9.65
C PHE B 157 -32.93 -44.02 10.58
N TYR B 158 -32.14 -44.31 11.63
CA TYR B 158 -32.49 -45.37 12.56
C TYR B 158 -33.83 -45.07 13.23
N ASP B 159 -34.09 -43.80 13.54
CA ASP B 159 -35.38 -43.47 14.17
C ASP B 159 -36.55 -43.82 13.27
N HIS B 160 -36.34 -43.86 11.95
CA HIS B 160 -37.40 -44.23 11.04
C HIS B 160 -37.29 -45.69 10.62
N LEU B 167 -32.10 -49.34 0.98
CA LEU B 167 -30.85 -49.26 0.23
C LEU B 167 -29.94 -48.17 0.83
N ARG B 168 -30.55 -47.07 1.24
CA ARG B 168 -29.78 -45.94 1.78
C ARG B 168 -28.93 -46.38 2.98
N PHE B 169 -29.49 -47.27 3.80
CA PHE B 169 -28.86 -47.66 5.05
C PHE B 169 -27.46 -48.23 4.82
N CYS B 170 -27.34 -49.17 3.89
CA CYS B 170 -26.07 -49.84 3.66
C CYS B 170 -25.01 -48.88 3.13
N LEU B 171 -25.38 -48.03 2.15
CA LEU B 171 -24.42 -47.09 1.59
C LEU B 171 -23.93 -46.11 2.66
N THR B 172 -24.85 -45.56 3.44
CA THR B 172 -24.44 -44.62 4.48
C THR B 172 -23.52 -45.30 5.50
N GLY B 173 -23.82 -46.55 5.87
CA GLY B 173 -22.94 -47.25 6.80
C GLY B 173 -21.56 -47.48 6.24
N LEU B 174 -21.47 -47.90 4.97
CA LEU B 174 -20.16 -48.12 4.37
C LEU B 174 -19.35 -46.83 4.34
N LEU B 175 -19.99 -45.71 3.99
CA LEU B 175 -19.28 -44.43 4.01
C LEU B 175 -18.79 -44.09 5.41
N VAL B 176 -19.63 -44.37 6.43
CA VAL B 176 -19.21 -44.09 7.80
C VAL B 176 -17.95 -44.87 8.14
N ILE B 177 -17.95 -46.17 7.81
CA ILE B 177 -16.81 -47.02 8.16
C ILE B 177 -15.55 -46.53 7.45
N LEU B 178 -15.67 -46.18 6.16
CA LEU B 178 -14.50 -45.74 5.41
C LEU B 178 -13.95 -44.44 5.96
N TYR B 179 -14.82 -43.47 6.23
CA TYR B 179 -14.34 -42.21 6.79
C TYR B 179 -13.68 -42.42 8.14
N GLY B 180 -14.23 -43.32 8.96
CA GLY B 180 -13.62 -43.60 10.24
C GLY B 180 -12.24 -44.21 10.11
N MET B 181 -12.08 -45.15 9.18
CA MET B 181 -10.76 -45.75 8.98
C MET B 181 -9.75 -44.72 8.47
N LEU B 182 -10.19 -43.82 7.59
CA LEU B 182 -9.28 -42.77 7.12
C LEU B 182 -8.91 -41.83 8.27
N LEU B 183 -9.86 -41.54 9.16
CA LEU B 183 -9.56 -40.77 10.35
C LEU B 183 -8.49 -41.44 11.20
N LEU B 184 -8.64 -42.75 11.41
CA LEU B 184 -7.64 -43.48 12.17
C LEU B 184 -6.28 -43.44 11.50
N VAL B 185 -6.27 -43.47 10.16
CA VAL B 185 -5.01 -43.34 9.43
C VAL B 185 -4.37 -41.99 9.71
N GLU B 186 -5.17 -40.92 9.68
CA GLU B 186 -4.63 -39.59 9.98
C GLU B 186 -4.11 -39.51 11.41
N VAL B 187 -4.81 -40.14 12.35
CA VAL B 187 -4.34 -40.15 13.73
C VAL B 187 -3.02 -40.90 13.83
N ASN B 188 -2.90 -42.00 13.09
CA ASN B 188 -1.63 -42.71 13.04
C ASN B 188 -0.51 -41.81 12.51
N VAL B 189 -0.82 -41.03 11.48
CA VAL B 189 0.19 -40.16 10.86
C VAL B 189 0.66 -39.10 11.84
N ILE B 190 -0.26 -38.49 12.59
CA ILE B 190 0.19 -37.50 13.58
C ILE B 190 0.92 -38.20 14.72
N ARG B 191 0.52 -39.43 15.06
CA ARG B 191 1.21 -40.18 16.10
C ARG B 191 2.64 -40.50 15.69
N VAL B 192 2.90 -40.61 14.39
CA VAL B 192 4.21 -41.04 13.92
C VAL B 192 5.24 -39.94 14.08
N ARG B 193 4.98 -38.83 13.37
CA ARG B 193 5.79 -37.63 13.44
C ARG B 193 5.28 -36.70 14.55
N ARG B 194 5.82 -35.49 14.61
CA ARG B 194 5.46 -34.55 15.68
C ARG B 194 4.66 -33.28 15.32
N TYR B 195 3.68 -33.38 14.42
CA TYR B 195 2.94 -32.18 14.06
C TYR B 195 2.23 -31.55 15.27
N ILE B 196 1.45 -32.33 16.00
CA ILE B 196 0.78 -31.83 17.21
C ILE B 196 1.62 -32.09 18.48
N PHE B 197 2.65 -32.91 18.33
CA PHE B 197 3.58 -33.26 19.40
C PHE B 197 4.62 -32.16 19.61
N PHE B 198 5.42 -32.29 20.65
CA PHE B 198 6.43 -31.28 20.93
C PHE B 198 7.37 -31.15 19.73
N LYS B 199 7.67 -29.90 19.40
CA LYS B 199 8.51 -29.46 18.27
C LYS B 199 8.93 -30.45 17.19
N THR B 200 10.03 -31.14 17.43
CA THR B 200 10.60 -32.07 16.45
C THR B 200 9.87 -33.36 16.07
N PRO B 201 10.01 -33.69 14.79
CA PRO B 201 9.51 -34.92 14.16
C PRO B 201 10.42 -36.13 14.32
N ARG B 202 11.74 -35.92 14.29
CA ARG B 202 12.64 -37.04 14.10
C ARG B 202 12.27 -37.66 12.77
N GLU B 203 12.04 -36.77 11.80
CA GLU B 203 11.55 -37.14 10.48
C GLU B 203 12.57 -38.01 9.75
N VAL B 204 12.05 -38.85 8.85
CA VAL B 204 12.80 -39.97 8.29
C VAL B 204 14.06 -39.60 7.52
N LYS B 205 14.04 -38.54 6.71
CA LYS B 205 15.22 -38.28 5.89
C LYS B 205 15.05 -39.02 4.57
N PRO B 206 14.29 -38.44 3.64
CA PRO B 206 13.67 -39.20 2.52
C PRO B 206 14.55 -40.28 1.96
N PRO B 207 13.96 -41.42 1.58
CA PRO B 207 14.74 -42.64 1.30
C PRO B 207 15.73 -42.44 0.17
N GLU B 208 17.01 -42.69 0.45
CA GLU B 208 18.05 -42.57 -0.55
C GLU B 208 18.17 -43.79 -1.44
N ASP B 209 17.54 -44.91 -1.06
CA ASP B 209 17.61 -46.11 -1.89
C ASP B 209 17.12 -45.83 -3.30
N LEU B 210 15.91 -45.27 -3.42
CA LEU B 210 15.30 -45.03 -4.72
C LEU B 210 15.32 -43.57 -5.14
N GLN B 211 15.87 -42.69 -4.29
CA GLN B 211 15.87 -41.27 -4.61
C GLN B 211 17.26 -40.64 -4.68
N ASP B 212 18.28 -41.25 -4.09
CA ASP B 212 19.59 -40.67 -4.25
C ASP B 212 20.05 -40.83 -5.72
N LEU B 213 21.38 -40.92 -5.88
CA LEU B 213 22.10 -40.73 -7.16
C LEU B 213 21.49 -41.26 -8.44
N GLY B 214 21.61 -40.52 -9.52
CA GLY B 214 20.92 -40.89 -10.75
C GLY B 214 20.56 -42.35 -10.93
N VAL B 215 19.24 -42.54 -11.01
CA VAL B 215 18.53 -43.81 -11.22
C VAL B 215 17.26 -43.50 -12.02
N ARG B 216 16.69 -44.46 -12.75
CA ARG B 216 15.53 -44.03 -13.52
C ARG B 216 14.36 -44.98 -13.30
N PHE B 217 14.63 -46.27 -13.16
CA PHE B 217 13.55 -47.23 -12.90
C PHE B 217 13.13 -47.11 -11.44
N LEU B 218 12.18 -46.23 -11.18
CA LEU B 218 11.59 -46.03 -9.86
C LEU B 218 10.22 -46.70 -9.83
N GLN B 219 10.20 -48.01 -9.65
CA GLN B 219 8.92 -48.65 -9.43
C GLN B 219 8.50 -48.64 -7.97
N PRO B 220 9.36 -49.01 -7.01
CA PRO B 220 8.90 -49.06 -5.62
C PRO B 220 8.66 -47.70 -4.98
N PHE B 221 9.00 -46.60 -5.66
CA PHE B 221 8.98 -45.29 -5.02
C PHE B 221 8.03 -44.30 -5.69
N VAL B 222 6.80 -44.72 -5.98
CA VAL B 222 5.80 -43.85 -6.62
C VAL B 222 4.44 -44.03 -5.96
N ASN B 223 3.48 -43.21 -6.37
CA ASN B 223 2.13 -43.22 -5.81
C ASN B 223 1.41 -44.51 -6.16
N LEU B 224 0.74 -45.10 -5.17
CA LEU B 224 0.18 -46.43 -5.33
C LEU B 224 -0.83 -46.51 -6.46
N LEU B 225 -1.29 -45.37 -6.98
CA LEU B 225 -2.06 -45.39 -8.21
C LEU B 225 -1.15 -45.64 -9.41
N SER B 226 -0.01 -44.95 -9.47
CA SER B 226 0.92 -45.16 -10.58
C SER B 226 1.60 -46.52 -10.49
N LYS B 227 1.79 -47.06 -9.27
CA LYS B 227 2.25 -48.43 -9.15
C LYS B 227 1.35 -49.40 -9.89
N GLY B 228 0.10 -49.01 -10.15
CA GLY B 228 -0.83 -49.81 -10.91
C GLY B 228 -0.91 -49.42 -12.37
N THR B 229 -0.99 -48.12 -12.66
CA THR B 229 -1.21 -47.65 -14.02
C THR B 229 0.07 -47.21 -14.72
N TYR B 230 1.23 -47.36 -14.07
CA TYR B 230 2.54 -47.13 -14.70
C TYR B 230 2.65 -45.73 -15.29
N TRP B 231 2.13 -44.74 -14.55
CA TRP B 231 2.13 -43.37 -15.08
C TRP B 231 3.54 -42.79 -15.15
N TRP B 232 4.46 -43.28 -14.31
CA TRP B 232 5.82 -42.78 -14.32
C TRP B 232 6.55 -43.08 -15.63
N MET B 233 6.02 -43.96 -16.47
CA MET B 233 6.65 -44.27 -17.74
C MET B 233 6.35 -43.25 -18.83
N ASN B 234 5.42 -42.32 -18.60
CA ASN B 234 5.11 -41.31 -19.61
C ASN B 234 6.35 -40.50 -19.93
N ALA B 235 7.06 -40.03 -18.91
CA ALA B 235 8.25 -39.22 -19.15
C ALA B 235 9.32 -40.02 -19.88
N PHE B 236 9.60 -41.24 -19.41
CA PHE B 236 10.60 -42.07 -20.07
C PHE B 236 10.28 -42.28 -21.53
N ILE B 237 9.04 -42.68 -21.83
CA ILE B 237 8.70 -43.01 -23.22
C ILE B 237 8.71 -41.76 -24.10
N LYS B 238 8.28 -40.61 -23.56
CA LYS B 238 8.32 -39.39 -24.35
C LYS B 238 9.75 -38.97 -24.65
N THR B 239 10.64 -39.03 -23.66
CA THR B 239 12.04 -38.73 -23.93
C THR B 239 12.65 -39.74 -24.88
N ALA B 240 12.21 -41.00 -24.78
CA ALA B 240 12.74 -42.06 -25.63
C ALA B 240 12.37 -41.85 -27.08
N HIS B 241 11.20 -41.25 -27.35
CA HIS B 241 10.80 -40.99 -28.73
C HIS B 241 11.84 -40.16 -29.45
N LYS B 242 12.43 -39.17 -28.79
CA LYS B 242 13.37 -38.25 -29.42
C LYS B 242 14.80 -38.79 -29.41
N LYS B 243 15.34 -39.04 -28.22
CA LYS B 243 16.75 -39.40 -28.05
C LYS B 243 16.89 -40.92 -27.93
N PRO B 244 17.83 -41.54 -28.64
CA PRO B 244 17.95 -43.00 -28.58
C PRO B 244 18.42 -43.46 -27.21
N ILE B 245 17.72 -44.47 -26.67
CA ILE B 245 18.02 -44.97 -25.34
C ILE B 245 19.34 -45.72 -25.35
N ASP B 246 20.04 -45.67 -24.21
CA ASP B 246 21.25 -46.45 -24.03
C ASP B 246 21.46 -46.65 -22.54
N LEU B 247 22.53 -47.37 -22.19
CA LEU B 247 22.81 -47.66 -20.79
C LEU B 247 23.18 -46.40 -20.01
N ARG B 248 23.69 -45.38 -20.70
CA ARG B 248 23.90 -44.08 -20.04
C ARG B 248 22.58 -43.33 -19.88
N ALA B 249 21.64 -43.52 -20.80
CA ALA B 249 20.31 -42.94 -20.68
C ALA B 249 19.37 -43.79 -19.83
N ILE B 250 19.79 -44.99 -19.46
CA ILE B 250 18.98 -45.88 -18.65
C ILE B 250 19.38 -45.69 -17.19
N GLY B 251 18.53 -46.14 -16.28
CA GLY B 251 18.78 -46.01 -14.86
C GLY B 251 19.71 -47.08 -14.33
N LYS B 252 19.70 -47.24 -13.01
CA LYS B 252 20.41 -48.31 -12.34
C LYS B 252 19.46 -48.95 -11.34
N LEU B 253 19.58 -50.27 -11.16
CA LEU B 253 18.57 -51.00 -10.41
C LEU B 253 18.55 -50.55 -8.95
N PRO B 254 17.37 -50.47 -8.33
CA PRO B 254 17.29 -50.08 -6.92
C PRO B 254 17.94 -51.12 -6.03
N ILE B 255 18.19 -50.71 -4.78
CA ILE B 255 18.72 -51.63 -3.78
C ILE B 255 17.74 -52.76 -3.49
N ALA B 256 16.46 -52.58 -3.85
CA ALA B 256 15.47 -53.63 -3.60
C ALA B 256 15.64 -54.83 -4.51
N MET B 257 16.41 -54.71 -5.59
CA MET B 257 16.55 -55.80 -6.55
C MET B 257 17.90 -55.66 -7.23
N ARG B 258 18.86 -56.46 -6.77
CA ARG B 258 20.19 -56.51 -7.36
C ARG B 258 20.61 -57.97 -7.42
N ALA B 259 21.87 -58.20 -7.79
CA ALA B 259 22.45 -59.52 -7.59
C ALA B 259 22.68 -59.77 -6.10
N LEU B 260 23.18 -58.75 -5.39
CA LEU B 260 23.52 -58.92 -3.98
C LEU B 260 22.28 -59.16 -3.12
N THR B 261 21.21 -58.41 -3.34
CA THR B 261 20.03 -58.53 -2.50
C THR B 261 19.38 -59.91 -2.64
N ASN B 262 19.10 -60.30 -3.88
CA ASN B 262 18.47 -61.60 -4.11
C ASN B 262 19.39 -62.74 -3.72
N TYR B 263 20.68 -62.61 -3.99
CA TYR B 263 21.64 -63.61 -3.54
C TYR B 263 21.64 -63.72 -2.03
N GLN B 264 21.53 -62.59 -1.33
CA GLN B 264 21.53 -62.59 0.12
C GLN B 264 20.31 -63.32 0.66
N ARG B 265 19.12 -62.98 0.15
CA ARG B 265 17.90 -63.64 0.62
C ARG B 265 17.94 -65.13 0.31
N LEU B 266 18.38 -65.50 -0.90
CA LEU B 266 18.42 -66.92 -1.26
C LEU B 266 19.43 -67.68 -0.43
N CYS B 267 20.60 -67.10 -0.16
CA CYS B 267 21.59 -67.81 0.64
C CYS B 267 21.17 -67.89 2.10
N VAL B 268 20.43 -66.89 2.59
CA VAL B 268 19.90 -66.98 3.96
C VAL B 268 18.90 -68.13 4.05
N ALA B 269 18.00 -68.24 3.08
CA ALA B 269 17.04 -69.34 3.10
C ALA B 269 17.75 -70.69 2.96
N PHE B 270 18.71 -70.78 2.04
CA PHE B 270 19.46 -72.01 1.86
C PHE B 270 20.22 -72.39 3.12
N ASP B 271 20.75 -71.39 3.83
CA ASP B 271 21.47 -71.64 5.08
C ASP B 271 20.52 -72.15 6.16
N ALA B 272 19.37 -71.47 6.33
CA ALA B 272 18.42 -71.89 7.35
C ALA B 272 17.84 -73.26 7.05
N GLN B 273 17.81 -73.66 5.78
CA GLN B 273 17.32 -74.99 5.42
C GLN B 273 18.39 -76.07 5.51
N ALA B 274 19.66 -75.75 5.20
CA ALA B 274 20.73 -76.73 5.25
C ALA B 274 21.29 -76.93 6.64
N ARG B 275 21.12 -75.95 7.54
CA ARG B 275 21.53 -76.15 8.92
C ARG B 275 20.64 -77.16 9.63
N LYS B 276 19.47 -77.46 9.07
CA LYS B 276 18.54 -78.43 9.64
C LYS B 276 18.66 -79.80 8.97
N ASP B 277 19.68 -80.00 8.13
CA ASP B 277 19.89 -81.30 7.49
C ASP B 277 20.31 -82.35 8.51
N GLY B 283 20.23 -81.19 -1.94
CA GLY B 283 18.99 -81.88 -2.25
C GLY B 283 18.05 -81.07 -3.11
N ALA B 284 17.21 -81.77 -3.88
CA ALA B 284 16.29 -81.08 -4.79
C ALA B 284 15.15 -80.42 -4.03
N ARG B 285 14.45 -81.21 -3.19
CA ARG B 285 13.35 -80.65 -2.39
C ARG B 285 13.85 -79.55 -1.47
N ALA B 286 15.08 -79.67 -0.96
CA ALA B 286 15.63 -78.64 -0.09
C ALA B 286 15.80 -77.32 -0.82
N ILE B 287 16.44 -77.34 -1.98
CA ILE B 287 16.62 -76.12 -2.78
C ILE B 287 15.28 -75.56 -3.18
N TRP B 288 14.32 -76.43 -3.50
CA TRP B 288 12.99 -75.97 -3.87
C TRP B 288 12.36 -75.18 -2.73
N ARG B 289 12.22 -75.81 -1.56
CA ARG B 289 11.65 -75.13 -0.40
C ARG B 289 12.43 -73.88 -0.03
N ALA B 290 13.74 -73.89 -0.26
CA ALA B 290 14.54 -72.71 0.01
C ALA B 290 14.12 -71.55 -0.87
N LEU B 291 14.00 -71.79 -2.19
CA LEU B 291 13.51 -70.77 -3.11
C LEU B 291 12.11 -70.30 -2.70
N CYS B 292 11.25 -71.25 -2.31
CA CYS B 292 9.88 -70.92 -1.94
C CYS B 292 9.85 -69.96 -0.76
N HIS B 293 10.51 -70.34 0.34
CA HIS B 293 10.55 -69.50 1.53
C HIS B 293 11.32 -68.22 1.30
N ALA B 294 12.22 -68.18 0.31
CA ALA B 294 13.01 -66.98 0.06
C ALA B 294 12.21 -65.95 -0.73
N PHE B 295 11.37 -66.40 -1.67
CA PHE B 295 10.63 -65.45 -2.50
C PHE B 295 9.20 -65.21 -2.03
N GLY B 296 8.69 -66.05 -1.14
CA GLY B 296 7.61 -65.69 -0.24
C GLY B 296 6.47 -64.81 -0.72
N ARG B 297 6.37 -63.64 -0.08
CA ARG B 297 5.11 -62.90 -0.08
C ARG B 297 4.76 -62.36 -1.47
N ARG B 298 5.76 -61.98 -2.26
CA ARG B 298 5.48 -61.35 -3.55
C ARG B 298 4.70 -62.29 -4.47
N LEU B 299 5.08 -63.56 -4.51
CA LEU B 299 4.45 -64.51 -5.41
C LEU B 299 2.98 -64.72 -5.04
N ILE B 300 2.70 -64.91 -3.76
CA ILE B 300 1.32 -65.15 -3.34
C ILE B 300 0.49 -63.88 -3.50
N LEU B 301 1.10 -62.71 -3.32
CA LEU B 301 0.41 -61.44 -3.57
C LEU B 301 -0.01 -61.34 -5.03
N SER B 302 0.91 -61.65 -5.94
CA SER B 302 0.56 -61.69 -7.36
C SER B 302 -0.56 -62.68 -7.62
N SER B 303 -0.48 -63.86 -7.01
CA SER B 303 -1.49 -64.89 -7.25
C SER B 303 -2.87 -64.45 -6.79
N THR B 304 -2.94 -63.74 -5.66
CA THR B 304 -4.26 -63.34 -5.17
C THR B 304 -4.82 -62.15 -5.95
N PHE B 305 -3.97 -61.21 -6.35
CA PHE B 305 -4.37 -60.22 -7.36
C PHE B 305 -5.02 -60.94 -8.54
N ARG B 306 -4.35 -61.99 -9.02
CA ARG B 306 -4.78 -62.71 -10.22
C ARG B 306 -6.14 -63.37 -10.01
N ILE B 307 -6.36 -64.01 -8.86
CA ILE B 307 -7.62 -64.71 -8.66
C ILE B 307 -8.77 -63.71 -8.51
N LEU B 308 -8.53 -62.57 -7.86
CA LEU B 308 -9.59 -61.57 -7.76
C LEU B 308 -9.95 -61.02 -9.14
N ALA B 309 -8.93 -60.78 -9.97
CA ALA B 309 -9.21 -60.34 -11.33
C ALA B 309 -10.01 -61.39 -12.10
N ASP B 310 -9.67 -62.67 -11.93
CA ASP B 310 -10.41 -63.73 -12.60
C ASP B 310 -11.87 -63.74 -12.17
N LEU B 311 -12.13 -63.53 -10.88
CA LEU B 311 -13.51 -63.48 -10.39
C LEU B 311 -14.28 -62.34 -11.07
N LEU B 312 -13.72 -61.14 -11.07
CA LEU B 312 -14.43 -60.02 -11.69
C LEU B 312 -14.64 -60.23 -13.18
N GLY B 313 -13.68 -60.89 -13.85
CA GLY B 313 -13.84 -61.18 -15.26
C GLY B 313 -14.97 -62.15 -15.53
N PHE B 314 -15.08 -63.18 -14.68
CA PHE B 314 -16.26 -64.05 -14.76
C PHE B 314 -17.54 -63.29 -14.41
N ALA B 315 -17.43 -62.18 -13.66
CA ALA B 315 -18.61 -61.44 -13.25
C ALA B 315 -19.17 -60.54 -14.36
N GLY B 316 -18.31 -59.98 -15.20
CA GLY B 316 -18.78 -59.06 -16.24
C GLY B 316 -19.97 -59.50 -17.08
N PRO B 317 -19.85 -60.66 -17.73
CA PRO B 317 -20.96 -61.14 -18.59
C PRO B 317 -22.30 -61.29 -17.86
N LEU B 318 -22.30 -61.51 -16.55
CA LEU B 318 -23.59 -61.65 -15.86
C LEU B 318 -24.33 -60.33 -15.80
N CYS B 319 -23.62 -59.22 -15.58
CA CYS B 319 -24.27 -57.93 -15.62
C CYS B 319 -24.67 -57.56 -17.04
N ILE B 320 -23.90 -58.02 -18.03
CA ILE B 320 -24.39 -57.92 -19.42
C ILE B 320 -25.74 -58.60 -19.54
N PHE B 321 -25.84 -59.83 -19.05
CA PHE B 321 -27.07 -60.60 -19.09
C PHE B 321 -28.21 -59.85 -18.40
N GLY B 322 -27.94 -59.29 -17.23
CA GLY B 322 -28.97 -58.53 -16.52
C GLY B 322 -29.47 -57.34 -17.31
N ILE B 323 -28.55 -56.59 -17.92
CA ILE B 323 -28.97 -55.47 -18.76
C ILE B 323 -29.86 -55.96 -19.89
N VAL B 324 -29.43 -57.02 -20.59
CA VAL B 324 -30.20 -57.53 -21.72
C VAL B 324 -31.61 -57.94 -21.27
N ASP B 325 -31.70 -58.52 -20.07
CA ASP B 325 -33.02 -58.90 -19.56
C ASP B 325 -33.88 -57.67 -19.29
N HIS B 326 -33.31 -56.67 -18.62
CA HIS B 326 -34.10 -55.53 -18.17
C HIS B 326 -34.74 -54.79 -19.33
N LEU B 327 -34.01 -54.61 -20.43
CA LEU B 327 -34.54 -53.84 -21.55
C LEU B 327 -35.63 -54.60 -22.30
N GLY B 328 -35.50 -55.93 -22.40
CA GLY B 328 -36.50 -56.71 -23.09
C GLY B 328 -37.84 -56.73 -22.38
N LYS B 329 -37.85 -56.48 -21.08
CA LYS B 329 -39.08 -56.54 -20.30
C LYS B 329 -39.42 -55.18 -19.71
N ASN B 354 -32.91 -49.53 -14.12
CA ASN B 354 -32.03 -50.44 -13.38
C ASN B 354 -30.91 -50.93 -14.29
N ALA B 355 -30.73 -50.24 -15.42
CA ALA B 355 -29.75 -50.66 -16.41
C ALA B 355 -28.56 -49.71 -16.55
N TYR B 356 -28.78 -48.39 -16.40
CA TYR B 356 -27.64 -47.47 -16.40
C TYR B 356 -26.68 -47.80 -15.27
N VAL B 357 -27.22 -48.17 -14.11
CA VAL B 357 -26.39 -48.57 -12.97
C VAL B 357 -25.55 -49.78 -13.35
N LEU B 358 -26.15 -50.76 -14.01
CA LEU B 358 -25.41 -51.94 -14.44
C LEU B 358 -24.35 -51.58 -15.46
N ALA B 359 -24.62 -50.59 -16.32
CA ALA B 359 -23.62 -50.19 -17.31
C ALA B 359 -22.41 -49.56 -16.65
N VAL B 360 -22.62 -48.61 -15.74
CA VAL B 360 -21.49 -47.99 -15.08
C VAL B 360 -20.75 -49.00 -14.19
N LEU B 361 -21.48 -49.94 -13.58
CA LEU B 361 -20.83 -50.98 -12.81
C LEU B 361 -19.97 -51.86 -13.71
N LEU B 362 -20.46 -52.15 -14.93
CA LEU B 362 -19.67 -52.91 -15.88
C LEU B 362 -18.39 -52.18 -16.25
N PHE B 363 -18.50 -50.87 -16.48
CA PHE B 363 -17.32 -50.06 -16.75
C PHE B 363 -16.30 -50.16 -15.62
N LEU B 364 -16.76 -49.94 -14.38
CA LEU B 364 -15.87 -49.98 -13.22
C LEU B 364 -15.24 -51.36 -13.07
N ALA B 365 -16.04 -52.42 -13.21
CA ALA B 365 -15.54 -53.77 -13.01
C ALA B 365 -14.53 -54.14 -14.08
N LEU B 366 -14.77 -53.73 -15.33
CA LEU B 366 -13.79 -53.98 -16.39
C LEU B 366 -12.46 -53.33 -16.06
N LEU B 367 -12.49 -52.02 -15.75
CA LEU B 367 -11.23 -51.33 -15.50
C LEU B 367 -10.48 -51.92 -14.31
N LEU B 368 -11.22 -52.24 -13.24
CA LEU B 368 -10.57 -52.77 -12.04
C LEU B 368 -10.01 -54.16 -12.27
N GLN B 369 -10.78 -55.04 -12.91
CA GLN B 369 -10.32 -56.38 -13.21
C GLN B 369 -9.05 -56.35 -14.03
N ARG B 370 -9.03 -55.55 -15.10
CA ARG B 370 -7.86 -55.54 -15.97
C ARG B 370 -6.67 -54.90 -15.26
N THR B 371 -6.89 -53.88 -14.44
CA THR B 371 -5.79 -53.29 -13.68
C THR B 371 -5.16 -54.31 -12.74
N PHE B 372 -6.00 -55.08 -12.04
CA PHE B 372 -5.49 -56.09 -11.12
C PHE B 372 -4.75 -57.19 -11.88
N LEU B 373 -5.29 -57.60 -13.03
CA LEU B 373 -4.60 -58.59 -13.86
C LEU B 373 -3.19 -58.11 -14.22
N GLN B 374 -3.07 -56.84 -14.62
CA GLN B 374 -1.78 -56.32 -15.07
C GLN B 374 -0.80 -56.20 -13.91
N ALA B 375 -1.27 -55.69 -12.77
CA ALA B 375 -0.41 -55.66 -11.59
C ALA B 375 0.07 -57.05 -11.22
N SER B 376 -0.80 -58.06 -11.36
CA SER B 376 -0.41 -59.44 -11.09
C SER B 376 0.72 -59.87 -12.02
N TYR B 377 0.53 -59.66 -13.33
CA TYR B 377 1.57 -60.00 -14.29
C TYR B 377 2.91 -59.37 -13.88
N TYR B 378 2.89 -58.07 -13.58
CA TYR B 378 4.15 -57.38 -13.32
C TYR B 378 4.83 -57.91 -12.06
N VAL B 379 4.06 -58.11 -10.99
CA VAL B 379 4.68 -58.59 -9.75
C VAL B 379 5.28 -59.96 -9.96
N ALA B 380 4.59 -60.83 -10.71
CA ALA B 380 5.16 -62.14 -11.00
C ALA B 380 6.44 -62.03 -11.82
N ILE B 381 6.44 -61.17 -12.84
CA ILE B 381 7.63 -61.01 -13.69
C ILE B 381 8.80 -60.53 -12.87
N GLU B 382 8.55 -59.61 -11.93
CA GLU B 382 9.65 -59.07 -11.14
C GLU B 382 10.20 -60.11 -10.18
N THR B 383 9.32 -60.89 -9.56
CA THR B 383 9.80 -62.00 -8.73
C THR B 383 10.65 -62.97 -9.55
N GLY B 384 10.23 -63.25 -10.79
CA GLY B 384 11.01 -64.13 -11.64
C GLY B 384 12.37 -63.57 -11.99
N ILE B 385 12.44 -62.26 -12.27
CA ILE B 385 13.72 -61.66 -12.60
C ILE B 385 14.65 -61.68 -11.39
N ASN B 386 14.10 -61.38 -10.21
CA ASN B 386 14.87 -61.55 -8.98
C ASN B 386 15.45 -62.95 -8.90
N LEU B 387 14.59 -63.97 -9.09
CA LEU B 387 15.04 -65.35 -8.96
C LEU B 387 16.13 -65.69 -9.96
N ARG B 388 16.00 -65.20 -11.20
CA ARG B 388 17.03 -65.47 -12.19
C ARG B 388 18.36 -64.88 -11.77
N GLY B 389 18.37 -63.59 -11.41
CA GLY B 389 19.61 -62.99 -10.94
C GLY B 389 20.22 -63.74 -9.77
N ALA B 390 19.37 -64.14 -8.82
CA ALA B 390 19.84 -64.81 -7.61
C ALA B 390 20.50 -66.14 -7.95
N ILE B 391 19.79 -67.03 -8.64
CA ILE B 391 20.35 -68.35 -8.89
C ILE B 391 21.51 -68.27 -9.86
N GLN B 392 21.55 -67.24 -10.72
CA GLN B 392 22.69 -67.08 -11.62
C GLN B 392 23.94 -66.73 -10.83
N THR B 393 23.88 -65.70 -9.98
CA THR B 393 25.06 -65.38 -9.19
C THR B 393 25.41 -66.51 -8.22
N LYS B 394 24.43 -67.30 -7.80
CA LYS B 394 24.72 -68.42 -6.91
C LYS B 394 25.51 -69.50 -7.63
N ILE B 395 25.04 -69.91 -8.82
CA ILE B 395 25.78 -70.93 -9.56
C ILE B 395 27.11 -70.39 -10.07
N TYR B 396 27.26 -69.06 -10.15
CA TYR B 396 28.59 -68.54 -10.44
C TYR B 396 29.49 -68.60 -9.21
N ASN B 397 28.93 -68.37 -8.03
CA ASN B 397 29.69 -68.54 -6.80
C ASN B 397 30.15 -69.98 -6.64
N LYS B 398 29.30 -70.93 -7.06
CA LYS B 398 29.68 -72.35 -7.02
C LYS B 398 30.77 -72.66 -8.04
N ILE B 399 30.82 -71.90 -9.14
CA ILE B 399 31.82 -72.15 -10.18
C ILE B 399 33.23 -71.89 -9.67
N MET B 400 33.36 -71.17 -8.56
CA MET B 400 34.68 -70.85 -8.03
C MET B 400 35.28 -72.00 -7.22
N HIS B 401 34.44 -72.77 -6.53
CA HIS B 401 34.92 -73.79 -5.61
C HIS B 401 34.97 -75.19 -6.21
N LEU B 402 34.58 -75.35 -7.47
CA LEU B 402 34.53 -76.68 -8.05
C LEU B 402 35.92 -77.18 -8.39
N SER B 403 36.02 -78.49 -8.57
CA SER B 403 37.30 -79.15 -8.81
C SER B 403 37.54 -79.29 -10.31
N THR B 404 38.82 -79.47 -10.67
CA THR B 404 39.21 -79.49 -12.07
C THR B 404 38.87 -80.80 -12.77
N SER B 405 38.72 -81.89 -12.02
CA SER B 405 38.42 -83.18 -12.63
C SER B 405 37.02 -83.23 -13.23
N ASN B 406 36.10 -82.38 -12.77
CA ASN B 406 34.74 -82.40 -13.26
C ASN B 406 34.56 -81.42 -14.43
N GLU B 411 35.25 -79.76 -20.88
CA GLU B 411 34.70 -79.65 -22.22
C GLU B 411 33.20 -79.88 -22.23
N MET B 412 32.80 -81.11 -21.92
CA MET B 412 31.37 -81.42 -21.84
C MET B 412 30.72 -80.75 -20.64
N THR B 413 31.43 -80.69 -19.51
CA THR B 413 30.90 -80.02 -18.33
C THR B 413 30.79 -78.52 -18.56
N ALA B 414 31.68 -77.93 -19.37
CA ALA B 414 31.58 -76.51 -19.66
C ALA B 414 30.36 -76.20 -20.52
N GLY B 415 30.13 -77.00 -21.56
CA GLY B 415 28.92 -76.84 -22.35
C GLY B 415 27.66 -77.07 -21.54
N GLN B 416 27.69 -78.05 -20.64
CA GLN B 416 26.55 -78.28 -19.75
C GLN B 416 26.34 -77.12 -18.79
N ILE B 417 27.42 -76.49 -18.35
CA ILE B 417 27.30 -75.32 -17.46
C ILE B 417 26.67 -74.16 -18.22
N CYS B 418 27.14 -73.88 -19.43
CA CYS B 418 26.62 -72.74 -20.17
C CYS B 418 25.22 -73.00 -20.72
N ASN B 419 24.83 -74.25 -20.92
CA ASN B 419 23.42 -74.53 -21.15
C ASN B 419 22.62 -74.41 -19.86
N LEU B 420 23.26 -74.70 -18.71
CA LEU B 420 22.59 -74.54 -17.43
C LEU B 420 22.29 -73.08 -17.13
N VAL B 421 22.91 -72.16 -17.86
CA VAL B 421 22.62 -70.74 -17.71
C VAL B 421 21.79 -70.19 -18.88
N ALA B 422 21.87 -70.80 -20.06
CA ALA B 422 21.22 -70.27 -21.24
C ALA B 422 19.82 -70.82 -21.45
N ILE B 423 19.55 -72.06 -21.07
CA ILE B 423 18.23 -72.68 -21.24
C ILE B 423 17.61 -73.09 -19.91
N ASP B 424 18.40 -73.66 -19.00
CA ASP B 424 17.82 -74.11 -17.72
C ASP B 424 17.34 -72.95 -16.87
N THR B 425 18.16 -71.88 -16.76
CA THR B 425 17.76 -70.72 -15.97
C THR B 425 16.58 -69.99 -16.60
N ASN B 426 16.56 -69.89 -17.93
CA ASN B 426 15.41 -69.27 -18.59
C ASN B 426 14.15 -70.10 -18.37
N GLN B 427 14.27 -71.43 -18.39
CA GLN B 427 13.14 -72.28 -18.08
C GLN B 427 12.63 -72.02 -16.67
N LEU B 428 13.56 -72.00 -15.70
CA LEU B 428 13.17 -71.71 -14.32
C LEU B 428 12.43 -70.39 -14.22
N MET B 429 12.98 -69.34 -14.84
CA MET B 429 12.39 -68.01 -14.69
C MET B 429 11.05 -67.91 -15.39
N TRP B 430 10.90 -68.53 -16.56
CA TRP B 430 9.60 -68.47 -17.24
C TRP B 430 8.56 -69.32 -16.51
N PHE B 431 8.99 -70.41 -15.89
CA PHE B 431 8.09 -71.15 -15.02
C PHE B 431 7.66 -70.31 -13.83
N PHE B 432 8.56 -69.49 -13.30
CA PHE B 432 8.17 -68.61 -12.22
C PHE B 432 7.25 -67.50 -12.70
N PHE B 433 7.39 -67.09 -13.97
CA PHE B 433 6.37 -66.23 -14.59
C PHE B 433 5.00 -66.91 -14.52
N LEU B 434 4.93 -68.15 -14.98
CA LEU B 434 3.65 -68.84 -15.12
C LEU B 434 3.13 -69.48 -13.84
N CYS B 435 3.89 -69.42 -12.74
CA CYS B 435 3.44 -70.01 -11.48
C CYS B 435 2.06 -69.54 -11.04
N PRO B 436 1.75 -68.23 -10.93
CA PRO B 436 0.41 -67.84 -10.46
C PRO B 436 -0.71 -68.24 -11.41
N ASN B 437 -0.41 -68.32 -12.71
CA ASN B 437 -1.41 -68.81 -13.65
C ASN B 437 -1.84 -70.24 -13.34
N LEU B 438 -0.91 -71.07 -12.86
CA LEU B 438 -1.24 -72.44 -12.52
C LEU B 438 -2.18 -72.53 -11.33
N TRP B 439 -2.12 -71.55 -10.41
CA TRP B 439 -3.07 -71.52 -9.30
C TRP B 439 -4.40 -70.90 -9.72
N ALA B 440 -4.38 -69.93 -10.63
CA ALA B 440 -5.60 -69.21 -11.00
C ALA B 440 -6.40 -69.88 -12.10
N MET B 441 -5.83 -70.83 -12.84
CA MET B 441 -6.58 -71.49 -13.91
C MET B 441 -7.72 -72.36 -13.40
N PRO B 442 -7.51 -73.25 -12.40
CA PRO B 442 -8.62 -74.12 -11.99
C PRO B 442 -9.84 -73.37 -11.49
N VAL B 443 -9.64 -72.34 -10.66
CA VAL B 443 -10.77 -71.57 -10.16
C VAL B 443 -11.49 -70.90 -11.33
N GLN B 444 -10.76 -70.49 -12.35
CA GLN B 444 -11.37 -69.84 -13.51
C GLN B 444 -12.28 -70.82 -14.25
N ILE B 445 -11.78 -72.02 -14.55
CA ILE B 445 -12.62 -72.97 -15.29
C ILE B 445 -13.79 -73.44 -14.44
N ILE B 446 -13.60 -73.56 -13.12
CA ILE B 446 -14.69 -74.01 -12.24
C ILE B 446 -15.80 -72.96 -12.20
N VAL B 447 -15.44 -71.69 -11.95
CA VAL B 447 -16.44 -70.62 -11.95
C VAL B 447 -17.12 -70.52 -13.31
N GLY B 448 -16.36 -70.69 -14.40
CA GLY B 448 -16.96 -70.65 -15.72
C GLY B 448 -18.02 -71.72 -15.91
N VAL B 449 -17.69 -72.97 -15.57
CA VAL B 449 -18.64 -74.05 -15.80
C VAL B 449 -19.87 -73.90 -14.91
N ILE B 450 -19.67 -73.53 -13.64
CA ILE B 450 -20.83 -73.41 -12.75
C ILE B 450 -21.71 -72.24 -13.17
N LEU B 451 -21.11 -71.16 -13.67
CA LEU B 451 -21.91 -70.02 -14.11
C LEU B 451 -22.69 -70.35 -15.37
N LEU B 452 -22.05 -70.99 -16.35
CA LEU B 452 -22.77 -71.31 -17.57
C LEU B 452 -23.86 -72.36 -17.33
N TYR B 453 -23.67 -73.24 -16.35
CA TYR B 453 -24.73 -74.20 -16.04
C TYR B 453 -26.01 -73.51 -15.58
N TYR B 454 -25.88 -72.49 -14.73
CA TYR B 454 -27.07 -71.83 -14.20
C TYR B 454 -27.73 -70.90 -15.21
N ILE B 455 -27.10 -70.67 -16.36
CA ILE B 455 -27.68 -69.82 -17.39
C ILE B 455 -28.34 -70.65 -18.49
N LEU B 456 -27.76 -71.80 -18.83
CA LEU B 456 -28.29 -72.63 -19.91
C LEU B 456 -28.81 -73.98 -19.44
N GLY B 457 -28.67 -74.32 -18.15
CA GLY B 457 -29.20 -75.58 -17.67
C GLY B 457 -28.33 -76.77 -18.06
N VAL B 458 -28.98 -77.93 -18.13
CA VAL B 458 -28.27 -79.20 -18.39
C VAL B 458 -27.49 -79.12 -19.70
N SER B 459 -28.09 -78.54 -20.74
CA SER B 459 -27.41 -78.40 -22.03
C SER B 459 -26.06 -77.73 -21.87
N ALA B 460 -25.98 -76.71 -21.01
CA ALA B 460 -24.72 -76.04 -20.76
C ALA B 460 -23.60 -77.03 -20.46
N LEU B 461 -23.87 -77.99 -19.57
CA LEU B 461 -22.89 -79.01 -19.23
C LEU B 461 -22.27 -79.62 -20.47
N ILE B 462 -23.11 -80.04 -21.43
CA ILE B 462 -22.60 -80.65 -22.66
C ILE B 462 -21.61 -79.70 -23.32
N GLY B 463 -22.01 -78.46 -23.55
CA GLY B 463 -21.09 -77.48 -24.10
C GLY B 463 -19.84 -77.33 -23.25
N ALA B 464 -20.01 -77.27 -21.94
CA ALA B 464 -18.88 -77.13 -21.03
C ALA B 464 -17.89 -78.26 -21.18
N ALA B 465 -18.32 -79.42 -21.69
CA ALA B 465 -17.38 -80.49 -21.96
C ALA B 465 -16.52 -80.18 -23.17
N VAL B 466 -17.17 -79.78 -24.28
CA VAL B 466 -16.47 -79.68 -25.57
C VAL B 466 -15.26 -78.74 -25.45
N ILE B 467 -15.50 -77.52 -24.97
CA ILE B 467 -14.41 -76.55 -24.82
C ILE B 467 -13.30 -77.15 -23.96
N ILE B 468 -13.66 -77.76 -22.83
CA ILE B 468 -12.65 -78.33 -21.96
C ILE B 468 -11.85 -79.40 -22.69
N LEU B 469 -12.52 -80.16 -23.55
CA LEU B 469 -11.85 -81.23 -24.30
C LEU B 469 -10.75 -80.69 -25.21
N LEU B 470 -10.78 -79.39 -25.54
CA LEU B 470 -9.73 -78.84 -26.37
C LEU B 470 -8.41 -78.69 -25.61
N ALA B 471 -8.48 -78.57 -24.27
CA ALA B 471 -7.26 -78.29 -23.52
C ALA B 471 -6.29 -79.47 -23.52
N PRO B 472 -6.69 -80.70 -23.22
CA PRO B 472 -5.71 -81.81 -23.34
C PRO B 472 -5.25 -82.02 -24.77
N VAL B 473 -6.16 -82.01 -25.74
CA VAL B 473 -5.80 -82.21 -27.14
C VAL B 473 -4.70 -81.23 -27.54
N GLN B 474 -4.89 -79.95 -27.24
CA GLN B 474 -3.87 -78.94 -27.49
C GLN B 474 -2.50 -79.43 -27.01
N TYR B 475 -2.42 -79.85 -25.75
CA TYR B 475 -1.15 -80.34 -25.20
C TYR B 475 -0.55 -81.39 -26.12
N PHE B 476 -1.34 -82.41 -26.47
CA PHE B 476 -0.87 -83.45 -27.38
C PHE B 476 -0.27 -82.83 -28.63
N VAL B 477 -1.02 -81.94 -29.29
CA VAL B 477 -0.53 -81.27 -30.48
C VAL B 477 0.82 -80.65 -30.21
N ALA B 478 0.93 -79.88 -29.13
CA ALA B 478 2.18 -79.22 -28.78
C ALA B 478 3.33 -80.22 -28.76
N THR B 479 3.12 -81.35 -28.07
CA THR B 479 4.19 -82.35 -27.97
C THR B 479 4.67 -82.77 -29.35
N LYS B 480 3.73 -83.06 -30.26
CA LYS B 480 4.12 -83.44 -31.61
C LYS B 480 5.03 -82.38 -32.22
N LEU B 481 4.63 -81.11 -32.14
CA LEU B 481 5.46 -80.01 -32.59
C LEU B 481 6.90 -80.19 -32.11
N SER B 482 7.06 -80.32 -30.79
CA SER B 482 8.39 -80.45 -30.20
C SER B 482 9.18 -81.55 -30.90
N GLN B 483 8.59 -82.74 -31.01
CA GLN B 483 9.26 -83.85 -31.67
C GLN B 483 9.73 -83.41 -33.05
N ALA B 484 8.81 -82.90 -33.87
CA ALA B 484 9.17 -82.43 -35.20
C ALA B 484 10.35 -81.47 -35.12
N GLN B 485 10.23 -80.46 -34.25
CA GLN B 485 11.30 -79.48 -34.08
C GLN B 485 12.65 -80.16 -33.97
N ARG B 486 12.77 -81.11 -33.03
CA ARG B 486 14.02 -81.81 -32.82
C ARG B 486 14.58 -82.30 -34.15
N SER B 487 13.80 -83.13 -34.85
CA SER B 487 14.26 -83.68 -36.12
C SER B 487 14.77 -82.57 -37.03
N THR B 488 13.93 -81.55 -37.24
CA THR B 488 14.31 -80.46 -38.15
C THR B 488 15.65 -79.88 -37.74
N LEU B 489 15.80 -79.57 -36.45
CA LEU B 489 17.04 -78.94 -35.98
C LEU B 489 18.24 -79.75 -36.44
N GLU B 490 18.19 -81.07 -36.27
CA GLU B 490 19.28 -81.93 -36.68
C GLU B 490 19.70 -81.60 -38.11
N HIS B 491 18.75 -81.75 -39.06
CA HIS B 491 19.06 -81.48 -40.45
C HIS B 491 19.69 -80.10 -40.60
N SER B 492 19.07 -79.09 -40.00
CA SER B 492 19.56 -77.72 -40.13
C SER B 492 21.04 -77.65 -39.77
N ASN B 493 21.41 -78.24 -38.63
CA ASN B 493 22.79 -78.18 -38.19
C ASN B 493 23.72 -78.72 -39.28
N GLU B 494 23.39 -79.89 -39.83
CA GLU B 494 24.25 -80.48 -40.86
C GLU B 494 24.41 -79.52 -42.03
N ARG B 495 23.32 -78.89 -42.46
CA ARG B 495 23.41 -77.95 -43.57
C ARG B 495 24.47 -76.89 -43.29
N LEU B 496 24.43 -76.31 -42.08
CA LEU B 496 25.39 -75.27 -41.73
C LEU B 496 26.81 -75.75 -41.94
N LYS B 497 27.10 -76.99 -41.53
CA LYS B 497 28.44 -77.53 -41.74
C LYS B 497 28.82 -77.48 -43.21
N GLN B 498 27.95 -78.03 -44.07
CA GLN B 498 28.23 -78.05 -45.49
C GLN B 498 28.31 -76.67 -46.11
N THR B 499 27.92 -75.63 -45.37
CA THR B 499 28.11 -74.26 -45.83
C THR B 499 29.44 -73.69 -45.38
N ASN B 500 29.86 -73.99 -44.14
CA ASN B 500 31.04 -73.37 -43.58
C ASN B 500 32.28 -73.64 -44.41
N GLU B 501 32.32 -74.78 -45.10
CA GLU B 501 33.43 -75.07 -45.99
C GLU B 501 33.42 -74.13 -47.19
N MET B 502 32.27 -74.02 -47.87
CA MET B 502 32.21 -73.25 -49.10
C MET B 502 32.56 -71.79 -48.88
N LEU B 503 32.10 -71.22 -47.77
CA LEU B 503 32.39 -69.82 -47.46
C LEU B 503 33.77 -69.64 -46.83
N ARG B 504 34.63 -70.65 -46.88
CA ARG B 504 36.03 -70.48 -46.47
C ARG B 504 37.00 -70.79 -47.59
N GLY B 505 36.76 -71.86 -48.35
CA GLY B 505 37.59 -72.15 -49.51
C GLY B 505 37.11 -71.41 -50.73
N MET B 506 36.78 -70.13 -50.54
CA MET B 506 36.16 -69.34 -51.60
C MET B 506 37.06 -69.26 -52.83
N LYS B 507 38.30 -68.79 -52.66
CA LYS B 507 39.21 -68.71 -53.80
C LYS B 507 39.51 -70.10 -54.35
N LEU B 508 39.77 -71.06 -53.47
CA LEU B 508 39.95 -72.44 -53.93
C LEU B 508 38.75 -72.91 -54.73
N LEU B 509 37.54 -72.66 -54.21
CA LEU B 509 36.32 -73.13 -54.87
C LEU B 509 36.19 -72.53 -56.26
N LYS B 510 36.31 -71.21 -56.37
CA LYS B 510 36.11 -70.54 -57.65
C LYS B 510 37.30 -70.63 -58.59
N LEU B 511 38.45 -71.12 -58.10
CA LEU B 511 39.61 -71.22 -58.97
C LEU B 511 39.46 -72.30 -60.03
N TYR B 512 38.57 -73.27 -59.82
CA TYR B 512 38.29 -74.29 -60.82
C TYR B 512 36.80 -74.47 -61.06
N ALA B 513 35.96 -73.63 -60.46
CA ALA B 513 34.51 -73.62 -60.67
C ALA B 513 33.88 -74.97 -60.35
N TRP B 514 34.30 -75.57 -59.24
CA TRP B 514 33.60 -76.72 -58.68
C TRP B 514 32.45 -76.29 -57.79
N GLU B 515 32.06 -75.00 -57.84
CA GLU B 515 31.09 -74.48 -56.90
C GLU B 515 29.69 -75.05 -57.13
N SER B 516 29.27 -75.18 -58.39
CA SER B 516 27.97 -75.76 -58.68
C SER B 516 27.87 -77.19 -58.17
N ILE B 517 28.99 -77.93 -58.20
CA ILE B 517 28.99 -79.30 -57.74
C ILE B 517 28.65 -79.37 -56.24
N PHE B 518 29.18 -78.42 -55.47
CA PHE B 518 28.85 -78.37 -54.04
C PHE B 518 27.48 -77.78 -53.79
N CYS B 519 27.03 -76.85 -54.64
CA CYS B 519 25.69 -76.29 -54.49
C CYS B 519 24.62 -77.36 -54.70
N SER B 520 24.88 -78.32 -55.59
CA SER B 520 23.96 -79.44 -55.75
C SER B 520 23.79 -80.19 -54.44
N ARG B 521 24.90 -80.47 -53.75
CA ARG B 521 24.85 -81.16 -52.46
C ARG B 521 24.11 -80.31 -51.42
N VAL B 522 24.38 -79.01 -51.40
CA VAL B 522 23.70 -78.12 -50.45
C VAL B 522 22.19 -78.14 -50.69
N GLU B 523 21.77 -78.14 -51.96
CA GLU B 523 20.35 -78.21 -52.26
C GLU B 523 19.77 -79.58 -51.89
N VAL B 524 20.55 -80.65 -52.06
CA VAL B 524 20.11 -81.97 -51.59
C VAL B 524 19.79 -81.91 -50.10
N THR B 525 20.61 -81.26 -49.27
CA THR B 525 20.25 -81.20 -47.84
C THR B 525 18.94 -80.42 -47.57
N ARG B 526 18.79 -79.35 -48.33
CA ARG B 526 17.67 -78.45 -48.20
C ARG B 526 16.33 -79.13 -48.40
N ARG B 527 16.25 -80.05 -49.35
CA ARG B 527 14.99 -80.76 -49.59
C ARG B 527 14.56 -81.58 -48.37
N LYS B 528 15.52 -82.22 -47.69
CA LYS B 528 15.21 -82.99 -46.47
C LYS B 528 14.69 -82.04 -45.39
N GLU B 529 15.36 -80.88 -45.31
CA GLU B 529 14.91 -79.89 -44.33
C GLU B 529 13.48 -79.44 -44.63
N MET B 530 13.16 -79.23 -45.90
CA MET B 530 11.83 -78.83 -46.34
C MET B 530 10.81 -79.90 -46.00
N THR B 531 11.18 -81.15 -46.17
CA THR B 531 10.30 -82.26 -45.87
C THR B 531 9.92 -82.26 -44.40
N SER B 532 10.85 -81.98 -43.51
CA SER B 532 10.46 -81.98 -42.08
C SER B 532 9.39 -80.91 -41.70
N LEU B 533 9.59 -79.74 -42.28
CA LEU B 533 8.86 -78.48 -42.14
C LEU B 533 7.40 -78.63 -42.54
N ARG B 534 7.12 -79.52 -43.51
CA ARG B 534 5.74 -79.78 -43.90
C ARG B 534 4.92 -80.30 -42.73
N ALA B 535 5.42 -81.34 -42.04
CA ALA B 535 4.70 -81.89 -40.90
C ALA B 535 4.59 -80.87 -39.77
N PHE B 536 5.67 -80.14 -39.51
CA PHE B 536 5.62 -79.10 -38.47
C PHE B 536 4.53 -78.08 -38.76
N ALA B 537 4.47 -77.60 -40.00
CA ALA B 537 3.46 -76.61 -40.36
C ALA B 537 2.07 -77.21 -40.40
N VAL B 538 1.95 -78.50 -40.68
CA VAL B 538 0.65 -79.16 -40.59
C VAL B 538 0.16 -79.15 -39.15
N TYR B 539 1.05 -79.42 -38.19
CA TYR B 539 0.64 -79.36 -36.79
C TYR B 539 0.30 -77.93 -36.38
N THR B 540 1.07 -76.95 -36.85
CA THR B 540 0.74 -75.55 -36.59
C THR B 540 -0.64 -75.20 -37.13
N SER B 541 -0.94 -75.69 -38.33
CA SER B 541 -2.25 -75.46 -38.94
C SER B 541 -3.36 -76.10 -38.12
N ILE B 542 -3.14 -77.31 -37.62
CA ILE B 542 -4.13 -77.97 -36.79
C ILE B 542 -4.39 -77.17 -35.52
N SER B 543 -3.31 -76.63 -34.93
CA SER B 543 -3.47 -75.81 -33.73
C SER B 543 -4.30 -74.56 -34.01
N ILE B 544 -3.92 -73.80 -35.04
CA ILE B 544 -4.66 -72.59 -35.38
C ILE B 544 -6.11 -72.93 -35.73
N PHE B 545 -6.33 -74.07 -36.37
CA PHE B 545 -7.67 -74.48 -36.75
C PHE B 545 -8.54 -74.76 -35.53
N MET B 546 -8.04 -75.57 -34.60
CA MET B 546 -8.79 -75.84 -33.39
C MET B 546 -9.06 -74.57 -32.61
N ASN B 547 -8.11 -73.63 -32.61
CA ASN B 547 -8.22 -72.39 -31.86
C ASN B 547 -9.56 -71.69 -32.10
N THR B 548 -9.94 -71.54 -33.38
CA THR B 548 -11.20 -70.89 -33.71
C THR B 548 -12.31 -71.86 -34.07
N ALA B 549 -12.02 -73.17 -34.13
CA ALA B 549 -13.06 -74.14 -34.40
C ALA B 549 -13.84 -74.49 -33.15
N ILE B 550 -13.14 -74.64 -32.01
CA ILE B 550 -13.84 -74.99 -30.77
C ILE B 550 -14.82 -73.91 -30.32
N PRO B 551 -14.51 -72.61 -30.43
CA PRO B 551 -15.56 -71.61 -30.13
C PRO B 551 -16.81 -71.77 -30.97
N ILE B 552 -16.67 -72.07 -32.25
CA ILE B 552 -17.85 -72.26 -33.10
C ILE B 552 -18.57 -73.54 -32.72
N ALA B 553 -17.82 -74.63 -32.50
CA ALA B 553 -18.43 -75.93 -32.21
C ALA B 553 -19.18 -75.91 -30.88
N ALA B 554 -18.65 -75.20 -29.89
CA ALA B 554 -19.34 -75.10 -28.61
C ALA B 554 -20.74 -74.51 -28.79
N VAL B 555 -20.83 -73.36 -29.46
CA VAL B 555 -22.13 -72.72 -29.65
C VAL B 555 -23.03 -73.58 -30.52
N LEU B 556 -22.47 -74.20 -31.56
CA LEU B 556 -23.26 -75.07 -32.43
C LEU B 556 -23.92 -76.19 -31.63
N ILE B 557 -23.10 -77.10 -31.07
CA ILE B 557 -23.62 -78.26 -30.36
C ILE B 557 -24.30 -77.90 -29.05
N THR B 558 -24.18 -76.65 -28.59
CA THR B 558 -24.91 -76.26 -27.38
C THR B 558 -26.29 -75.69 -27.71
N PHE B 559 -26.37 -74.71 -28.61
CA PHE B 559 -27.65 -74.12 -28.94
C PHE B 559 -28.53 -75.09 -29.71
N VAL B 560 -27.97 -75.84 -30.66
CA VAL B 560 -28.78 -76.82 -31.35
C VAL B 560 -29.22 -77.91 -30.38
N GLY B 561 -28.35 -78.28 -29.45
CA GLY B 561 -28.65 -79.29 -28.44
C GLY B 561 -29.44 -78.80 -27.23
N HIS B 562 -29.76 -77.51 -27.16
CA HIS B 562 -30.52 -76.98 -26.04
C HIS B 562 -32.00 -76.81 -26.40
N VAL B 563 -32.28 -76.03 -27.45
CA VAL B 563 -33.66 -75.71 -27.79
C VAL B 563 -34.31 -76.86 -28.55
N SER B 564 -33.75 -77.22 -29.70
CA SER B 564 -34.34 -78.23 -30.56
C SER B 564 -34.07 -79.66 -30.09
N PHE B 565 -33.46 -79.85 -28.93
CA PHE B 565 -33.20 -81.19 -28.42
C PHE B 565 -33.90 -81.49 -27.11
N PHE B 566 -33.72 -80.65 -26.08
CA PHE B 566 -34.00 -81.07 -24.72
C PHE B 566 -35.36 -80.61 -24.21
N LYS B 567 -35.61 -79.30 -24.17
CA LYS B 567 -36.79 -78.81 -23.48
C LYS B 567 -37.54 -77.71 -24.21
N GLU B 568 -37.12 -77.33 -25.42
CA GLU B 568 -37.80 -76.30 -26.22
C GLU B 568 -37.94 -74.98 -25.47
N SER B 569 -37.06 -74.74 -24.51
CA SER B 569 -37.14 -73.53 -23.69
C SER B 569 -36.85 -72.30 -24.53
N ASP B 570 -37.66 -71.26 -24.34
CA ASP B 570 -37.47 -70.02 -25.07
C ASP B 570 -36.16 -69.38 -24.65
N LEU B 571 -35.24 -69.24 -25.60
CA LEU B 571 -33.89 -68.77 -25.34
C LEU B 571 -33.86 -67.26 -25.55
N SER B 572 -34.00 -66.51 -24.45
CA SER B 572 -33.92 -65.06 -24.53
C SER B 572 -32.55 -64.64 -25.04
N PRO B 573 -32.44 -63.48 -25.69
CA PRO B 573 -31.13 -63.02 -26.19
C PRO B 573 -30.07 -62.98 -25.11
N SER B 574 -30.47 -62.69 -23.88
CA SER B 574 -29.51 -62.60 -22.77
C SER B 574 -28.79 -63.92 -22.57
N VAL B 575 -29.52 -65.03 -22.57
CA VAL B 575 -28.90 -66.34 -22.34
C VAL B 575 -27.85 -66.63 -23.40
N ALA B 576 -28.22 -66.49 -24.67
CA ALA B 576 -27.30 -66.82 -25.75
C ALA B 576 -26.07 -65.92 -25.74
N PHE B 577 -26.26 -64.62 -25.54
CA PHE B 577 -25.13 -63.72 -25.59
C PHE B 577 -24.23 -63.85 -24.37
N ALA B 578 -24.81 -64.12 -23.19
CA ALA B 578 -23.97 -64.41 -22.03
C ALA B 578 -23.17 -65.68 -22.24
N SER B 579 -23.77 -66.70 -22.84
CA SER B 579 -23.03 -67.92 -23.16
C SER B 579 -21.88 -67.63 -24.13
N LEU B 580 -22.13 -66.77 -25.12
CA LEU B 580 -21.08 -66.38 -26.05
C LEU B 580 -19.92 -65.71 -25.34
N SER B 581 -20.22 -64.70 -24.51
CA SER B 581 -19.19 -64.02 -23.74
C SER B 581 -18.40 -64.99 -22.89
N LEU B 582 -19.09 -65.86 -22.13
CA LEU B 582 -18.40 -66.82 -21.29
C LEU B 582 -17.56 -67.79 -22.11
N PHE B 583 -18.02 -68.16 -23.31
CA PHE B 583 -17.23 -69.02 -24.17
C PHE B 583 -15.91 -68.38 -24.53
N HIS B 584 -15.91 -67.09 -24.86
CA HIS B 584 -14.63 -66.45 -25.18
C HIS B 584 -13.77 -66.29 -23.92
N ILE B 585 -14.39 -65.88 -22.82
CA ILE B 585 -13.66 -65.66 -21.58
C ILE B 585 -13.09 -66.96 -21.02
N LEU B 586 -13.61 -68.11 -21.46
CA LEU B 586 -13.06 -69.40 -21.08
C LEU B 586 -12.09 -69.97 -22.11
N VAL B 587 -12.26 -69.61 -23.39
CA VAL B 587 -11.31 -70.04 -24.41
C VAL B 587 -9.96 -69.40 -24.21
N THR B 588 -9.95 -68.12 -23.82
CA THR B 588 -8.66 -67.45 -23.62
C THR B 588 -7.77 -68.14 -22.60
N PRO B 589 -8.24 -68.52 -21.41
CA PRO B 589 -7.32 -69.18 -20.46
C PRO B 589 -6.96 -70.61 -20.84
N LEU B 590 -7.81 -71.31 -21.60
CA LEU B 590 -7.61 -72.74 -21.83
C LEU B 590 -6.28 -73.04 -22.51
N PHE B 591 -5.91 -72.24 -23.52
CA PHE B 591 -4.66 -72.45 -24.22
C PHE B 591 -3.47 -72.39 -23.28
N LEU B 592 -3.53 -71.53 -22.26
CA LEU B 592 -2.38 -71.30 -21.41
C LEU B 592 -2.08 -72.48 -20.49
N LEU B 593 -3.07 -73.30 -20.19
CA LEU B 593 -2.84 -74.43 -19.28
C LEU B 593 -1.87 -75.44 -19.89
N SER B 594 -1.95 -75.66 -21.20
CA SER B 594 -1.04 -76.61 -21.86
C SER B 594 0.40 -76.15 -21.75
N SER B 595 0.67 -74.92 -22.17
CA SER B 595 2.00 -74.34 -22.05
C SER B 595 2.45 -74.31 -20.59
N VAL B 596 1.53 -74.09 -19.66
CA VAL B 596 1.88 -74.08 -18.24
C VAL B 596 2.35 -75.46 -17.79
N VAL B 597 1.65 -76.51 -18.21
CA VAL B 597 2.05 -77.87 -17.83
C VAL B 597 3.41 -78.20 -18.42
N ARG B 598 3.62 -77.87 -19.69
CA ARG B 598 4.92 -78.13 -20.31
C ARG B 598 6.02 -77.38 -19.57
N SER B 599 5.78 -76.09 -19.30
CA SER B 599 6.78 -75.27 -18.62
C SER B 599 7.08 -75.81 -17.23
N THR B 600 6.06 -76.31 -16.54
CA THR B 600 6.25 -76.79 -15.17
C THR B 600 7.10 -78.06 -15.15
N VAL B 601 6.79 -79.02 -16.04
CA VAL B 601 7.59 -80.25 -16.05
C VAL B 601 9.02 -79.96 -16.47
N LYS B 602 9.19 -79.07 -17.47
CA LYS B 602 10.53 -78.72 -17.90
C LYS B 602 11.31 -78.02 -16.80
N ALA B 603 10.63 -77.17 -16.03
CA ALA B 603 11.29 -76.48 -14.92
C ALA B 603 11.67 -77.45 -13.81
N LEU B 604 10.81 -78.44 -13.54
CA LEU B 604 11.16 -79.46 -12.56
C LEU B 604 12.42 -80.19 -12.97
N VAL B 605 12.51 -80.59 -14.24
CA VAL B 605 13.71 -81.27 -14.73
C VAL B 605 14.93 -80.35 -14.62
N SER B 606 14.77 -79.08 -14.97
CA SER B 606 15.90 -78.15 -14.93
C SER B 606 16.37 -77.89 -13.51
N VAL B 607 15.46 -77.87 -12.54
CA VAL B 607 15.90 -77.68 -11.16
C VAL B 607 16.55 -78.94 -10.61
N GLN B 608 16.09 -80.13 -11.03
CA GLN B 608 16.83 -81.34 -10.69
C GLN B 608 18.25 -81.26 -11.23
N LYS B 609 18.41 -80.78 -12.47
CA LYS B 609 19.73 -80.62 -13.06
C LYS B 609 20.57 -79.61 -12.29
N LEU B 610 19.97 -78.47 -11.94
CA LEU B 610 20.68 -77.45 -11.17
C LEU B 610 21.14 -77.97 -9.83
N SER B 611 20.31 -78.80 -9.19
CA SER B 611 20.69 -79.38 -7.90
C SER B 611 21.83 -80.38 -8.07
N GLU B 612 21.75 -81.21 -9.11
CA GLU B 612 22.84 -82.15 -9.37
C GLU B 612 24.16 -81.43 -9.61
N PHE B 613 24.10 -80.30 -10.32
CA PHE B 613 25.33 -79.55 -10.58
C PHE B 613 25.80 -78.83 -9.32
N LEU B 614 24.95 -77.98 -8.75
CA LEU B 614 25.32 -77.13 -7.61
C LEU B 614 25.84 -77.93 -6.42
N SER B 615 25.64 -79.25 -6.41
CA SER B 615 26.02 -80.06 -5.26
C SER B 615 27.02 -81.14 -5.66
N SER B 616 28.04 -80.78 -6.44
CA SER B 616 29.07 -81.74 -6.83
C SER B 616 30.39 -81.46 -6.11
N ILE B 996 10.11 -50.29 -40.57
CA ILE B 996 10.37 -51.07 -41.77
C ILE B 996 9.27 -50.76 -42.79
N PRO B 997 9.67 -50.45 -44.02
CA PRO B 997 8.69 -50.05 -45.04
C PRO B 997 7.86 -51.23 -45.54
N TRP B 998 6.88 -50.92 -46.38
CA TRP B 998 6.08 -51.95 -47.02
C TRP B 998 6.83 -52.67 -48.13
N ARG B 999 8.07 -52.26 -48.45
CA ARG B 999 8.78 -52.87 -49.57
C ARG B 999 9.30 -54.26 -49.20
N ALA B 1000 9.78 -54.43 -47.98
CA ALA B 1000 10.27 -55.75 -47.57
C ALA B 1000 9.14 -56.78 -47.58
N CYS B 1001 7.99 -56.43 -46.99
CA CYS B 1001 6.83 -57.31 -47.04
C CYS B 1001 6.32 -57.50 -48.46
N THR B 1002 6.39 -56.44 -49.28
CA THR B 1002 5.96 -56.56 -50.67
C THR B 1002 6.79 -57.60 -51.42
N LYS B 1003 8.10 -57.53 -51.26
CA LYS B 1003 8.97 -58.53 -51.89
C LYS B 1003 8.73 -59.91 -51.31
N TYR B 1004 8.52 -59.99 -49.99
CA TYR B 1004 8.27 -61.28 -49.36
C TYR B 1004 7.03 -61.94 -49.92
N LEU B 1005 5.95 -61.18 -50.11
CA LEU B 1005 4.71 -61.75 -50.60
C LEU B 1005 4.71 -61.92 -52.11
N SER B 1006 5.49 -61.11 -52.84
CA SER B 1006 5.61 -61.29 -54.28
C SER B 1006 6.49 -62.47 -54.64
N SER B 1007 7.37 -62.90 -53.72
CA SER B 1007 8.06 -64.17 -53.93
C SER B 1007 7.09 -65.34 -53.91
N ALA B 1008 5.96 -65.18 -53.21
CA ALA B 1008 4.93 -66.23 -53.23
C ALA B 1008 4.21 -66.26 -54.57
N GLY B 1009 3.95 -65.08 -55.14
CA GLY B 1009 3.27 -64.98 -56.41
C GLY B 1009 1.82 -64.55 -56.25
N ILE B 1010 1.22 -64.19 -57.38
CA ILE B 1010 -0.18 -63.80 -57.40
C ILE B 1010 -1.10 -64.98 -57.16
N LEU B 1011 -0.59 -66.22 -57.26
CA LEU B 1011 -1.45 -67.39 -57.15
C LEU B 1011 -2.01 -67.53 -55.74
N LEU B 1012 -1.20 -67.28 -54.71
CA LEU B 1012 -1.61 -67.55 -53.34
C LEU B 1012 -1.92 -66.30 -52.54
N LEU B 1013 -1.50 -65.12 -53.01
CA LEU B 1013 -1.76 -63.88 -52.29
C LEU B 1013 -3.26 -63.66 -52.11
N SER B 1014 -4.00 -63.62 -53.22
CA SER B 1014 -5.44 -63.43 -53.15
C SER B 1014 -6.13 -64.61 -52.48
N LEU B 1015 -5.67 -65.83 -52.77
CA LEU B 1015 -6.23 -67.02 -52.15
C LEU B 1015 -6.15 -66.94 -50.63
N LEU B 1016 -5.13 -66.27 -50.10
CA LEU B 1016 -5.04 -66.05 -48.66
C LEU B 1016 -5.95 -64.91 -48.21
N VAL B 1017 -5.83 -63.76 -48.87
CA VAL B 1017 -6.47 -62.55 -48.37
C VAL B 1017 -8.00 -62.66 -48.42
N PHE B 1018 -8.53 -63.08 -49.57
CA PHE B 1018 -9.98 -63.19 -49.70
C PHE B 1018 -10.54 -64.28 -48.80
N SER B 1019 -9.80 -65.37 -48.62
CA SER B 1019 -10.25 -66.43 -47.71
C SER B 1019 -10.31 -65.92 -46.27
N GLN B 1020 -9.33 -65.12 -45.86
CA GLN B 1020 -9.38 -64.53 -44.51
C GLN B 1020 -10.57 -63.60 -44.37
N LEU B 1021 -10.77 -62.72 -45.35
CA LEU B 1021 -11.92 -61.82 -45.33
C LEU B 1021 -13.22 -62.59 -45.21
N LEU B 1022 -13.36 -63.69 -45.97
CA LEU B 1022 -14.59 -64.45 -45.97
C LEU B 1022 -14.78 -65.20 -44.65
N LYS B 1023 -13.69 -65.71 -44.05
CA LYS B 1023 -13.80 -66.36 -42.75
C LYS B 1023 -14.29 -65.39 -41.69
N HIS B 1024 -13.74 -64.17 -41.68
CA HIS B 1024 -14.18 -63.20 -40.69
C HIS B 1024 -15.62 -62.76 -40.95
N MET B 1025 -16.00 -62.63 -42.23
CA MET B 1025 -17.38 -62.29 -42.55
C MET B 1025 -18.34 -63.37 -42.08
N VAL B 1026 -17.95 -64.64 -42.21
CA VAL B 1026 -18.80 -65.73 -41.70
C VAL B 1026 -18.87 -65.68 -40.17
N LEU B 1027 -17.73 -65.41 -39.53
CA LEU B 1027 -17.69 -65.37 -38.06
C LEU B 1027 -18.54 -64.24 -37.50
N VAL B 1028 -18.71 -63.15 -38.25
CA VAL B 1028 -19.63 -62.11 -37.77
C VAL B 1028 -21.07 -62.43 -38.16
N ALA B 1029 -21.28 -62.98 -39.36
CA ALA B 1029 -22.63 -63.22 -39.85
C ALA B 1029 -23.34 -64.29 -39.03
N ILE B 1030 -22.60 -65.26 -38.48
CA ILE B 1030 -23.25 -66.27 -37.64
C ILE B 1030 -23.91 -65.62 -36.43
N ASP B 1031 -23.21 -64.68 -35.79
CA ASP B 1031 -23.78 -63.97 -34.66
C ASP B 1031 -24.87 -63.00 -35.09
N TYR B 1032 -24.70 -62.38 -36.26
CA TYR B 1032 -25.75 -61.50 -36.78
C TYR B 1032 -27.06 -62.25 -36.97
N TRP B 1033 -26.98 -63.48 -37.49
CA TRP B 1033 -28.19 -64.29 -37.66
C TRP B 1033 -28.69 -64.82 -36.33
N LEU B 1034 -27.79 -65.11 -35.38
CA LEU B 1034 -28.22 -65.51 -34.05
C LEU B 1034 -29.03 -64.40 -33.37
N ALA B 1035 -28.66 -63.14 -33.64
CA ALA B 1035 -29.41 -62.01 -33.09
C ALA B 1035 -30.88 -62.08 -33.49
N LYS B 1036 -31.17 -62.38 -34.75
CA LYS B 1036 -32.55 -62.55 -35.18
C LYS B 1036 -33.13 -63.88 -34.69
N TRP B 1037 -32.27 -64.88 -34.50
CA TRP B 1037 -32.72 -66.15 -33.93
C TRP B 1037 -33.36 -65.93 -32.56
N THR B 1038 -32.78 -65.03 -31.76
CA THR B 1038 -33.16 -64.93 -30.36
C THR B 1038 -34.65 -64.68 -30.18
N ASP B 1039 -35.13 -63.53 -30.65
CA ASP B 1039 -36.51 -63.13 -30.38
C ASP B 1039 -37.50 -64.09 -31.03
N SER B 1040 -38.50 -64.52 -30.26
CA SER B 1040 -39.51 -65.44 -30.76
C SER B 1040 -40.78 -65.37 -29.92
N ASP B 1060 -40.67 -69.85 -36.39
CA ASP B 1060 -39.83 -70.70 -37.22
C ASP B 1060 -38.49 -70.96 -36.55
N GLN B 1061 -38.54 -71.52 -35.34
CA GLN B 1061 -37.32 -71.76 -34.57
C GLN B 1061 -36.45 -72.85 -35.21
N SER B 1062 -37.09 -73.86 -35.81
CA SER B 1062 -36.35 -74.97 -36.39
C SER B 1062 -35.54 -74.52 -37.60
N VAL B 1063 -36.16 -73.76 -38.50
CA VAL B 1063 -35.44 -73.22 -39.65
C VAL B 1063 -34.29 -72.32 -39.19
N TYR B 1064 -34.54 -71.53 -38.14
CA TYR B 1064 -33.50 -70.68 -37.57
C TYR B 1064 -32.30 -71.52 -37.12
N ALA B 1065 -32.54 -72.59 -36.38
CA ALA B 1065 -31.46 -73.43 -35.90
C ALA B 1065 -30.73 -74.11 -37.05
N MET B 1066 -31.46 -74.50 -38.10
CA MET B 1066 -30.80 -75.11 -39.25
C MET B 1066 -29.88 -74.12 -39.96
N VAL B 1067 -30.32 -72.86 -40.10
CA VAL B 1067 -29.45 -71.84 -40.69
C VAL B 1067 -28.22 -71.64 -39.82
N PHE B 1068 -28.41 -71.64 -38.50
CA PHE B 1068 -27.28 -71.53 -37.59
C PHE B 1068 -26.27 -72.66 -37.82
N THR B 1069 -26.77 -73.89 -38.02
CA THR B 1069 -25.89 -75.03 -38.28
C THR B 1069 -25.11 -74.85 -39.58
N LEU B 1070 -25.80 -74.37 -40.63
CA LEU B 1070 -25.12 -74.13 -41.91
C LEU B 1070 -23.98 -73.13 -41.73
N LEU B 1071 -24.24 -72.03 -41.04
CA LEU B 1071 -23.18 -71.04 -40.81
C LEU B 1071 -22.02 -71.65 -40.04
N CYS B 1072 -22.32 -72.44 -38.99
CA CYS B 1072 -21.28 -73.07 -38.18
C CYS B 1072 -20.40 -73.98 -39.03
N SER B 1073 -20.98 -74.70 -39.98
CA SER B 1073 -20.17 -75.57 -40.84
C SER B 1073 -19.29 -74.75 -41.79
N LEU B 1074 -19.87 -73.71 -42.41
CA LEU B 1074 -19.10 -72.86 -43.30
C LEU B 1074 -17.87 -72.29 -42.59
N GLY B 1075 -18.04 -71.88 -41.33
CA GLY B 1075 -16.94 -71.28 -40.60
C GLY B 1075 -15.74 -72.20 -40.48
N ILE B 1076 -15.97 -73.44 -40.05
CA ILE B 1076 -14.86 -74.35 -39.80
C ILE B 1076 -14.20 -74.77 -41.11
N VAL B 1077 -15.00 -74.99 -42.17
CA VAL B 1077 -14.39 -75.36 -43.46
C VAL B 1077 -13.47 -74.25 -43.94
N LEU B 1078 -13.95 -73.00 -43.87
CA LEU B 1078 -13.15 -71.87 -44.34
C LEU B 1078 -11.89 -71.69 -43.50
N CYS B 1079 -11.99 -71.93 -42.19
CA CYS B 1079 -10.82 -71.80 -41.32
C CYS B 1079 -9.73 -72.80 -41.70
N LEU B 1080 -10.13 -74.06 -41.92
CA LEU B 1080 -9.16 -75.06 -42.36
C LEU B 1080 -8.50 -74.65 -43.67
N VAL B 1081 -9.30 -74.15 -44.63
CA VAL B 1081 -8.74 -73.73 -45.91
C VAL B 1081 -7.69 -72.63 -45.71
N THR B 1082 -8.02 -71.62 -44.89
CA THR B 1082 -7.09 -70.51 -44.67
C THR B 1082 -5.79 -70.99 -44.04
N SER B 1083 -5.89 -71.88 -43.06
CA SER B 1083 -4.68 -72.36 -42.38
C SER B 1083 -3.77 -73.10 -43.36
N VAL B 1084 -4.35 -74.00 -44.16
CA VAL B 1084 -3.55 -74.74 -45.14
C VAL B 1084 -2.91 -73.77 -46.13
N THR B 1085 -3.63 -72.72 -46.52
CA THR B 1085 -3.09 -71.74 -47.44
C THR B 1085 -1.84 -71.07 -46.85
N VAL B 1086 -1.95 -70.60 -45.61
CA VAL B 1086 -0.81 -69.94 -44.97
C VAL B 1086 0.39 -70.88 -44.93
N GLU B 1087 0.16 -72.13 -44.53
CA GLU B 1087 1.25 -73.11 -44.47
C GLU B 1087 1.95 -73.25 -45.82
N TRP B 1088 1.18 -73.59 -46.85
CA TRP B 1088 1.76 -73.85 -48.17
C TRP B 1088 2.53 -72.64 -48.67
N THR B 1089 1.95 -71.45 -48.51
CA THR B 1089 2.58 -70.23 -49.00
C THR B 1089 3.90 -69.97 -48.28
N GLY B 1090 3.90 -70.09 -46.94
CA GLY B 1090 5.13 -69.87 -46.20
C GLY B 1090 6.24 -70.80 -46.63
N LEU B 1091 5.90 -72.08 -46.82
CA LEU B 1091 6.94 -73.05 -47.21
C LEU B 1091 7.50 -72.73 -48.59
N LYS B 1092 6.62 -72.41 -49.56
CA LYS B 1092 7.10 -72.06 -50.89
C LYS B 1092 8.00 -70.82 -50.85
N VAL B 1093 7.62 -69.82 -50.05
CA VAL B 1093 8.42 -68.60 -49.99
C VAL B 1093 9.79 -68.89 -49.40
N ALA B 1094 9.84 -69.69 -48.34
CA ALA B 1094 11.13 -70.06 -47.76
C ALA B 1094 12.02 -70.75 -48.78
N LYS B 1095 11.45 -71.72 -49.50
CA LYS B 1095 12.20 -72.42 -50.55
C LYS B 1095 12.81 -71.45 -51.54
N ARG B 1096 11.96 -70.63 -52.16
CA ARG B 1096 12.44 -69.74 -53.23
C ARG B 1096 13.45 -68.74 -52.70
N LEU B 1097 13.23 -68.21 -51.49
CA LEU B 1097 14.16 -67.23 -50.94
C LEU B 1097 15.53 -67.86 -50.70
N HIS B 1098 15.55 -69.07 -50.13
CA HIS B 1098 16.84 -69.72 -49.88
C HIS B 1098 17.57 -69.99 -51.19
N ARG B 1099 16.86 -70.52 -52.20
CA ARG B 1099 17.51 -70.83 -53.46
C ARG B 1099 18.07 -69.57 -54.12
N SER B 1100 17.29 -68.48 -54.12
CA SER B 1100 17.76 -67.24 -54.72
C SER B 1100 18.96 -66.67 -53.98
N LEU B 1101 18.94 -66.75 -52.65
CA LEU B 1101 20.08 -66.26 -51.87
C LEU B 1101 21.33 -67.04 -52.20
N LEU B 1102 21.23 -68.38 -52.26
CA LEU B 1102 22.39 -69.19 -52.61
C LEU B 1102 22.92 -68.83 -53.99
N ASN B 1103 22.03 -68.75 -54.98
CA ASN B 1103 22.45 -68.45 -56.34
C ASN B 1103 23.12 -67.08 -56.43
N ARG B 1104 22.56 -66.07 -55.75
CA ARG B 1104 23.15 -64.73 -55.83
C ARG B 1104 24.47 -64.65 -55.08
N ILE B 1105 24.66 -65.47 -54.04
CA ILE B 1105 25.94 -65.47 -53.36
C ILE B 1105 26.99 -66.20 -54.18
N ILE B 1106 26.57 -67.16 -55.02
CA ILE B 1106 27.54 -67.93 -55.80
C ILE B 1106 28.29 -67.05 -56.80
N LEU B 1107 27.58 -66.15 -57.47
CA LEU B 1107 28.15 -65.40 -58.60
C LEU B 1107 28.84 -64.11 -58.17
N ALA B 1108 29.35 -64.03 -56.93
CA ALA B 1108 29.97 -62.80 -56.48
C ALA B 1108 31.47 -62.80 -56.79
N PRO B 1109 32.07 -61.63 -56.96
CA PRO B 1109 33.52 -61.57 -57.20
C PRO B 1109 34.30 -61.93 -55.94
N MET B 1110 35.56 -62.27 -56.15
CA MET B 1110 36.41 -62.71 -55.05
C MET B 1110 36.69 -61.58 -54.07
N ARG B 1111 36.94 -60.37 -54.59
CA ARG B 1111 37.25 -59.24 -53.71
C ARG B 1111 36.07 -58.91 -52.81
N PHE B 1112 34.84 -59.16 -53.27
CA PHE B 1112 33.69 -58.99 -52.39
C PHE B 1112 33.75 -59.95 -51.21
N PHE B 1113 34.04 -61.23 -51.47
CA PHE B 1113 34.14 -62.20 -50.40
C PHE B 1113 35.26 -61.86 -49.44
N GLU B 1114 36.39 -61.35 -49.97
CA GLU B 1114 37.50 -60.99 -49.10
C GLU B 1114 37.19 -59.74 -48.28
N THR B 1115 36.37 -58.82 -48.81
CA THR B 1115 36.09 -57.58 -48.11
C THR B 1115 35.14 -57.79 -46.95
N THR B 1116 34.05 -58.53 -47.17
CA THR B 1116 33.03 -58.72 -46.14
C THR B 1116 33.48 -59.77 -45.13
N PRO B 1117 33.36 -59.50 -43.83
CA PRO B 1117 33.68 -60.54 -42.83
C PRO B 1117 32.81 -61.78 -43.03
N LEU B 1118 33.31 -62.90 -42.49
CA LEU B 1118 32.58 -64.16 -42.63
C LEU B 1118 31.34 -64.20 -41.75
N GLY B 1119 31.37 -63.52 -40.61
CA GLY B 1119 30.25 -63.58 -39.68
C GLY B 1119 28.93 -63.13 -40.29
N SER B 1120 28.96 -62.02 -41.02
CA SER B 1120 27.73 -61.49 -41.60
C SER B 1120 27.20 -62.39 -42.71
N ILE B 1121 28.07 -62.82 -43.63
CA ILE B 1121 27.65 -63.68 -44.72
C ILE B 1121 27.12 -65.02 -44.19
N LEU B 1122 27.82 -65.62 -43.24
CA LEU B 1122 27.35 -66.89 -42.67
C LEU B 1122 26.11 -66.76 -41.79
N ASN B 1123 26.08 -65.66 -41.05
CA ASN B 1123 25.02 -65.43 -40.09
C ASN B 1123 23.65 -65.32 -40.72
N ARG B 1124 23.54 -64.70 -41.89
CA ARG B 1124 22.21 -64.58 -42.49
C ARG B 1124 21.62 -65.97 -42.71
N PHE B 1125 22.39 -66.85 -43.34
CA PHE B 1125 21.92 -68.22 -43.57
C PHE B 1125 21.67 -68.97 -42.29
N SER B 1126 22.53 -68.78 -41.30
CA SER B 1126 22.39 -69.46 -40.02
C SER B 1126 21.13 -69.09 -39.27
N SER B 1127 20.76 -67.81 -39.28
CA SER B 1127 19.61 -67.38 -38.50
C SER B 1127 18.47 -66.88 -39.34
N ASP B 1128 18.68 -65.77 -40.03
CA ASP B 1128 17.64 -65.22 -40.88
C ASP B 1128 16.79 -66.32 -41.50
N CYS B 1129 17.42 -67.34 -42.07
CA CYS B 1129 16.64 -68.39 -42.71
C CYS B 1129 15.85 -69.17 -41.69
N ASN B 1130 16.54 -69.54 -40.62
CA ASN B 1130 15.95 -70.30 -39.55
C ASN B 1130 14.86 -69.50 -38.86
N THR B 1131 15.15 -68.25 -38.59
CA THR B 1131 14.20 -67.41 -37.89
C THR B 1131 12.94 -67.28 -38.71
N ILE B 1132 13.09 -67.03 -40.00
CA ILE B 1132 11.92 -66.85 -40.83
C ILE B 1132 11.10 -68.11 -40.86
N ASP B 1133 11.76 -69.25 -41.08
CA ASP B 1133 10.99 -70.48 -41.20
C ASP B 1133 10.26 -70.82 -39.90
N GLN B 1134 10.92 -70.61 -38.78
CA GLN B 1134 10.28 -70.89 -37.50
C GLN B 1134 9.16 -69.95 -37.09
N HIS B 1135 9.33 -68.64 -37.33
CA HIS B 1135 8.34 -67.70 -36.82
C HIS B 1135 7.54 -66.80 -37.75
N ILE B 1136 7.98 -66.62 -38.99
CA ILE B 1136 7.21 -65.68 -39.82
C ILE B 1136 5.82 -66.19 -40.14
N PRO B 1137 5.60 -67.46 -40.52
CA PRO B 1137 4.22 -67.85 -40.88
C PRO B 1137 3.23 -67.75 -39.73
N SER B 1138 3.60 -68.27 -38.55
CA SER B 1138 2.69 -68.24 -37.41
C SER B 1138 2.36 -66.80 -37.00
N THR B 1139 3.40 -65.97 -36.89
CA THR B 1139 3.18 -64.57 -36.48
C THR B 1139 2.37 -63.81 -37.53
N LEU B 1140 2.61 -64.07 -38.82
CA LEU B 1140 1.81 -63.42 -39.86
C LEU B 1140 0.35 -63.83 -39.76
N GLU B 1141 0.10 -65.12 -39.57
CA GLU B 1141 -1.27 -65.59 -39.40
C GLU B 1141 -1.94 -64.94 -38.20
N CYS B 1142 -1.22 -64.84 -37.08
CA CYS B 1142 -1.80 -64.25 -35.88
C CYS B 1142 -2.09 -62.77 -36.09
N LEU B 1143 -1.17 -62.04 -36.72
CA LEU B 1143 -1.40 -60.63 -37.01
C LEU B 1143 -2.62 -60.42 -37.88
N SER B 1144 -2.75 -61.24 -38.94
CA SER B 1144 -3.90 -61.10 -39.83
C SER B 1144 -5.20 -61.39 -39.09
N ARG B 1145 -5.24 -62.50 -38.33
CA ARG B 1145 -6.45 -62.81 -37.59
C ARG B 1145 -6.80 -61.70 -36.61
N SER B 1146 -5.80 -61.16 -35.91
CA SER B 1146 -6.07 -60.11 -34.93
C SER B 1146 -6.62 -58.86 -35.59
N THR B 1147 -5.97 -58.39 -36.66
CA THR B 1147 -6.42 -57.14 -37.28
C THR B 1147 -7.81 -57.30 -37.88
N LEU B 1148 -8.10 -58.46 -38.50
CA LEU B 1148 -9.41 -58.63 -39.10
C LEU B 1148 -10.49 -58.80 -38.03
N LEU B 1149 -10.18 -59.48 -36.92
CA LEU B 1149 -11.13 -59.59 -35.83
C LEU B 1149 -11.44 -58.22 -35.23
N CYS B 1150 -10.42 -57.37 -35.10
CA CYS B 1150 -10.64 -56.04 -34.55
C CYS B 1150 -11.51 -55.20 -35.48
N VAL B 1151 -11.21 -55.22 -36.79
CA VAL B 1151 -12.03 -54.47 -37.74
C VAL B 1151 -13.47 -54.98 -37.73
N SER B 1152 -13.64 -56.30 -37.68
CA SER B 1152 -14.98 -56.87 -37.63
C SER B 1152 -15.73 -56.44 -36.38
N ALA B 1153 -15.06 -56.43 -35.23
CA ALA B 1153 -15.72 -56.03 -34.00
C ALA B 1153 -16.13 -54.55 -34.05
N LEU B 1154 -15.26 -53.70 -34.59
CA LEU B 1154 -15.62 -52.29 -34.74
C LEU B 1154 -16.83 -52.13 -35.65
N THR B 1155 -16.85 -52.86 -36.77
CA THR B 1155 -18.00 -52.79 -37.67
C THR B 1155 -19.27 -53.29 -37.01
N VAL B 1156 -19.16 -54.32 -36.17
CA VAL B 1156 -20.34 -54.84 -35.47
C VAL B 1156 -20.89 -53.79 -34.52
N ILE B 1157 -20.04 -53.24 -33.65
CA ILE B 1157 -20.53 -52.26 -32.68
C ILE B 1157 -20.96 -50.97 -33.36
N SER B 1158 -20.54 -50.75 -34.61
CA SER B 1158 -21.05 -49.61 -35.37
C SER B 1158 -22.44 -49.90 -35.92
N TYR B 1159 -22.61 -51.07 -36.55
CA TYR B 1159 -23.91 -51.42 -37.14
C TYR B 1159 -24.98 -51.54 -36.08
N VAL B 1160 -24.62 -52.04 -34.89
CA VAL B 1160 -25.59 -52.14 -33.81
C VAL B 1160 -26.13 -50.76 -33.44
N THR B 1161 -25.23 -49.85 -33.06
CA THR B 1161 -25.60 -48.49 -32.72
C THR B 1161 -24.91 -47.52 -33.67
N PRO B 1162 -25.63 -46.87 -34.58
CA PRO B 1162 -24.96 -45.96 -35.52
C PRO B 1162 -24.20 -44.84 -34.85
N VAL B 1163 -24.83 -44.11 -33.93
CA VAL B 1163 -24.18 -42.96 -33.29
C VAL B 1163 -22.90 -43.39 -32.57
N PHE B 1164 -22.89 -44.60 -32.00
CA PHE B 1164 -21.69 -45.09 -31.33
C PHE B 1164 -20.48 -45.07 -32.25
N LEU B 1165 -20.71 -45.37 -33.53
CA LEU B 1165 -19.63 -45.27 -34.52
C LEU B 1165 -18.94 -43.91 -34.43
N VAL B 1166 -19.72 -42.83 -34.49
CA VAL B 1166 -19.13 -41.49 -34.52
C VAL B 1166 -18.38 -41.20 -33.23
N ALA B 1167 -18.68 -41.92 -32.14
CA ALA B 1167 -17.96 -41.70 -30.90
C ALA B 1167 -16.67 -42.50 -30.82
N LEU B 1168 -16.53 -43.57 -31.62
CA LEU B 1168 -15.38 -44.46 -31.51
C LEU B 1168 -14.18 -44.02 -32.34
N LEU B 1169 -14.39 -43.20 -33.38
CA LEU B 1169 -13.30 -42.76 -34.23
C LEU B 1169 -12.35 -41.81 -33.49
N PRO B 1170 -12.84 -40.90 -32.60
CA PRO B 1170 -11.90 -40.15 -31.76
C PRO B 1170 -10.94 -41.05 -30.98
N LEU B 1171 -11.49 -41.96 -30.17
CA LEU B 1171 -10.66 -42.81 -29.32
C LEU B 1171 -9.62 -43.58 -30.13
N ALA B 1172 -10.04 -44.15 -31.26
CA ALA B 1172 -9.11 -44.90 -32.10
C ALA B 1172 -7.94 -44.02 -32.55
N VAL B 1173 -8.21 -42.76 -32.88
CA VAL B 1173 -7.13 -41.85 -33.26
C VAL B 1173 -6.16 -41.69 -32.10
N VAL B 1174 -6.67 -41.67 -30.87
CA VAL B 1174 -5.82 -41.68 -29.70
C VAL B 1174 -4.80 -42.81 -29.79
N CYS B 1175 -5.28 -44.02 -30.13
CA CYS B 1175 -4.39 -45.17 -30.24
C CYS B 1175 -3.25 -44.92 -31.20
N TYR B 1176 -3.48 -44.15 -32.26
CA TYR B 1176 -2.40 -43.84 -33.19
C TYR B 1176 -1.23 -43.20 -32.44
N PHE B 1177 -1.52 -42.19 -31.62
CA PHE B 1177 -0.46 -41.56 -30.84
C PHE B 1177 0.18 -42.55 -29.87
N ILE B 1178 -0.60 -43.50 -29.36
CA ILE B 1178 -0.03 -44.51 -28.48
C ILE B 1178 0.82 -45.50 -29.25
N GLN B 1179 0.62 -45.60 -30.56
CA GLN B 1179 1.39 -46.55 -31.35
C GLN B 1179 2.82 -46.08 -31.52
N LYS B 1180 3.01 -44.93 -32.16
CA LYS B 1180 4.34 -44.40 -32.45
C LYS B 1180 5.25 -44.46 -31.23
N TYR B 1181 4.89 -43.70 -30.19
CA TYR B 1181 5.72 -43.61 -28.99
C TYR B 1181 6.08 -44.98 -28.44
N PHE B 1182 5.24 -45.99 -28.68
CA PHE B 1182 5.59 -47.32 -28.21
C PHE B 1182 6.72 -47.91 -29.04
N ARG B 1183 6.51 -48.03 -30.35
CA ARG B 1183 7.44 -48.80 -31.18
C ARG B 1183 8.85 -48.25 -31.10
N VAL B 1184 8.99 -46.94 -31.30
CA VAL B 1184 10.30 -46.28 -31.28
C VAL B 1184 11.06 -46.50 -29.97
N ALA B 1185 10.39 -47.01 -28.94
CA ALA B 1185 11.06 -47.46 -27.73
C ALA B 1185 11.08 -48.97 -27.59
N SER B 1186 9.97 -49.62 -27.93
CA SER B 1186 9.87 -51.07 -27.74
C SER B 1186 10.92 -51.80 -28.57
N ARG B 1187 11.14 -51.36 -29.81
CA ARG B 1187 12.25 -51.87 -30.59
C ARG B 1187 13.56 -51.63 -29.85
N ASP B 1188 13.81 -50.39 -29.44
CA ASP B 1188 15.10 -50.01 -28.86
C ASP B 1188 15.44 -50.90 -27.68
N LEU B 1189 14.64 -50.82 -26.60
CA LEU B 1189 14.85 -51.68 -25.44
C LEU B 1189 15.11 -53.11 -25.87
N GLN B 1190 14.33 -53.63 -26.83
CA GLN B 1190 14.49 -55.00 -27.29
C GLN B 1190 15.94 -55.31 -27.61
N GLN B 1191 16.52 -54.55 -28.54
CA GLN B 1191 17.89 -54.81 -28.95
C GLN B 1191 18.85 -54.69 -27.76
N LEU B 1192 18.62 -53.71 -26.88
CA LEU B 1192 19.47 -53.58 -25.70
C LEU B 1192 19.51 -54.88 -24.92
N ASP B 1193 18.35 -55.51 -24.71
CA ASP B 1193 18.29 -56.81 -24.05
C ASP B 1193 19.28 -57.77 -24.70
N ASP B 1194 19.17 -57.94 -26.02
CA ASP B 1194 20.06 -58.84 -26.73
C ASP B 1194 21.51 -58.55 -26.38
N THR B 1195 21.89 -57.27 -26.40
CA THR B 1195 23.29 -56.95 -26.13
C THR B 1195 23.68 -57.36 -24.72
N THR B 1196 22.83 -57.10 -23.71
CA THR B 1196 23.25 -57.46 -22.37
C THR B 1196 23.24 -58.97 -22.16
N GLN B 1197 22.68 -59.73 -23.09
CA GLN B 1197 22.73 -61.18 -22.98
C GLN B 1197 24.01 -61.74 -23.58
N LEU B 1198 24.68 -61.00 -24.47
CA LEU B 1198 25.78 -61.61 -25.20
C LEU B 1198 27.08 -61.67 -24.40
N PRO B 1199 27.60 -60.56 -23.86
CA PRO B 1199 28.84 -60.68 -23.07
C PRO B 1199 28.67 -61.41 -21.75
N LEU B 1200 27.46 -61.50 -21.22
CA LEU B 1200 27.27 -62.24 -19.97
C LEU B 1200 27.64 -63.71 -20.15
N LEU B 1201 26.89 -64.41 -21.01
CA LEU B 1201 27.17 -65.83 -21.25
C LEU B 1201 28.62 -66.06 -21.61
N SER B 1202 29.14 -65.30 -22.60
CA SER B 1202 30.53 -65.44 -22.99
C SER B 1202 31.45 -65.35 -21.77
N HIS B 1203 31.20 -64.37 -20.89
CA HIS B 1203 32.00 -64.23 -19.68
C HIS B 1203 32.04 -65.54 -18.91
N PHE B 1204 30.87 -66.13 -18.67
CA PHE B 1204 30.80 -67.42 -18.00
C PHE B 1204 31.80 -68.39 -18.58
N ALA B 1205 31.78 -68.57 -19.91
CA ALA B 1205 32.67 -69.54 -20.55
C ALA B 1205 34.14 -69.22 -20.27
N GLU B 1206 34.50 -67.94 -20.32
CA GLU B 1206 35.89 -67.56 -20.07
C GLU B 1206 36.34 -67.99 -18.68
N THR B 1207 35.43 -67.94 -17.70
CA THR B 1207 35.80 -68.36 -16.35
C THR B 1207 36.01 -69.86 -16.28
N VAL B 1208 35.28 -70.63 -17.07
CA VAL B 1208 35.32 -72.08 -16.94
C VAL B 1208 36.65 -72.64 -17.45
N GLU B 1209 37.08 -72.18 -18.62
CA GLU B 1209 38.31 -72.72 -19.21
C GLU B 1209 39.53 -72.34 -18.39
N GLY B 1210 39.80 -71.04 -18.26
CA GLY B 1210 40.93 -70.57 -17.49
C GLY B 1210 40.68 -70.54 -16.00
N LEU B 1211 40.03 -71.59 -15.48
CA LEU B 1211 39.64 -71.59 -14.07
C LEU B 1211 40.87 -71.68 -13.17
N THR B 1212 41.85 -72.49 -13.53
CA THR B 1212 43.04 -72.63 -12.70
C THR B 1212 43.81 -71.31 -12.61
N THR B 1213 43.95 -70.61 -13.73
CA THR B 1213 44.66 -69.33 -13.71
C THR B 1213 43.94 -68.33 -12.82
N ILE B 1214 42.61 -68.32 -12.85
CA ILE B 1214 41.86 -67.34 -12.08
C ILE B 1214 41.88 -67.67 -10.59
N ARG B 1215 41.79 -68.97 -10.24
CA ARG B 1215 41.92 -69.34 -8.84
C ARG B 1215 43.36 -69.17 -8.35
N ALA B 1216 44.34 -69.19 -9.25
CA ALA B 1216 45.72 -68.99 -8.87
C ALA B 1216 46.02 -67.52 -8.59
N PHE B 1217 45.63 -66.64 -9.51
CA PHE B 1217 45.84 -65.21 -9.32
C PHE B 1217 45.06 -64.65 -8.12
N ARG B 1218 44.14 -65.44 -7.55
CA ARG B 1218 43.27 -64.98 -6.47
C ARG B 1218 42.40 -63.81 -6.92
N TYR B 1219 42.11 -63.73 -8.22
CA TYR B 1219 41.30 -62.66 -8.79
C TYR B 1219 39.80 -62.94 -8.74
N GLU B 1220 39.37 -63.80 -7.81
CA GLU B 1220 37.97 -64.21 -7.78
C GLU B 1220 37.05 -63.05 -7.45
N ALA B 1221 37.50 -62.15 -6.56
CA ALA B 1221 36.67 -61.04 -6.12
C ALA B 1221 36.33 -60.10 -7.27
N ARG B 1222 37.34 -59.68 -8.03
CA ARG B 1222 37.09 -58.75 -9.13
C ARG B 1222 36.19 -59.38 -10.19
N PHE B 1223 36.36 -60.67 -10.45
CA PHE B 1223 35.52 -61.31 -11.46
C PHE B 1223 34.09 -61.44 -10.98
N GLN B 1224 33.89 -61.74 -9.69
CA GLN B 1224 32.53 -61.76 -9.15
C GLN B 1224 31.89 -60.39 -9.22
N GLN B 1225 32.69 -59.34 -8.98
CA GLN B 1225 32.20 -57.98 -9.16
C GLN B 1225 31.75 -57.74 -10.61
N LYS B 1226 32.57 -58.19 -11.56
CA LYS B 1226 32.21 -58.04 -12.97
C LYS B 1226 30.91 -58.77 -13.30
N LEU B 1227 30.72 -59.95 -12.73
CA LEU B 1227 29.52 -60.71 -13.06
C LEU B 1227 28.28 -60.11 -12.41
N LEU B 1228 28.41 -59.55 -11.20
CA LEU B 1228 27.30 -58.80 -10.63
C LEU B 1228 26.95 -57.61 -11.50
N GLU B 1229 27.97 -56.90 -12.00
CA GLU B 1229 27.74 -55.79 -12.91
C GLU B 1229 26.98 -56.24 -14.15
N TYR B 1230 27.41 -57.35 -14.76
CA TYR B 1230 26.78 -57.82 -15.98
C TYR B 1230 25.35 -58.26 -15.75
N THR B 1231 25.08 -58.99 -14.65
CA THR B 1231 23.73 -59.44 -14.40
C THR B 1231 22.81 -58.27 -14.05
N ASP B 1232 23.36 -57.21 -13.43
CA ASP B 1232 22.56 -56.01 -13.22
C ASP B 1232 22.22 -55.34 -14.54
N SER B 1233 23.20 -55.24 -15.45
CA SER B 1233 22.96 -54.64 -16.76
C SER B 1233 21.96 -55.45 -17.58
N ASN B 1234 21.92 -56.77 -17.36
CA ASN B 1234 20.91 -57.59 -18.02
C ASN B 1234 19.53 -57.37 -17.41
N ASN B 1235 19.46 -57.31 -16.08
CA ASN B 1235 18.17 -57.22 -15.41
C ASN B 1235 17.52 -55.86 -15.64
N ILE B 1236 18.30 -54.78 -15.67
CA ILE B 1236 17.70 -53.47 -15.91
C ILE B 1236 17.00 -53.43 -17.27
N ALA B 1237 17.62 -54.05 -18.28
CA ALA B 1237 17.01 -54.07 -19.61
C ALA B 1237 15.78 -54.97 -19.65
N SER B 1238 15.92 -56.20 -19.17
CA SER B 1238 14.78 -57.13 -19.17
C SER B 1238 13.66 -56.65 -18.26
N LEU B 1239 13.91 -55.66 -17.43
CA LEU B 1239 12.92 -55.09 -16.52
C LEU B 1239 12.22 -53.89 -17.15
N PHE B 1240 12.98 -52.97 -17.76
CA PHE B 1240 12.38 -51.87 -18.47
C PHE B 1240 11.51 -52.38 -19.62
N LEU B 1241 11.89 -53.50 -20.24
CA LEU B 1241 11.08 -54.03 -21.34
C LEU B 1241 9.71 -54.47 -20.85
N THR B 1242 9.67 -55.19 -19.73
CA THR B 1242 8.38 -55.62 -19.18
C THR B 1242 7.58 -54.45 -18.65
N ALA B 1243 8.26 -53.42 -18.12
CA ALA B 1243 7.56 -52.23 -17.68
C ALA B 1243 6.88 -51.52 -18.85
N ALA B 1244 7.57 -51.41 -19.98
CA ALA B 1244 6.98 -50.76 -21.16
C ALA B 1244 5.83 -51.58 -21.73
N ASN B 1245 5.98 -52.90 -21.75
CA ASN B 1245 4.87 -53.74 -22.20
C ASN B 1245 3.65 -53.56 -21.31
N ARG B 1246 3.87 -53.52 -19.99
CA ARG B 1246 2.76 -53.24 -19.08
C ARG B 1246 2.12 -51.89 -19.34
N TRP B 1247 2.95 -50.88 -19.63
CA TRP B 1247 2.42 -49.54 -19.90
C TRP B 1247 1.47 -49.59 -21.10
N LEU B 1248 1.96 -50.08 -22.23
CA LEU B 1248 1.12 -50.15 -23.42
C LEU B 1248 -0.14 -50.97 -23.15
N GLU B 1249 0.01 -52.10 -22.46
CA GLU B 1249 -1.14 -52.95 -22.16
C GLU B 1249 -2.20 -52.18 -21.39
N VAL B 1250 -1.81 -51.55 -20.28
CA VAL B 1250 -2.79 -50.91 -19.41
C VAL B 1250 -3.49 -49.76 -20.13
N ARG B 1251 -2.74 -48.97 -20.90
CA ARG B 1251 -3.39 -47.83 -21.55
C ARG B 1251 -4.34 -48.27 -22.65
N MET B 1252 -3.90 -49.22 -23.50
CA MET B 1252 -4.81 -49.76 -24.51
C MET B 1252 -6.04 -50.38 -23.87
N GLU B 1253 -5.88 -51.01 -22.70
CA GLU B 1253 -7.03 -51.61 -22.04
C GLU B 1253 -7.97 -50.55 -21.48
N TYR B 1254 -7.43 -49.48 -20.91
CA TYR B 1254 -8.29 -48.39 -20.44
C TYR B 1254 -9.12 -47.83 -21.57
N ILE B 1255 -8.53 -47.70 -22.76
CA ILE B 1255 -9.32 -47.22 -23.90
C ILE B 1255 -10.33 -48.27 -24.35
N GLY B 1256 -9.95 -49.55 -24.32
CA GLY B 1256 -10.89 -50.61 -24.66
C GLY B 1256 -12.05 -50.73 -23.69
N ALA B 1257 -11.90 -50.20 -22.48
CA ALA B 1257 -13.00 -50.14 -21.54
C ALA B 1257 -13.83 -48.86 -21.73
N CYS B 1258 -13.18 -47.75 -22.07
CA CYS B 1258 -13.92 -46.54 -22.44
C CYS B 1258 -14.87 -46.82 -23.59
N VAL B 1259 -14.43 -47.61 -24.58
CA VAL B 1259 -15.27 -47.82 -25.75
C VAL B 1259 -16.50 -48.65 -25.40
N VAL B 1260 -16.35 -49.65 -24.53
CA VAL B 1260 -17.52 -50.44 -24.15
C VAL B 1260 -18.45 -49.65 -23.25
N LEU B 1261 -17.89 -48.78 -22.38
CA LEU B 1261 -18.73 -47.88 -21.61
C LEU B 1261 -19.60 -47.02 -22.52
N ILE B 1262 -18.98 -46.35 -23.49
CA ILE B 1262 -19.74 -45.46 -24.37
C ILE B 1262 -20.72 -46.26 -25.21
N ALA B 1263 -20.32 -47.46 -25.65
CA ALA B 1263 -21.21 -48.28 -26.47
C ALA B 1263 -22.45 -48.68 -25.69
N ALA B 1264 -22.28 -49.14 -24.45
CA ALA B 1264 -23.43 -49.53 -23.64
C ALA B 1264 -24.31 -48.33 -23.30
N ALA B 1265 -23.68 -47.18 -23.00
CA ALA B 1265 -24.46 -45.99 -22.67
C ALA B 1265 -25.30 -45.52 -23.86
N THR B 1266 -24.77 -45.65 -25.07
CA THR B 1266 -25.58 -45.31 -26.24
C THR B 1266 -26.62 -46.38 -26.55
N SER B 1267 -26.31 -47.65 -26.29
CA SER B 1267 -27.22 -48.73 -26.62
C SER B 1267 -28.44 -48.74 -25.72
N ILE B 1268 -28.24 -48.46 -24.43
CA ILE B 1268 -29.36 -48.51 -23.49
C ILE B 1268 -30.43 -47.48 -23.85
N SER B 1269 -30.02 -46.34 -24.38
CA SER B 1269 -30.97 -45.27 -24.68
C SER B 1269 -31.46 -45.36 -26.13
N ASN B 1270 -30.53 -45.36 -27.09
CA ASN B 1270 -30.92 -45.28 -28.49
C ASN B 1270 -31.69 -46.52 -28.92
N SER B 1271 -31.21 -47.71 -28.54
CA SER B 1271 -31.81 -48.94 -29.01
C SER B 1271 -33.00 -49.40 -28.19
N LEU B 1272 -33.32 -48.72 -27.09
CA LEU B 1272 -34.48 -49.05 -26.28
C LEU B 1272 -35.54 -47.96 -26.28
N HIS B 1273 -35.16 -46.73 -25.97
CA HIS B 1273 -36.13 -45.65 -25.88
C HIS B 1273 -36.76 -45.35 -27.23
N ARG B 1274 -35.93 -45.21 -28.27
CA ARG B 1274 -36.42 -44.87 -29.60
C ARG B 1274 -36.50 -46.07 -30.53
N GLU B 1275 -35.40 -46.81 -30.70
CA GLU B 1275 -35.37 -47.88 -31.68
C GLU B 1275 -36.19 -49.09 -31.24
N LEU B 1276 -36.21 -49.36 -29.94
CA LEU B 1276 -36.89 -50.53 -29.33
C LEU B 1276 -36.62 -51.80 -30.14
N SER B 1277 -35.33 -52.16 -30.22
CA SER B 1277 -34.89 -53.39 -30.85
C SER B 1277 -33.88 -54.06 -29.93
N ALA B 1278 -34.20 -55.28 -29.50
CA ALA B 1278 -33.42 -55.95 -28.45
C ALA B 1278 -32.31 -56.83 -29.00
N GLY B 1279 -32.45 -57.33 -30.23
CA GLY B 1279 -31.39 -58.15 -30.80
C GLY B 1279 -30.11 -57.39 -31.06
N LEU B 1280 -30.16 -56.06 -31.03
CA LEU B 1280 -28.98 -55.24 -31.29
C LEU B 1280 -28.02 -55.24 -30.11
N VAL B 1281 -28.52 -54.86 -28.93
CA VAL B 1281 -27.67 -54.62 -27.77
C VAL B 1281 -26.83 -55.85 -27.43
N GLY B 1282 -27.35 -57.04 -27.72
CA GLY B 1282 -26.61 -58.26 -27.46
C GLY B 1282 -25.27 -58.30 -28.19
N LEU B 1283 -25.33 -58.16 -29.52
CA LEU B 1283 -24.11 -58.20 -30.32
C LEU B 1283 -23.13 -57.10 -29.88
N GLY B 1284 -23.64 -55.88 -29.71
CA GLY B 1284 -22.78 -54.77 -29.35
C GLY B 1284 -22.07 -55.00 -28.02
N LEU B 1285 -22.83 -55.39 -27.00
CA LEU B 1285 -22.23 -55.64 -25.69
C LEU B 1285 -21.24 -56.80 -25.75
N THR B 1286 -21.60 -57.89 -26.43
CA THR B 1286 -20.72 -59.05 -26.47
C THR B 1286 -19.42 -58.76 -27.20
N TYR B 1287 -19.46 -57.92 -28.24
CA TYR B 1287 -18.23 -57.61 -28.95
C TYR B 1287 -17.42 -56.52 -28.26
N ALA B 1288 -18.07 -55.57 -27.59
CA ALA B 1288 -17.35 -54.53 -26.88
C ALA B 1288 -16.77 -55.01 -25.56
N LEU B 1289 -17.31 -56.09 -24.99
CA LEU B 1289 -16.70 -56.67 -23.80
C LEU B 1289 -15.35 -57.31 -24.10
N MET B 1290 -15.05 -57.60 -25.36
CA MET B 1290 -13.85 -58.32 -25.72
C MET B 1290 -12.97 -57.62 -26.75
N VAL B 1291 -13.41 -56.51 -27.34
CA VAL B 1291 -12.62 -55.82 -28.37
C VAL B 1291 -11.20 -55.49 -27.87
N SER B 1292 -11.04 -55.29 -26.56
CA SER B 1292 -9.75 -54.85 -26.05
C SER B 1292 -8.67 -55.92 -26.20
N ASN B 1293 -9.02 -57.18 -25.95
CA ASN B 1293 -8.03 -58.25 -26.07
C ASN B 1293 -7.60 -58.44 -27.52
N TYR B 1294 -8.54 -58.30 -28.47
CA TYR B 1294 -8.17 -58.34 -29.88
C TYR B 1294 -7.27 -57.17 -30.24
N LEU B 1295 -7.55 -55.99 -29.69
CA LEU B 1295 -6.67 -54.84 -29.90
C LEU B 1295 -5.26 -55.12 -29.42
N ASN B 1296 -5.12 -55.72 -28.24
CA ASN B 1296 -3.79 -55.97 -27.70
C ASN B 1296 -3.05 -57.01 -28.51
N TRP B 1297 -3.72 -58.11 -28.87
CA TRP B 1297 -3.13 -59.07 -29.81
C TRP B 1297 -2.61 -58.36 -31.04
N MET B 1298 -3.44 -57.49 -31.63
CA MET B 1298 -3.07 -56.74 -32.82
C MET B 1298 -1.76 -55.99 -32.62
N VAL B 1299 -1.69 -55.17 -31.56
CA VAL B 1299 -0.54 -54.28 -31.44
C VAL B 1299 0.73 -55.07 -31.15
N ARG B 1300 0.65 -56.08 -30.28
CA ARG B 1300 1.84 -56.84 -29.95
C ARG B 1300 2.36 -57.63 -31.15
N ASN B 1301 1.45 -58.32 -31.85
CA ASN B 1301 1.87 -59.04 -33.06
C ASN B 1301 2.40 -58.10 -34.11
N LEU B 1302 1.89 -56.86 -34.17
CA LEU B 1302 2.44 -55.89 -35.12
C LEU B 1302 3.89 -55.56 -34.80
N ALA B 1303 4.19 -55.33 -33.52
CA ALA B 1303 5.57 -55.06 -33.13
C ALA B 1303 6.48 -56.23 -33.50
N ASP B 1304 6.05 -57.45 -33.20
CA ASP B 1304 6.86 -58.62 -33.52
C ASP B 1304 7.07 -58.76 -35.03
N MET B 1305 6.00 -58.57 -35.81
CA MET B 1305 6.12 -58.68 -37.26
C MET B 1305 7.07 -57.62 -37.80
N GLU B 1306 7.08 -56.43 -37.20
CA GLU B 1306 7.99 -55.39 -37.67
C GLU B 1306 9.44 -55.75 -37.40
N ILE B 1307 9.74 -56.29 -36.21
CA ILE B 1307 11.14 -56.65 -35.96
C ILE B 1307 11.57 -57.82 -36.85
N GLN B 1308 10.65 -58.75 -37.13
CA GLN B 1308 11.01 -59.87 -37.99
C GLN B 1308 11.18 -59.44 -39.44
N LEU B 1309 10.38 -58.48 -39.91
CA LEU B 1309 10.55 -57.96 -41.26
C LEU B 1309 11.85 -57.18 -41.39
N GLY B 1310 12.21 -56.43 -40.33
CA GLY B 1310 13.52 -55.79 -40.32
C GLY B 1310 14.66 -56.78 -40.36
N ALA B 1311 14.47 -57.95 -39.73
CA ALA B 1311 15.46 -59.02 -39.87
C ALA B 1311 15.50 -59.55 -41.30
N VAL B 1312 14.34 -59.65 -41.95
CA VAL B 1312 14.29 -60.18 -43.31
C VAL B 1312 14.99 -59.24 -44.29
N LYS B 1313 14.85 -57.93 -44.10
CA LYS B 1313 15.37 -56.96 -45.07
C LYS B 1313 16.85 -57.17 -45.38
N ARG B 1314 17.64 -57.67 -44.43
CA ARG B 1314 19.06 -57.87 -44.70
C ARG B 1314 19.29 -59.00 -45.69
N ILE B 1315 18.34 -59.95 -45.80
CA ILE B 1315 18.47 -60.98 -46.83
C ILE B 1315 18.41 -60.34 -48.22
N HIS B 1316 17.47 -59.42 -48.43
CA HIS B 1316 17.42 -58.70 -49.70
C HIS B 1316 18.64 -57.81 -49.88
N ALA B 1317 19.14 -57.22 -48.79
CA ALA B 1317 20.38 -56.46 -48.86
C ALA B 1317 21.52 -57.33 -49.39
N LEU B 1318 21.55 -58.60 -48.99
CA LEU B 1318 22.52 -59.54 -49.52
C LEU B 1318 22.17 -60.02 -50.93
N LEU B 1319 20.89 -59.92 -51.33
CA LEU B 1319 20.47 -60.45 -52.62
C LEU B 1319 21.02 -59.61 -53.78
N LYS B 1320 21.29 -58.33 -53.56
CA LYS B 1320 21.70 -57.43 -54.64
C LYS B 1320 23.21 -57.30 -54.77
N THR B 1321 23.95 -58.35 -54.44
CA THR B 1321 25.41 -58.32 -54.57
C THR B 1321 25.85 -58.76 -55.96
N HIS C 46 19.84 -11.35 26.52
CA HIS C 46 20.16 -10.05 27.10
C HIS C 46 19.59 -9.93 28.50
N LYS C 47 20.35 -9.27 29.37
CA LYS C 47 19.96 -9.10 30.74
C LYS C 47 20.15 -7.64 31.14
N ASN C 48 19.25 -7.16 32.00
CA ASN C 48 19.33 -5.83 32.58
C ASN C 48 19.29 -4.75 31.49
N ILE C 49 18.20 -4.74 30.74
CA ILE C 49 17.96 -3.68 29.74
C ILE C 49 17.24 -2.54 30.43
N ARG C 50 17.87 -1.36 30.46
CA ARG C 50 17.23 -0.17 31.03
C ARG C 50 16.13 0.28 30.06
N GLU C 51 14.99 -0.38 30.18
CA GLU C 51 13.87 -0.05 29.31
C GLU C 51 13.42 1.38 29.57
N GLN C 52 13.58 2.27 28.60
CA GLN C 52 13.01 3.61 28.70
C GLN C 52 11.73 3.71 27.90
N GLY C 53 11.19 2.58 27.46
CA GLY C 53 9.92 2.53 26.79
C GLY C 53 10.00 2.50 25.28
N ARG C 54 11.20 2.64 24.71
CA ARG C 54 11.30 2.60 23.25
C ARG C 54 10.81 1.27 22.68
N PHE C 55 10.73 0.22 23.50
CA PHE C 55 10.23 -1.08 23.04
C PHE C 55 8.79 -1.00 22.58
N LEU C 56 7.98 -0.20 23.24
CA LEU C 56 6.64 0.06 22.72
C LEU C 56 6.57 1.32 21.90
N GLN C 57 7.53 2.25 22.05
CA GLN C 57 7.48 3.50 21.29
C GLN C 57 7.57 3.29 19.78
N ASP C 58 7.93 2.08 19.36
CA ASP C 58 8.06 1.64 17.98
C ASP C 58 6.76 0.99 17.52
N VAL C 59 5.65 1.59 17.93
CA VAL C 59 4.34 0.97 18.05
C VAL C 59 4.04 0.01 16.93
N PHE C 60 4.17 0.44 15.68
CA PHE C 60 3.85 -0.49 14.61
C PHE C 60 5.07 -1.25 14.10
N THR C 61 6.27 -0.69 14.22
CA THR C 61 7.45 -1.48 13.90
C THR C 61 7.73 -2.52 14.98
N THR C 62 6.97 -2.53 16.06
CA THR C 62 7.01 -3.64 17.00
C THR C 62 6.12 -4.77 16.53
N LEU C 63 4.85 -4.47 16.26
CA LEU C 63 3.90 -5.53 15.95
C LEU C 63 4.03 -6.06 14.53
N VAL C 64 4.62 -5.30 13.60
CA VAL C 64 4.92 -5.87 12.30
C VAL C 64 6.02 -6.91 12.38
N ASP C 65 6.70 -7.01 13.51
CA ASP C 65 7.64 -8.10 13.72
C ASP C 65 6.95 -9.39 14.11
N LEU C 66 5.75 -9.33 14.66
CA LEU C 66 5.13 -10.47 15.34
C LEU C 66 4.82 -11.59 14.37
N LYS C 67 4.34 -12.70 14.91
CA LYS C 67 3.87 -13.78 14.07
C LYS C 67 2.56 -13.37 13.41
N TRP C 68 2.00 -14.30 12.66
CA TRP C 68 0.72 -14.07 12.01
C TRP C 68 -0.48 -14.23 12.93
N PRO C 69 -0.53 -15.25 13.79
CA PRO C 69 -1.69 -15.35 14.69
C PRO C 69 -1.79 -14.17 15.64
N HIS C 70 -0.68 -13.71 16.23
CA HIS C 70 -0.77 -12.57 17.12
C HIS C 70 -1.19 -11.31 16.39
N THR C 71 -0.62 -11.07 15.21
CA THR C 71 -0.98 -9.86 14.48
C THR C 71 -2.43 -9.91 14.04
N LEU C 72 -2.92 -11.07 13.60
CA LEU C 72 -4.32 -11.17 13.23
C LEU C 72 -5.21 -10.99 14.45
N LEU C 73 -4.81 -11.55 15.59
CA LEU C 73 -5.57 -11.35 16.82
C LEU C 73 -5.67 -9.87 17.18
N ILE C 74 -4.55 -9.16 17.12
CA ILE C 74 -4.59 -7.77 17.57
C ILE C 74 -5.32 -6.90 16.55
N PHE C 75 -5.35 -7.31 15.28
CA PHE C 75 -6.14 -6.55 14.30
C PHE C 75 -7.63 -6.76 14.50
N THR C 76 -8.04 -8.02 14.70
CA THR C 76 -9.46 -8.19 14.97
C THR C 76 -9.85 -7.50 16.27
N MET C 77 -8.94 -7.44 17.25
CA MET C 77 -9.25 -6.78 18.51
C MET C 77 -9.34 -5.27 18.35
N SER C 78 -8.48 -4.67 17.51
CA SER C 78 -8.64 -3.27 17.16
C SER C 78 -10.01 -3.01 16.54
N PHE C 79 -10.37 -3.81 15.54
CA PHE C 79 -11.63 -3.55 14.85
C PHE C 79 -12.82 -3.73 15.79
N LEU C 80 -12.86 -4.84 16.53
CA LEU C 80 -13.99 -5.07 17.42
C LEU C 80 -14.04 -4.04 18.54
N CYS C 81 -12.88 -3.63 19.05
CA CYS C 81 -12.87 -2.58 20.06
C CYS C 81 -13.55 -1.33 19.53
N SER C 82 -13.13 -0.85 18.36
CA SER C 82 -13.73 0.39 17.86
C SER C 82 -15.22 0.22 17.59
N TRP C 83 -15.61 -0.91 17.00
CA TRP C 83 -17.02 -1.12 16.68
C TRP C 83 -17.88 -1.12 17.95
N LEU C 84 -17.43 -1.82 19.00
CA LEU C 84 -18.22 -1.87 20.21
C LEU C 84 -18.28 -0.51 20.89
N LEU C 85 -17.18 0.23 20.87
CA LEU C 85 -17.20 1.57 21.45
C LEU C 85 -18.31 2.42 20.81
N PHE C 86 -18.30 2.51 19.48
CA PHE C 86 -19.29 3.38 18.86
C PHE C 86 -20.70 2.80 18.92
N ALA C 87 -20.83 1.47 18.97
CA ALA C 87 -22.17 0.90 19.13
C ALA C 87 -22.75 1.29 20.49
N MET C 88 -21.91 1.30 21.53
CA MET C 88 -22.38 1.73 22.84
C MET C 88 -22.79 3.20 22.81
N VAL C 89 -21.96 4.05 22.23
CA VAL C 89 -22.32 5.47 22.25
C VAL C 89 -23.59 5.73 21.45
N TRP C 90 -23.82 4.96 20.37
CA TRP C 90 -25.04 5.16 19.60
C TRP C 90 -26.26 4.64 20.35
N TRP C 91 -26.15 3.45 20.93
CA TRP C 91 -27.22 2.97 21.79
C TRP C 91 -27.59 4.06 22.79
N LEU C 92 -26.60 4.66 23.42
CA LEU C 92 -26.87 5.66 24.45
C LEU C 92 -27.52 6.90 23.87
N ILE C 93 -27.09 7.33 22.70
CA ILE C 93 -27.64 8.58 22.19
C ILE C 93 -29.09 8.37 21.77
N ALA C 94 -29.41 7.22 21.17
CA ALA C 94 -30.80 6.90 20.84
C ALA C 94 -31.64 6.74 22.09
N PHE C 95 -31.06 6.19 23.16
CA PHE C 95 -31.78 6.11 24.42
C PHE C 95 -32.07 7.50 24.97
N ALA C 96 -31.07 8.37 24.92
CA ALA C 96 -31.16 9.68 25.55
C ALA C 96 -32.12 10.60 24.79
N HIS C 97 -32.07 10.57 23.45
CA HIS C 97 -33.03 11.42 22.74
C HIS C 97 -34.46 11.04 23.08
N GLY C 98 -34.68 9.82 23.55
CA GLY C 98 -36.01 9.33 23.77
C GLY C 98 -36.62 8.65 22.56
N ASP C 99 -35.95 8.72 21.41
CA ASP C 99 -36.36 7.95 20.25
C ASP C 99 -36.34 6.46 20.51
N LEU C 100 -35.63 6.02 21.56
CA LEU C 100 -35.59 4.61 21.89
C LEU C 100 -36.90 4.15 22.50
N ALA C 101 -37.60 5.05 23.21
CA ALA C 101 -38.90 4.77 23.78
C ALA C 101 -39.90 4.56 22.64
N PRO C 102 -40.41 3.35 22.47
CA PRO C 102 -41.29 3.07 21.33
C PRO C 102 -42.55 3.91 21.41
N GLY C 103 -42.71 4.80 20.43
CA GLY C 103 -43.86 5.68 20.40
C GLY C 103 -44.20 6.04 18.97
N GLU C 104 -45.49 6.19 18.71
CA GLU C 104 -46.01 6.50 17.39
C GLU C 104 -46.38 7.98 17.35
N GLY C 105 -45.68 8.75 16.52
CA GLY C 105 -45.99 10.15 16.33
C GLY C 105 -45.26 11.05 17.32
N THR C 106 -45.44 12.36 17.10
CA THR C 106 -44.84 13.43 17.90
C THR C 106 -43.32 13.38 17.92
N ASN C 107 -42.71 12.54 17.09
CA ASN C 107 -41.26 12.46 17.01
C ASN C 107 -40.88 11.78 15.71
N VAL C 108 -39.61 11.93 15.36
CA VAL C 108 -38.98 11.09 14.35
C VAL C 108 -37.65 10.68 14.95
N PRO C 109 -37.32 9.40 15.00
CA PRO C 109 -36.06 8.99 15.61
C PRO C 109 -34.88 9.61 14.86
N CYS C 110 -33.83 9.95 15.60
CA CYS C 110 -32.61 10.41 14.95
C CYS C 110 -32.09 9.36 13.99
N VAL C 111 -32.26 8.09 14.35
CA VAL C 111 -31.97 6.96 13.47
C VAL C 111 -33.25 6.18 13.31
N THR C 112 -33.81 6.19 12.10
CA THR C 112 -35.09 5.55 11.89
C THR C 112 -34.97 4.05 12.15
N SER C 113 -36.03 3.47 12.70
CA SER C 113 -36.11 2.02 12.92
C SER C 113 -34.94 1.52 13.77
N ILE C 114 -34.85 2.04 14.99
CA ILE C 114 -33.93 1.52 15.98
C ILE C 114 -34.75 1.07 17.18
N HIS C 115 -34.49 -0.16 17.65
CA HIS C 115 -35.30 -0.71 18.72
C HIS C 115 -34.49 -1.08 19.95
N SER C 116 -33.39 -1.81 19.77
CA SER C 116 -32.69 -2.36 20.91
C SER C 116 -31.20 -2.22 20.69
N PHE C 117 -30.44 -2.74 21.65
CA PHE C 117 -28.99 -2.69 21.53
C PHE C 117 -28.51 -3.45 20.30
N SER C 118 -29.12 -4.60 20.01
CA SER C 118 -28.68 -5.39 18.88
C SER C 118 -28.79 -4.61 17.59
N SER C 119 -29.94 -4.01 17.33
CA SER C 119 -30.06 -3.24 16.10
C SER C 119 -29.12 -2.04 16.10
N ALA C 120 -28.78 -1.53 17.28
CA ALA C 120 -27.84 -0.41 17.33
C ALA C 120 -26.44 -0.87 16.94
N PHE C 121 -25.99 -2.02 17.44
CA PHE C 121 -24.70 -2.55 17.04
C PHE C 121 -24.70 -2.90 15.55
N LEU C 122 -25.85 -3.34 15.03
CA LEU C 122 -25.96 -3.54 13.59
C LEU C 122 -25.81 -2.22 12.83
N PHE C 123 -26.33 -1.14 13.40
CA PHE C 123 -26.14 0.16 12.74
C PHE C 123 -24.69 0.58 12.81
N SER C 124 -24.03 0.31 13.93
CA SER C 124 -22.63 0.69 14.06
C SER C 124 -21.77 -0.04 13.04
N ILE C 125 -21.95 -1.35 12.92
CA ILE C 125 -21.17 -2.06 11.92
C ILE C 125 -21.63 -1.72 10.51
N GLU C 126 -22.86 -1.22 10.34
CA GLU C 126 -23.34 -0.84 9.02
C GLU C 126 -22.69 0.44 8.53
N VAL C 127 -22.49 1.40 9.42
CA VAL C 127 -21.88 2.65 8.98
C VAL C 127 -20.36 2.62 9.09
N GLN C 128 -19.82 1.92 10.08
CA GLN C 128 -18.37 1.94 10.26
C GLN C 128 -17.67 1.33 9.06
N VAL C 129 -17.90 0.05 8.78
CA VAL C 129 -17.09 -0.68 7.83
C VAL C 129 -17.61 -0.40 6.43
N THR C 130 -18.51 0.57 6.30
CA THR C 130 -18.92 1.13 5.02
C THR C 130 -19.61 0.10 4.12
N ILE C 131 -20.51 -0.69 4.71
CA ILE C 131 -21.46 -1.47 3.94
C ILE C 131 -22.72 -0.66 3.63
N GLY C 132 -23.19 0.13 4.60
CA GLY C 132 -24.33 1.01 4.41
C GLY C 132 -25.63 0.35 4.00
N PHE C 133 -26.25 -0.40 4.91
CA PHE C 133 -27.44 -1.17 4.56
C PHE C 133 -28.64 -0.28 4.32
N GLY C 134 -28.79 0.77 5.13
CA GLY C 134 -29.85 1.73 4.90
C GLY C 134 -31.23 1.33 5.35
N GLY C 135 -31.37 0.22 6.08
CA GLY C 135 -32.66 -0.08 6.68
C GLY C 135 -32.98 0.86 7.81
N ARG C 136 -31.97 1.25 8.57
CA ARG C 136 -32.10 2.27 9.60
C ARG C 136 -31.41 3.53 9.09
N MET C 137 -32.16 4.62 9.03
CA MET C 137 -31.73 5.86 8.42
C MET C 137 -31.43 6.86 9.52
N VAL C 138 -30.25 7.44 9.48
CA VAL C 138 -29.94 8.60 10.31
C VAL C 138 -30.53 9.82 9.63
N THR C 139 -31.19 10.67 10.41
CA THR C 139 -32.05 11.73 9.88
C THR C 139 -31.45 13.11 10.17
N GLU C 140 -32.02 14.12 9.51
CA GLU C 140 -31.55 15.49 9.59
C GLU C 140 -32.23 16.27 10.71
N GLU C 141 -32.82 15.58 11.68
CA GLU C 141 -33.45 16.24 12.81
C GLU C 141 -32.48 16.50 13.96
N CYS C 142 -31.46 15.65 14.13
CA CYS C 142 -30.53 15.73 15.26
C CYS C 142 -29.11 15.95 14.78
N PRO C 143 -28.53 17.14 14.99
CA PRO C 143 -27.12 17.36 14.57
C PRO C 143 -26.11 16.61 15.43
N LEU C 144 -26.49 16.17 16.63
CA LEU C 144 -25.57 15.40 17.44
C LEU C 144 -25.22 14.07 16.78
N ALA C 145 -26.22 13.42 16.15
CA ALA C 145 -25.95 12.21 15.39
C ALA C 145 -25.07 12.49 14.19
N ILE C 146 -25.20 13.68 13.60
CA ILE C 146 -24.30 14.05 12.51
C ILE C 146 -22.87 14.11 13.01
N LEU C 147 -22.66 14.69 14.19
CA LEU C 147 -21.31 14.76 14.74
C LEU C 147 -20.75 13.37 15.01
N ILE C 148 -21.57 12.50 15.63
CA ILE C 148 -21.05 11.17 15.93
C ILE C 148 -20.72 10.42 14.66
N LEU C 149 -21.48 10.63 13.58
CA LEU C 149 -21.15 9.98 12.32
C LEU C 149 -19.86 10.55 11.74
N ILE C 150 -19.69 11.87 11.80
CA ILE C 150 -18.56 12.50 11.14
C ILE C 150 -17.27 12.26 11.89
N VAL C 151 -17.33 11.81 13.14
CA VAL C 151 -16.11 11.32 13.78
C VAL C 151 -15.96 9.81 13.63
N GLN C 152 -17.07 9.08 13.67
CA GLN C 152 -17.01 7.63 13.46
C GLN C 152 -16.32 7.31 12.17
N ASN C 153 -16.73 7.96 11.08
CA ASN C 153 -16.19 7.58 9.79
C ASN C 153 -14.72 7.93 9.65
N ILE C 154 -14.31 9.11 10.12
CA ILE C 154 -12.89 9.45 9.98
C ILE C 154 -12.03 8.53 10.85
N VAL C 155 -12.46 8.20 12.07
CA VAL C 155 -11.62 7.30 12.85
C VAL C 155 -11.59 5.93 12.19
N GLY C 156 -12.72 5.50 11.64
CA GLY C 156 -12.74 4.24 10.93
C GLY C 156 -11.76 4.25 9.78
N LEU C 157 -11.72 5.34 9.04
CA LEU C 157 -10.85 5.38 7.87
C LEU C 157 -9.39 5.42 8.29
N MET C 158 -9.08 6.11 9.37
CA MET C 158 -7.69 6.16 9.78
C MET C 158 -7.21 4.80 10.25
N ILE C 159 -8.02 4.11 11.06
CA ILE C 159 -7.58 2.82 11.58
C ILE C 159 -7.56 1.76 10.49
N ASN C 160 -8.42 1.91 9.48
CA ASN C 160 -8.33 1.05 8.30
C ASN C 160 -7.04 1.32 7.53
N ALA C 161 -6.65 2.59 7.42
CA ALA C 161 -5.43 2.92 6.68
C ALA C 161 -4.20 2.34 7.35
N ILE C 162 -4.09 2.50 8.66
CA ILE C 162 -2.93 1.94 9.34
C ILE C 162 -2.97 0.41 9.30
N MET C 163 -4.15 -0.20 9.51
CA MET C 163 -4.21 -1.65 9.52
C MET C 163 -4.08 -2.26 8.14
N LEU C 164 -4.03 -1.44 7.10
CA LEU C 164 -3.58 -1.98 5.83
C LEU C 164 -2.10 -1.74 5.60
N GLY C 165 -1.62 -0.53 5.87
CA GLY C 165 -0.20 -0.26 5.67
C GLY C 165 0.67 -1.19 6.48
N CYS C 166 0.33 -1.45 7.75
CA CYS C 166 1.19 -2.30 8.53
C CYS C 166 1.15 -3.75 8.07
N ILE C 167 -0.01 -4.28 7.67
CA ILE C 167 0.01 -5.66 7.15
C ILE C 167 0.81 -5.71 5.86
N PHE C 168 0.77 -4.64 5.03
CA PHE C 168 1.61 -4.74 3.83
C PHE C 168 3.08 -4.65 4.19
N MET C 169 3.43 -3.75 5.10
CA MET C 169 4.82 -3.66 5.56
C MET C 169 5.27 -4.98 6.14
N LYS C 170 4.32 -5.78 6.61
CA LYS C 170 4.63 -7.14 7.05
C LYS C 170 4.90 -8.06 5.88
N THR C 171 4.03 -8.07 4.88
CA THR C 171 4.23 -9.03 3.80
C THR C 171 5.54 -8.80 3.03
N ALA C 172 6.30 -7.77 3.40
CA ALA C 172 7.70 -7.67 3.00
C ALA C 172 8.63 -8.32 4.01
N GLN C 173 8.12 -9.24 4.82
CA GLN C 173 9.00 -10.13 5.57
C GLN C 173 9.59 -11.10 4.57
N ALA C 174 10.89 -10.94 4.29
CA ALA C 174 11.59 -11.87 3.42
C ALA C 174 12.62 -12.70 4.15
N HIS C 175 12.61 -12.67 5.50
CA HIS C 175 13.45 -13.60 6.24
C HIS C 175 13.19 -15.03 5.79
N ARG C 176 11.96 -15.37 5.40
CA ARG C 176 11.73 -16.71 4.85
C ARG C 176 12.73 -16.98 3.71
N ARG C 177 12.93 -16.00 2.82
CA ARG C 177 14.05 -16.10 1.87
C ARG C 177 15.38 -16.18 2.57
N ALA C 178 15.51 -15.69 3.79
CA ALA C 178 16.72 -16.04 4.51
C ALA C 178 16.68 -17.49 4.96
N ASN D 24 -34.65 8.77 35.54
CA ASN D 24 -33.93 8.07 34.48
C ASN D 24 -32.83 7.18 35.03
N GLY D 25 -33.20 6.23 35.88
CA GLY D 25 -32.20 5.39 36.51
C GLY D 25 -31.39 4.57 35.53
N CYS D 26 -32.08 3.91 34.59
CA CYS D 26 -31.36 3.14 33.58
C CYS D 26 -30.42 4.02 32.76
N PHE D 27 -30.81 5.28 32.53
CA PHE D 27 -29.94 6.19 31.79
C PHE D 27 -28.62 6.41 32.53
N VAL D 28 -28.69 6.62 33.85
CA VAL D 28 -27.47 6.84 34.61
C VAL D 28 -26.67 5.55 34.73
N ASP D 29 -27.35 4.40 34.80
CA ASP D 29 -26.63 3.13 34.78
C ASP D 29 -25.81 2.98 33.51
N ALA D 30 -26.42 3.28 32.35
CA ALA D 30 -25.68 3.21 31.10
C ALA D 30 -24.53 4.21 31.07
N LEU D 31 -24.81 5.44 31.52
CA LEU D 31 -23.75 6.45 31.56
C LEU D 31 -22.57 5.99 32.41
N ASN D 32 -22.83 5.19 33.44
CA ASN D 32 -21.73 4.61 34.20
C ASN D 32 -21.04 3.49 33.44
N VAL D 33 -21.80 2.70 32.69
CA VAL D 33 -21.21 1.58 31.97
C VAL D 33 -20.23 2.08 30.92
N VAL D 34 -20.47 3.27 30.37
CA VAL D 34 -19.65 3.74 29.24
C VAL D 34 -18.16 3.82 29.55
N PRO D 35 -17.70 4.50 30.61
CA PRO D 35 -16.24 4.70 30.76
C PRO D 35 -15.46 3.42 31.02
N HIS D 36 -16.04 2.47 31.76
CA HIS D 36 -15.42 1.16 31.89
C HIS D 36 -15.16 0.55 30.53
N VAL D 37 -16.14 0.68 29.63
CA VAL D 37 -16.00 0.14 28.28
C VAL D 37 -14.87 0.86 27.54
N PHE D 38 -14.80 2.18 27.67
CA PHE D 38 -13.73 2.94 27.03
C PHE D 38 -12.35 2.43 27.45
N LEU D 39 -12.18 2.22 28.75
CA LEU D 39 -10.87 1.78 29.26
C LEU D 39 -10.58 0.34 28.86
N LEU D 40 -11.56 -0.55 29.00
CA LEU D 40 -11.36 -1.93 28.58
C LEU D 40 -11.08 -2.04 27.09
N PHE D 41 -11.48 -1.05 26.31
CA PHE D 41 -11.19 -1.12 24.89
C PHE D 41 -9.83 -0.55 24.54
N ILE D 42 -9.39 0.50 25.23
CA ILE D 42 -8.03 0.97 24.98
C ILE D 42 -6.98 0.03 25.59
N THR D 43 -7.33 -0.74 26.60
CA THR D 43 -6.30 -1.57 27.24
C THR D 43 -5.90 -2.74 26.37
N PHE D 44 -6.76 -3.18 25.45
CA PHE D 44 -6.53 -4.47 24.81
C PHE D 44 -5.43 -4.44 23.76
N PRO D 45 -5.32 -3.40 22.93
CA PRO D 45 -4.16 -3.32 22.03
C PRO D 45 -2.84 -3.35 22.78
N ILE D 46 -2.69 -2.47 23.77
CA ILE D 46 -1.43 -2.40 24.48
C ILE D 46 -1.18 -3.69 25.25
N LEU D 47 -2.22 -4.23 25.88
CA LEU D 47 -2.03 -5.49 26.61
C LEU D 47 -1.67 -6.62 25.67
N PHE D 48 -2.17 -6.59 24.43
CA PHE D 48 -1.87 -7.68 23.51
C PHE D 48 -0.51 -7.54 22.86
N ILE D 49 -0.04 -6.30 22.67
CA ILE D 49 1.34 -6.10 22.23
C ILE D 49 2.30 -6.53 23.34
N GLY D 50 2.01 -6.14 24.59
CA GLY D 50 2.86 -6.51 25.69
C GLY D 50 2.84 -7.99 26.00
N TRP D 51 1.72 -8.66 25.73
CA TRP D 51 1.64 -10.11 25.96
C TRP D 51 2.21 -10.92 24.80
N GLY D 52 2.16 -10.37 23.60
CA GLY D 52 2.70 -11.06 22.43
C GLY D 52 4.22 -11.09 22.39
N SER D 63 15.34 -6.16 32.53
CA SER D 63 14.92 -6.58 33.87
C SER D 63 15.16 -5.47 34.90
N THR D 64 14.51 -4.33 34.71
CA THR D 64 14.59 -3.20 35.63
C THR D 64 13.19 -2.82 36.09
N TRP D 65 12.98 -2.78 37.41
CA TRP D 65 11.70 -2.44 38.00
C TRP D 65 11.74 -1.00 38.49
N LEU D 66 10.84 -0.17 37.94
CA LEU D 66 10.69 1.22 38.32
C LEU D 66 9.41 1.35 39.14
N HIS D 67 9.52 1.89 40.35
CA HIS D 67 8.37 2.08 41.22
C HIS D 67 8.01 3.55 41.32
N PHE D 68 6.72 3.81 41.47
CA PHE D 68 6.24 5.17 41.55
C PHE D 68 5.62 5.43 42.93
N PRO D 69 5.66 6.67 43.42
CA PRO D 69 5.02 6.96 44.70
C PRO D 69 3.53 6.66 44.66
N GLY D 70 3.02 6.09 45.73
CA GLY D 70 1.64 5.67 45.81
C GLY D 70 1.37 4.29 45.28
N HIS D 71 2.39 3.56 44.87
CA HIS D 71 2.21 2.22 44.34
C HIS D 71 1.46 1.34 45.32
N ASN D 72 1.98 1.23 46.55
CA ASN D 72 1.33 0.40 47.56
C ASN D 72 -0.06 0.94 47.92
N LEU D 73 -0.17 2.26 48.02
CA LEU D 73 -1.49 2.85 48.21
C LEU D 73 -2.40 2.51 47.04
N ARG D 74 -1.88 2.52 45.82
CA ARG D 74 -2.72 2.19 44.66
C ARG D 74 -3.24 0.77 44.77
N TRP D 75 -2.38 -0.18 45.12
CA TRP D 75 -2.82 -1.57 45.19
C TRP D 75 -3.78 -1.79 46.34
N ILE D 76 -3.53 -1.16 47.50
CA ILE D 76 -4.48 -1.25 48.60
C ILE D 76 -5.84 -0.74 48.18
N LEU D 77 -5.87 0.45 47.57
CA LEU D 77 -7.14 1.00 47.12
C LEU D 77 -7.79 0.10 46.07
N THR D 78 -6.99 -0.55 45.22
CA THR D 78 -7.57 -1.42 44.22
C THR D 78 -8.21 -2.65 44.85
N PHE D 79 -7.62 -3.18 45.91
CA PHE D 79 -8.27 -4.29 46.60
C PHE D 79 -9.54 -3.83 47.30
N ILE D 80 -9.54 -2.60 47.83
CA ILE D 80 -10.77 -2.08 48.43
C ILE D 80 -11.86 -1.93 47.36
N LEU D 81 -11.45 -1.51 46.16
CA LEU D 81 -12.39 -1.43 45.03
C LEU D 81 -12.95 -2.80 44.70
N LEU D 82 -12.08 -3.81 44.65
CA LEU D 82 -12.54 -5.17 44.42
C LEU D 82 -13.63 -5.55 45.42
N PHE D 83 -13.39 -5.26 46.70
CA PHE D 83 -14.38 -5.59 47.73
C PHE D 83 -15.70 -4.86 47.50
N VAL D 84 -15.64 -3.54 47.30
CA VAL D 84 -16.87 -2.79 47.11
C VAL D 84 -17.61 -3.24 45.86
N LEU D 85 -16.88 -3.69 44.84
CA LEU D 85 -17.54 -4.18 43.63
C LEU D 85 -18.24 -5.50 43.89
N VAL D 86 -17.64 -6.36 44.72
CA VAL D 86 -18.36 -7.56 45.15
C VAL D 86 -19.66 -7.18 45.83
N CYS D 87 -19.62 -6.15 46.68
CA CYS D 87 -20.84 -5.74 47.37
C CYS D 87 -21.88 -5.21 46.37
N GLU D 88 -21.44 -4.48 45.36
CA GLU D 88 -22.38 -3.99 44.35
C GLU D 88 -23.02 -5.14 43.58
N ILE D 89 -22.24 -6.17 43.26
CA ILE D 89 -22.81 -7.34 42.60
C ILE D 89 -23.85 -7.99 43.50
N ALA D 90 -23.58 -8.03 44.82
CA ALA D 90 -24.57 -8.54 45.75
C ALA D 90 -25.86 -7.73 45.69
N GLU D 91 -25.75 -6.40 45.66
CA GLU D 91 -26.93 -5.57 45.54
C GLU D 91 -27.70 -5.86 44.25
N GLY D 92 -26.97 -6.02 43.15
CA GLY D 92 -27.61 -6.31 41.88
C GLY D 92 -28.33 -7.64 41.87
N ILE D 93 -27.79 -8.62 42.58
CA ILE D 93 -28.48 -9.90 42.72
C ILE D 93 -29.74 -9.72 43.57
N LEU D 94 -29.65 -8.94 44.64
CA LEU D 94 -30.81 -8.75 45.50
C LEU D 94 -31.94 -8.05 44.76
N SER D 95 -31.61 -7.09 43.92
CA SER D 95 -32.64 -6.32 43.24
C SER D 95 -33.36 -7.16 42.19
N ASP D 96 -32.61 -7.79 41.29
CA ASP D 96 -33.19 -8.54 40.18
C ASP D 96 -34.01 -9.73 40.66
N HIS D 103 -33.64 -7.41 34.98
CA HIS D 103 -33.02 -6.08 34.86
C HIS D 103 -31.49 -6.14 34.78
N LEU D 104 -30.96 -6.48 33.59
CA LEU D 104 -29.52 -6.57 33.40
C LEU D 104 -28.84 -5.23 33.55
N HIS D 105 -29.37 -4.22 32.85
CA HIS D 105 -28.79 -2.88 32.80
C HIS D 105 -28.70 -2.23 34.18
N LEU D 106 -29.32 -2.80 35.20
CA LEU D 106 -29.28 -2.21 36.53
C LEU D 106 -28.10 -2.69 37.36
N TYR D 107 -27.56 -3.88 37.09
CA TYR D 107 -26.37 -4.34 37.79
C TYR D 107 -25.16 -4.50 36.87
N MET D 108 -25.26 -4.11 35.60
CA MET D 108 -24.07 -4.17 34.77
C MET D 108 -22.92 -3.25 35.23
N PRO D 109 -23.16 -2.05 35.78
CA PRO D 109 -22.02 -1.19 36.16
C PRO D 109 -20.98 -1.87 37.05
N ALA D 110 -21.41 -2.71 37.98
CA ALA D 110 -20.45 -3.40 38.84
C ALA D 110 -19.61 -4.38 38.04
N GLY D 111 -20.26 -5.21 37.23
CA GLY D 111 -19.54 -6.16 36.40
C GLY D 111 -18.58 -5.50 35.43
N MET D 112 -18.84 -4.25 35.06
CA MET D 112 -17.90 -3.55 34.18
C MET D 112 -16.76 -2.91 34.96
N ALA D 113 -17.06 -2.26 36.10
CA ALA D 113 -15.98 -1.72 36.92
C ALA D 113 -15.04 -2.81 37.40
N PHE D 114 -15.54 -4.04 37.54
CA PHE D 114 -14.67 -5.15 37.94
C PHE D 114 -13.56 -5.36 36.92
N MET D 115 -13.94 -5.55 35.66
CA MET D 115 -12.94 -5.70 34.61
C MET D 115 -12.13 -4.43 34.42
N ALA D 116 -12.73 -3.26 34.65
CA ALA D 116 -11.99 -2.02 34.50
C ALA D 116 -10.88 -1.91 35.55
N ALA D 117 -11.17 -2.29 36.79
CA ALA D 117 -10.15 -2.26 37.84
C ALA D 117 -9.08 -3.33 37.60
N ILE D 118 -9.49 -4.52 37.15
CA ILE D 118 -8.50 -5.53 36.82
C ILE D 118 -7.62 -5.05 35.67
N THR D 119 -8.19 -4.37 34.69
CA THR D 119 -7.39 -3.86 33.59
C THR D 119 -6.54 -2.67 34.03
N SER D 120 -6.99 -1.89 35.01
CA SER D 120 -6.13 -0.88 35.58
C SER D 120 -4.94 -1.52 36.27
N VAL D 121 -5.16 -2.64 36.95
CA VAL D 121 -4.04 -3.38 37.52
C VAL D 121 -3.10 -3.86 36.41
N VAL D 122 -3.65 -4.35 35.31
CA VAL D 122 -2.80 -4.81 34.22
C VAL D 122 -2.00 -3.67 33.63
N TYR D 123 -2.63 -2.51 33.48
CA TYR D 123 -1.92 -1.32 33.02
C TYR D 123 -0.79 -0.97 33.98
N TYR D 124 -1.08 -0.98 35.28
CA TYR D 124 -0.04 -0.57 36.21
C TYR D 124 1.09 -1.59 36.26
N HIS D 125 0.80 -2.86 36.04
CA HIS D 125 1.88 -3.81 35.90
C HIS D 125 2.71 -3.53 34.65
N ASN D 126 2.04 -3.21 33.54
CA ASN D 126 2.75 -2.90 32.31
C ASN D 126 3.55 -1.61 32.41
N ILE D 127 3.17 -0.71 33.30
CA ILE D 127 3.93 0.51 33.50
C ILE D 127 5.06 0.31 34.49
N GLU D 128 4.85 -0.48 35.53
CA GLU D 128 5.95 -0.80 36.43
C GLU D 128 7.05 -1.53 35.67
N THR D 129 6.68 -2.38 34.71
CA THR D 129 7.72 -3.10 33.97
C THR D 129 8.44 -2.19 32.97
N SER D 130 7.74 -1.23 32.37
CA SER D 130 8.37 -0.28 31.46
C SER D 130 7.66 1.05 31.59
N ASN D 131 8.42 2.10 31.89
CA ASN D 131 7.80 3.36 32.25
C ASN D 131 7.39 4.15 31.01
N PHE D 132 6.31 4.92 31.14
CA PHE D 132 5.82 5.78 30.08
C PHE D 132 5.15 6.99 30.72
N PRO D 133 5.12 8.11 30.02
CA PRO D 133 4.31 9.24 30.50
C PRO D 133 2.89 9.19 29.97
N LYS D 134 2.65 8.37 28.95
CA LYS D 134 1.36 8.43 28.29
C LYS D 134 0.36 7.45 28.88
N LEU D 135 0.80 6.24 29.20
CA LEU D 135 -0.14 5.27 29.77
C LEU D 135 -0.77 5.81 31.04
N LEU D 136 0.00 6.57 31.85
CA LEU D 136 -0.53 7.16 33.07
C LEU D 136 -1.66 8.14 32.77
N ILE D 137 -1.46 9.04 31.80
CA ILE D 137 -2.56 9.91 31.38
C ILE D 137 -3.74 9.09 30.91
N ALA D 138 -3.47 7.98 30.21
CA ALA D 138 -4.55 7.08 29.82
C ALA D 138 -5.32 6.58 31.04
N LEU D 139 -4.66 6.39 32.17
CA LEU D 139 -5.45 6.02 33.34
C LEU D 139 -6.20 7.24 33.88
N LEU D 140 -5.55 8.40 33.85
CA LEU D 140 -6.12 9.57 34.51
C LEU D 140 -7.43 9.98 33.86
N ILE D 141 -7.51 9.85 32.54
CA ILE D 141 -8.75 10.18 31.84
C ILE D 141 -9.90 9.34 32.39
N TYR D 142 -9.69 8.03 32.47
CA TYR D 142 -10.74 7.14 32.95
C TYR D 142 -11.13 7.47 34.38
N TRP D 143 -10.16 7.75 35.24
CA TRP D 143 -10.51 8.08 36.62
C TRP D 143 -11.42 9.30 36.68
N THR D 144 -11.07 10.36 35.92
CA THR D 144 -11.91 11.56 35.94
C THR D 144 -13.33 11.27 35.47
N LEU D 145 -13.46 10.50 34.38
CA LEU D 145 -14.80 10.26 33.87
C LEU D 145 -15.62 9.40 34.82
N ALA D 146 -15.00 8.40 35.46
CA ALA D 146 -15.74 7.58 36.41
C ALA D 146 -16.18 8.41 37.62
N PHE D 147 -15.32 9.34 38.05
CA PHE D 147 -15.70 10.23 39.14
C PHE D 147 -16.92 11.07 38.76
N ILE D 148 -16.95 11.58 37.54
CA ILE D 148 -18.09 12.37 37.08
C ILE D 148 -19.37 11.55 37.13
N THR D 149 -19.33 10.34 36.58
CA THR D 149 -20.54 9.52 36.56
C THR D 149 -21.02 9.20 37.97
N LYS D 150 -20.09 8.87 38.87
CA LYS D 150 -20.49 8.56 40.25
C LYS D 150 -21.10 9.79 40.92
N THR D 151 -20.58 10.98 40.63
CA THR D 151 -21.14 12.20 41.20
C THR D 151 -22.58 12.39 40.73
N ILE D 152 -22.83 12.17 39.44
CA ILE D 152 -24.20 12.31 38.95
C ILE D 152 -25.12 11.33 39.65
N LYS D 153 -24.67 10.07 39.82
CA LYS D 153 -25.46 9.09 40.56
C LYS D 153 -25.80 9.59 41.96
N PHE D 154 -24.79 10.12 42.66
CA PHE D 154 -24.99 10.58 44.03
C PHE D 154 -26.01 11.70 44.11
N VAL D 155 -25.91 12.67 43.19
CA VAL D 155 -26.86 13.79 43.20
C VAL D 155 -28.28 13.28 42.99
N LYS D 156 -28.47 12.47 41.94
CA LYS D 156 -29.82 11.99 41.65
C LYS D 156 -30.36 11.13 42.77
N PHE D 157 -29.48 10.47 43.53
CA PHE D 157 -29.97 9.72 44.68
C PHE D 157 -30.36 10.65 45.82
N TYR D 158 -29.55 11.70 46.06
CA TYR D 158 -29.84 12.62 47.14
C TYR D 158 -31.19 13.30 46.92
N ASP D 159 -31.52 13.62 45.67
CA ASP D 159 -32.82 14.25 45.41
C ASP D 159 -33.98 13.35 45.82
N HIS D 160 -33.77 12.04 45.85
CA HIS D 160 -34.81 11.12 46.28
C HIS D 160 -34.62 10.71 47.73
N LEU D 167 -29.26 1.04 51.07
CA LEU D 167 -28.02 0.29 50.92
C LEU D 167 -27.17 0.88 49.79
N ARG D 168 -27.85 1.30 48.71
CA ARG D 168 -27.14 1.84 47.55
C ARG D 168 -26.26 3.03 47.94
N PHE D 169 -26.77 3.85 48.86
CA PHE D 169 -26.11 5.10 49.21
C PHE D 169 -24.68 4.87 49.71
N CYS D 170 -24.51 3.93 50.64
CA CYS D 170 -23.20 3.70 51.23
C CYS D 170 -22.21 3.17 50.21
N LEU D 171 -22.63 2.20 49.39
CA LEU D 171 -21.72 1.63 48.40
C LEU D 171 -21.28 2.70 47.39
N THR D 172 -22.23 3.49 46.89
CA THR D 172 -21.87 4.53 45.93
C THR D 172 -20.91 5.53 46.56
N GLY D 173 -21.14 5.91 47.82
CA GLY D 173 -20.22 6.83 48.48
C GLY D 173 -18.82 6.27 48.63
N LEU D 174 -18.72 5.00 49.03
CA LEU D 174 -17.40 4.39 49.18
C LEU D 174 -16.67 4.36 47.85
N LEU D 175 -17.37 4.02 46.77
CA LEU D 175 -16.73 4.04 45.45
C LEU D 175 -16.26 5.43 45.08
N VAL D 176 -17.07 6.45 45.41
CA VAL D 176 -16.67 7.83 45.11
C VAL D 176 -15.37 8.16 45.82
N ILE D 177 -15.29 7.83 47.12
CA ILE D 177 -14.10 8.17 47.89
C ILE D 177 -12.88 7.46 47.34
N LEU D 178 -13.02 6.17 47.00
CA LEU D 178 -11.88 5.42 46.49
C LEU D 178 -11.40 5.96 45.16
N TYR D 179 -12.32 6.24 44.24
CA TYR D 179 -11.91 6.80 42.95
C TYR D 179 -11.24 8.15 43.13
N GLY D 180 -11.74 8.97 44.06
CA GLY D 180 -11.10 10.25 44.30
C GLY D 180 -9.69 10.11 44.83
N MET D 181 -9.48 9.18 45.76
CA MET D 181 -8.14 8.98 46.29
C MET D 181 -7.19 8.46 45.21
N LEU D 182 -7.68 7.58 44.33
CA LEU D 182 -6.83 7.11 43.23
C LEU D 182 -6.51 8.26 42.27
N LEU D 183 -7.47 9.15 42.04
CA LEU D 183 -7.21 10.35 41.25
C LEU D 183 -6.10 11.19 41.86
N LEU D 184 -6.17 11.40 43.17
CA LEU D 184 -5.13 12.16 43.85
C LEU D 184 -3.78 11.48 43.73
N VAL D 185 -3.77 10.14 43.76
CA VAL D 185 -2.53 9.41 43.56
C VAL D 185 -1.96 9.69 42.17
N GLU D 186 -2.82 9.66 41.15
CA GLU D 186 -2.35 9.96 39.79
C GLU D 186 -1.83 11.38 39.68
N VAL D 187 -2.50 12.33 40.36
CA VAL D 187 -2.03 13.70 40.34
C VAL D 187 -0.66 13.80 41.02
N ASN D 188 -0.48 13.06 42.11
CA ASN D 188 0.83 13.01 42.74
C ASN D 188 1.89 12.48 41.78
N VAL D 189 1.54 11.45 41.02
CA VAL D 189 2.49 10.82 40.10
C VAL D 189 2.90 11.80 39.01
N ILE D 190 1.95 12.55 38.45
CA ILE D 190 2.35 13.55 37.44
C ILE D 190 3.13 14.68 38.10
N ARG D 191 2.79 15.02 39.35
CA ARG D 191 3.53 16.06 40.06
C ARG D 191 4.98 15.65 40.30
N VAL D 192 5.23 14.35 40.39
CA VAL D 192 6.57 13.87 40.75
C VAL D 192 7.53 14.03 39.59
N ARG D 193 7.21 13.32 38.50
CA ARG D 193 7.95 13.39 37.25
C ARG D 193 7.39 14.50 36.35
N ARG D 194 7.86 14.56 35.12
CA ARG D 194 7.46 15.63 34.20
C ARG D 194 6.58 15.27 32.98
N TYR D 195 5.61 14.38 33.13
CA TYR D 195 4.80 14.02 31.97
C TYR D 195 4.06 15.23 31.38
N ILE D 196 3.33 15.96 32.21
CA ILE D 196 2.63 17.18 31.75
C ILE D 196 3.49 18.44 31.96
N PHE D 197 4.56 18.29 32.72
CA PHE D 197 5.51 19.36 33.02
C PHE D 197 6.49 19.57 31.86
N PHE D 198 7.30 20.60 31.95
CA PHE D 198 8.25 20.88 30.88
C PHE D 198 9.18 19.67 30.70
N LYS D 199 9.41 19.35 29.43
CA LYS D 199 10.22 18.22 28.94
C LYS D 199 10.69 17.13 29.91
N THR D 200 11.83 17.37 30.54
CA THR D 200 12.45 16.39 31.43
C THR D 200 11.79 16.01 32.77
N PRO D 201 11.94 14.73 33.08
CA PRO D 201 11.52 14.09 34.34
C PRO D 201 12.49 14.25 35.49
N ARG D 202 13.79 14.22 35.21
CA ARG D 202 14.76 14.03 36.28
C ARG D 202 14.42 12.70 36.91
N GLU D 203 14.13 11.73 36.04
CA GLU D 203 13.66 10.41 36.43
C GLU D 203 14.72 9.67 37.25
N VAL D 204 14.25 8.78 38.11
CA VAL D 204 15.06 8.21 39.19
C VAL D 204 16.30 7.44 38.75
N LYS D 205 16.22 6.63 37.69
CA LYS D 205 17.37 5.81 37.37
C LYS D 205 17.24 4.48 38.11
N PRO D 206 16.45 3.56 37.58
CA PRO D 206 15.87 2.44 38.37
C PRO D 206 16.81 1.87 39.40
N PRO D 207 16.28 1.50 40.56
CA PRO D 207 17.12 1.21 41.74
C PRO D 207 18.10 0.07 41.48
N GLU D 208 19.39 0.36 41.66
CA GLU D 208 20.42 -0.64 41.48
C GLU D 208 20.61 -1.54 42.70
N ASP D 209 20.04 -1.16 43.85
CA ASP D 209 20.18 -1.99 45.04
C ASP D 209 19.67 -3.40 44.79
N LEU D 210 18.43 -3.51 44.30
CA LEU D 210 17.79 -4.81 44.09
C LEU D 210 17.73 -5.23 42.63
N GLN D 211 18.24 -4.38 41.72
CA GLN D 211 18.16 -4.70 40.30
C GLN D 211 19.51 -4.77 39.60
N ASP D 212 20.56 -4.18 40.15
CA ASP D 212 21.84 -4.36 39.50
C ASP D 212 22.30 -5.83 39.63
N LEU D 213 23.64 -5.99 39.64
CA LEU D 213 24.33 -7.27 39.41
C LEU D 213 23.75 -8.55 39.98
N GLY D 214 23.83 -9.63 39.23
CA GLY D 214 23.16 -10.85 39.64
C GLY D 214 22.87 -11.04 41.12
N VAL D 215 21.57 -11.11 41.38
CA VAL D 215 20.94 -11.32 42.69
C VAL D 215 19.64 -12.12 42.45
N ARG D 216 19.13 -12.85 43.44
CA ARG D 216 17.95 -13.61 43.08
C ARG D 216 16.83 -13.39 44.09
N PHE D 217 17.17 -13.25 45.36
CA PHE D 217 16.15 -12.99 46.39
C PHE D 217 15.73 -11.53 46.29
N LEU D 218 14.73 -11.26 45.46
CA LEU D 218 14.13 -9.94 45.30
C LEU D 218 12.80 -9.91 46.04
N GLN D 219 12.86 -9.73 47.35
CA GLN D 219 11.62 -9.51 48.07
C GLN D 219 11.20 -8.04 48.07
N PRO D 220 12.09 -7.09 48.40
CA PRO D 220 11.63 -5.69 48.48
C PRO D 220 11.32 -5.06 47.13
N PHE D 221 11.59 -5.73 46.01
CA PHE D 221 11.50 -5.09 44.70
C PHE D 221 10.49 -5.76 43.77
N VAL D 222 9.29 -6.04 44.26
CA VAL D 222 8.24 -6.68 43.45
C VAL D 222 6.90 -6.01 43.71
N ASN D 223 5.89 -6.42 42.94
CA ASN D 223 4.54 -5.86 43.02
C ASN D 223 3.90 -6.21 44.36
N LEU D 224 3.27 -5.21 44.98
CA LEU D 224 2.78 -5.37 46.34
C LEU D 224 1.78 -6.50 46.48
N LEU D 225 1.25 -7.01 45.37
CA LEU D 225 0.47 -8.25 45.43
C LEU D 225 1.39 -9.45 45.62
N SER D 226 2.49 -9.51 44.87
CA SER D 226 3.42 -10.62 45.03
C SER D 226 4.18 -10.53 46.35
N LYS D 227 4.41 -9.32 46.87
CA LYS D 227 4.94 -9.20 48.22
C LYS D 227 4.10 -9.94 49.24
N GLY D 228 2.83 -10.19 48.92
CA GLY D 228 1.94 -10.95 49.77
C GLY D 228 1.84 -12.41 49.38
N THR D 229 1.68 -12.70 48.09
CA THR D 229 1.43 -14.06 47.63
C THR D 229 2.69 -14.76 47.12
N TYR D 230 3.85 -14.12 47.21
CA TYR D 230 5.14 -14.75 46.91
C TYR D 230 5.17 -15.34 45.50
N TRP D 231 4.60 -14.60 44.54
CA TRP D 231 4.52 -15.12 43.17
C TRP D 231 5.89 -15.20 42.52
N TRP D 232 6.84 -14.36 42.95
CA TRP D 232 8.18 -14.38 42.37
C TRP D 232 8.91 -15.69 42.63
N MET D 233 8.43 -16.53 43.54
CA MET D 233 9.07 -17.80 43.81
C MET D 233 8.71 -18.89 42.81
N ASN D 234 7.74 -18.65 41.94
CA ASN D 234 7.37 -19.66 40.95
C ASN D 234 8.56 -19.99 40.06
N ALA D 235 9.24 -18.97 39.55
CA ALA D 235 10.39 -19.21 38.68
C ALA D 235 11.49 -19.95 39.42
N PHE D 236 11.84 -19.48 40.61
CA PHE D 236 12.89 -20.14 41.39
C PHE D 236 12.57 -21.61 41.62
N ILE D 237 11.36 -21.90 42.08
CA ILE D 237 11.03 -23.28 42.43
C ILE D 237 10.96 -24.17 41.19
N LYS D 238 10.48 -23.62 40.06
CA LYS D 238 10.44 -24.41 38.84
C LYS D 238 11.85 -24.72 38.34
N THR D 239 12.74 -23.73 38.35
CA THR D 239 14.13 -24.00 37.97
C THR D 239 14.78 -24.96 38.95
N ALA D 240 14.42 -24.86 40.23
CA ALA D 240 15.00 -25.71 41.26
C ALA D 240 14.61 -27.16 41.06
N HIS D 241 13.41 -27.42 40.54
CA HIS D 241 12.99 -28.80 40.29
C HIS D 241 13.99 -29.53 39.41
N LYS D 242 14.52 -28.86 38.39
CA LYS D 242 15.41 -29.50 37.41
C LYS D 242 16.86 -29.49 37.87
N LYS D 243 17.42 -28.30 38.10
CA LYS D 243 18.85 -28.14 38.38
C LYS D 243 19.07 -28.02 39.88
N PRO D 244 20.05 -28.74 40.45
CA PRO D 244 20.25 -28.68 41.90
C PRO D 244 20.75 -27.31 42.34
N ILE D 245 20.11 -26.77 43.38
CA ILE D 245 20.44 -25.44 43.87
C ILE D 245 21.80 -25.45 44.54
N ASP D 246 22.51 -24.32 44.45
CA ASP D 246 23.75 -24.15 45.16
C ASP D 246 23.98 -22.65 45.35
N LEU D 247 25.09 -22.30 46.01
CA LEU D 247 25.39 -20.90 46.28
C LEU D 247 25.69 -20.13 45.00
N ARG D 248 26.14 -20.82 43.95
CA ARG D 248 26.27 -20.16 42.65
C ARG D 248 24.92 -19.99 41.98
N ALA D 249 23.99 -20.91 42.22
CA ALA D 249 22.63 -20.79 41.71
C ALA D 249 21.74 -19.94 42.61
N ILE D 250 22.23 -19.56 43.79
CA ILE D 250 21.48 -18.75 44.72
C ILE D 250 21.87 -17.29 44.51
N GLY D 251 21.05 -16.38 45.01
CA GLY D 251 21.30 -14.96 44.87
C GLY D 251 22.29 -14.44 45.88
N LYS D 252 22.29 -13.12 46.04
CA LYS D 252 23.06 -12.45 47.07
C LYS D 252 22.15 -11.45 47.77
N LEU D 253 22.35 -11.27 49.07
CA LEU D 253 21.38 -10.52 49.85
C LEU D 253 21.34 -9.06 49.42
N PRO D 254 20.16 -8.44 49.40
CA PRO D 254 20.06 -7.02 49.03
C PRO D 254 20.78 -6.13 50.03
N ILE D 255 21.00 -4.88 49.60
CA ILE D 255 21.59 -3.89 50.49
C ILE D 255 20.67 -3.59 51.67
N ALA D 256 19.39 -3.95 51.58
CA ALA D 256 18.46 -3.70 52.67
C ALA D 256 18.69 -4.61 53.86
N MET D 257 19.44 -5.70 53.69
CA MET D 257 19.64 -6.65 54.78
C MET D 257 20.99 -7.34 54.56
N ARG D 258 21.99 -6.88 55.30
CA ARG D 258 23.32 -7.48 55.28
C ARG D 258 23.82 -7.54 56.71
N ALA D 259 25.09 -7.92 56.87
CA ALA D 259 25.75 -7.72 58.15
C ALA D 259 25.99 -6.23 58.39
N LEU D 260 26.43 -5.52 57.35
CA LEU D 260 26.79 -4.11 57.50
C LEU D 260 25.57 -3.25 57.81
N THR D 261 24.46 -3.47 57.12
CA THR D 261 23.29 -2.62 57.31
C THR D 261 22.72 -2.76 58.72
N ASN D 262 22.45 -3.99 59.14
CA ASN D 262 21.90 -4.23 60.46
C ASN D 262 22.88 -3.84 61.54
N TYR D 263 24.17 -4.12 61.34
CA TYR D 263 25.18 -3.67 62.29
C TYR D 263 25.20 -2.15 62.40
N GLN D 264 25.02 -1.46 61.28
CA GLN D 264 25.02 0.00 61.28
C GLN D 264 23.85 0.54 62.07
N ARG D 265 22.64 0.03 61.80
CA ARG D 265 21.47 0.50 62.53
C ARG D 265 21.59 0.19 64.02
N LEU D 266 22.04 -1.02 64.36
CA LEU D 266 22.16 -1.38 65.77
C LEU D 266 23.21 -0.55 66.48
N CYS D 267 24.35 -0.29 65.83
CA CYS D 267 25.38 0.51 66.49
C CYS D 267 24.97 1.97 66.59
N VAL D 268 24.18 2.46 65.63
CA VAL D 268 23.66 3.83 65.75
C VAL D 268 22.73 3.93 66.95
N ALA D 269 21.83 2.96 67.12
CA ALA D 269 20.93 2.98 68.27
C ALA D 269 21.71 2.83 69.58
N PHE D 270 22.68 1.91 69.62
CA PHE D 270 23.49 1.73 70.80
C PHE D 270 24.28 2.99 71.14
N ASP D 271 24.75 3.70 70.11
CA ASP D 271 25.49 4.95 70.32
C ASP D 271 24.57 6.03 70.88
N ALA D 272 23.39 6.21 70.27
CA ALA D 272 22.47 7.22 70.74
C ALA D 272 21.96 6.93 72.15
N GLN D 273 21.96 5.66 72.55
CA GLN D 273 21.54 5.30 73.91
C GLN D 273 22.67 5.38 74.92
N ALA D 274 23.91 5.07 74.52
CA ALA D 274 25.04 5.11 75.44
C ALA D 274 25.62 6.50 75.61
N ARG D 275 25.40 7.40 74.65
CA ARG D 275 25.82 8.78 74.82
C ARG D 275 24.99 9.49 75.88
N LYS D 276 23.83 8.94 76.24
CA LYS D 276 22.97 9.51 77.27
C LYS D 276 23.16 8.84 78.62
N ASP D 277 24.18 7.99 78.77
CA ASP D 277 24.47 7.35 80.06
C ASP D 277 24.95 8.37 81.08
N GLY D 283 24.77 -2.08 79.92
CA GLY D 283 23.57 -2.39 80.69
C GLY D 283 22.59 -3.25 79.92
N ALA D 284 21.78 -4.02 80.67
CA ALA D 284 20.82 -4.91 80.03
C ALA D 284 19.64 -4.15 79.44
N ARG D 285 18.99 -3.31 80.26
CA ARG D 285 17.87 -2.51 79.77
C ARG D 285 18.31 -1.59 78.64
N ALA D 286 19.55 -1.08 78.69
CA ALA D 286 20.03 -0.21 77.64
C ALA D 286 20.13 -0.94 76.30
N ILE D 287 20.77 -2.10 76.29
CA ILE D 287 20.88 -2.90 75.06
C ILE D 287 19.50 -3.30 74.58
N TRP D 288 18.59 -3.62 75.50
CA TRP D 288 17.24 -3.98 75.11
C TRP D 288 16.57 -2.84 74.36
N ARG D 289 16.47 -1.67 75.00
CA ARG D 289 15.86 -0.50 74.35
C ARG D 289 16.57 -0.14 73.06
N ALA D 290 17.88 -0.37 73.00
CA ALA D 290 18.62 -0.10 71.77
C ALA D 290 18.12 -0.98 70.64
N LEU D 291 18.02 -2.30 70.89
CA LEU D 291 17.47 -3.22 69.90
C LEU D 291 16.05 -2.81 69.51
N CYS D 292 15.24 -2.42 70.50
CA CYS D 292 13.86 -2.04 70.25
C CYS D 292 13.78 -0.85 69.29
N HIS D 293 14.46 0.24 69.64
CA HIS D 293 14.45 1.44 68.80
C HIS D 293 15.15 1.20 67.47
N ALA D 294 16.04 0.21 67.39
CA ALA D 294 16.76 -0.04 66.14
C ALA D 294 15.91 -0.83 65.16
N PHE D 295 15.09 -1.77 65.65
CA PHE D 295 14.30 -2.60 64.75
C PHE D 295 12.86 -2.12 64.59
N GLY D 296 12.39 -1.23 65.47
CA GLY D 296 11.30 -0.33 65.16
C GLY D 296 10.12 -0.80 64.34
N ARG D 297 9.94 -0.16 63.18
CA ARG D 297 8.65 -0.15 62.51
C ARG D 297 8.26 -1.54 62.00
N ARG D 298 9.24 -2.34 61.56
CA ARG D 298 8.92 -3.63 60.94
C ARG D 298 8.19 -4.54 61.92
N LEU D 299 8.64 -4.58 63.17
CA LEU D 299 8.06 -5.49 64.15
C LEU D 299 6.61 -5.11 64.45
N ILE D 300 6.34 -3.83 64.66
CA ILE D 300 4.98 -3.40 64.96
C ILE D 300 4.08 -3.56 63.74
N LEU D 301 4.63 -3.38 62.54
CA LEU D 301 3.87 -3.63 61.32
C LEU D 301 3.43 -5.08 61.24
N SER D 302 4.36 -6.00 61.50
CA SER D 302 4.01 -7.42 61.55
C SER D 302 2.95 -7.67 62.61
N SER D 303 3.10 -7.07 63.78
CA SER D 303 2.15 -7.30 64.87
C SER D 303 0.74 -6.83 64.50
N THR D 304 0.64 -5.71 63.80
CA THR D 304 -0.70 -5.21 63.47
C THR D 304 -1.33 -5.99 62.32
N PHE D 305 -0.53 -6.39 61.33
CA PHE D 305 -1.00 -7.40 60.37
C PHE D 305 -1.60 -8.58 61.12
N ARG D 306 -0.88 -9.06 62.13
CA ARG D 306 -1.27 -10.26 62.87
C ARG D 306 -2.59 -10.05 63.61
N ILE D 307 -2.77 -8.89 64.26
CA ILE D 307 -3.99 -8.69 65.03
C ILE D 307 -5.19 -8.54 64.09
N LEU D 308 -5.02 -7.88 62.94
CA LEU D 308 -6.13 -7.78 62.01
C LEU D 308 -6.52 -9.16 61.48
N ALA D 309 -5.53 -9.99 61.18
CA ALA D 309 -5.83 -11.36 60.75
C ALA D 309 -6.57 -12.12 61.85
N ASP D 310 -6.16 -11.95 63.10
CA ASP D 310 -6.84 -12.62 64.21
C ASP D 310 -8.30 -12.19 64.30
N LEU D 311 -8.57 -10.90 64.11
CA LEU D 311 -9.94 -10.40 64.13
C LEU D 311 -10.78 -11.07 63.05
N LEU D 312 -10.29 -11.08 61.81
CA LEU D 312 -11.06 -11.69 60.73
C LEU D 312 -11.26 -13.19 60.95
N GLY D 313 -10.27 -13.86 61.55
CA GLY D 313 -10.42 -15.27 61.85
C GLY D 313 -11.49 -15.53 62.89
N PHE D 314 -11.55 -14.69 63.92
CA PHE D 314 -12.68 -14.76 64.85
C PHE D 314 -13.99 -14.41 64.16
N ALA D 315 -13.94 -13.66 63.06
CA ALA D 315 -15.16 -13.24 62.38
C ALA D 315 -15.77 -14.35 61.52
N GLY D 316 -14.96 -15.20 60.90
CA GLY D 316 -15.47 -16.23 60.01
C GLY D 316 -16.64 -17.06 60.52
N PRO D 317 -16.46 -17.72 61.67
CA PRO D 317 -17.54 -18.57 62.21
C PRO D 317 -18.87 -17.85 62.43
N LEU D 318 -18.85 -16.53 62.66
CA LEU D 318 -20.13 -15.83 62.87
C LEU D 318 -20.94 -15.77 61.59
N CYS D 319 -20.29 -15.56 60.45
CA CYS D 319 -21.02 -15.59 59.19
C CYS D 319 -21.44 -17.02 58.84
N ILE D 320 -20.65 -18.01 59.26
CA ILE D 320 -21.15 -19.39 59.19
C ILE D 320 -22.47 -19.51 59.94
N PHE D 321 -22.49 -19.01 61.18
CA PHE D 321 -23.68 -19.05 62.02
C PHE D 321 -24.86 -18.36 61.34
N GLY D 322 -24.61 -17.19 60.76
CA GLY D 322 -25.67 -16.47 60.06
C GLY D 322 -26.25 -17.26 58.90
N ILE D 323 -25.38 -17.88 58.10
CA ILE D 323 -25.86 -18.72 57.00
C ILE D 323 -26.72 -19.84 57.54
N VAL D 324 -26.24 -20.54 58.58
CA VAL D 324 -26.99 -21.67 59.11
C VAL D 324 -28.36 -21.22 59.61
N ASP D 325 -28.42 -20.02 60.20
CA ASP D 325 -29.71 -19.50 60.65
C ASP D 325 -30.64 -19.23 59.49
N HIS D 326 -30.12 -18.55 58.45
CA HIS D 326 -30.98 -18.11 57.35
C HIS D 326 -31.66 -19.27 56.65
N LEU D 327 -30.94 -20.37 56.42
CA LEU D 327 -31.53 -21.48 55.68
C LEU D 327 -32.57 -22.23 56.50
N GLY D 328 -32.36 -22.33 57.82
CA GLY D 328 -33.32 -23.02 58.66
C GLY D 328 -34.66 -22.30 58.76
N LYS D 329 -34.68 -21.00 58.51
CA LYS D 329 -35.90 -20.22 58.64
C LYS D 329 -36.31 -19.62 57.30
N ASN D 354 -30.11 -14.05 51.30
CA ASN D 354 -29.18 -13.32 52.15
C ASN D 354 -28.04 -14.23 52.58
N ALA D 355 -27.90 -15.36 51.88
CA ALA D 355 -26.90 -16.35 52.24
C ALA D 355 -25.77 -16.50 51.22
N TYR D 356 -26.06 -16.35 49.92
CA TYR D 356 -24.98 -16.35 48.94
C TYR D 356 -23.99 -15.22 49.22
N VAL D 357 -24.51 -14.06 49.62
CA VAL D 357 -23.65 -12.93 49.98
C VAL D 357 -22.74 -13.31 51.13
N LEU D 358 -23.30 -13.96 52.15
CA LEU D 358 -22.49 -14.40 53.28
C LEU D 358 -21.45 -15.42 52.86
N ALA D 359 -21.78 -16.28 51.89
CA ALA D 359 -20.81 -17.28 51.43
C ALA D 359 -19.63 -16.62 50.73
N VAL D 360 -19.90 -15.70 49.80
CA VAL D 360 -18.80 -15.05 49.12
C VAL D 360 -18.00 -14.17 50.08
N LEU D 361 -18.68 -13.55 51.06
CA LEU D 361 -17.97 -12.79 52.07
C LEU D 361 -17.06 -13.69 52.89
N LEU D 362 -17.53 -14.90 53.21
CA LEU D 362 -16.71 -15.86 53.93
C LEU D 362 -15.47 -16.23 53.12
N PHE D 363 -15.66 -16.46 51.82
CA PHE D 363 -14.53 -16.74 50.94
C PHE D 363 -13.50 -15.61 50.99
N LEU D 364 -13.97 -14.37 50.78
CA LEU D 364 -13.07 -13.21 50.79
C LEU D 364 -12.36 -13.06 52.12
N ALA D 365 -13.11 -13.20 53.23
CA ALA D 365 -12.53 -13.00 54.55
C ALA D 365 -11.50 -14.08 54.87
N LEU D 366 -11.77 -15.33 54.47
CA LEU D 366 -10.78 -16.39 54.66
C LEU D 366 -9.49 -16.06 53.93
N LEU D 367 -9.59 -15.75 52.63
CA LEU D 367 -8.37 -15.51 51.87
C LEU D 367 -7.59 -14.32 52.42
N LEU D 368 -8.30 -13.25 52.78
CA LEU D 368 -7.62 -12.05 53.27
C LEU D 368 -6.98 -12.28 54.63
N GLN D 369 -7.70 -12.92 55.55
CA GLN D 369 -7.17 -13.23 56.87
C GLN D 369 -5.90 -14.05 56.76
N ARG D 370 -5.94 -15.12 55.96
CA ARG D 370 -4.77 -15.99 55.88
C ARG D 370 -3.61 -15.29 55.18
N THR D 371 -3.89 -14.47 54.17
CA THR D 371 -2.83 -13.71 53.52
C THR D 371 -2.13 -12.77 54.50
N PHE D 372 -2.93 -12.07 55.32
CA PHE D 372 -2.36 -11.16 56.30
C PHE D 372 -1.56 -11.91 57.36
N LEU D 373 -2.07 -13.07 57.80
CA LEU D 373 -1.33 -13.90 58.74
C LEU D 373 0.04 -14.26 58.18
N GLN D 374 0.09 -14.66 56.91
CA GLN D 374 1.35 -15.11 56.32
C GLN D 374 2.32 -13.96 56.15
N ALA D 375 1.83 -12.81 55.66
CA ALA D 375 2.69 -11.64 55.58
C ALA D 375 3.25 -11.27 56.95
N SER D 376 2.43 -11.41 58.00
CA SER D 376 2.91 -11.15 59.36
C SER D 376 4.05 -12.08 59.72
N TYR D 377 3.85 -13.38 59.53
CA TYR D 377 4.91 -14.35 59.81
C TYR D 377 6.20 -13.94 59.11
N TYR D 378 6.12 -13.64 57.81
CA TYR D 378 7.33 -13.39 57.05
C TYR D 378 8.05 -12.13 57.54
N VAL D 379 7.29 -11.06 57.78
CA VAL D 379 7.94 -9.82 58.22
C VAL D 379 8.62 -10.03 59.56
N ALA D 380 7.97 -10.78 60.47
CA ALA D 380 8.62 -11.08 61.75
C ALA D 380 9.89 -11.90 61.56
N ILE D 381 9.84 -12.92 60.70
CA ILE D 381 11.01 -13.76 60.48
C ILE D 381 12.16 -12.95 59.93
N GLU D 382 11.86 -12.01 59.03
CA GLU D 382 12.93 -11.23 58.43
C GLU D 382 13.54 -10.27 59.43
N THR D 383 12.71 -9.64 60.26
CA THR D 383 13.25 -8.82 61.34
C THR D 383 14.15 -9.64 62.26
N GLY D 384 13.74 -10.88 62.56
CA GLY D 384 14.57 -11.73 63.40
C GLY D 384 15.89 -12.08 62.76
N ILE D 385 15.89 -12.37 61.45
CA ILE D 385 17.13 -12.71 60.78
C ILE D 385 18.07 -11.50 60.75
N ASN D 386 17.51 -10.31 60.49
CA ASN D 386 18.29 -9.09 60.61
C ASN D 386 18.94 -9.01 61.98
N LEU D 387 18.15 -9.20 63.04
CA LEU D 387 18.67 -9.06 64.39
C LEU D 387 19.78 -10.07 64.67
N ARG D 388 19.62 -11.31 64.18
CA ARG D 388 20.65 -12.31 64.40
C ARG D 388 21.95 -11.89 63.74
N GLY D 389 21.88 -11.53 62.45
CA GLY D 389 23.09 -11.06 61.78
C GLY D 389 23.75 -9.89 62.49
N ALA D 390 22.93 -8.94 62.94
CA ALA D 390 23.44 -7.74 63.58
C ALA D 390 24.17 -8.07 64.88
N ILE D 391 23.51 -8.76 65.80
CA ILE D 391 24.14 -9.02 67.09
C ILE D 391 25.29 -9.99 66.94
N GLN D 392 25.27 -10.85 65.91
CA GLN D 392 26.40 -11.75 65.68
C GLN D 392 27.63 -10.97 65.26
N THR D 393 27.51 -10.12 64.25
CA THR D 393 28.67 -9.34 63.86
C THR D 393 29.09 -8.37 64.96
N LYS D 394 28.16 -7.94 65.81
CA LYS D 394 28.51 -7.05 66.91
C LYS D 394 29.36 -7.78 67.95
N ILE D 395 28.91 -8.96 68.38
CA ILE D 395 29.71 -9.70 69.36
C ILE D 395 31.00 -10.22 68.74
N TYR D 396 31.08 -10.31 67.41
CA TYR D 396 32.38 -10.60 66.81
C TYR D 396 33.28 -9.37 66.82
N ASN D 397 32.71 -8.18 66.63
CA ASN D 397 33.48 -6.96 66.75
C ASN D 397 34.03 -6.80 68.17
N LYS D 398 33.23 -7.22 69.16
CA LYS D 398 33.69 -7.19 70.54
C LYS D 398 34.79 -8.21 70.80
N ILE D 399 34.79 -9.31 70.04
CA ILE D 399 35.81 -10.35 70.23
C ILE D 399 37.19 -9.85 69.89
N MET D 400 37.29 -8.73 69.17
CA MET D 400 38.59 -8.21 68.78
C MET D 400 39.26 -7.40 69.89
N HIS D 401 38.47 -6.71 70.71
CA HIS D 401 39.00 -5.79 71.70
C HIS D 401 39.13 -6.39 73.09
N LEU D 402 38.75 -7.65 73.27
CA LEU D 402 38.77 -8.23 74.60
C LEU D 402 40.19 -8.58 75.02
N SER D 403 40.36 -8.76 76.33
CA SER D 403 41.67 -9.01 76.91
C SER D 403 41.92 -10.50 77.04
N THR D 404 43.20 -10.87 77.14
CA THR D 404 43.59 -12.27 77.14
C THR D 404 43.32 -12.97 78.47
N SER D 405 43.23 -12.22 79.57
CA SER D 405 43.00 -12.83 80.88
C SER D 405 41.61 -13.43 81.00
N ASN D 406 40.65 -12.97 80.21
CA ASN D 406 39.28 -13.45 80.30
C ASN D 406 39.04 -14.61 79.34
N GLU D 411 39.62 -21.07 77.63
CA GLU D 411 39.06 -22.41 77.55
C GLU D 411 37.57 -22.41 77.87
N MET D 412 37.24 -22.10 79.12
CA MET D 412 35.83 -22.02 79.50
C MET D 412 35.15 -20.81 78.87
N THR D 413 35.86 -19.69 78.78
CA THR D 413 35.30 -18.51 78.13
C THR D 413 35.11 -18.73 76.64
N ALA D 414 35.96 -19.54 76.01
CA ALA D 414 35.78 -19.83 74.59
C ALA D 414 34.54 -20.68 74.36
N GLY D 415 34.35 -21.73 75.17
CA GLY D 415 33.13 -22.52 75.07
C GLY D 415 31.89 -21.70 75.37
N GLN D 416 31.97 -20.80 76.35
CA GLN D 416 30.86 -19.91 76.65
C GLN D 416 30.59 -18.95 75.50
N ILE D 417 31.63 -18.51 74.81
CA ILE D 417 31.45 -17.62 73.65
C ILE D 417 30.74 -18.37 72.53
N CYS D 418 31.20 -19.58 72.22
CA CYS D 418 30.61 -20.32 71.11
C CYS D 418 29.23 -20.87 71.44
N ASN D 419 28.91 -21.06 72.72
CA ASN D 419 27.51 -21.29 73.08
C ASN D 419 26.71 -20.00 73.00
N LEU D 420 27.37 -18.86 73.26
CA LEU D 420 26.70 -17.57 73.14
C LEU D 420 26.32 -17.27 71.69
N VAL D 421 26.88 -18.00 70.74
CA VAL D 421 26.51 -17.85 69.34
C VAL D 421 25.65 -19.01 68.84
N ALA D 422 25.76 -20.20 69.44
CA ALA D 422 25.07 -21.37 68.94
C ALA D 422 23.70 -21.58 69.57
N ILE D 423 23.51 -21.20 70.83
CA ILE D 423 22.23 -21.37 71.51
C ILE D 423 21.63 -20.03 71.96
N ASP D 424 22.45 -19.12 72.49
CA ASP D 424 21.91 -17.85 72.98
C ASP D 424 21.37 -17.00 71.83
N THR D 425 22.12 -16.89 70.73
CA THR D 425 21.67 -16.09 69.60
C THR D 425 20.44 -16.72 68.94
N ASN D 426 20.42 -18.04 68.83
CA ASN D 426 19.23 -18.70 68.28
C ASN D 426 18.02 -18.48 69.17
N GLN D 427 18.22 -18.50 70.50
CA GLN D 427 17.13 -18.19 71.41
C GLN D 427 16.62 -16.77 71.19
N LEU D 428 17.54 -15.81 71.11
CA LEU D 428 17.15 -14.43 70.85
C LEU D 428 16.34 -14.32 69.57
N MET D 429 16.82 -14.94 68.49
CA MET D 429 16.16 -14.80 67.19
C MET D 429 14.81 -15.49 67.16
N TRP D 430 14.69 -16.66 67.79
CA TRP D 430 13.39 -17.33 67.82
C TRP D 430 12.40 -16.60 68.72
N PHE D 431 12.89 -15.98 69.78
CA PHE D 431 12.03 -15.11 70.57
C PHE D 431 11.57 -13.92 69.75
N PHE D 432 12.42 -13.39 68.88
CA PHE D 432 11.98 -12.30 68.03
C PHE D 432 11.00 -12.79 66.97
N PHE D 433 11.11 -14.05 66.56
CA PHE D 433 10.05 -14.67 65.76
C PHE D 433 8.72 -14.59 66.51
N LEU D 434 8.71 -15.05 67.75
CA LEU D 434 7.47 -15.19 68.51
C LEU D 434 7.00 -13.91 69.19
N CYS D 435 7.75 -12.82 69.08
CA CYS D 435 7.34 -11.55 69.69
C CYS D 435 5.94 -11.11 69.30
N PRO D 436 5.55 -11.00 68.02
CA PRO D 436 4.20 -10.53 67.70
C PRO D 436 3.10 -11.46 68.16
N ASN D 437 3.40 -12.77 68.23
CA ASN D 437 2.42 -13.71 68.77
C ASN D 437 2.08 -13.39 70.22
N LEU D 438 3.05 -12.92 71.00
CA LEU D 438 2.80 -12.58 72.39
C LEU D 438 1.87 -11.38 72.53
N TRP D 439 1.88 -10.47 71.55
CA TRP D 439 0.93 -9.36 71.57
C TRP D 439 -0.43 -9.77 71.03
N ALA D 440 -0.47 -10.68 70.06
CA ALA D 440 -1.73 -11.04 69.41
C ALA D 440 -2.49 -12.15 70.12
N MET D 441 -1.87 -12.89 71.05
CA MET D 441 -2.58 -13.95 71.74
C MET D 441 -3.67 -13.44 72.67
N PRO D 442 -3.41 -12.44 73.54
CA PRO D 442 -4.47 -12.03 74.48
C PRO D 442 -5.73 -11.52 73.80
N VAL D 443 -5.58 -10.69 72.76
CA VAL D 443 -6.75 -10.19 72.06
C VAL D 443 -7.52 -11.35 71.42
N GLN D 444 -6.81 -12.38 70.97
CA GLN D 444 -7.46 -13.54 70.36
C GLN D 444 -8.31 -14.27 71.39
N ILE D 445 -7.75 -14.58 72.56
CA ILE D 445 -8.54 -15.31 73.56
C ILE D 445 -9.68 -14.46 74.09
N ILE D 446 -9.48 -13.14 74.20
CA ILE D 446 -10.54 -12.26 74.71
C ILE D 446 -11.70 -12.21 73.72
N VAL D 447 -11.41 -11.96 72.44
CA VAL D 447 -12.47 -11.96 71.43
C VAL D 447 -13.16 -13.31 71.36
N GLY D 448 -12.40 -14.41 71.49
CA GLY D 448 -13.00 -15.73 71.48
C GLY D 448 -14.01 -15.91 72.61
N VAL D 449 -13.60 -15.57 73.84
CA VAL D 449 -14.49 -15.80 74.97
C VAL D 449 -15.73 -14.90 74.90
N ILE D 450 -15.54 -13.63 74.51
CA ILE D 450 -16.70 -12.74 74.46
C ILE D 450 -17.65 -13.16 73.34
N LEU D 451 -17.11 -13.67 72.23
CA LEU D 451 -17.97 -14.10 71.13
C LEU D 451 -18.74 -15.36 71.50
N LEU D 452 -18.07 -16.34 72.11
CA LEU D 452 -18.77 -17.56 72.47
C LEU D 452 -19.80 -17.32 73.58
N TYR D 453 -19.55 -16.34 74.45
CA TYR D 453 -20.56 -16.02 75.48
C TYR D 453 -21.87 -15.56 74.85
N TYR D 454 -21.80 -14.71 73.83
CA TYR D 454 -23.02 -14.17 73.23
C TYR D 454 -23.74 -15.18 72.34
N ILE D 455 -23.13 -16.33 72.08
CA ILE D 455 -23.76 -17.36 71.26
C ILE D 455 -24.37 -18.46 72.12
N LEU D 456 -23.73 -18.80 73.23
CA LEU D 456 -24.21 -19.88 74.09
C LEU D 456 -24.66 -19.41 75.47
N GLY D 457 -24.50 -18.12 75.80
CA GLY D 457 -24.95 -17.64 77.10
C GLY D 457 -24.02 -18.04 78.23
N VAL D 458 -24.60 -18.10 79.43
CA VAL D 458 -23.82 -18.36 80.65
C VAL D 458 -23.06 -19.67 80.53
N SER D 459 -23.69 -20.72 79.98
CA SER D 459 -23.02 -22.01 79.80
C SER D 459 -21.71 -21.86 79.06
N ALA D 460 -21.68 -20.99 78.04
CA ALA D 460 -20.46 -20.74 77.29
C ALA D 460 -19.29 -20.45 78.22
N LEU D 461 -19.50 -19.56 79.19
CA LEU D 461 -18.47 -19.22 80.17
C LEU D 461 -17.82 -20.47 80.73
N ILE D 462 -18.64 -21.42 81.20
CA ILE D 462 -18.10 -22.65 81.78
C ILE D 462 -17.16 -23.32 80.78
N GLY D 463 -17.63 -23.54 79.56
CA GLY D 463 -16.77 -24.10 78.53
C GLY D 463 -15.53 -23.26 78.31
N ALA D 464 -15.70 -21.94 78.26
CA ALA D 464 -14.57 -21.03 78.05
C ALA D 464 -13.52 -21.19 79.13
N ALA D 465 -13.88 -21.70 80.31
CA ALA D 465 -12.88 -21.97 81.33
C ALA D 465 -12.05 -23.19 80.97
N VAL D 466 -12.72 -24.29 80.61
CA VAL D 466 -12.04 -25.59 80.46
C VAL D 466 -10.89 -25.47 79.46
N ILE D 467 -11.19 -24.99 78.25
CA ILE D 467 -10.16 -24.84 77.23
C ILE D 467 -9.01 -23.99 77.76
N ILE D 468 -9.34 -22.85 78.40
CA ILE D 468 -8.29 -21.98 78.90
C ILE D 468 -7.43 -22.72 79.92
N LEU D 469 -8.06 -23.58 80.73
CA LEU D 469 -7.33 -24.33 81.75
C LEU D 469 -6.27 -25.25 81.15
N LEU D 470 -6.38 -25.57 79.85
CA LEU D 470 -5.36 -26.41 79.24
C LEU D 470 -4.05 -25.65 79.02
N ALA D 471 -4.12 -24.31 78.91
CA ALA D 471 -2.92 -23.56 78.56
C ALA D 471 -1.88 -23.57 79.67
N PRO D 472 -2.21 -23.27 80.94
CA PRO D 472 -1.17 -23.39 81.98
C PRO D 472 -0.70 -24.82 82.17
N VAL D 473 -1.62 -25.79 82.21
CA VAL D 473 -1.24 -27.19 82.39
C VAL D 473 -0.20 -27.59 81.35
N GLN D 474 -0.47 -27.29 80.08
CA GLN D 474 0.50 -27.54 79.01
C GLN D 474 1.89 -27.07 79.42
N TYR D 475 2.00 -25.81 79.84
CA TYR D 475 3.29 -25.27 80.26
C TYR D 475 3.95 -26.19 81.28
N PHE D 476 3.22 -26.54 82.34
CA PHE D 476 3.75 -27.45 83.34
C PHE D 476 4.30 -28.70 82.69
N VAL D 477 3.50 -29.36 81.84
CA VAL D 477 3.95 -30.55 81.15
C VAL D 477 5.27 -30.29 80.45
N ALA D 478 5.33 -29.20 79.68
CA ALA D 478 6.54 -28.86 78.95
C ALA D 478 7.75 -28.84 79.89
N THR D 479 7.61 -28.15 81.03
CA THR D 479 8.73 -28.06 81.97
C THR D 479 9.23 -29.44 82.35
N LYS D 480 8.31 -30.35 82.69
CA LYS D 480 8.71 -31.70 83.05
C LYS D 480 9.56 -32.31 81.94
N LEU D 481 9.09 -32.23 80.70
CA LEU D 481 9.86 -32.68 79.55
C LEU D 481 11.30 -32.20 79.65
N SER D 482 11.48 -30.88 79.77
CA SER D 482 12.81 -30.30 79.83
C SER D 482 13.65 -31.00 80.88
N GLN D 483 13.13 -31.11 82.10
CA GLN D 483 13.86 -31.78 83.17
C GLN D 483 14.31 -33.16 82.70
N ALA D 484 13.35 -33.97 82.25
CA ALA D 484 13.68 -35.31 81.75
C ALA D 484 14.81 -35.23 80.73
N GLN D 485 14.63 -34.35 79.73
CA GLN D 485 15.64 -34.19 78.70
C GLN D 485 17.03 -34.08 79.29
N ARG D 486 17.21 -33.14 80.24
CA ARG D 486 18.50 -32.94 80.86
C ARG D 486 19.08 -34.27 81.32
N SER D 487 18.34 -34.97 82.19
CA SER D 487 18.83 -36.24 82.72
C SER D 487 19.27 -37.15 81.58
N THR D 488 18.38 -37.36 80.61
CA THR D 488 18.69 -38.27 79.50
C THR D 488 20.00 -37.86 78.84
N LEU D 489 20.14 -36.57 78.53
CA LEU D 489 21.34 -36.11 77.83
C LEU D 489 22.58 -36.58 78.57
N GLU D 490 22.60 -36.40 79.89
CA GLU D 490 23.74 -36.82 80.68
C GLU D 490 24.14 -38.25 80.34
N HIS D 491 23.20 -39.19 80.53
CA HIS D 491 23.49 -40.59 80.24
C HIS D 491 24.04 -40.74 78.83
N SER D 492 23.36 -40.13 77.86
CA SER D 492 23.78 -40.26 76.47
C SER D 492 25.25 -39.91 76.32
N ASN D 493 25.66 -38.77 76.89
CA ASN D 493 27.04 -38.33 76.74
C ASN D 493 27.99 -39.43 77.22
N GLU D 494 27.72 -39.97 78.42
CA GLU D 494 28.61 -41.01 78.95
C GLU D 494 28.72 -42.18 77.99
N ARG D 495 27.59 -42.60 77.42
CA ARG D 495 27.62 -43.71 76.48
C ARG D 495 28.62 -43.44 75.36
N LEU D 496 28.55 -42.23 74.79
CA LEU D 496 29.45 -41.88 73.69
C LEU D 496 30.90 -42.10 74.08
N LYS D 497 31.26 -41.69 75.31
CA LYS D 497 32.63 -41.91 75.77
C LYS D 497 32.99 -43.38 75.70
N GLN D 498 32.15 -44.23 76.30
CA GLN D 498 32.43 -45.66 76.31
C GLN D 498 32.44 -46.27 74.92
N THR D 499 31.99 -45.53 73.90
CA THR D 499 32.10 -45.99 72.52
C THR D 499 33.40 -45.54 71.88
N ASN D 500 33.83 -44.31 72.16
CA ASN D 500 34.98 -43.75 71.48
C ASN D 500 36.23 -44.58 71.68
N GLU D 501 36.33 -45.27 72.81
CA GLU D 501 37.45 -46.17 73.03
C GLU D 501 37.38 -47.37 72.09
N MET D 502 36.23 -48.04 72.05
CA MET D 502 36.12 -49.27 71.28
C MET D 502 36.39 -49.05 69.81
N LEU D 503 35.90 -47.94 69.26
CA LEU D 503 36.11 -47.63 67.85
C LEU D 503 37.48 -47.00 67.59
N ARG D 504 38.40 -47.05 68.55
CA ARG D 504 39.78 -46.66 68.30
C ARG D 504 40.77 -47.78 68.56
N GLY D 505 40.59 -48.54 69.64
CA GLY D 505 41.43 -49.70 69.88
C GLY D 505 40.90 -50.92 69.17
N MET D 506 40.50 -50.72 67.91
CA MET D 506 39.84 -51.79 67.15
C MET D 506 40.73 -53.01 67.03
N LYS D 507 41.94 -52.85 66.48
CA LYS D 507 42.84 -53.99 66.35
C LYS D 507 43.22 -54.55 67.72
N LEU D 508 43.53 -53.66 68.67
CA LEU D 508 43.79 -54.12 70.03
C LEU D 508 42.61 -54.92 70.57
N LEU D 509 41.39 -54.40 70.39
CA LEU D 509 40.20 -55.06 70.92
C LEU D 509 40.04 -56.45 70.33
N LYS D 510 40.08 -56.56 69.01
CA LYS D 510 39.83 -57.83 68.35
C LYS D 510 41.02 -58.77 68.38
N LEU D 511 42.20 -58.30 68.79
CA LEU D 511 43.37 -59.16 68.83
C LEU D 511 43.27 -60.23 69.91
N TYR D 512 42.44 -60.01 70.93
CA TYR D 512 42.21 -61.01 71.97
C TYR D 512 40.73 -61.25 72.24
N ALA D 513 39.85 -60.64 71.44
CA ALA D 513 38.40 -60.85 71.52
C ALA D 513 37.85 -60.53 72.90
N TRP D 514 38.31 -59.42 73.48
CA TRP D 514 37.68 -58.86 74.66
C TRP D 514 36.50 -57.96 74.29
N GLU D 515 36.04 -58.02 73.04
CA GLU D 515 35.04 -57.07 72.56
C GLU D 515 33.68 -57.30 73.22
N SER D 516 33.27 -58.56 73.37
CA SER D 516 32.00 -58.84 74.02
C SER D 516 31.98 -58.33 75.45
N ILE D 517 33.14 -58.37 76.13
CA ILE D 517 33.22 -57.90 77.51
C ILE D 517 32.89 -56.41 77.59
N PHE D 518 33.37 -55.63 76.62
CA PHE D 518 33.04 -54.20 76.59
C PHE D 518 31.64 -53.95 76.07
N CYS D 519 31.14 -54.80 75.17
CA CYS D 519 29.77 -54.64 74.68
C CYS D 519 28.76 -54.86 75.80
N SER D 520 29.07 -55.74 76.75
CA SER D 520 28.21 -55.90 77.92
C SER D 520 28.09 -54.59 78.69
N ARG D 521 29.22 -53.91 78.90
CA ARG D 521 29.21 -52.62 79.59
C ARG D 521 28.43 -51.57 78.79
N VAL D 522 28.62 -51.55 77.47
CA VAL D 522 27.90 -50.60 76.62
C VAL D 522 26.39 -50.83 76.73
N GLU D 523 25.96 -52.10 76.75
CA GLU D 523 24.55 -52.40 76.91
C GLU D 523 24.05 -52.03 78.30
N VAL D 524 24.89 -52.20 79.32
CA VAL D 524 24.53 -51.73 80.67
C VAL D 524 24.21 -50.24 80.63
N THR D 525 24.99 -49.41 79.93
CA THR D 525 24.63 -47.98 79.90
C THR D 525 23.28 -47.70 79.19
N ARG D 526 23.07 -48.47 78.13
CA ARG D 526 21.90 -48.33 77.28
C ARG D 526 20.60 -48.53 78.05
N ARG D 527 20.57 -49.47 78.97
CA ARG D 527 19.35 -49.71 79.75
C ARG D 527 18.97 -48.49 80.59
N LYS D 528 19.97 -47.82 81.18
CA LYS D 528 19.71 -46.60 81.97
C LYS D 528 19.14 -45.52 81.05
N GLU D 529 19.74 -45.43 79.86
CA GLU D 529 19.24 -44.45 78.89
C GLU D 529 17.78 -44.74 78.52
N MET D 530 17.45 -46.02 78.33
CA MET D 530 16.10 -46.45 78.01
C MET D 530 15.14 -46.10 79.13
N THR D 531 15.59 -46.28 80.35
CA THR D 531 14.76 -45.98 81.52
C THR D 531 14.39 -44.51 81.54
N SER D 532 15.31 -43.62 81.20
CA SER D 532 14.92 -42.19 81.22
C SER D 532 13.79 -41.80 80.22
N LEU D 533 13.93 -42.38 79.04
CA LEU D 533 13.13 -42.24 77.82
C LEU D 533 11.68 -42.64 78.06
N ARG D 534 11.45 -43.60 78.97
CA ARG D 534 10.08 -43.99 79.30
C ARG D 534 9.29 -42.82 79.87
N ALA D 535 9.86 -42.13 80.87
CA ALA D 535 9.17 -40.99 81.47
C ALA D 535 9.00 -39.86 80.46
N PHE D 536 10.04 -39.60 79.66
CA PHE D 536 9.94 -38.56 78.63
C PHE D 536 8.79 -38.85 77.67
N ALA D 537 8.70 -40.08 77.19
CA ALA D 537 7.64 -40.44 76.26
C ALA D 537 6.28 -40.47 76.94
N VAL D 538 6.24 -40.76 78.24
CA VAL D 538 4.98 -40.66 78.97
C VAL D 538 4.49 -39.22 78.99
N TYR D 539 5.40 -38.26 79.21
CA TYR D 539 4.99 -36.86 79.17
C TYR D 539 4.57 -36.45 77.77
N THR D 540 5.28 -36.92 76.74
CA THR D 540 4.87 -36.66 75.36
C THR D 540 3.48 -37.19 75.09
N SER D 541 3.20 -38.39 75.60
CA SER D 541 1.87 -39.00 75.44
C SER D 541 0.80 -38.18 76.14
N ILE D 542 1.10 -37.68 77.34
CA ILE D 542 0.14 -36.84 78.05
C ILE D 542 -0.15 -35.57 77.27
N SER D 543 0.89 -34.98 76.67
CA SER D 543 0.70 -33.78 75.86
C SER D 543 -0.20 -34.06 74.66
N ILE D 544 0.13 -35.09 73.88
CA ILE D 544 -0.68 -35.42 72.71
C ILE D 544 -2.11 -35.77 73.13
N PHE D 545 -2.26 -36.41 74.29
CA PHE D 545 -3.58 -36.79 74.77
C PHE D 545 -4.43 -35.57 75.10
N MET D 546 -3.88 -34.64 75.88
CA MET D 546 -4.62 -33.43 76.19
C MET D 546 -4.96 -32.64 74.94
N ASN D 547 -4.05 -32.65 73.95
CA ASN D 547 -4.23 -31.89 72.71
C ASN D 547 -5.61 -32.13 72.09
N THR D 548 -6.00 -33.41 71.96
CA THR D 548 -7.30 -33.74 71.39
C THR D 548 -8.35 -34.09 72.42
N ALA D 549 -7.99 -34.16 73.70
CA ALA D 549 -8.98 -34.43 74.74
C ALA D 549 -9.73 -33.17 75.13
N ILE D 550 -9.02 -32.03 75.24
CA ILE D 550 -9.70 -30.79 75.63
C ILE D 550 -10.73 -30.34 74.61
N PRO D 551 -10.50 -30.45 73.29
CA PRO D 551 -11.60 -30.14 72.35
C PRO D 551 -12.85 -30.98 72.58
N ILE D 552 -12.69 -32.26 72.87
CA ILE D 552 -13.86 -33.11 73.13
C ILE D 552 -14.51 -32.72 74.46
N ALA D 553 -13.70 -32.51 75.49
CA ALA D 553 -14.23 -32.22 76.83
C ALA D 553 -14.97 -30.89 76.85
N ALA D 554 -14.48 -29.89 76.11
CA ALA D 554 -15.18 -28.61 76.05
C ALA D 554 -16.60 -28.79 75.54
N VAL D 555 -16.77 -29.45 74.40
CA VAL D 555 -18.10 -29.64 73.83
C VAL D 555 -18.95 -30.51 74.74
N LEU D 556 -18.35 -31.55 75.33
CA LEU D 556 -19.10 -32.42 76.24
C LEU D 556 -19.69 -31.61 77.40
N ILE D 557 -18.82 -31.06 78.26
CA ILE D 557 -19.27 -30.35 79.45
C ILE D 557 -19.97 -29.04 79.13
N THR D 558 -19.92 -28.57 77.88
CA THR D 558 -20.66 -27.37 77.52
C THR D 558 -22.08 -27.69 77.04
N PHE D 559 -22.21 -28.59 76.06
CA PHE D 559 -23.52 -28.91 75.54
C PHE D 559 -24.35 -29.68 76.56
N VAL D 560 -23.75 -30.63 77.27
CA VAL D 560 -24.51 -31.32 78.30
C VAL D 560 -24.89 -30.35 79.42
N GLY D 561 -23.99 -29.42 79.73
CA GLY D 561 -24.23 -28.42 80.76
C GLY D 561 -25.04 -27.20 80.32
N HIS D 562 -25.43 -27.13 79.04
CA HIS D 562 -26.22 -26.00 78.56
C HIS D 562 -27.70 -26.36 78.47
N VAL D 563 -28.04 -27.41 77.71
CA VAL D 563 -29.43 -27.75 77.47
C VAL D 563 -30.01 -28.50 78.66
N SER D 564 -29.44 -29.66 78.97
CA SER D 564 -29.98 -30.51 80.02
C SER D 564 -29.63 -30.05 81.43
N PHE D 565 -29.01 -28.89 81.59
CA PHE D 565 -28.67 -28.39 82.91
C PHE D 565 -29.34 -27.07 83.25
N PHE D 566 -29.21 -26.05 82.39
CA PHE D 566 -29.46 -24.68 82.84
C PHE D 566 -30.84 -24.16 82.46
N LYS D 567 -31.17 -24.13 81.16
CA LYS D 567 -32.37 -23.43 80.75
C LYS D 567 -33.18 -24.16 79.68
N GLU D 568 -32.79 -25.36 79.28
CA GLU D 568 -33.53 -26.16 78.30
C GLU D 568 -33.74 -25.41 76.99
N SER D 569 -32.87 -24.45 76.70
CA SER D 569 -33.02 -23.63 75.49
C SER D 569 -32.79 -24.47 74.25
N ASP D 570 -33.66 -24.28 73.26
CA ASP D 570 -33.55 -25.00 72.00
C ASP D 570 -32.27 -24.59 71.29
N LEU D 571 -31.37 -25.55 71.10
CA LEU D 571 -30.04 -25.29 70.54
C LEU D 571 -30.10 -25.49 69.04
N SER D 572 -30.28 -24.40 68.30
CA SER D 572 -30.28 -24.48 66.85
C SER D 572 -28.93 -24.99 66.36
N PRO D 573 -28.90 -25.63 65.19
CA PRO D 573 -27.61 -26.14 64.66
C PRO D 573 -26.55 -25.06 64.56
N SER D 574 -26.96 -23.83 64.29
CA SER D 574 -26.01 -22.73 64.15
C SER D 574 -25.21 -22.53 65.43
N VAL D 575 -25.88 -22.53 66.57
CA VAL D 575 -25.19 -22.30 67.85
C VAL D 575 -24.13 -23.36 68.08
N ALA D 576 -24.51 -24.63 67.96
CA ALA D 576 -23.57 -25.72 68.24
C ALA D 576 -22.40 -25.71 67.27
N PHE D 577 -22.67 -25.51 65.98
CA PHE D 577 -21.58 -25.57 65.01
C PHE D 577 -20.67 -24.35 65.10
N ALA D 578 -21.23 -23.17 65.41
CA ALA D 578 -20.38 -22.01 65.64
C ALA D 578 -19.50 -22.22 66.87
N SER D 579 -20.05 -22.82 67.92
CA SER D 579 -19.24 -23.14 69.09
C SER D 579 -18.12 -24.11 68.73
N LEU D 580 -18.42 -25.10 67.89
CA LEU D 580 -17.39 -26.04 67.45
C LEU D 580 -16.27 -25.33 66.72
N SER D 581 -16.63 -24.50 65.72
CA SER D 581 -15.63 -23.73 64.98
C SER D 581 -14.78 -22.89 65.91
N LEU D 582 -15.43 -22.13 66.81
CA LEU D 582 -14.68 -21.29 67.73
C LEU D 582 -13.79 -22.11 68.65
N PHE D 583 -14.23 -23.31 69.05
CA PHE D 583 -13.40 -24.18 69.87
C PHE D 583 -12.11 -24.53 69.15
N HIS D 584 -12.19 -24.87 67.87
CA HIS D 584 -10.95 -25.19 67.16
C HIS D 584 -10.09 -23.94 66.95
N ILE D 585 -10.73 -22.83 66.58
CA ILE D 585 -10.01 -21.59 66.31
C ILE D 585 -9.37 -21.04 67.58
N LEU D 586 -9.82 -21.48 68.75
CA LEU D 586 -9.20 -21.10 70.02
C LEU D 586 -8.20 -22.13 70.52
N VAL D 587 -8.39 -23.41 70.17
CA VAL D 587 -7.43 -24.44 70.55
C VAL D 587 -6.11 -24.24 69.84
N THR D 588 -6.17 -23.85 68.55
CA THR D 588 -4.93 -23.65 67.81
C THR D 588 -3.99 -22.64 68.46
N PRO D 589 -4.43 -21.44 68.86
CA PRO D 589 -3.48 -20.50 69.47
C PRO D 589 -3.04 -20.88 70.87
N LEU D 590 -3.86 -21.64 71.62
CA LEU D 590 -3.57 -21.87 73.04
C LEU D 590 -2.23 -22.55 73.26
N PHE D 591 -1.91 -23.56 72.44
CA PHE D 591 -0.65 -24.27 72.59
C PHE D 591 0.54 -23.33 72.46
N LEU D 592 0.44 -22.31 71.60
CA LEU D 592 1.58 -21.47 71.30
C LEU D 592 1.94 -20.55 72.46
N LEU D 593 1.00 -20.24 73.35
CA LEU D 593 1.29 -19.34 74.46
C LEU D 593 2.32 -19.95 75.41
N SER D 594 2.25 -21.26 75.64
CA SER D 594 3.20 -21.92 76.53
C SER D 594 4.62 -21.82 75.99
N SER D 595 4.82 -22.24 74.73
CA SER D 595 6.11 -22.12 74.10
C SER D 595 6.57 -20.67 74.04
N VAL D 596 5.64 -19.73 73.87
CA VAL D 596 5.99 -18.31 73.84
C VAL D 596 6.54 -17.87 75.19
N VAL D 597 5.90 -18.28 76.28
CA VAL D 597 6.37 -17.90 77.61
C VAL D 597 7.75 -18.50 77.87
N ARG D 598 7.94 -19.77 77.52
CA ARG D 598 9.24 -20.39 77.72
C ARG D 598 10.31 -19.66 76.90
N SER D 599 10.00 -19.39 75.63
CA SER D 599 10.95 -18.71 74.76
C SER D 599 11.28 -17.32 75.28
N THR D 600 10.30 -16.62 75.84
CA THR D 600 10.52 -15.26 76.31
C THR D 600 11.43 -15.25 77.53
N VAL D 601 11.18 -16.13 78.50
CA VAL D 601 12.05 -16.15 79.68
C VAL D 601 13.45 -16.57 79.31
N LYS D 602 13.57 -17.57 78.41
CA LYS D 602 14.89 -18.01 77.99
C LYS D 602 15.63 -16.91 77.24
N ALA D 603 14.91 -16.13 76.44
CA ALA D 603 15.54 -15.03 75.71
C ALA D 603 15.98 -13.92 76.66
N LEU D 604 15.17 -13.65 77.69
CA LEU D 604 15.58 -12.67 78.69
C LEU D 604 16.88 -13.08 79.36
N VAL D 605 16.98 -14.36 79.74
CA VAL D 605 18.22 -14.85 80.36
C VAL D 605 19.39 -14.74 79.37
N SER D 606 19.15 -15.09 78.11
CA SER D 606 20.23 -15.05 77.12
C SER D 606 20.69 -13.63 76.83
N VAL D 607 19.78 -12.66 76.87
CA VAL D 607 20.22 -11.28 76.65
C VAL D 607 20.94 -10.73 77.88
N GLN D 608 20.55 -11.15 79.09
CA GLN D 608 21.36 -10.82 80.25
C GLN D 608 22.77 -11.36 80.09
N LYS D 609 22.89 -12.61 79.60
CA LYS D 609 24.20 -13.20 79.37
C LYS D 609 24.98 -12.43 78.32
N LEU D 610 24.32 -12.08 77.21
CA LEU D 610 24.98 -11.31 76.15
C LEU D 610 25.47 -9.97 76.65
N SER D 611 24.69 -9.33 77.52
CA SER D 611 25.11 -8.04 78.08
C SER D 611 26.30 -8.21 79.01
N GLU D 612 26.27 -9.25 79.85
CA GLU D 612 27.40 -9.52 80.73
C GLU D 612 28.68 -9.76 79.93
N PHE D 613 28.55 -10.48 78.80
CA PHE D 613 29.74 -10.73 77.98
C PHE D 613 30.17 -9.48 77.24
N LEU D 614 29.28 -8.90 76.44
CA LEU D 614 29.60 -7.76 75.58
C LEU D 614 30.17 -6.58 76.35
N SER D 615 30.04 -6.56 77.68
CA SER D 615 30.48 -5.42 78.46
C SER D 615 31.53 -5.83 79.49
N SER D 616 32.53 -6.60 79.07
CA SER D 616 33.61 -7.00 79.96
C SER D 616 34.92 -6.28 79.61
N ILE D 996 12.80 -40.65 49.62
CA ILE D 996 13.09 -41.85 50.37
C ILE D 996 11.97 -42.86 50.12
N PRO D 997 12.35 -44.10 49.80
CA PRO D 997 11.35 -45.11 49.45
C PRO D 997 10.58 -45.61 50.67
N TRP D 998 9.58 -46.45 50.42
CA TRP D 998 8.84 -47.09 51.49
C TRP D 998 9.63 -48.20 52.17
N ARG D 999 10.83 -48.52 51.69
CA ARG D 999 11.58 -49.64 52.26
C ARG D 999 12.17 -49.28 53.61
N ALA D 1000 12.67 -48.06 53.76
CA ALA D 1000 13.23 -47.65 55.05
C ALA D 1000 12.17 -47.66 56.14
N CYS D 1001 11.00 -47.07 55.86
CA CYS D 1001 9.89 -47.11 56.80
C CYS D 1001 9.38 -48.54 57.02
N THR D 1002 9.39 -49.35 55.97
CA THR D 1002 8.96 -50.74 56.09
C THR D 1002 9.85 -51.49 57.09
N LYS D 1003 11.16 -51.34 56.95
CA LYS D 1003 12.08 -51.98 57.89
C LYS D 1003 11.92 -51.39 59.28
N TYR D 1004 11.72 -50.07 59.37
CA TYR D 1004 11.55 -49.44 60.68
C TYR D 1004 10.34 -50.00 61.41
N LEU D 1005 9.22 -50.18 60.71
CA LEU D 1005 8.01 -50.67 61.35
C LEU D 1005 8.01 -52.18 61.52
N SER D 1006 8.75 -52.92 60.67
CA SER D 1006 8.87 -54.36 60.84
C SER D 1006 9.82 -54.71 61.97
N SER D 1007 10.72 -53.80 62.35
CA SER D 1007 11.49 -54.01 63.57
C SER D 1007 10.58 -53.99 64.79
N ALA D 1008 9.45 -53.28 64.71
CA ALA D 1008 8.47 -53.30 65.81
C ALA D 1008 7.76 -54.64 65.88
N GLY D 1009 7.43 -55.21 64.72
CA GLY D 1009 6.74 -56.48 64.66
C GLY D 1009 5.26 -56.32 64.31
N ILE D 1010 4.64 -57.45 63.98
CA ILE D 1010 3.22 -57.46 63.67
C ILE D 1010 2.37 -57.22 64.90
N LEU D 1011 2.95 -57.32 66.10
CA LEU D 1011 2.16 -57.20 67.33
C LEU D 1011 1.61 -55.79 67.50
N LEU D 1012 2.41 -54.77 67.20
CA LEU D 1012 2.02 -53.40 67.49
C LEU D 1012 1.64 -52.60 66.26
N LEU D 1013 2.00 -53.06 65.06
CA LEU D 1013 1.67 -52.33 63.85
C LEU D 1013 0.16 -52.15 63.70
N SER D 1014 -0.59 -53.26 63.71
CA SER D 1014 -2.04 -53.19 63.59
C SER D 1014 -2.66 -52.51 64.82
N LEU D 1015 -2.12 -52.81 66.01
CA LEU D 1015 -2.61 -52.18 67.23
C LEU D 1015 -2.54 -50.67 67.15
N LEU D 1016 -1.55 -50.14 66.42
CA LEU D 1016 -1.48 -48.70 66.20
C LEU D 1016 -2.44 -48.24 65.11
N VAL D 1017 -2.39 -48.91 63.95
CA VAL D 1017 -3.10 -48.40 62.78
C VAL D 1017 -4.62 -48.45 62.98
N PHE D 1018 -5.13 -49.60 63.43
CA PHE D 1018 -6.57 -49.72 63.62
C PHE D 1018 -7.06 -48.82 64.74
N SER D 1019 -6.26 -48.64 65.79
CA SER D 1019 -6.65 -47.74 66.87
C SER D 1019 -6.73 -46.30 66.37
N GLN D 1020 -5.80 -45.88 65.51
CA GLN D 1020 -5.88 -44.54 64.93
C GLN D 1020 -7.12 -44.39 64.07
N LEU D 1021 -7.37 -45.37 63.20
CA LEU D 1021 -8.57 -45.34 62.37
C LEU D 1021 -9.83 -45.22 63.21
N LEU D 1022 -9.90 -45.98 64.31
CA LEU D 1022 -11.09 -45.98 65.14
C LEU D 1022 -11.23 -44.66 65.89
N LYS D 1023 -10.11 -44.07 66.34
CA LYS D 1023 -10.18 -42.76 67.01
C LYS D 1023 -10.72 -41.70 66.06
N HIS D 1024 -10.24 -41.69 64.81
CA HIS D 1024 -10.74 -40.70 63.88
C HIS D 1024 -12.19 -40.95 63.51
N MET D 1025 -12.59 -42.23 63.41
CA MET D 1025 -13.98 -42.55 63.14
C MET D 1025 -14.88 -42.07 64.27
N VAL D 1026 -14.42 -42.21 65.52
CA VAL D 1026 -15.21 -41.69 66.65
C VAL D 1026 -15.27 -40.16 66.61
N LEU D 1027 -14.15 -39.52 66.27
CA LEU D 1027 -14.11 -38.06 66.23
C LEU D 1027 -15.02 -37.49 65.16
N VAL D 1028 -15.25 -38.24 64.08
CA VAL D 1028 -16.22 -37.76 63.09
C VAL D 1028 -17.65 -38.15 63.49
N ALA D 1029 -17.83 -39.34 64.05
CA ALA D 1029 -19.16 -39.83 64.37
C ALA D 1029 -19.81 -39.01 65.47
N ILE D 1030 -19.02 -38.46 66.40
CA ILE D 1030 -19.61 -37.63 67.45
C ILE D 1030 -20.30 -36.41 66.84
N ASP D 1031 -19.64 -35.77 65.86
CA ASP D 1031 -20.26 -34.63 65.19
C ASP D 1031 -21.40 -35.06 64.28
N TYR D 1032 -21.27 -36.23 63.65
CA TYR D 1032 -22.36 -36.75 62.83
C TYR D 1032 -23.63 -36.94 63.65
N TRP D 1033 -23.48 -37.46 64.87
CA TRP D 1033 -24.65 -37.62 65.75
C TRP D 1033 -25.11 -36.29 66.30
N LEU D 1034 -24.20 -35.34 66.55
CA LEU D 1034 -24.59 -34.01 66.97
C LEU D 1034 -25.46 -33.33 65.91
N ALA D 1035 -25.16 -33.60 64.63
CA ALA D 1035 -25.98 -33.05 63.55
C ALA D 1035 -27.45 -33.44 63.70
N LYS D 1036 -27.72 -34.70 64.02
CA LYS D 1036 -29.09 -35.12 64.26
C LYS D 1036 -29.59 -34.63 65.62
N TRP D 1037 -28.68 -34.45 66.57
CA TRP D 1037 -29.05 -33.88 67.86
C TRP D 1037 -29.70 -32.51 67.68
N THR D 1038 -29.17 -31.71 66.76
CA THR D 1038 -29.55 -30.30 66.67
C THR D 1038 -31.05 -30.12 66.51
N ASP D 1039 -31.60 -30.59 65.39
CA ASP D 1039 -32.99 -30.31 65.08
C ASP D 1039 -33.93 -30.97 66.08
N SER D 1040 -34.90 -30.19 66.57
CA SER D 1040 -35.86 -30.69 67.54
C SER D 1040 -37.14 -29.84 67.55
N ASP D 1060 -36.79 -36.31 72.00
CA ASP D 1060 -35.90 -37.15 72.81
C ASP D 1060 -34.55 -36.48 72.99
N GLN D 1061 -34.57 -35.27 73.55
CA GLN D 1061 -33.33 -34.51 73.72
C GLN D 1061 -32.41 -35.15 74.76
N SER D 1062 -32.99 -35.75 75.81
CA SER D 1062 -32.19 -36.34 76.88
C SER D 1062 -31.41 -37.54 76.38
N VAL D 1063 -32.07 -38.44 75.66
CA VAL D 1063 -31.39 -39.60 75.07
C VAL D 1063 -30.29 -39.14 74.11
N TYR D 1064 -30.58 -38.09 73.34
CA TYR D 1064 -29.59 -37.52 72.44
C TYR D 1064 -28.34 -37.08 73.20
N ALA D 1065 -28.52 -36.33 74.29
CA ALA D 1065 -27.39 -35.86 75.06
C ALA D 1065 -26.62 -37.01 75.70
N MET D 1066 -27.34 -38.06 76.13
CA MET D 1066 -26.65 -39.21 76.70
C MET D 1066 -25.79 -39.92 75.66
N VAL D 1067 -26.30 -40.06 74.43
CA VAL D 1067 -25.49 -40.65 73.36
C VAL D 1067 -24.28 -39.79 73.09
N PHE D 1068 -24.46 -38.47 73.11
CA PHE D 1068 -23.33 -37.56 72.93
C PHE D 1068 -22.26 -37.80 74.00
N THR D 1069 -22.69 -37.99 75.26
CA THR D 1069 -21.75 -38.26 76.34
C THR D 1069 -20.99 -39.57 76.12
N LEU D 1070 -21.70 -40.61 75.68
CA LEU D 1070 -21.04 -41.89 75.40
C LEU D 1070 -19.96 -41.72 74.33
N LEU D 1071 -20.28 -41.02 73.25
CA LEU D 1071 -19.27 -40.80 72.21
C LEU D 1071 -18.08 -40.03 72.75
N CYS D 1072 -18.33 -38.98 73.55
CA CYS D 1072 -17.25 -38.18 74.12
C CYS D 1072 -16.33 -39.03 74.98
N SER D 1073 -16.87 -39.97 75.74
CA SER D 1073 -16.02 -40.84 76.56
C SER D 1073 -15.19 -41.79 75.68
N LEU D 1074 -15.82 -42.41 74.68
CA LEU D 1074 -15.10 -43.30 73.78
C LEU D 1074 -13.91 -42.59 73.15
N GLY D 1075 -14.10 -41.33 72.75
CA GLY D 1075 -13.03 -40.61 72.09
C GLY D 1075 -11.78 -40.50 72.94
N ILE D 1076 -11.94 -40.06 74.20
CA ILE D 1076 -10.78 -39.82 75.05
C ILE D 1076 -10.10 -41.13 75.42
N VAL D 1077 -10.89 -42.18 75.69
CA VAL D 1077 -10.27 -43.47 76.02
C VAL D 1077 -9.41 -43.96 74.86
N LEU D 1078 -9.96 -43.88 73.64
CA LEU D 1078 -9.23 -44.36 72.47
C LEU D 1078 -7.98 -43.52 72.22
N CYS D 1079 -8.06 -42.21 72.47
CA CYS D 1079 -6.90 -41.35 72.26
C CYS D 1079 -5.76 -41.73 73.21
N LEU D 1080 -6.08 -41.95 74.49
CA LEU D 1080 -5.06 -42.40 75.43
C LEU D 1080 -4.43 -43.71 74.98
N VAL D 1081 -5.26 -44.66 74.53
CA VAL D 1081 -4.73 -45.95 74.07
C VAL D 1081 -3.74 -45.75 72.92
N THR D 1082 -4.12 -44.93 71.93
CA THR D 1082 -3.26 -44.71 70.77
C THR D 1082 -1.93 -44.09 71.17
N SER D 1083 -1.97 -43.10 72.07
CA SER D 1083 -0.74 -42.43 72.48
C SER D 1083 0.21 -43.41 73.17
N VAL D 1084 -0.32 -44.21 74.10
CA VAL D 1084 0.52 -45.20 74.79
C VAL D 1084 1.10 -46.19 73.79
N THR D 1085 0.31 -46.57 72.78
CA THR D 1085 0.80 -47.49 71.77
C THR D 1085 2.01 -46.91 71.03
N VAL D 1086 1.88 -45.66 70.57
CA VAL D 1086 2.98 -45.03 69.84
C VAL D 1086 4.23 -44.99 70.71
N GLU D 1087 4.07 -44.60 71.98
CA GLU D 1087 5.22 -44.54 72.89
C GLU D 1087 5.92 -45.89 72.99
N TRP D 1088 5.17 -46.92 73.37
CA TRP D 1088 5.76 -48.24 73.60
C TRP D 1088 6.45 -48.74 72.35
N THR D 1089 5.81 -48.58 71.19
CA THR D 1089 6.37 -49.07 69.94
C THR D 1089 7.67 -48.35 69.60
N GLY D 1090 7.69 -47.02 69.73
CA GLY D 1090 8.90 -46.28 69.43
C GLY D 1090 10.06 -46.71 70.31
N LEU D 1091 9.80 -46.90 71.60
CA LEU D 1091 10.88 -47.30 72.51
C LEU D 1091 11.42 -48.68 72.16
N LYS D 1092 10.53 -49.64 71.89
CA LYS D 1092 10.98 -50.98 71.51
C LYS D 1092 11.80 -50.94 70.22
N VAL D 1093 11.37 -50.14 69.24
CA VAL D 1093 12.10 -50.08 67.98
C VAL D 1093 13.50 -49.50 68.20
N ALA D 1094 13.59 -48.43 68.99
CA ALA D 1094 14.90 -47.86 69.28
C ALA D 1094 15.82 -48.88 69.93
N LYS D 1095 15.31 -49.60 70.93
CA LYS D 1095 16.09 -50.65 71.58
C LYS D 1095 16.65 -51.65 70.57
N ARG D 1096 15.75 -52.26 69.80
CA ARG D 1096 16.17 -53.33 68.89
C ARG D 1096 17.13 -52.81 67.84
N LEU D 1097 16.88 -51.60 67.32
CA LEU D 1097 17.75 -51.05 66.29
C LEU D 1097 19.15 -50.81 66.84
N HIS D 1098 19.25 -50.24 68.04
CA HIS D 1098 20.58 -50.00 68.62
C HIS D 1098 21.31 -51.32 68.85
N ARG D 1099 20.63 -52.31 69.42
CA ARG D 1099 21.30 -53.58 69.69
C ARG D 1099 21.78 -54.24 68.40
N SER D 1100 20.94 -54.23 67.36
CA SER D 1100 21.34 -54.84 66.09
C SER D 1100 22.50 -54.10 65.46
N LEU D 1101 22.49 -52.77 65.54
CA LEU D 1101 23.60 -51.99 64.99
C LEU D 1101 24.90 -52.33 65.70
N LEU D 1102 24.88 -52.39 67.03
CA LEU D 1102 26.08 -52.74 67.78
C LEU D 1102 26.59 -54.12 67.39
N ASN D 1103 25.69 -55.11 67.36
CA ASN D 1103 26.09 -56.48 67.03
C ASN D 1103 26.68 -56.57 65.63
N ARG D 1104 26.06 -55.89 64.65
CA ARG D 1104 26.57 -55.96 63.28
C ARG D 1104 27.89 -55.22 63.13
N ILE D 1105 28.12 -54.18 63.93
CA ILE D 1105 29.41 -53.50 63.86
C ILE D 1105 30.50 -54.33 64.54
N ILE D 1106 30.13 -55.17 65.51
CA ILE D 1106 31.13 -55.95 66.23
C ILE D 1106 31.83 -56.95 65.31
N LEU D 1107 31.07 -57.62 64.45
CA LEU D 1107 31.59 -58.75 63.67
C LEU D 1107 32.21 -58.32 62.34
N ALA D 1108 32.72 -57.08 62.24
CA ALA D 1108 33.28 -56.63 60.97
C ALA D 1108 34.77 -56.95 60.89
N PRO D 1109 35.30 -57.13 59.68
CA PRO D 1109 36.74 -57.36 59.54
C PRO D 1109 37.55 -56.11 59.85
N MET D 1110 38.83 -56.33 60.13
CA MET D 1110 39.70 -55.23 60.52
C MET D 1110 39.92 -54.25 59.37
N ARG D 1111 40.10 -54.77 58.15
CA ARG D 1111 40.35 -53.89 57.01
C ARG D 1111 39.16 -52.98 56.74
N PHE D 1112 37.94 -53.43 57.07
CA PHE D 1112 36.78 -52.55 56.96
C PHE D 1112 36.91 -51.37 57.91
N PHE D 1113 37.26 -51.64 59.17
CA PHE D 1113 37.42 -50.57 60.14
C PHE D 1113 38.53 -49.61 59.74
N GLU D 1114 39.62 -50.14 59.17
CA GLU D 1114 40.71 -49.28 58.74
C GLU D 1114 40.33 -48.46 57.51
N THR D 1115 39.46 -48.98 56.64
CA THR D 1115 39.11 -48.28 55.42
C THR D 1115 38.18 -47.11 55.69
N THR D 1116 37.14 -47.33 56.49
CA THR D 1116 36.13 -46.31 56.73
C THR D 1116 36.64 -45.30 57.76
N PRO D 1117 36.51 -44.00 57.50
CA PRO D 1117 36.89 -43.00 58.51
C PRO D 1117 36.10 -43.19 59.80
N LEU D 1118 36.65 -42.66 60.89
CA LEU D 1118 36.00 -42.79 62.19
C LEU D 1118 34.77 -41.91 62.30
N GLY D 1119 34.76 -40.77 61.62
CA GLY D 1119 33.65 -39.84 61.75
C GLY D 1119 32.31 -40.45 61.37
N SER D 1120 32.27 -41.18 60.26
CA SER D 1120 31.01 -41.75 59.80
C SER D 1120 30.53 -42.86 60.72
N ILE D 1121 31.42 -43.78 61.11
CA ILE D 1121 31.04 -44.87 62.00
C ILE D 1121 30.59 -44.34 63.34
N LEU D 1122 31.33 -43.39 63.91
CA LEU D 1122 30.93 -42.82 65.21
C LEU D 1122 29.69 -41.94 65.15
N ASN D 1123 29.60 -41.19 64.06
CA ASN D 1123 28.53 -40.23 63.89
C ASN D 1123 27.16 -40.85 63.85
N ARG D 1124 27.01 -42.02 63.24
CA ARG D 1124 25.67 -42.62 63.20
C ARG D 1124 25.16 -42.84 64.62
N PHE D 1125 25.97 -43.47 65.45
CA PHE D 1125 25.58 -43.70 66.84
C PHE D 1125 25.38 -42.42 67.61
N SER D 1126 26.23 -41.44 67.37
CA SER D 1126 26.13 -40.16 68.06
C SER D 1126 24.85 -39.40 67.77
N SER D 1127 24.42 -39.41 66.50
CA SER D 1127 23.24 -38.62 66.14
C SER D 1127 22.08 -39.46 65.70
N ASP D 1128 22.23 -40.15 64.59
CA ASP D 1128 21.15 -41.00 64.09
C ASP D 1128 20.36 -41.62 65.24
N CYS D 1129 21.05 -42.19 66.22
CA CYS D 1129 20.33 -42.83 67.31
C CYS D 1129 19.58 -41.80 68.14
N ASN D 1130 20.30 -40.74 68.47
CA ASN D 1130 19.75 -39.67 69.27
C ASN D 1130 18.62 -38.97 68.54
N THR D 1131 18.85 -38.70 67.26
CA THR D 1131 17.85 -38.00 66.48
C THR D 1131 16.58 -38.81 66.42
N ILE D 1132 16.71 -40.10 66.16
CA ILE D 1132 15.54 -40.93 66.04
C ILE D 1132 14.79 -40.96 67.35
N ASP D 1133 15.50 -41.18 68.45
CA ASP D 1133 14.80 -41.30 69.72
C ASP D 1133 14.10 -40.00 70.10
N GLN D 1134 14.75 -38.88 69.85
CA GLN D 1134 14.13 -37.60 70.17
C GLN D 1134 12.96 -37.19 69.29
N HIS D 1135 13.06 -37.43 67.98
CA HIS D 1135 12.02 -36.91 67.09
C HIS D 1135 11.17 -37.83 66.24
N ILE D 1136 11.59 -39.08 66.04
CA ILE D 1136 10.77 -39.90 65.14
C ILE D 1136 9.40 -40.22 65.73
N PRO D 1137 9.26 -40.60 67.01
CA PRO D 1137 7.90 -40.96 67.48
C PRO D 1137 6.91 -39.80 67.43
N SER D 1138 7.31 -38.62 67.93
CA SER D 1138 6.40 -37.48 67.95
C SER D 1138 6.00 -37.06 66.54
N THR D 1139 6.99 -36.96 65.64
CA THR D 1139 6.69 -36.55 64.27
C THR D 1139 5.84 -37.59 63.55
N LEU D 1140 6.09 -38.88 63.79
CA LEU D 1140 5.25 -39.92 63.19
C LEU D 1140 3.82 -39.82 63.68
N GLU D 1141 3.64 -39.63 64.99
CA GLU D 1141 2.30 -39.46 65.53
C GLU D 1141 1.59 -38.26 64.92
N CYS D 1142 2.32 -37.13 64.78
CA CYS D 1142 1.71 -35.93 64.22
C CYS D 1142 1.33 -36.14 62.76
N LEU D 1143 2.20 -36.77 61.98
CA LEU D 1143 1.90 -37.06 60.59
C LEU D 1143 0.67 -37.93 60.45
N SER D 1144 0.58 -38.98 61.27
CA SER D 1144 -0.58 -39.87 61.20
C SER D 1144 -1.86 -39.13 61.56
N ARG D 1145 -1.84 -38.37 62.67
CA ARG D 1145 -3.03 -37.62 63.05
C ARG D 1145 -3.44 -36.64 61.96
N SER D 1146 -2.46 -35.95 61.36
CA SER D 1146 -2.79 -34.96 60.34
C SER D 1146 -3.41 -35.62 59.11
N THR D 1147 -2.79 -36.69 58.61
CA THR D 1147 -3.31 -37.30 57.39
C THR D 1147 -4.69 -37.90 57.62
N LEU D 1148 -4.92 -38.52 58.80
CA LEU D 1148 -6.22 -39.12 59.04
C LEU D 1148 -7.29 -38.04 59.27
N LEU D 1149 -6.93 -36.94 59.94
CA LEU D 1149 -7.88 -35.84 60.10
C LEU D 1149 -8.26 -35.24 58.74
N CYS D 1150 -7.29 -35.11 57.84
CA CYS D 1150 -7.58 -34.56 56.52
C CYS D 1150 -8.50 -35.49 55.74
N VAL D 1151 -8.20 -36.80 55.74
CA VAL D 1151 -9.07 -37.75 55.03
C VAL D 1151 -10.48 -37.74 55.63
N SER D 1152 -10.57 -37.68 56.96
CA SER D 1152 -11.88 -37.63 57.60
C SER D 1152 -12.64 -36.38 57.21
N ALA D 1153 -11.97 -35.23 57.17
CA ALA D 1153 -12.65 -34.00 56.80
C ALA D 1153 -13.14 -34.04 55.35
N LEU D 1154 -12.32 -34.59 54.45
CA LEU D 1154 -12.77 -34.73 53.06
C LEU D 1154 -13.99 -35.64 52.98
N THR D 1155 -13.97 -36.76 53.70
CA THR D 1155 -15.12 -37.66 53.69
C THR D 1155 -16.36 -36.99 54.26
N VAL D 1156 -16.19 -36.16 55.29
CA VAL D 1156 -17.34 -35.45 55.88
C VAL D 1156 -17.95 -34.50 54.86
N ILE D 1157 -17.12 -33.63 54.26
CA ILE D 1157 -17.66 -32.66 53.31
C ILE D 1157 -18.17 -33.34 52.05
N SER D 1158 -17.76 -34.58 51.80
CA SER D 1158 -18.34 -35.34 50.69
C SER D 1158 -19.71 -35.89 51.06
N TYR D 1159 -19.82 -36.52 52.23
CA TYR D 1159 -21.09 -37.10 52.66
C TYR D 1159 -22.16 -36.04 52.84
N VAL D 1160 -21.77 -34.85 53.32
CA VAL D 1160 -22.72 -33.77 53.48
C VAL D 1160 -23.34 -33.40 52.13
N THR D 1161 -22.49 -33.02 51.17
CA THR D 1161 -22.94 -32.67 49.83
C THR D 1161 -22.30 -33.63 48.83
N PRO D 1162 -23.07 -34.53 48.22
CA PRO D 1162 -22.45 -35.48 47.27
C PRO D 1162 -21.75 -34.81 46.10
N VAL D 1163 -22.42 -33.88 45.41
CA VAL D 1163 -21.83 -33.24 44.23
C VAL D 1163 -20.53 -32.53 44.59
N PHE D 1164 -20.45 -31.96 45.80
CA PHE D 1164 -19.22 -31.29 46.22
C PHE D 1164 -18.02 -32.22 46.13
N LEU D 1165 -18.23 -33.50 46.44
CA LEU D 1165 -17.16 -34.50 46.28
C LEU D 1165 -16.55 -34.40 44.89
N VAL D 1166 -17.39 -34.46 43.85
CA VAL D 1166 -16.87 -34.50 42.48
C VAL D 1166 -16.14 -33.21 42.14
N ALA D 1167 -16.40 -32.12 42.88
CA ALA D 1167 -15.69 -30.88 42.62
C ALA D 1167 -14.35 -30.80 43.35
N LEU D 1168 -14.15 -31.60 44.41
CA LEU D 1168 -12.96 -31.50 45.23
C LEU D 1168 -11.78 -32.33 44.73
N LEU D 1169 -12.05 -33.37 43.92
CA LEU D 1169 -10.98 -34.22 43.41
C LEU D 1169 -10.09 -33.48 42.41
N PRO D 1170 -10.63 -32.60 41.54
CA PRO D 1170 -9.72 -31.75 40.74
C PRO D 1170 -8.72 -30.98 41.58
N LEU D 1171 -9.21 -30.17 42.52
CA LEU D 1171 -8.33 -29.33 43.32
C LEU D 1171 -7.25 -30.14 44.03
N ALA D 1172 -7.64 -31.27 44.63
CA ALA D 1172 -6.67 -32.11 45.32
C ALA D 1172 -5.56 -32.56 44.38
N VAL D 1173 -5.90 -32.89 43.13
CA VAL D 1173 -4.87 -33.28 42.16
C VAL D 1173 -3.91 -32.12 41.95
N VAL D 1174 -4.42 -30.89 41.96
CA VAL D 1174 -3.56 -29.71 41.92
C VAL D 1174 -2.48 -29.81 42.99
N CYS D 1175 -2.90 -30.15 44.23
CA CYS D 1175 -1.94 -30.26 45.33
C CYS D 1175 -0.82 -31.23 45.01
N TYR D 1176 -1.10 -32.29 44.26
CA TYR D 1176 -0.03 -33.22 43.88
C TYR D 1176 1.10 -32.48 43.17
N PHE D 1177 0.76 -31.65 42.18
CA PHE D 1177 1.78 -30.88 41.50
C PHE D 1177 2.48 -29.91 42.45
N ILE D 1178 1.75 -29.40 43.45
CA ILE D 1178 2.38 -28.51 44.42
C ILE D 1178 3.29 -29.29 45.36
N GLN D 1179 3.09 -30.61 45.47
CA GLN D 1179 3.91 -31.39 46.38
C GLN D 1179 5.31 -31.57 45.83
N LYS D 1180 5.43 -32.21 44.66
CA LYS D 1180 6.73 -32.51 44.07
C LYS D 1180 7.65 -31.29 44.08
N TYR D 1181 7.25 -30.24 43.34
CA TYR D 1181 8.07 -29.05 43.20
C TYR D 1181 8.51 -28.50 44.55
N PHE D 1182 7.73 -28.74 45.60
CA PHE D 1182 8.15 -28.27 46.91
C PHE D 1182 9.31 -29.11 47.43
N ARG D 1183 9.10 -30.42 47.56
CA ARG D 1183 10.07 -31.25 48.28
C ARG D 1183 11.45 -31.17 47.65
N VAL D 1184 11.52 -31.37 46.33
CA VAL D 1184 12.79 -31.35 45.61
C VAL D 1184 13.56 -30.05 45.79
N ALA D 1185 12.93 -29.01 46.33
CA ALA D 1185 13.62 -27.81 46.74
C ALA D 1185 13.73 -27.67 48.25
N SER D 1186 12.66 -28.01 48.96
CA SER D 1186 12.64 -27.82 50.42
C SER D 1186 13.72 -28.65 51.08
N ARG D 1187 13.92 -29.90 50.63
CA ARG D 1187 15.06 -30.68 51.08
C ARG D 1187 16.35 -29.94 50.77
N ASP D 1188 16.53 -29.53 49.51
CA ASP D 1188 17.80 -28.96 49.06
C ASP D 1188 18.19 -27.78 49.93
N LEU D 1189 17.39 -26.70 49.89
CA LEU D 1189 17.65 -25.54 50.74
C LEU D 1189 18.00 -25.97 52.16
N GLN D 1190 17.24 -26.92 52.72
CA GLN D 1190 17.47 -27.39 54.08
C GLN D 1190 18.94 -27.71 54.30
N GLN D 1191 19.47 -28.64 53.51
CA GLN D 1191 20.86 -29.06 53.69
C GLN D 1191 21.81 -27.87 53.52
N LEU D 1192 21.53 -26.99 52.56
CA LEU D 1192 22.37 -25.81 52.38
C LEU D 1192 22.49 -25.04 53.67
N ASP D 1193 21.36 -24.82 54.37
CA ASP D 1193 21.39 -24.16 55.67
C ASP D 1193 22.42 -24.81 56.58
N ASP D 1194 22.32 -26.14 56.75
CA ASP D 1194 23.26 -26.85 57.60
C ASP D 1194 24.69 -26.50 57.22
N THR D 1195 25.00 -26.52 55.93
CA THR D 1195 26.37 -26.26 55.53
C THR D 1195 26.80 -24.85 55.92
N THR D 1196 25.93 -23.84 55.70
CA THR D 1196 26.38 -22.50 56.04
C THR D 1196 26.46 -22.29 57.55
N GLN D 1197 25.93 -23.22 58.34
CA GLN D 1197 26.06 -23.11 59.78
C GLN D 1197 27.38 -23.71 60.27
N LEU D 1198 28.00 -24.60 59.49
CA LEU D 1198 29.12 -25.35 60.04
C LEU D 1198 30.43 -24.55 60.03
N PRO D 1199 30.89 -24.01 58.89
CA PRO D 1199 32.14 -23.22 58.94
C PRO D 1199 32.01 -21.90 59.68
N LEU D 1200 30.81 -21.36 59.84
CA LEU D 1200 30.67 -20.12 60.59
C LEU D 1200 31.12 -20.30 62.04
N LEU D 1201 30.41 -21.16 62.78
CA LEU D 1201 30.76 -21.41 64.17
C LEU D 1201 32.23 -21.77 64.33
N SER D 1202 32.70 -22.75 63.54
CA SER D 1202 34.10 -23.15 63.60
C SER D 1202 35.01 -21.93 63.46
N HIS D 1203 34.71 -21.05 62.50
CA HIS D 1203 35.50 -19.84 62.32
C HIS D 1203 35.62 -19.07 63.61
N PHE D 1204 34.48 -18.83 64.27
CA PHE D 1204 34.49 -18.16 65.57
C PHE D 1204 35.55 -18.75 66.49
N ALA D 1205 35.53 -20.08 66.65
CA ALA D 1205 36.47 -20.73 67.57
C ALA D 1205 37.92 -20.44 67.17
N GLU D 1206 38.21 -20.50 65.87
CA GLU D 1206 39.58 -20.25 65.42
C GLU D 1206 40.05 -18.86 65.82
N THR D 1207 39.15 -17.88 65.82
CA THR D 1207 39.54 -16.53 66.22
C THR D 1207 39.84 -16.46 67.71
N VAL D 1208 39.15 -17.25 68.52
CA VAL D 1208 39.27 -17.12 69.96
C VAL D 1208 40.63 -17.64 70.44
N GLU D 1209 41.03 -18.81 69.96
CA GLU D 1209 42.29 -19.40 70.43
C GLU D 1209 43.48 -18.59 69.98
N GLY D 1210 43.68 -18.46 68.67
CA GLY D 1210 44.79 -17.69 68.14
C GLY D 1210 44.53 -16.20 68.12
N LEU D 1211 43.95 -15.68 69.20
CA LEU D 1211 43.57 -14.27 69.23
C LEU D 1211 44.80 -13.37 69.25
N THR D 1212 45.83 -13.74 70.00
CA THR D 1212 47.03 -12.91 70.08
C THR D 1212 47.72 -12.82 68.72
N THR D 1213 47.81 -13.94 68.01
CA THR D 1213 48.45 -13.93 66.69
C THR D 1213 47.68 -13.02 65.73
N ILE D 1214 46.35 -13.05 65.80
CA ILE D 1214 45.54 -12.28 64.86
C ILE D 1214 45.59 -10.79 65.20
N ARG D 1215 45.57 -10.44 66.49
CA ARG D 1215 45.73 -9.04 66.86
C ARG D 1215 47.16 -8.55 66.61
N ALA D 1216 48.14 -9.46 66.57
CA ALA D 1216 49.51 -9.08 66.29
C ALA D 1216 49.72 -8.81 64.81
N PHE D 1217 49.28 -9.72 63.95
CA PHE D 1217 49.41 -9.53 62.51
C PHE D 1217 48.61 -8.33 62.01
N ARG D 1218 47.74 -7.75 62.84
CA ARG D 1218 46.84 -6.67 62.43
C ARG D 1218 45.91 -7.12 61.31
N TYR D 1219 45.60 -8.42 61.25
CA TYR D 1219 44.74 -8.99 60.23
C TYR D 1219 43.26 -8.92 60.59
N GLU D 1220 42.88 -8.00 61.48
CA GLU D 1220 41.50 -7.97 61.96
C GLU D 1220 40.52 -7.63 60.85
N ALA D 1221 40.93 -6.74 59.93
CA ALA D 1221 40.03 -6.29 58.87
C ALA D 1221 39.63 -7.45 57.95
N ARG D 1222 40.62 -8.21 57.48
CA ARG D 1222 40.31 -9.30 56.56
C ARG D 1222 39.44 -10.36 57.23
N PHE D 1223 39.69 -10.63 58.52
CA PHE D 1223 38.88 -11.63 59.20
C PHE D 1223 37.46 -11.14 59.42
N GLN D 1224 37.28 -9.86 59.72
CA GLN D 1224 35.93 -9.31 59.82
C GLN D 1224 35.21 -9.38 58.49
N GLN D 1225 35.95 -9.15 57.40
CA GLN D 1225 35.38 -9.32 56.06
C GLN D 1225 34.92 -10.77 55.85
N LYS D 1226 35.76 -11.72 56.25
CA LYS D 1226 35.39 -13.13 56.12
C LYS D 1226 34.13 -13.46 56.92
N LEU D 1227 34.01 -12.89 58.13
CA LEU D 1227 32.85 -13.21 58.94
C LEU D 1227 31.58 -12.56 58.41
N LEU D 1228 31.69 -11.35 57.84
CA LEU D 1228 30.53 -10.78 57.16
C LEU D 1228 30.12 -11.64 55.99
N GLU D 1229 31.09 -12.15 55.22
CA GLU D 1229 30.80 -13.05 54.13
C GLU D 1229 30.06 -14.29 54.62
N TYR D 1230 30.55 -14.90 55.71
CA TYR D 1230 29.95 -16.13 56.21
C TYR D 1230 28.54 -15.88 56.74
N THR D 1231 28.32 -14.79 57.47
CA THR D 1231 26.99 -14.54 57.99
C THR D 1231 26.01 -14.17 56.88
N ASP D 1232 26.50 -13.56 55.79
CA ASP D 1232 25.64 -13.34 54.64
C ASP D 1232 25.26 -14.67 53.99
N SER D 1233 26.23 -15.58 53.84
CA SER D 1233 25.94 -16.89 53.25
C SER D 1233 24.99 -17.70 54.11
N ASN D 1234 25.02 -17.48 55.43
CA ASN D 1234 24.07 -18.14 56.31
C ASN D 1234 22.68 -17.53 56.16
N ASN D 1235 22.61 -16.20 56.11
CA ASN D 1235 21.32 -15.52 56.09
C ASN D 1235 20.58 -15.75 54.77
N ILE D 1236 21.30 -15.78 53.65
CA ILE D 1236 20.63 -16.02 52.38
C ILE D 1236 19.93 -17.37 52.38
N ALA D 1237 20.58 -18.39 52.95
CA ALA D 1237 19.97 -19.72 53.01
C ALA D 1237 18.79 -19.75 53.97
N SER D 1238 19.00 -19.27 55.20
CA SER D 1238 17.91 -19.27 56.19
C SER D 1238 16.77 -18.35 55.78
N LEU D 1239 16.97 -17.52 54.77
CA LEU D 1239 15.95 -16.61 54.26
C LEU D 1239 15.18 -17.24 53.10
N PHE D 1240 15.89 -17.85 52.14
CA PHE D 1240 15.22 -18.56 51.08
C PHE D 1240 14.38 -19.70 51.63
N LEU D 1241 14.82 -20.33 52.73
CA LEU D 1241 14.04 -21.43 53.30
C LEU D 1241 12.70 -20.93 53.82
N THR D 1242 12.70 -19.80 54.56
CA THR D 1242 11.44 -19.26 55.05
C THR D 1242 10.57 -18.72 53.92
N ALA D 1243 11.20 -18.19 52.85
CA ALA D 1243 10.43 -17.75 51.71
C ALA D 1243 9.71 -18.91 51.04
N ALA D 1244 10.39 -20.05 50.89
CA ALA D 1244 9.76 -21.22 50.27
C ALA D 1244 8.66 -21.79 51.15
N ASN D 1245 8.88 -21.82 52.46
CA ASN D 1245 7.82 -22.27 53.36
C ASN D 1245 6.59 -21.37 53.26
N ARG D 1246 6.81 -20.05 53.19
CA ARG D 1246 5.69 -19.13 52.99
C ARG D 1246 4.98 -19.40 51.68
N TRP D 1247 5.74 -19.68 50.62
CA TRP D 1247 5.14 -19.96 49.31
C TRP D 1247 4.19 -21.15 49.40
N LEU D 1248 4.71 -22.28 49.87
CA LEU D 1248 3.86 -23.47 49.99
C LEU D 1248 2.65 -23.20 50.88
N GLU D 1249 2.87 -22.51 52.00
CA GLU D 1249 1.78 -22.20 52.91
C GLU D 1249 0.67 -21.43 52.20
N VAL D 1250 1.03 -20.32 51.55
CA VAL D 1250 0.02 -19.45 50.97
C VAL D 1250 -0.75 -20.17 49.87
N ARG D 1251 -0.05 -20.94 49.03
CA ARG D 1251 -0.76 -21.58 47.93
C ARG D 1251 -1.69 -22.67 48.43
N MET D 1252 -1.20 -23.53 49.35
CA MET D 1252 -2.08 -24.54 49.93
C MET D 1252 -3.27 -23.90 50.62
N GLU D 1253 -3.07 -22.73 51.24
CA GLU D 1253 -4.18 -22.06 51.91
C GLU D 1253 -5.18 -21.50 50.91
N TYR D 1254 -4.70 -20.93 49.80
CA TYR D 1254 -5.62 -20.45 48.77
C TYR D 1254 -6.49 -21.59 48.25
N ILE D 1255 -5.90 -22.78 48.09
CA ILE D 1255 -6.72 -23.91 47.65
C ILE D 1255 -7.68 -24.36 48.76
N GLY D 1256 -7.22 -24.34 50.01
CA GLY D 1256 -8.10 -24.67 51.13
C GLY D 1256 -9.25 -23.69 51.32
N ALA D 1257 -9.13 -22.49 50.77
CA ALA D 1257 -10.23 -21.54 50.77
C ALA D 1257 -11.13 -21.73 49.55
N CYS D 1258 -10.54 -22.07 48.40
CA CYS D 1258 -11.35 -22.43 47.24
C CYS D 1258 -12.29 -23.58 47.57
N VAL D 1259 -11.81 -24.57 48.33
CA VAL D 1259 -12.64 -25.74 48.58
C VAL D 1259 -13.81 -25.39 49.48
N VAL D 1260 -13.61 -24.52 50.48
CA VAL D 1260 -14.73 -24.14 51.33
C VAL D 1260 -15.70 -23.24 50.58
N LEU D 1261 -15.19 -22.37 49.69
CA LEU D 1261 -16.08 -21.59 48.84
C LEU D 1261 -17.00 -22.49 48.04
N ILE D 1262 -16.41 -23.46 47.33
CA ILE D 1262 -17.22 -24.34 46.49
C ILE D 1262 -18.17 -25.18 47.34
N ALA D 1263 -17.70 -25.63 48.51
CA ALA D 1263 -18.54 -26.44 49.38
C ALA D 1263 -19.76 -25.66 49.85
N ALA D 1264 -19.56 -24.41 50.30
CA ALA D 1264 -20.68 -23.61 50.76
C ALA D 1264 -21.62 -23.26 49.61
N ALA D 1265 -21.06 -22.97 48.43
CA ALA D 1265 -21.90 -22.63 47.28
C ALA D 1265 -22.77 -23.81 46.85
N THR D 1266 -22.25 -25.03 46.96
CA THR D 1266 -23.07 -26.20 46.66
C THR D 1266 -24.05 -26.50 47.79
N SER D 1267 -23.67 -26.24 49.04
CA SER D 1267 -24.52 -26.58 50.17
C SER D 1267 -25.73 -25.66 50.25
N ILE D 1268 -25.55 -24.38 49.95
CA ILE D 1268 -26.66 -23.44 50.08
C ILE D 1268 -27.79 -23.79 49.10
N SER D 1269 -27.44 -24.32 47.94
CA SER D 1269 -28.45 -24.62 46.93
C SER D 1269 -28.94 -26.06 47.04
N ASN D 1270 -28.02 -27.02 46.99
CA ASN D 1270 -28.41 -28.42 46.93
C ASN D 1270 -29.11 -28.86 48.21
N SER D 1271 -28.57 -28.48 49.37
CA SER D 1271 -29.10 -28.95 50.64
C SER D 1271 -30.26 -28.12 51.16
N LEU D 1272 -30.61 -27.02 50.50
CA LEU D 1272 -31.74 -26.21 50.90
C LEU D 1272 -32.87 -26.20 49.88
N HIS D 1273 -32.56 -25.89 48.61
CA HIS D 1273 -33.59 -25.80 47.60
C HIS D 1273 -34.24 -27.15 47.34
N ARG D 1274 -33.42 -28.19 47.14
CA ARG D 1274 -33.93 -29.52 46.83
C ARG D 1274 -33.95 -30.45 48.03
N GLU D 1275 -32.80 -30.62 48.71
CA GLU D 1275 -32.73 -31.61 49.78
C GLU D 1275 -33.47 -31.16 51.03
N LEU D 1276 -33.47 -29.86 51.31
CA LEU D 1276 -34.08 -29.25 52.51
C LEU D 1276 -33.74 -30.06 53.76
N SER D 1277 -32.44 -30.15 54.04
CA SER D 1277 -31.93 -30.78 55.25
C SER D 1277 -30.88 -29.86 55.86
N ALA D 1278 -31.12 -29.43 57.10
CA ALA D 1278 -30.31 -28.39 57.73
C ALA D 1278 -29.15 -28.95 58.54
N GLY D 1279 -29.26 -30.17 59.05
CA GLY D 1279 -28.17 -30.75 59.81
C GLY D 1279 -26.93 -31.01 58.97
N LEU D 1280 -27.05 -30.98 57.65
CA LEU D 1280 -25.92 -31.25 56.77
C LEU D 1280 -24.96 -30.07 56.71
N VAL D 1281 -25.48 -28.89 56.36
CA VAL D 1281 -24.64 -27.73 56.07
C VAL D 1281 -23.73 -27.39 57.26
N GLY D 1282 -24.18 -27.68 58.48
CA GLY D 1282 -23.37 -27.42 59.64
C GLY D 1282 -22.04 -28.16 59.62
N LEU D 1283 -22.11 -29.48 59.47
CA LEU D 1283 -20.89 -30.29 59.44
C LEU D 1283 -19.98 -29.86 58.29
N GLY D 1284 -20.55 -29.68 57.10
CA GLY D 1284 -19.75 -29.32 55.95
C GLY D 1284 -19.03 -27.99 56.14
N LEU D 1285 -19.77 -26.97 56.57
CA LEU D 1285 -19.14 -25.66 56.78
C LEU D 1285 -18.09 -25.73 57.89
N THR D 1286 -18.39 -26.41 59.00
CA THR D 1286 -17.45 -26.46 60.11
C THR D 1286 -16.17 -27.19 59.74
N TYR D 1287 -16.26 -28.23 58.90
CA TYR D 1287 -15.05 -28.94 58.52
C TYR D 1287 -14.30 -28.25 57.40
N ALA D 1288 -15.00 -27.58 56.48
CA ALA D 1288 -14.34 -26.87 55.40
C ALA D 1288 -13.73 -25.55 55.85
N LEU D 1289 -14.20 -24.98 56.96
CA LEU D 1289 -13.56 -23.80 57.51
C LEU D 1289 -12.17 -24.10 58.06
N MET D 1290 -11.87 -25.36 58.34
CA MET D 1290 -10.63 -25.73 58.99
C MET D 1290 -9.79 -26.76 58.24
N VAL D 1291 -10.29 -27.35 57.16
CA VAL D 1291 -9.54 -28.37 56.42
C VAL D 1291 -8.15 -27.88 56.02
N SER D 1292 -8.00 -26.58 55.81
CA SER D 1292 -6.73 -26.06 55.30
C SER D 1292 -5.59 -26.22 56.30
N ASN D 1293 -5.87 -25.98 57.58
CA ASN D 1293 -4.82 -26.10 58.59
C ASN D 1293 -4.38 -27.55 58.75
N TYR D 1294 -5.33 -28.49 58.68
CA TYR D 1294 -4.97 -29.90 58.69
C TYR D 1294 -4.14 -30.27 57.47
N LEU D 1295 -4.48 -29.72 56.30
CA LEU D 1295 -3.67 -29.93 55.11
C LEU D 1295 -2.24 -29.46 55.31
N ASN D 1296 -2.07 -28.27 55.90
CA ASN D 1296 -0.73 -27.73 56.08
C ASN D 1296 0.08 -28.55 57.07
N TRP D 1297 -0.54 -28.91 58.20
CA TRP D 1297 0.10 -29.85 59.13
C TRP D 1297 0.58 -31.09 58.40
N MET D 1298 -0.30 -31.66 57.57
CA MET D 1298 0.02 -32.86 56.80
C MET D 1298 1.29 -32.66 55.99
N VAL D 1299 1.31 -31.60 55.16
CA VAL D 1299 2.41 -31.48 54.20
C VAL D 1299 3.73 -31.20 54.92
N ARG D 1300 3.70 -30.34 55.93
CA ARG D 1300 4.94 -30.00 56.63
C ARG D 1300 5.50 -31.21 57.39
N ASN D 1301 4.63 -31.91 58.12
CA ASN D 1301 5.08 -33.12 58.82
C ASN D 1301 5.55 -34.17 57.84
N LEU D 1302 4.98 -34.23 56.64
CA LEU D 1302 5.46 -35.18 55.64
C LEU D 1302 6.89 -34.86 55.23
N ALA D 1303 7.19 -33.58 54.98
CA ALA D 1303 8.55 -33.19 54.64
C ALA D 1303 9.53 -33.58 55.75
N ASP D 1304 9.17 -33.27 56.99
CA ASP D 1304 10.04 -33.59 58.12
C ASP D 1304 10.25 -35.11 58.25
N MET D 1305 9.17 -35.88 58.12
CA MET D 1305 9.29 -37.33 58.21
C MET D 1305 10.18 -37.87 57.11
N GLU D 1306 10.12 -37.27 55.92
CA GLU D 1306 10.97 -37.75 54.83
C GLU D 1306 12.45 -37.48 55.11
N ILE D 1307 12.78 -36.29 55.62
CA ILE D 1307 14.19 -36.05 55.91
C ILE D 1307 14.69 -36.94 57.05
N GLN D 1308 13.82 -37.22 58.02
CA GLN D 1308 14.24 -38.08 59.13
C GLN D 1308 14.38 -39.53 58.68
N LEU D 1309 13.52 -39.99 57.78
CA LEU D 1309 13.66 -41.34 57.25
C LEU D 1309 14.91 -41.48 56.39
N GLY D 1310 15.23 -40.42 55.62
CA GLY D 1310 16.51 -40.41 54.91
C GLY D 1310 17.70 -40.46 55.84
N ALA D 1311 17.58 -39.83 57.02
CA ALA D 1311 18.62 -39.97 58.03
C ALA D 1311 18.70 -41.41 58.55
N VAL D 1312 17.54 -42.05 58.72
CA VAL D 1312 17.51 -43.41 59.25
C VAL D 1312 18.16 -44.40 58.27
N LYS D 1313 17.94 -44.20 56.97
CA LYS D 1313 18.40 -45.17 55.97
C LYS D 1313 19.89 -45.49 56.10
N ARG D 1314 20.71 -44.54 56.55
CA ARG D 1314 22.14 -44.81 56.67
C ARG D 1314 22.43 -45.80 57.78
N ILE D 1315 21.54 -45.92 58.78
CA ILE D 1315 21.72 -46.94 59.80
C ILE D 1315 21.62 -48.33 59.18
N HIS D 1316 20.63 -48.54 58.31
CA HIS D 1316 20.53 -49.81 57.59
C HIS D 1316 21.70 -49.99 56.63
N ALA D 1317 22.17 -48.91 56.02
CA ALA D 1317 23.36 -48.98 55.19
C ALA D 1317 24.55 -49.51 55.99
N LEU D 1318 24.66 -49.11 57.26
CA LEU D 1318 25.67 -49.65 58.14
C LEU D 1318 25.34 -51.06 58.64
N LEU D 1319 24.06 -51.45 58.62
CA LEU D 1319 23.67 -52.74 59.16
C LEU D 1319 24.17 -53.90 58.30
N LYS D 1320 24.36 -53.68 57.00
CA LYS D 1320 24.72 -54.76 56.07
C LYS D 1320 26.22 -54.90 55.86
N THR D 1321 27.01 -54.58 56.87
CA THR D 1321 28.47 -54.70 56.76
C THR D 1321 28.93 -56.09 57.17
N HIS E 46 20.53 26.44 10.24
CA HIS E 46 20.79 27.02 8.92
C HIS E 46 20.21 28.42 8.83
N LYS E 47 20.94 29.29 8.13
CA LYS E 47 20.55 30.67 7.98
C LYS E 47 20.65 31.06 6.52
N ASN E 48 19.73 31.93 6.09
CA ASN E 48 19.74 32.51 4.76
C ASN E 48 19.64 31.42 3.67
N ILE E 49 18.55 30.67 3.73
CA ILE E 49 18.24 29.68 2.69
C ILE E 49 17.46 30.37 1.58
N ARG E 50 18.02 30.40 0.37
CA ARG E 50 17.31 30.97 -0.78
C ARG E 50 16.19 30.00 -1.17
N GLU E 51 15.09 30.13 -0.45
CA GLU E 51 13.95 29.26 -0.71
C GLU E 51 13.42 29.53 -2.11
N GLN E 52 13.53 28.56 -3.01
CA GLN E 52 12.89 28.66 -4.31
C GLN E 52 11.59 27.87 -4.35
N GLY E 53 11.12 27.43 -3.19
CA GLY E 53 9.85 26.76 -3.07
C GLY E 53 9.93 25.25 -3.04
N ARG E 54 11.12 24.67 -3.25
CA ARG E 54 11.21 23.22 -3.22
C ARG E 54 10.80 22.64 -1.86
N PHE E 55 10.78 23.46 -0.81
CA PHE E 55 10.35 23.00 0.51
C PHE E 55 8.91 22.55 0.52
N LEU E 56 8.06 23.22 -0.24
CA LEU E 56 6.71 22.70 -0.42
C LEU E 56 6.56 21.87 -1.68
N GLN E 57 7.47 22.02 -2.66
CA GLN E 57 7.34 21.27 -3.90
C GLN E 57 7.44 19.75 -3.70
N ASP E 58 7.86 19.33 -2.51
CA ASP E 58 8.01 17.96 -2.08
C ASP E 58 6.76 17.50 -1.35
N VAL E 59 5.61 17.91 -1.90
CA VAL E 59 4.34 18.04 -1.20
C VAL E 59 4.09 16.92 -0.22
N PHE E 60 4.19 15.67 -0.66
CA PHE E 60 3.92 14.60 0.28
C PHE E 60 5.18 14.08 0.97
N THR E 61 6.34 14.20 0.34
CA THR E 61 7.56 13.88 1.07
C THR E 61 7.91 14.95 2.09
N THR E 62 7.16 16.03 2.14
CA THR E 62 7.26 16.97 3.25
C THR E 62 6.43 16.51 4.43
N LEU E 63 5.15 16.24 4.21
CA LEU E 63 4.26 15.93 5.31
C LEU E 63 4.42 14.52 5.83
N VAL E 64 4.96 13.58 5.04
CA VAL E 64 5.28 12.28 5.59
C VAL E 64 6.44 12.35 6.57
N ASP E 65 7.13 13.48 6.63
CA ASP E 65 8.13 13.68 7.66
C ASP E 65 7.52 14.07 9.00
N LEU E 66 6.32 14.63 9.00
CA LEU E 66 5.77 15.31 10.18
C LEU E 66 5.52 14.34 11.31
N LYS E 67 5.10 14.89 12.45
CA LYS E 67 4.69 14.05 13.55
C LYS E 67 3.36 13.39 13.22
N TRP E 68 2.84 12.64 14.17
CA TRP E 68 1.56 11.99 14.02
C TRP E 68 0.37 12.92 14.24
N PRO E 69 0.38 13.78 15.27
CA PRO E 69 -0.77 14.68 15.43
C PRO E 69 -0.94 15.63 14.26
N HIS E 70 0.14 16.22 13.73
CA HIS E 70 0.00 17.11 12.60
C HIS E 70 -0.49 16.38 11.37
N THR E 71 0.05 15.20 11.10
CA THR E 71 -0.37 14.48 9.92
C THR E 71 -1.82 14.04 10.04
N LEU E 72 -2.24 13.60 11.23
CA LEU E 72 -3.64 13.24 11.40
C LEU E 72 -4.54 14.46 11.28
N LEU E 73 -4.10 15.60 11.81
CA LEU E 73 -4.87 16.83 11.66
C LEU E 73 -5.04 17.19 10.19
N ILE E 74 -3.97 17.13 9.41
CA ILE E 74 -4.09 17.57 8.03
C ILE E 74 -4.86 16.56 7.20
N PHE E 75 -4.88 15.29 7.61
CA PHE E 75 -5.71 14.32 6.90
C PHE E 75 -7.19 14.52 7.19
N THR E 76 -7.53 14.72 8.47
CA THR E 76 -8.93 15.00 8.72
C THR E 76 -9.35 16.30 8.06
N MET E 77 -8.44 17.27 7.95
CA MET E 77 -8.79 18.53 7.30
C MET E 77 -8.97 18.37 5.80
N SER E 78 -8.14 17.54 5.16
CA SER E 78 -8.39 17.18 3.77
C SER E 78 -9.77 16.57 3.59
N PHE E 79 -10.09 15.57 4.40
CA PHE E 79 -11.36 14.89 4.21
C PHE E 79 -12.53 15.83 4.46
N LEU E 80 -12.51 16.57 5.57
CA LEU E 80 -13.62 17.47 5.87
C LEU E 80 -13.72 18.58 4.84
N CYS E 81 -12.59 19.09 4.37
CA CYS E 81 -12.64 20.10 3.31
C CYS E 81 -13.38 19.58 2.10
N SER E 82 -13.00 18.41 1.60
CA SER E 82 -13.67 17.91 0.40
C SER E 82 -15.15 17.65 0.65
N TRP E 83 -15.48 17.05 1.80
CA TRP E 83 -16.87 16.74 2.09
C TRP E 83 -17.72 18.01 2.14
N LEU E 84 -17.23 19.05 2.81
CA LEU E 84 -18.02 20.27 2.91
C LEU E 84 -18.15 20.95 1.56
N LEU E 85 -17.09 20.93 0.75
CA LEU E 85 -17.19 21.51 -0.59
C LEU E 85 -18.34 20.88 -1.37
N PHE E 86 -18.34 19.54 -1.46
CA PHE E 86 -19.38 18.93 -2.28
C PHE E 86 -20.76 18.99 -1.61
N ALA E 87 -20.82 19.04 -0.28
CA ALA E 87 -22.12 19.21 0.36
C ALA E 87 -22.72 20.56 0.01
N MET E 88 -21.88 21.60 -0.04
CA MET E 88 -22.36 22.91 -0.45
C MET E 88 -22.86 22.89 -1.89
N VAL E 89 -22.08 22.30 -2.79
CA VAL E 89 -22.52 22.33 -4.19
C VAL E 89 -23.81 21.53 -4.37
N TRP E 90 -23.99 20.46 -3.60
CA TRP E 90 -25.23 19.69 -3.72
C TRP E 90 -26.41 20.44 -3.13
N TRP E 91 -26.23 21.02 -1.95
CA TRP E 91 -27.27 21.89 -1.41
C TRP E 91 -27.70 22.88 -2.48
N LEU E 92 -26.74 23.52 -3.14
CA LEU E 92 -27.06 24.55 -4.11
C LEU E 92 -27.78 23.97 -5.32
N ILE E 93 -27.38 22.80 -5.77
CA ILE E 93 -28.01 22.29 -6.99
C ILE E 93 -29.44 21.87 -6.70
N ALA E 94 -29.70 21.27 -5.53
CA ALA E 94 -31.07 20.95 -5.14
C ALA E 94 -31.90 22.20 -4.93
N PHE E 95 -31.28 23.27 -4.42
CA PHE E 95 -31.99 24.53 -4.29
C PHE E 95 -32.36 25.08 -5.66
N ALA E 96 -31.41 25.04 -6.59
CA ALA E 96 -31.57 25.66 -7.89
C ALA E 96 -32.58 24.91 -8.75
N HIS E 97 -32.54 23.57 -8.73
CA HIS E 97 -33.54 22.86 -9.52
C HIS E 97 -34.95 23.21 -9.06
N GLY E 98 -35.10 23.67 -7.83
CA GLY E 98 -36.40 23.89 -7.26
C GLY E 98 -36.97 22.69 -6.56
N ASP E 99 -36.31 21.54 -6.66
CA ASP E 99 -36.68 20.38 -5.87
C ASP E 99 -36.57 20.64 -4.38
N LEU E 100 -35.84 21.68 -3.99
CA LEU E 100 -35.72 22.02 -2.58
C LEU E 100 -37.00 22.63 -2.05
N ALA E 101 -37.74 23.34 -2.90
CA ALA E 101 -39.03 23.92 -2.55
C ALA E 101 -40.02 22.78 -2.29
N PRO E 102 -40.46 22.61 -1.05
CA PRO E 102 -41.33 21.47 -0.72
C PRO E 102 -42.63 21.55 -1.49
N GLY E 103 -42.85 20.58 -2.37
CA GLY E 103 -44.04 20.55 -3.18
C GLY E 103 -44.40 19.12 -3.53
N GLU E 104 -45.70 18.87 -3.61
CA GLU E 104 -46.24 17.55 -3.88
C GLU E 104 -46.70 17.51 -5.34
N GLY E 105 -46.05 16.68 -6.15
CA GLY E 105 -46.43 16.50 -7.53
C GLY E 105 -45.75 17.48 -8.47
N THR E 106 -46.00 17.26 -9.76
CA THR E 106 -45.47 18.07 -10.87
C THR E 106 -43.95 18.07 -10.91
N ASN E 107 -43.29 17.25 -10.10
CA ASN E 107 -41.84 17.16 -10.10
C ASN E 107 -41.42 15.85 -9.44
N VAL E 108 -40.17 15.50 -9.67
CA VAL E 108 -39.50 14.49 -8.86
C VAL E 108 -38.14 15.08 -8.53
N PRO E 109 -37.74 15.13 -7.27
CA PRO E 109 -36.46 15.74 -6.93
C PRO E 109 -35.32 14.99 -7.61
N CYS E 110 -34.28 15.72 -8.01
CA CYS E 110 -33.10 15.07 -8.55
C CYS E 110 -32.52 14.11 -7.53
N VAL E 111 -32.61 14.46 -6.25
CA VAL E 111 -32.26 13.58 -5.14
C VAL E 111 -33.50 13.43 -4.28
N THR E 112 -34.06 12.22 -4.27
CA THR E 112 -35.31 12.01 -3.55
C THR E 112 -35.10 12.27 -2.06
N SER E 113 -36.13 12.82 -1.42
CA SER E 113 -36.12 13.04 0.02
C SER E 113 -34.93 13.89 0.46
N ILE E 114 -34.86 15.11 -0.06
CA ILE E 114 -33.91 16.09 0.40
C ILE E 114 -34.70 17.30 0.90
N HIS E 115 -34.37 17.76 2.11
CA HIS E 115 -35.14 18.84 2.71
C HIS E 115 -34.30 20.06 3.04
N SER E 116 -33.17 19.88 3.70
CA SER E 116 -32.43 21.02 4.21
C SER E 116 -30.95 20.79 3.99
N PHE E 117 -30.16 21.74 4.47
CA PHE E 117 -28.72 21.62 4.34
C PHE E 117 -28.20 20.39 5.06
N SER E 118 -28.75 20.11 6.24
CA SER E 118 -28.26 18.97 7.02
C SER E 118 -28.42 17.68 6.23
N SER E 119 -29.61 17.42 5.70
CA SER E 119 -29.77 16.19 4.94
C SER E 119 -28.91 16.20 3.69
N ALA E 120 -28.58 17.38 3.16
CA ALA E 120 -27.71 17.42 2.00
C ALA E 120 -26.29 17.03 2.37
N PHE E 121 -25.78 17.52 3.49
CA PHE E 121 -24.46 17.12 3.95
C PHE E 121 -24.44 15.63 4.30
N LEU E 122 -25.57 15.11 4.80
CA LEU E 122 -25.67 13.68 5.01
C LEU E 122 -25.60 12.92 3.68
N PHE E 123 -26.18 13.48 2.63
CA PHE E 123 -26.07 12.83 1.32
C PHE E 123 -24.64 12.89 0.82
N SER E 124 -23.96 14.01 1.05
CA SER E 124 -22.58 14.14 0.59
C SER E 124 -21.69 13.11 1.28
N ILE E 125 -21.80 12.99 2.59
CA ILE E 125 -20.98 11.98 3.25
C ILE E 125 -21.47 10.58 2.94
N GLU E 126 -22.72 10.42 2.51
CA GLU E 126 -23.22 9.10 2.16
C GLU E 126 -22.65 8.61 0.85
N VAL E 127 -22.50 9.49 -0.13
CA VAL E 127 -21.97 9.06 -1.40
C VAL E 127 -20.45 9.16 -1.46
N GLN E 128 -19.86 10.15 -0.79
CA GLN E 128 -18.41 10.33 -0.89
C GLN E 128 -17.68 9.12 -0.32
N VAL E 129 -17.85 8.85 0.97
CA VAL E 129 -17.00 7.88 1.64
C VAL E 129 -17.54 6.49 1.40
N THR E 130 -18.49 6.36 0.48
CA THR E 130 -18.94 5.09 -0.06
C THR E 130 -19.57 4.19 1.01
N ILE E 131 -20.42 4.78 1.85
CA ILE E 131 -21.33 4.01 2.68
C ILE E 131 -22.63 3.71 1.94
N GLY E 132 -23.14 4.68 1.18
CA GLY E 132 -24.33 4.49 0.36
C GLY E 132 -25.59 4.08 1.09
N PHE E 133 -26.17 5.00 1.89
CA PHE E 133 -27.32 4.65 2.72
C PHE E 133 -28.57 4.42 1.89
N GLY E 134 -28.77 5.22 0.86
CA GLY E 134 -29.88 5.00 -0.04
C GLY E 134 -31.24 5.46 0.43
N GLY E 135 -31.31 6.18 1.55
CA GLY E 135 -32.58 6.78 1.93
C GLY E 135 -32.95 7.92 1.00
N ARG E 136 -31.96 8.68 0.56
CA ARG E 136 -32.14 9.71 -0.45
C ARG E 136 -31.53 9.19 -1.74
N MET E 137 -32.34 9.14 -2.79
CA MET E 137 -31.98 8.53 -4.06
C MET E 137 -31.74 9.63 -5.07
N VAL E 138 -30.58 9.59 -5.71
CA VAL E 138 -30.34 10.41 -6.89
C VAL E 138 -31.00 9.74 -8.08
N THR E 139 -31.71 10.52 -8.89
CA THR E 139 -32.62 10.00 -9.90
C THR E 139 -32.10 10.28 -11.30
N GLU E 140 -32.73 9.63 -12.28
CA GLU E 140 -32.34 9.71 -13.68
C GLU E 140 -33.06 10.84 -14.42
N GLU E 141 -33.60 11.80 -13.70
CA GLU E 141 -34.27 12.94 -14.32
C GLU E 141 -33.31 14.09 -14.63
N CYS E 142 -32.24 14.25 -13.84
CA CYS E 142 -31.32 15.37 -13.98
C CYS E 142 -29.91 14.89 -14.27
N PRO E 143 -29.40 15.10 -15.49
CA PRO E 143 -28.01 14.68 -15.79
C PRO E 143 -26.95 15.53 -15.10
N LEU E 144 -27.30 16.74 -14.64
CA LEU E 144 -26.34 17.54 -13.92
C LEU E 144 -25.92 16.87 -12.61
N ALA E 145 -26.88 16.25 -11.91
CA ALA E 145 -26.55 15.48 -10.71
C ALA E 145 -25.68 14.29 -11.05
N ILE E 146 -25.88 13.70 -12.23
CA ILE E 146 -25.01 12.60 -12.64
C ILE E 146 -23.58 13.10 -12.79
N LEU E 147 -23.40 14.28 -13.38
CA LEU E 147 -22.06 14.83 -13.52
C LEU E 147 -21.42 15.09 -12.16
N ILE E 148 -22.19 15.71 -11.25
CA ILE E 148 -21.59 16.01 -9.95
C ILE E 148 -21.23 14.74 -9.22
N LEU E 149 -22.00 13.67 -9.39
CA LEU E 149 -21.63 12.40 -8.77
C LEU E 149 -20.39 11.82 -9.40
N ILE E 150 -20.29 11.88 -10.73
CA ILE E 150 -19.20 11.21 -11.44
C ILE E 150 -17.89 11.95 -11.26
N VAL E 151 -17.92 13.20 -10.81
CA VAL E 151 -16.68 13.85 -10.39
C VAL E 151 -16.44 13.69 -8.89
N GLN E 152 -17.51 13.74 -8.09
CA GLN E 152 -17.37 13.53 -6.65
C GLN E 152 -16.66 12.23 -6.38
N ASN E 153 -17.11 11.15 -7.00
CA ASN E 153 -16.56 9.85 -6.65
C ASN E 153 -15.11 9.71 -7.08
N ILE E 154 -14.76 10.18 -8.28
CA ILE E 154 -13.37 10.03 -8.70
C ILE E 154 -12.46 10.90 -7.83
N VAL E 155 -12.86 12.12 -7.48
CA VAL E 155 -11.96 12.89 -6.62
C VAL E 155 -11.87 12.23 -5.25
N GLY E 156 -12.97 11.68 -4.77
CA GLY E 156 -12.92 10.98 -3.51
C GLY E 156 -11.95 9.83 -3.57
N LEU E 157 -11.98 9.08 -4.66
CA LEU E 157 -11.11 7.91 -4.76
C LEU E 157 -9.65 8.33 -4.87
N MET E 158 -9.38 9.41 -5.58
CA MET E 158 -7.99 9.81 -5.71
C MET E 158 -7.43 10.28 -4.38
N ILE E 159 -8.20 11.09 -3.64
CA ILE E 159 -7.69 11.61 -2.38
C ILE E 159 -7.61 10.51 -1.32
N ASN E 160 -8.49 9.51 -1.42
CA ASN E 160 -8.35 8.33 -0.57
C ASN E 160 -7.08 7.55 -0.92
N ALA E 161 -6.76 7.45 -2.21
CA ALA E 161 -5.57 6.70 -2.60
C ALA E 161 -4.30 7.36 -2.10
N ILE E 162 -4.20 8.67 -2.26
CA ILE E 162 -3.00 9.35 -1.77
C ILE E 162 -2.96 9.31 -0.24
N MET E 163 -4.10 9.52 0.44
CA MET E 163 -4.08 9.54 1.89
C MET E 163 -3.92 8.15 2.49
N LEU E 164 -3.92 7.11 1.67
CA LEU E 164 -3.45 5.84 2.18
C LEU E 164 -1.98 5.60 1.86
N GLY E 165 -1.56 5.88 0.62
CA GLY E 165 -0.17 5.67 0.27
C GLY E 165 0.76 6.48 1.16
N CYS E 166 0.44 7.75 1.44
CA CYS E 166 1.35 8.52 2.23
C CYS E 166 1.38 8.06 3.68
N ILE E 167 0.26 7.66 4.28
CA ILE E 167 0.35 7.14 5.65
C ILE E 167 1.15 5.85 5.66
N PHE E 168 1.05 5.02 4.60
CA PHE E 168 1.88 3.82 4.65
C PHE E 168 3.35 4.18 4.47
N MET E 169 3.65 5.08 3.55
CA MET E 169 5.03 5.54 3.38
C MET E 169 5.57 6.12 4.68
N LYS E 170 4.66 6.59 5.53
CA LYS E 170 5.05 7.03 6.87
C LYS E 170 5.37 5.86 7.78
N THR E 171 4.49 4.87 7.85
CA THR E 171 4.74 3.77 8.78
C THR E 171 6.03 3.00 8.47
N ALA E 172 6.74 3.37 7.40
CA ALA E 172 8.13 2.97 7.23
C ALA E 172 9.10 3.98 7.82
N GLN E 173 8.65 4.79 8.77
CA GLN E 173 9.57 5.53 9.61
C GLN E 173 10.22 4.52 10.54
N ALA E 174 11.50 4.24 10.31
CA ALA E 174 12.25 3.37 11.20
C ALA E 174 13.33 4.10 11.97
N HIS E 175 13.33 5.44 11.94
CA HIS E 175 14.21 6.18 12.82
C HIS E 175 14.04 5.73 14.27
N ARG E 176 12.82 5.35 14.68
CA ARG E 176 12.67 4.79 16.02
C ARG E 176 13.68 3.65 16.24
N ARG E 177 13.82 2.76 15.25
CA ARG E 177 14.94 1.81 15.28
C ARG E 177 16.28 2.50 15.29
N ALA E 178 16.38 3.73 14.79
CA ALA E 178 17.61 4.44 15.08
C ALA E 178 17.65 4.89 16.53
N ASN F 24 -34.97 35.66 -6.78
CA ASN F 24 -34.21 34.60 -6.12
C ASN F 24 -33.06 35.15 -5.30
N GLY F 25 -33.38 35.99 -4.32
CA GLY F 25 -32.33 36.63 -3.54
C GLY F 25 -31.48 35.64 -2.77
N CYS F 26 -32.13 34.70 -2.07
CA CYS F 26 -31.37 33.69 -1.35
C CYS F 26 -30.49 32.87 -2.28
N PHE F 27 -30.95 32.63 -3.51
CA PHE F 27 -30.13 31.90 -4.47
C PHE F 27 -28.83 32.63 -4.77
N VAL F 28 -28.90 33.95 -4.97
CA VAL F 28 -27.70 34.71 -5.26
C VAL F 28 -26.82 34.82 -4.01
N ASP F 29 -27.44 34.89 -2.82
CA ASP F 29 -26.65 34.88 -1.60
C ASP F 29 -25.82 33.60 -1.49
N ALA F 30 -26.45 32.45 -1.76
CA ALA F 30 -25.72 31.19 -1.73
C ALA F 30 -24.63 31.15 -2.80
N LEU F 31 -24.97 31.61 -4.01
CA LEU F 31 -23.97 31.65 -5.07
C LEU F 31 -22.77 32.49 -4.69
N ASN F 32 -22.97 33.52 -3.87
CA ASN F 32 -21.84 34.27 -3.35
C ASN F 32 -21.09 33.51 -2.27
N VAL F 33 -21.81 32.76 -1.44
CA VAL F 33 -21.15 32.04 -0.35
C VAL F 33 -20.21 30.99 -0.91
N VAL F 34 -20.52 30.44 -2.09
CA VAL F 34 -19.73 29.31 -2.61
C VAL F 34 -18.25 29.62 -2.77
N PRO F 35 -17.82 30.67 -3.48
CA PRO F 35 -16.38 30.82 -3.76
C PRO F 35 -15.53 31.07 -2.52
N HIS F 36 -16.05 31.82 -1.54
CA HIS F 36 -15.35 31.94 -0.27
C HIS F 36 -15.06 30.58 0.32
N VAL F 37 -16.05 29.69 0.26
CA VAL F 37 -15.89 28.33 0.77
C VAL F 37 -14.80 27.59 0.00
N PHE F 38 -14.80 27.72 -1.32
CA PHE F 38 -13.78 27.07 -2.14
C PHE F 38 -12.38 27.49 -1.71
N LEU F 39 -12.18 28.80 -1.51
CA LEU F 39 -10.86 29.30 -1.15
C LEU F 39 -10.48 28.90 0.27
N LEU F 40 -11.41 29.03 1.22
CA LEU F 40 -11.14 28.62 2.59
C LEU F 40 -10.85 27.13 2.68
N PHE F 41 -11.31 26.34 1.71
CA PHE F 41 -11.02 24.93 1.77
C PHE F 41 -9.70 24.57 1.12
N ILE F 42 -9.32 25.26 0.04
CA ILE F 42 -7.99 25.01 -0.49
C ILE F 42 -6.88 25.62 0.38
N THR F 43 -7.18 26.63 1.17
CA THR F 43 -6.11 27.26 1.95
C THR F 43 -5.65 26.39 3.09
N PHE F 44 -6.48 25.47 3.58
CA PHE F 44 -6.18 24.83 4.85
C PHE F 44 -5.09 23.77 4.76
N PRO F 45 -5.04 22.94 3.71
CA PRO F 45 -3.89 22.05 3.57
C PRO F 45 -2.57 22.78 3.52
N ILE F 46 -2.47 23.77 2.63
CA ILE F 46 -1.21 24.48 2.50
C ILE F 46 -0.88 25.25 3.77
N LEU F 47 -1.89 25.89 4.37
CA LEU F 47 -1.63 26.61 5.61
C LEU F 47 -1.21 25.67 6.73
N PHE F 48 -1.71 24.43 6.72
CA PHE F 48 -1.36 23.51 7.79
C PHE F 48 -0.01 22.85 7.57
N ILE F 49 0.39 22.66 6.31
CA ILE F 49 1.76 22.22 6.03
C ILE F 49 2.74 23.32 6.41
N GLY F 50 2.43 24.58 6.03
CA GLY F 50 3.31 25.68 6.36
C GLY F 50 3.37 25.98 7.84
N TRP F 51 2.29 25.71 8.57
CA TRP F 51 2.30 25.95 10.02
C TRP F 51 2.90 24.78 10.79
N GLY F 52 2.82 23.58 10.25
CA GLY F 52 3.40 22.41 10.90
C GLY F 52 4.92 22.36 10.85
N SER F 63 15.77 32.47 5.31
CA SER F 63 15.38 33.81 5.75
C SER F 63 15.56 34.84 4.63
N THR F 64 14.85 34.66 3.53
CA THR F 64 14.86 35.58 2.40
C THR F 64 13.45 36.04 2.10
N TRP F 65 13.25 37.36 2.07
CA TRP F 65 11.95 37.96 1.81
C TRP F 65 11.90 38.45 0.36
N LEU F 66 10.97 37.90 -0.41
CA LEU F 66 10.73 38.29 -1.79
C LEU F 66 9.45 39.11 -1.86
N HIS F 67 9.53 40.32 -2.39
CA HIS F 67 8.38 41.19 -2.52
C HIS F 67 7.94 41.30 -3.97
N PHE F 68 6.64 41.45 -4.15
CA PHE F 68 6.08 41.54 -5.49
C PHE F 68 5.45 42.91 -5.71
N PRO F 69 5.42 43.40 -6.95
CA PRO F 69 4.77 44.69 -7.20
C PRO F 69 3.30 44.65 -6.82
N GLY F 70 2.83 45.73 -6.21
CA GLY F 70 1.47 45.81 -5.72
C GLY F 70 1.27 45.28 -4.33
N HIS F 71 2.34 44.86 -3.65
CA HIS F 71 2.23 44.33 -2.31
C HIS F 71 1.53 45.31 -1.38
N ASN F 72 2.06 46.54 -1.30
CA ASN F 72 1.47 47.56 -0.44
C ASN F 72 0.05 47.92 -0.90
N LEU F 73 -0.14 48.02 -2.21
CA LEU F 73 -1.49 48.21 -2.73
C LEU F 73 -2.38 47.05 -2.34
N ARG F 74 -1.86 45.83 -2.38
CA ARG F 74 -2.68 44.67 -2.00
C ARG F 74 -3.12 44.78 -0.55
N TRP F 75 -2.21 45.13 0.35
CA TRP F 75 -2.57 45.19 1.76
C TRP F 75 -3.52 46.35 2.03
N ILE F 76 -3.30 47.51 1.39
CA ILE F 76 -4.23 48.61 1.54
C ILE F 76 -5.63 48.20 1.10
N LEU F 77 -5.73 47.59 -0.09
CA LEU F 77 -7.03 47.14 -0.56
C LEU F 77 -7.62 46.10 0.37
N THR F 78 -6.79 45.24 0.98
CA THR F 78 -7.33 44.24 1.88
C THR F 78 -7.90 44.87 3.14
N PHE F 79 -7.27 45.94 3.64
CA PHE F 79 -7.86 46.63 4.78
C PHE F 79 -9.15 47.32 4.39
N ILE F 80 -9.22 47.85 3.17
CA ILE F 80 -10.47 48.46 2.72
C ILE F 80 -11.57 47.40 2.62
N LEU F 81 -11.20 46.19 2.18
CA LEU F 81 -12.14 45.07 2.16
C LEU F 81 -12.62 44.74 3.56
N LEU F 82 -11.70 44.68 4.52
CA LEU F 82 -12.08 44.46 5.90
C LEU F 82 -13.14 45.46 6.35
N PHE F 83 -12.92 46.74 6.04
CA PHE F 83 -13.88 47.78 6.42
C PHE F 83 -15.24 47.55 5.78
N VAL F 84 -15.25 47.34 4.45
CA VAL F 84 -16.53 47.17 3.76
C VAL F 84 -17.24 45.92 4.26
N LEU F 85 -16.49 44.90 4.67
CA LEU F 85 -17.12 43.69 5.20
C LEU F 85 -17.75 43.95 6.55
N VAL F 86 -17.10 44.77 7.38
CA VAL F 86 -17.75 45.20 8.62
C VAL F 86 -19.07 45.89 8.31
N CYS F 87 -19.08 46.74 7.28
CA CYS F 87 -20.32 47.43 6.93
C CYS F 87 -21.39 46.44 6.47
N GLU F 88 -21.00 45.43 5.71
CA GLU F 88 -21.96 44.42 5.27
C GLU F 88 -22.55 43.66 6.46
N ILE F 89 -21.71 43.33 7.45
CA ILE F 89 -22.22 42.67 8.65
C ILE F 89 -23.21 43.58 9.35
N ALA F 90 -22.93 44.89 9.38
CA ALA F 90 -23.89 45.83 9.94
C ALA F 90 -25.23 45.76 9.21
N GLU F 91 -25.19 45.74 7.87
CA GLU F 91 -26.42 45.62 7.11
C GLU F 91 -27.17 44.34 7.44
N GLY F 92 -26.44 43.24 7.56
CA GLY F 92 -27.07 41.97 7.88
C GLY F 92 -27.71 41.96 9.26
N ILE F 93 -27.11 42.67 10.20
CA ILE F 93 -27.73 42.80 11.52
C ILE F 93 -29.00 43.66 11.41
N LEU F 94 -28.95 44.73 10.63
CA LEU F 94 -30.12 45.60 10.51
C LEU F 94 -31.29 44.86 9.87
N SER F 95 -31.01 44.01 8.89
CA SER F 95 -32.09 43.34 8.18
C SER F 95 -32.76 42.29 9.06
N ASP F 96 -31.98 41.39 9.64
CA ASP F 96 -32.52 40.28 10.42
C ASP F 96 -33.27 40.77 11.66
N HIS F 103 -33.05 35.09 9.32
CA HIS F 103 -32.50 34.97 7.96
C HIS F 103 -30.98 34.88 7.93
N LEU F 104 -30.43 33.69 8.24
CA LEU F 104 -28.99 33.50 8.25
C LEU F 104 -28.39 33.64 6.87
N HIS F 105 -28.98 32.94 5.89
CA HIS F 105 -28.47 32.90 4.52
C HIS F 105 -28.41 34.27 3.86
N LEU F 106 -28.99 35.30 4.47
CA LEU F 106 -28.98 36.63 3.88
C LEU F 106 -27.77 37.45 4.29
N TYR F 107 -27.17 37.18 5.45
CA TYR F 107 -25.96 37.87 5.85
C TYR F 107 -24.74 36.95 5.93
N MET F 108 -24.87 35.68 5.56
CA MET F 108 -23.68 34.85 5.54
C MET F 108 -22.58 35.30 4.56
N PRO F 109 -22.88 35.86 3.38
CA PRO F 109 -21.79 36.23 2.46
C PRO F 109 -20.72 37.12 3.07
N ALA F 110 -21.09 38.04 3.94
CA ALA F 110 -20.10 38.91 4.57
C ALA F 110 -19.21 38.10 5.51
N GLY F 111 -19.81 37.29 6.37
CA GLY F 111 -19.04 36.46 7.27
C GLY F 111 -18.12 35.49 6.56
N MET F 112 -18.45 35.11 5.33
CA MET F 112 -17.55 34.24 4.58
C MET F 112 -16.45 35.01 3.87
N ALA F 113 -16.78 36.15 3.25
CA ALA F 113 -15.73 36.97 2.65
C ALA F 113 -14.73 37.45 3.68
N PHE F 114 -15.16 37.59 4.94
CA PHE F 114 -14.23 37.99 6.00
C PHE F 114 -13.11 36.96 6.14
N MET F 115 -13.48 35.70 6.35
CA MET F 115 -12.48 34.64 6.45
C MET F 115 -11.75 34.45 5.13
N ALA F 116 -12.41 34.69 4.00
CA ALA F 116 -11.74 34.54 2.72
C ALA F 116 -10.63 35.59 2.55
N ALA F 117 -10.89 36.83 2.94
CA ALA F 117 -9.88 37.87 2.85
C ALA F 117 -8.75 37.62 3.86
N ILE F 118 -9.10 37.17 5.07
CA ILE F 118 -8.05 36.85 6.02
C ILE F 118 -7.20 35.69 5.50
N THR F 119 -7.82 34.71 4.85
CA THR F 119 -7.04 33.61 4.29
C THR F 119 -6.26 34.04 3.06
N SER F 120 -6.75 35.03 2.31
CA SER F 120 -5.95 35.60 1.25
C SER F 120 -4.73 36.29 1.82
N VAL F 121 -4.88 36.97 2.96
CA VAL F 121 -3.72 37.53 3.63
C VAL F 121 -2.75 36.42 4.05
N VAL F 122 -3.28 35.32 4.57
CA VAL F 122 -2.41 34.23 4.99
C VAL F 122 -1.68 33.63 3.80
N TYR F 123 -2.37 33.48 2.68
CA TYR F 123 -1.73 33.03 1.45
C TYR F 123 -0.62 33.98 1.04
N TYR F 124 -0.90 35.28 1.07
CA TYR F 124 0.11 36.21 0.59
C TYR F 124 1.30 36.25 1.55
N HIS F 125 1.08 36.03 2.83
CA HIS F 125 2.22 35.89 3.73
C HIS F 125 3.02 34.64 3.40
N ASN F 126 2.33 33.53 3.11
CA ASN F 126 3.02 32.30 2.76
C ASN F 126 3.74 32.39 1.43
N ILE F 127 3.32 33.29 0.56
CA ILE F 127 4.01 33.49 -0.71
C ILE F 127 5.15 34.48 -0.57
N GLU F 128 4.99 35.52 0.23
CA GLU F 128 6.11 36.41 0.49
C GLU F 128 7.25 35.65 1.16
N THR F 129 6.92 34.68 2.01
CA THR F 129 8.00 33.94 2.68
C THR F 129 8.66 32.94 1.74
N SER F 130 7.91 32.34 0.82
CA SER F 130 8.48 31.43 -0.17
C SER F 130 7.70 31.57 -1.46
N ASN F 131 8.40 31.87 -2.55
CA ASN F 131 7.70 32.22 -3.78
C ASN F 131 7.25 30.99 -4.53
N PHE F 132 6.13 31.12 -5.24
CA PHE F 132 5.59 30.07 -6.08
C PHE F 132 4.85 30.71 -7.25
N PRO F 133 4.75 30.01 -8.36
CA PRO F 133 3.89 30.49 -9.44
C PRO F 133 2.47 29.97 -9.32
N LYS F 134 2.27 28.95 -8.48
CA LYS F 134 0.98 28.30 -8.47
C LYS F 134 0.04 28.88 -7.44
N LEU F 135 0.54 29.21 -6.25
CA LEU F 135 -0.33 29.77 -5.24
C LEU F 135 -0.99 31.05 -5.74
N LEU F 136 -0.27 31.86 -6.53
CA LEU F 136 -0.83 33.08 -7.10
C LEU F 136 -2.01 32.78 -8.01
N ILE F 137 -1.86 31.81 -8.92
CA ILE F 137 -3.01 31.40 -9.73
C ILE F 137 -4.14 30.93 -8.84
N ALA F 138 -3.81 30.23 -7.75
CA ALA F 138 -4.84 29.84 -6.80
C ALA F 138 -5.58 31.06 -6.25
N LEU F 139 -4.91 32.19 -6.09
CA LEU F 139 -5.66 33.36 -5.69
C LEU F 139 -6.48 33.90 -6.85
N LEU F 140 -5.90 33.87 -8.05
CA LEU F 140 -6.53 34.54 -9.18
C LEU F 140 -7.87 33.90 -9.52
N ILE F 141 -7.95 32.57 -9.39
CA ILE F 141 -9.21 31.88 -9.65
C ILE F 141 -10.31 32.43 -8.75
N TYR F 142 -10.02 32.51 -7.45
CA TYR F 142 -11.01 32.99 -6.50
C TYR F 142 -11.42 34.42 -6.81
N TRP F 143 -10.46 35.28 -7.14
CA TRP F 143 -10.83 36.66 -7.45
C TRP F 143 -11.81 36.72 -8.62
N THR F 144 -11.52 35.97 -9.69
CA THR F 144 -12.42 35.99 -10.84
C THR F 144 -13.82 35.53 -10.48
N LEU F 145 -13.91 34.44 -9.70
CA LEU F 145 -15.24 33.92 -9.38
C LEU F 145 -16.01 34.88 -8.48
N ALA F 146 -15.33 35.51 -7.52
CA ALA F 146 -16.01 36.47 -6.65
C ALA F 146 -16.50 37.68 -7.45
N PHE F 147 -15.69 38.11 -8.44
CA PHE F 147 -16.12 39.21 -9.30
C PHE F 147 -17.39 38.83 -10.07
N ILE F 148 -17.45 37.60 -10.58
CA ILE F 148 -18.63 37.16 -11.31
C ILE F 148 -19.86 37.21 -10.42
N THR F 149 -19.76 36.65 -9.20
CA THR F 149 -20.92 36.64 -8.32
C THR F 149 -21.38 38.05 -7.97
N LYS F 150 -20.43 38.95 -7.70
CA LYS F 150 -20.80 40.33 -7.37
C LYS F 150 -21.48 41.00 -8.55
N THR F 151 -21.02 40.71 -9.77
CA THR F 151 -21.66 41.28 -10.96
C THR F 151 -23.11 40.81 -11.07
N ILE F 152 -23.35 39.53 -10.83
CA ILE F 152 -24.73 39.04 -10.90
C ILE F 152 -25.59 39.75 -9.86
N LYS F 153 -25.06 39.92 -8.64
CA LYS F 153 -25.79 40.65 -7.61
C LYS F 153 -26.15 42.06 -8.09
N PHE F 154 -25.18 42.76 -8.68
CA PHE F 154 -25.40 44.12 -9.12
C PHE F 154 -26.47 44.21 -10.19
N VAL F 155 -26.44 43.29 -11.16
CA VAL F 155 -27.45 43.30 -12.23
C VAL F 155 -28.84 43.09 -11.63
N LYS F 156 -28.99 42.05 -10.82
CA LYS F 156 -30.30 41.76 -10.26
C LYS F 156 -30.80 42.88 -9.37
N PHE F 157 -29.88 43.64 -8.76
CA PHE F 157 -30.32 44.78 -7.98
C PHE F 157 -30.75 45.93 -8.89
N TYR F 158 -30.00 46.16 -9.98
CA TYR F 158 -30.35 47.25 -10.89
C TYR F 158 -31.73 47.03 -11.49
N ASP F 159 -32.08 45.78 -11.79
CA ASP F 159 -33.42 45.53 -12.34
C ASP F 159 -34.52 45.94 -11.38
N HIS F 160 -34.24 45.97 -10.08
CA HIS F 160 -35.23 46.40 -9.11
C HIS F 160 -35.00 47.85 -8.70
N LEU F 167 -29.10 51.17 0.64
CA LEU F 167 -27.82 51.01 1.33
C LEU F 167 -27.01 49.88 0.69
N ARG F 168 -27.71 48.81 0.31
CA ARG F 168 -27.04 47.64 -0.27
C ARG F 168 -26.23 48.03 -1.51
N PHE F 169 -26.77 48.95 -2.30
CA PHE F 169 -26.19 49.30 -3.59
C PHE F 169 -24.75 49.79 -3.43
N CYS F 170 -24.52 50.73 -2.51
CA CYS F 170 -23.20 51.31 -2.35
C CYS F 170 -22.18 50.29 -1.88
N LEU F 171 -22.55 49.47 -0.88
CA LEU F 171 -21.61 48.47 -0.37
C LEU F 171 -21.24 47.47 -1.46
N THR F 172 -22.24 46.97 -2.19
CA THR F 172 -21.93 46.01 -3.25
C THR F 172 -21.03 46.63 -4.31
N GLY F 173 -21.27 47.90 -4.67
CA GLY F 173 -20.41 48.55 -5.65
C GLY F 173 -18.98 48.70 -5.17
N LEU F 174 -18.81 49.10 -3.90
CA LEU F 174 -17.46 49.24 -3.37
C LEU F 174 -16.73 47.91 -3.38
N LEU F 175 -17.41 46.83 -3.00
CA LEU F 175 -16.78 45.51 -3.05
C LEU F 175 -16.39 45.14 -4.47
N VAL F 176 -17.25 45.47 -5.45
CA VAL F 176 -16.93 45.17 -6.84
C VAL F 176 -15.65 45.88 -7.25
N ILE F 177 -15.55 47.17 -6.93
CA ILE F 177 -14.38 47.95 -7.33
C ILE F 177 -13.12 47.38 -6.69
N LEU F 178 -13.19 47.05 -5.39
CA LEU F 178 -12.01 46.54 -4.71
C LEU F 178 -11.56 45.20 -5.28
N TYR F 179 -12.51 44.28 -5.51
CA TYR F 179 -12.13 43.00 -6.08
C TYR F 179 -11.53 43.18 -7.48
N GLY F 180 -12.08 44.11 -8.26
CA GLY F 180 -11.51 44.35 -9.57
C GLY F 180 -10.09 44.87 -9.51
N MET F 181 -9.83 45.80 -8.60
CA MET F 181 -8.47 46.33 -8.47
C MET F 181 -7.50 45.24 -8.01
N LEU F 182 -7.94 44.36 -7.11
CA LEU F 182 -7.08 43.26 -6.69
C LEU F 182 -6.82 42.30 -7.85
N LEU F 183 -7.83 42.07 -8.69
CA LEU F 183 -7.64 41.28 -9.89
C LEU F 183 -6.58 41.89 -10.80
N LEU F 184 -6.66 43.20 -11.00
CA LEU F 184 -5.66 43.88 -11.82
C LEU F 184 -4.28 43.75 -11.22
N VAL F 185 -4.19 43.79 -9.88
CA VAL F 185 -2.91 43.58 -9.22
C VAL F 185 -2.36 42.19 -9.54
N GLU F 186 -3.22 41.17 -9.46
CA GLU F 186 -2.78 39.81 -9.78
C GLU F 186 -2.34 39.70 -11.23
N VAL F 187 -3.05 40.38 -12.14
CA VAL F 187 -2.66 40.35 -13.54
C VAL F 187 -1.30 41.03 -13.72
N ASN F 188 -1.07 42.12 -12.98
CA ASN F 188 0.24 42.75 -13.01
C ASN F 188 1.32 41.79 -12.53
N VAL F 189 1.03 41.02 -11.49
CA VAL F 189 2.02 40.10 -10.92
C VAL F 189 2.37 39.01 -11.92
N ILE F 190 1.37 38.46 -12.61
CA ILE F 190 1.71 37.45 -13.63
C ILE F 190 2.42 38.10 -14.81
N ARG F 191 2.07 39.35 -15.13
CA ARG F 191 2.75 40.06 -16.20
C ARG F 191 4.22 40.30 -15.87
N VAL F 192 4.55 40.38 -14.59
CA VAL F 192 5.91 40.74 -14.19
C VAL F 192 6.86 39.58 -14.40
N ARG F 193 6.58 38.49 -13.68
CA ARG F 193 7.31 37.23 -13.79
C ARG F 193 6.68 36.34 -14.86
N ARG F 194 7.14 35.11 -14.96
CA ARG F 194 6.68 34.19 -16.00
C ARG F 194 5.82 32.97 -15.60
N TYR F 195 4.90 33.12 -14.65
CA TYR F 195 4.11 31.97 -14.25
C TYR F 195 3.30 31.38 -15.41
N ILE F 196 2.53 32.22 -16.10
CA ILE F 196 1.77 31.75 -17.28
C ILE F 196 2.55 31.97 -18.59
N PHE F 197 3.64 32.72 -18.50
CA PHE F 197 4.53 33.01 -19.62
C PHE F 197 5.48 31.86 -19.88
N PHE F 198 6.24 31.94 -20.96
CA PHE F 198 7.17 30.87 -21.29
C PHE F 198 8.16 30.69 -20.14
N LYS F 199 8.41 29.42 -19.83
CA LYS F 199 9.27 28.92 -18.74
C LYS F 199 9.81 29.89 -17.68
N THR F 200 10.94 30.52 -17.98
CA THR F 200 11.61 31.40 -17.04
C THR F 200 10.98 32.74 -16.63
N PRO F 201 11.20 33.05 -15.35
CA PRO F 201 10.82 34.31 -14.70
C PRO F 201 11.79 35.46 -14.91
N ARG F 202 13.09 35.18 -14.95
CA ARG F 202 14.07 36.24 -14.81
C ARG F 202 13.80 36.88 -13.47
N GLU F 203 13.57 36.01 -12.48
CA GLU F 203 13.18 36.40 -11.14
C GLU F 203 14.28 37.21 -10.46
N VAL F 204 13.86 38.07 -9.54
CA VAL F 204 14.71 39.15 -9.02
C VAL F 204 15.98 38.70 -8.32
N LYS F 205 15.94 37.64 -7.51
CA LYS F 205 17.14 37.31 -6.75
C LYS F 205 17.09 38.05 -5.42
N PRO F 206 16.35 37.52 -4.45
CA PRO F 206 15.84 38.32 -3.31
C PRO F 206 16.81 39.35 -2.79
N PRO F 207 16.31 40.51 -2.38
CA PRO F 207 17.17 41.68 -2.14
C PRO F 207 18.21 41.42 -1.07
N GLU F 208 19.48 41.60 -1.42
CA GLU F 208 20.57 41.41 -0.48
C GLU F 208 20.81 42.63 0.41
N ASP F 209 20.22 43.78 0.06
CA ASP F 209 20.41 44.97 0.88
C ASP F 209 19.98 44.72 2.32
N LEU F 210 18.75 44.23 2.50
CA LEU F 210 18.19 44.03 3.83
C LEU F 210 18.14 42.57 4.25
N GLN F 211 18.59 41.66 3.38
CA GLN F 211 18.53 40.24 3.70
C GLN F 211 19.88 39.53 3.69
N ASP F 212 20.90 40.08 3.05
CA ASP F 212 22.18 39.42 3.15
C ASP F 212 22.73 39.55 4.59
N LEU F 213 24.07 39.56 4.67
CA LEU F 213 24.84 39.32 5.92
C LEU F 213 24.33 39.89 7.22
N GLY F 214 24.46 39.14 8.30
CA GLY F 214 23.87 39.56 9.56
C GLY F 214 23.60 41.03 9.76
N VAL F 215 22.30 41.30 9.91
CA VAL F 215 21.69 42.61 10.15
C VAL F 215 20.44 42.38 11.02
N ARG F 216 19.97 43.36 11.78
CA ARG F 216 18.83 43.01 12.61
C ARG F 216 17.71 44.02 12.45
N PHE F 217 18.04 45.29 12.29
CA PHE F 217 17.01 46.32 12.09
C PHE F 217 16.51 46.23 10.65
N LEU F 218 15.49 45.40 10.45
CA LEU F 218 14.82 45.24 9.16
C LEU F 218 13.49 45.99 9.21
N GLN F 219 13.55 47.30 9.02
CA GLN F 219 12.30 48.02 8.87
C GLN F 219 11.80 48.03 7.43
N PRO F 220 12.63 48.35 6.43
CA PRO F 220 12.10 48.43 5.06
C PRO F 220 11.75 47.09 4.44
N PHE F 221 12.05 45.97 5.10
CA PHE F 221 11.92 44.66 4.47
C PHE F 221 10.95 43.73 5.19
N VAL F 222 9.76 44.22 5.54
CA VAL F 222 8.75 43.41 6.23
C VAL F 222 7.38 43.68 5.64
N ASN F 223 6.38 42.91 6.11
CA ASN F 223 5.01 43.00 5.63
C ASN F 223 4.39 44.34 6.01
N LEU F 224 3.71 44.97 5.05
CA LEU F 224 3.23 46.33 5.24
C LEU F 224 2.30 46.47 6.43
N LEU F 225 1.80 45.36 6.97
CA LEU F 225 1.09 45.42 8.24
C LEU F 225 2.08 45.61 9.39
N SER F 226 3.18 44.86 9.39
CA SER F 226 4.17 45.01 10.43
C SER F 226 4.93 46.33 10.31
N LYS F 227 5.09 46.85 9.09
CA LYS F 227 5.62 48.20 8.94
C LYS F 227 4.82 49.22 9.73
N GLY F 228 3.57 48.90 10.05
CA GLY F 228 2.72 49.75 10.86
C GLY F 228 2.70 49.37 12.32
N THR F 229 2.56 48.07 12.62
CA THR F 229 2.38 47.61 13.99
C THR F 229 3.67 47.10 14.62
N TYR F 230 4.80 47.18 13.91
CA TYR F 230 6.12 46.88 14.47
C TYR F 230 6.18 45.47 15.06
N TRP F 231 5.57 44.51 14.35
CA TRP F 231 5.51 43.15 14.87
C TRP F 231 6.88 42.48 14.88
N TRP F 232 7.78 42.92 13.98
CA TRP F 232 9.12 42.33 13.93
C TRP F 232 9.93 42.58 15.19
N MET F 233 9.50 43.50 16.06
CA MET F 233 10.21 43.77 17.29
C MET F 233 9.91 42.77 18.40
N ASN F 234 8.92 41.90 18.22
CA ASN F 234 8.60 40.90 19.23
C ASN F 234 9.81 40.02 19.51
N ALA F 235 10.43 39.50 18.44
CA ALA F 235 11.58 38.62 18.62
C ALA F 235 12.73 39.36 19.30
N PHE F 236 13.06 40.56 18.81
CA PHE F 236 14.15 41.33 19.41
C PHE F 236 13.91 41.55 20.89
N ILE F 237 12.72 42.03 21.26
CA ILE F 237 12.47 42.38 22.65
C ILE F 237 12.45 41.13 23.54
N LYS F 238 11.93 40.01 23.02
CA LYS F 238 11.94 38.79 23.81
C LYS F 238 13.36 38.28 24.04
N THR F 239 14.19 38.29 23.00
CA THR F 239 15.59 37.91 23.19
C THR F 239 16.30 38.88 24.11
N ALA F 240 15.94 40.16 24.03
CA ALA F 240 16.57 41.18 24.85
C ALA F 240 16.26 40.99 26.32
N HIS F 241 15.07 40.47 26.65
CA HIS F 241 14.73 40.23 28.05
C HIS F 241 15.76 39.33 28.72
N LYS F 242 16.26 38.31 28.03
CA LYS F 242 17.17 37.34 28.61
C LYS F 242 18.63 37.79 28.52
N LYS F 243 19.12 38.01 27.30
CA LYS F 243 20.53 38.29 27.06
C LYS F 243 20.76 39.79 26.93
N PRO F 244 21.77 40.35 27.59
CA PRO F 244 21.97 41.81 27.53
C PRO F 244 22.40 42.24 26.13
N ILE F 245 21.74 43.29 25.63
CA ILE F 245 21.99 43.78 24.28
C ILE F 245 23.35 44.45 24.22
N ASP F 246 23.99 44.35 23.05
CA ASP F 246 25.23 45.06 22.80
C ASP F 246 25.37 45.25 21.29
N LEU F 247 26.46 45.91 20.89
CA LEU F 247 26.68 46.18 19.47
C LEU F 247 26.93 44.90 18.68
N ARG F 248 27.42 43.85 19.34
CA ARG F 248 27.51 42.55 18.69
C ARG F 248 26.15 41.87 18.59
N ALA F 249 25.27 42.12 19.56
CA ALA F 249 23.91 41.61 19.51
C ALA F 249 22.97 42.52 18.71
N ILE F 250 23.45 43.70 18.31
CA ILE F 250 22.65 44.63 17.54
C ILE F 250 22.96 44.42 16.06
N GLY F 251 22.09 44.93 15.20
CA GLY F 251 22.26 44.79 13.77
C GLY F 251 23.22 45.80 13.19
N LYS F 252 23.15 45.95 11.87
CA LYS F 252 23.88 46.98 11.16
C LYS F 252 22.92 47.68 10.22
N LEU F 253 23.11 48.99 10.03
CA LEU F 253 22.11 49.77 9.33
C LEU F 253 21.99 49.34 7.88
N PRO F 254 20.77 49.32 7.32
CA PRO F 254 20.59 48.95 5.92
C PRO F 254 21.26 49.95 4.99
N ILE F 255 21.41 49.53 3.74
CA ILE F 255 21.94 50.41 2.70
C ILE F 255 21.02 51.60 2.46
N ALA F 256 19.76 51.51 2.88
CA ALA F 256 18.81 52.60 2.69
C ALA F 256 19.10 53.79 3.59
N MET F 257 19.92 53.62 4.63
CA MET F 257 20.17 54.71 5.57
C MET F 257 21.55 54.48 6.18
N ARG F 258 22.53 55.22 5.67
CA ARG F 258 23.89 55.19 6.19
C ARG F 258 24.40 56.63 6.22
N ALA F 259 25.69 56.78 6.53
CA ALA F 259 26.34 58.06 6.29
C ALA F 259 26.50 58.29 4.80
N LEU F 260 26.90 57.26 4.06
CA LEU F 260 27.17 57.41 2.63
C LEU F 260 25.91 57.72 1.84
N THR F 261 24.81 57.04 2.12
CA THR F 261 23.59 57.23 1.34
C THR F 261 23.04 58.64 1.51
N ASN F 262 22.84 59.06 2.76
CA ASN F 262 22.31 60.38 3.03
C ASN F 262 23.27 61.46 2.59
N TYR F 263 24.57 61.25 2.79
CA TYR F 263 25.56 62.20 2.29
C TYR F 263 25.49 62.31 0.77
N GLN F 264 25.27 61.19 0.09
CA GLN F 264 25.19 61.20 -1.36
C GLN F 264 23.99 61.99 -1.85
N ARG F 265 22.81 61.72 -1.26
CA ARG F 265 21.61 62.46 -1.67
C ARG F 265 21.76 63.94 -1.36
N LEU F 266 22.28 64.29 -0.18
CA LEU F 266 22.42 65.70 0.18
C LEU F 266 23.43 66.40 -0.71
N CYS F 267 24.55 65.75 -1.04
CA CYS F 267 25.54 66.40 -1.89
C CYS F 267 25.04 66.51 -3.33
N VAL F 268 24.22 65.55 -3.78
CA VAL F 268 23.63 65.68 -5.11
C VAL F 268 22.70 66.88 -5.16
N ALA F 269 21.86 67.04 -4.14
CA ALA F 269 20.96 68.21 -4.11
C ALA F 269 21.75 69.51 -4.01
N PHE F 270 22.77 69.54 -3.14
CA PHE F 270 23.60 70.73 -3.00
C PHE F 270 24.31 71.06 -4.30
N ASP F 271 24.74 70.03 -5.04
CA ASP F 271 25.41 70.24 -6.33
C ASP F 271 24.44 70.80 -7.36
N ALA F 272 23.24 70.20 -7.47
CA ALA F 272 22.26 70.67 -8.43
C ALA F 272 21.78 72.08 -8.10
N GLN F 273 21.85 72.48 -6.83
CA GLN F 273 21.46 73.84 -6.46
C GLN F 273 22.59 74.85 -6.59
N ALA F 274 23.84 74.45 -6.36
CA ALA F 274 24.97 75.36 -6.46
C ALA F 274 25.46 75.53 -7.88
N ARG F 275 25.19 74.57 -8.77
CA ARG F 275 25.54 74.74 -10.17
C ARG F 275 24.67 75.80 -10.84
N LYS F 276 23.55 76.17 -10.22
CA LYS F 276 22.66 77.20 -10.73
C LYS F 276 22.89 78.55 -10.07
N ASP F 277 23.96 78.70 -9.29
CA ASP F 277 24.29 79.98 -8.66
C ASP F 277 24.71 81.01 -9.71
N GLY F 283 25.12 79.84 0.74
CA GLY F 283 23.94 80.61 1.11
C GLY F 283 23.00 79.85 2.02
N ALA F 284 22.25 80.59 2.84
CA ALA F 284 21.33 79.96 3.79
C ALA F 284 20.12 79.37 3.09
N ARG F 285 19.42 80.20 2.29
CA ARG F 285 18.25 79.70 1.55
C ARG F 285 18.63 78.58 0.61
N ALA F 286 19.84 78.63 0.04
CA ALA F 286 20.28 77.57 -0.87
C ALA F 286 20.41 76.23 -0.14
N ILE F 287 21.12 76.21 0.98
CA ILE F 287 21.26 74.99 1.77
C ILE F 287 19.91 74.51 2.25
N TRP F 288 19.02 75.44 2.62
CA TRP F 288 17.69 75.05 3.06
C TRP F 288 16.95 74.30 1.95
N ARG F 289 16.79 74.95 0.79
CA ARG F 289 16.12 74.30 -0.34
C ARG F 289 16.80 73.00 -0.74
N ALA F 290 18.12 72.94 -0.58
CA ALA F 290 18.84 71.71 -0.90
C ALA F 290 18.39 70.57 0.01
N LEU F 291 18.36 70.82 1.33
CA LEU F 291 17.86 69.83 2.28
C LEU F 291 16.42 69.45 1.95
N CYS F 292 15.60 70.44 1.60
CA CYS F 292 14.19 70.20 1.30
C CYS F 292 14.04 69.25 0.12
N HIS F 293 14.66 69.59 -1.01
CA HIS F 293 14.58 68.75 -2.20
C HIS F 293 15.29 67.42 -2.01
N ALA F 294 16.23 67.33 -1.07
CA ALA F 294 16.96 66.09 -0.86
C ALA F 294 16.15 65.11 -0.02
N PHE F 295 15.38 65.60 0.96
CA PHE F 295 14.64 64.70 1.83
C PHE F 295 13.17 64.55 1.44
N GLY F 296 12.67 65.42 0.57
CA GLY F 296 11.52 65.12 -0.27
C GLY F 296 10.36 64.31 0.27
N ARG F 297 10.15 63.15 -0.36
CA ARG F 297 8.85 62.48 -0.29
C ARG F 297 8.54 61.97 1.11
N ARG F 298 9.56 61.52 1.86
CA ARG F 298 9.32 60.91 3.16
C ARG F 298 8.64 61.89 4.11
N LEU F 299 9.10 63.13 4.13
CA LEU F 299 8.57 64.12 5.07
C LEU F 299 7.10 64.42 4.77
N ILE F 300 6.76 64.63 3.50
CA ILE F 300 5.38 64.94 3.16
C ILE F 300 4.49 63.73 3.37
N LEU F 301 5.02 62.52 3.16
CA LEU F 301 4.27 61.30 3.45
C LEU F 301 3.92 61.23 4.92
N SER F 302 4.90 61.48 5.79
CA SER F 302 4.63 61.53 7.23
C SER F 302 3.59 62.59 7.54
N SER F 303 3.71 63.76 6.93
CA SER F 303 2.78 64.85 7.21
C SER F 303 1.34 64.50 6.83
N THR F 304 1.17 63.79 5.71
CA THR F 304 -0.19 63.47 5.29
C THR F 304 -0.78 62.32 6.10
N PHE F 305 0.04 61.32 6.46
CA PHE F 305 -0.37 60.37 7.49
C PHE F 305 -0.91 61.12 8.70
N ARG F 306 -0.16 62.13 9.14
CA ARG F 306 -0.48 62.86 10.36
C ARG F 306 -1.80 63.61 10.22
N ILE F 307 -2.05 64.26 9.08
CA ILE F 307 -3.28 65.03 8.95
C ILE F 307 -4.49 64.10 8.87
N LEU F 308 -4.35 62.95 8.20
CA LEU F 308 -5.47 62.02 8.16
C LEU F 308 -5.79 61.49 9.56
N ALA F 309 -4.75 61.19 10.33
CA ALA F 309 -4.97 60.76 11.71
C ALA F 309 -5.67 61.86 12.52
N ASP F 310 -5.27 63.11 12.32
CA ASP F 310 -5.90 64.22 13.03
C ASP F 310 -7.38 64.31 12.68
N LEU F 311 -7.72 64.12 11.41
CA LEU F 311 -9.12 64.15 10.99
C LEU F 311 -9.93 63.07 11.71
N LEU F 312 -9.43 61.83 11.69
CA LEU F 312 -10.18 60.75 12.34
C LEU F 312 -10.29 60.97 13.84
N GLY F 313 -9.27 61.57 14.46
CA GLY F 313 -9.33 61.87 15.87
C GLY F 313 -10.38 62.91 16.20
N PHE F 314 -10.48 63.94 15.36
CA PHE F 314 -11.60 64.88 15.50
C PHE F 314 -12.94 64.20 15.22
N ALA F 315 -12.94 63.09 14.47
CA ALA F 315 -14.18 62.42 14.12
C ALA F 315 -14.73 61.56 15.26
N GLY F 316 -13.87 60.93 16.06
CA GLY F 316 -14.33 60.05 17.11
C GLY F 316 -15.45 60.56 18.02
N PRO F 317 -15.23 61.71 18.66
CA PRO F 317 -16.26 62.25 19.57
C PRO F 317 -17.62 62.47 18.93
N LEU F 318 -17.68 62.71 17.61
CA LEU F 318 -18.99 62.92 16.99
C LEU F 318 -19.81 61.65 16.97
N CYS F 319 -19.18 60.50 16.72
CA CYS F 319 -19.90 59.25 16.80
C CYS F 319 -20.25 58.90 18.24
N ILE F 320 -19.40 59.31 19.18
CA ILE F 320 -19.82 59.24 20.59
C ILE F 320 -21.13 60.00 20.79
N PHE F 321 -21.17 61.24 20.29
CA PHE F 321 -22.36 62.08 20.40
C PHE F 321 -23.57 61.40 19.78
N GLY F 322 -23.39 60.82 18.59
CA GLY F 322 -24.50 60.14 17.94
C GLY F 322 -25.03 58.97 18.76
N ILE F 323 -24.13 58.17 19.32
CA ILE F 323 -24.57 57.07 20.19
C ILE F 323 -25.37 57.61 21.36
N VAL F 324 -24.84 58.65 22.03
CA VAL F 324 -25.52 59.18 23.20
C VAL F 324 -26.92 59.69 22.82
N ASP F 325 -27.04 60.28 21.63
CA ASP F 325 -28.36 60.73 21.19
C ASP F 325 -29.30 59.57 20.96
N HIS F 326 -28.83 58.53 20.27
CA HIS F 326 -29.72 57.44 19.87
C HIS F 326 -30.33 56.74 21.06
N LEU F 327 -29.55 56.50 22.12
CA LEU F 327 -30.08 55.77 23.26
C LEU F 327 -31.07 56.59 24.08
N GLY F 328 -30.86 57.91 24.16
CA GLY F 328 -31.77 58.75 24.90
C GLY F 328 -33.15 58.85 24.26
N LYS F 329 -33.24 58.60 22.97
CA LYS F 329 -34.51 58.74 22.25
C LYS F 329 -34.95 57.40 21.68
N ASN F 354 -29.09 51.39 15.76
CA ASN F 354 -28.21 52.24 14.98
C ASN F 354 -27.01 52.66 15.83
N ALA F 355 -26.81 51.96 16.94
CA ALA F 355 -25.76 52.32 17.88
C ALA F 355 -24.63 51.30 17.96
N TYR F 356 -24.93 50.00 17.83
CA TYR F 356 -23.85 49.01 17.76
C TYR F 356 -22.93 49.29 16.59
N VAL F 357 -23.51 49.69 15.45
CA VAL F 357 -22.72 50.04 14.28
C VAL F 357 -21.78 51.20 14.60
N LEU F 358 -22.30 52.21 15.29
CA LEU F 358 -21.46 53.34 15.67
C LEU F 358 -20.37 52.92 16.65
N ALA F 359 -20.65 51.95 17.52
CA ALA F 359 -19.63 51.48 18.46
C ALA F 359 -18.49 50.78 17.73
N VAL F 360 -18.81 49.85 16.83
CA VAL F 360 -17.75 49.16 16.12
C VAL F 360 -17.01 50.12 15.20
N LEU F 361 -17.71 51.11 14.62
CA LEU F 361 -17.04 52.11 13.81
C LEU F 361 -16.09 52.94 14.67
N LEU F 362 -16.48 53.26 15.91
CA LEU F 362 -15.61 53.97 16.82
C LEU F 362 -14.35 53.16 17.12
N PHE F 363 -14.53 51.86 17.36
CA PHE F 363 -13.39 50.97 17.56
C PHE F 363 -12.43 51.02 16.38
N LEU F 364 -12.96 50.82 15.17
CA LEU F 364 -12.14 50.82 13.97
C LEU F 364 -11.43 52.15 13.77
N ALA F 365 -12.16 53.26 13.95
CA ALA F 365 -11.59 54.58 13.73
C ALA F 365 -10.50 54.89 14.75
N LEU F 366 -10.70 54.50 16.01
CA LEU F 366 -9.66 54.68 17.01
C LEU F 366 -8.39 53.95 16.61
N LEU F 367 -8.51 52.65 16.31
CA LEU F 367 -7.31 51.88 16.00
C LEU F 367 -6.59 52.43 14.76
N LEU F 368 -7.36 52.80 13.73
CA LEU F 368 -6.75 53.29 12.50
C LEU F 368 -6.09 54.64 12.70
N GLN F 369 -6.77 55.57 13.38
CA GLN F 369 -6.22 56.88 13.65
C GLN F 369 -4.91 56.77 14.40
N ARG F 370 -4.89 55.97 15.47
CA ARG F 370 -3.68 55.88 16.28
C ARG F 370 -2.56 55.18 15.51
N THR F 371 -2.89 54.17 14.70
CA THR F 371 -1.87 53.52 13.88
C THR F 371 -1.22 54.50 12.91
N PHE F 372 -2.06 55.32 12.25
CA PHE F 372 -1.53 56.30 11.31
C PHE F 372 -0.69 57.35 12.02
N LEU F 373 -1.14 57.79 13.20
CA LEU F 373 -0.35 58.73 13.99
C LEU F 373 1.04 58.17 14.28
N GLN F 374 1.11 56.90 14.68
CA GLN F 374 2.39 56.30 15.05
C GLN F 374 3.29 56.13 13.84
N ALA F 375 2.74 55.65 12.73
CA ALA F 375 3.53 55.56 11.51
C ALA F 375 4.07 56.93 11.11
N SER F 376 3.27 57.98 11.29
CA SER F 376 3.73 59.34 11.01
C SER F 376 4.93 59.70 11.87
N TYR F 377 4.80 59.50 13.19
CA TYR F 377 5.91 59.78 14.09
C TYR F 377 7.18 59.07 13.61
N TYR F 378 7.07 57.77 13.32
CA TYR F 378 8.27 57.01 12.99
C TYR F 378 8.91 57.50 11.70
N VAL F 379 8.10 57.75 10.67
CA VAL F 379 8.68 58.19 9.40
C VAL F 379 9.38 59.52 9.57
N ALA F 380 8.77 60.43 10.35
CA ALA F 380 9.44 61.71 10.62
C ALA F 380 10.75 61.52 11.36
N ILE F 381 10.75 60.65 12.39
CA ILE F 381 11.97 60.43 13.17
C ILE F 381 13.07 59.87 12.28
N GLU F 382 12.72 58.98 11.37
CA GLU F 382 13.74 58.37 10.52
C GLU F 382 14.29 59.38 9.53
N THR F 383 13.43 60.21 8.95
CA THR F 383 13.93 61.29 8.10
C THR F 383 14.88 62.20 8.87
N GLY F 384 14.54 62.51 10.13
CA GLY F 384 15.42 63.34 10.93
C GLY F 384 16.76 62.70 11.21
N ILE F 385 16.77 61.39 11.50
CA ILE F 385 18.03 60.71 11.76
C ILE F 385 18.89 60.67 10.50
N ASN F 386 18.26 60.42 9.35
CA ASN F 386 18.97 60.54 8.09
C ASN F 386 19.63 61.90 7.97
N LEU F 387 18.85 62.97 8.20
CA LEU F 387 19.37 64.32 8.04
C LEU F 387 20.53 64.59 8.99
N ARG F 388 20.44 64.11 10.23
CA ARG F 388 21.53 64.32 11.17
C ARG F 388 22.80 63.65 10.68
N GLY F 389 22.71 62.37 10.32
CA GLY F 389 23.89 61.69 9.78
C GLY F 389 24.48 62.41 8.58
N ALA F 390 23.61 62.86 7.67
CA ALA F 390 24.05 63.50 6.45
C ALA F 390 24.81 64.79 6.74
N ILE F 391 24.19 65.72 7.47
CA ILE F 391 24.84 67.00 7.69
C ILE F 391 26.04 66.84 8.59
N GLN F 392 26.06 65.82 9.45
CA GLN F 392 27.24 65.58 10.29
C GLN F 392 28.43 65.16 9.44
N THR F 393 28.25 64.14 8.59
CA THR F 393 29.37 63.76 7.75
C THR F 393 29.74 64.86 6.76
N LYS F 394 28.78 65.71 6.39
CA LYS F 394 29.09 66.81 5.48
C LYS F 394 29.98 67.84 6.16
N ILE F 395 29.60 68.28 7.37
CA ILE F 395 30.44 69.25 8.06
C ILE F 395 31.76 68.63 8.50
N TYR F 396 31.84 67.30 8.59
CA TYR F 396 33.15 66.69 8.80
C TYR F 396 33.99 66.70 7.53
N ASN F 397 33.35 66.51 6.37
CA ASN F 397 34.05 66.63 5.10
C ASN F 397 34.59 68.05 4.92
N LYS F 398 33.82 69.05 5.38
CA LYS F 398 34.28 70.42 5.33
C LYS F 398 35.43 70.68 6.29
N ILE F 399 35.50 69.92 7.38
CA ILE F 399 36.57 70.10 8.37
C ILE F 399 37.93 69.76 7.78
N MET F 400 37.96 69.04 6.66
CA MET F 400 39.23 68.64 6.07
C MET F 400 39.85 69.75 5.22
N HIS F 401 39.03 70.57 4.58
CA HIS F 401 39.51 71.56 3.63
C HIS F 401 39.68 72.95 4.23
N LEU F 402 39.37 73.14 5.51
CA LEU F 402 39.42 74.46 6.09
C LEU F 402 40.86 74.88 6.36
N SER F 403 41.05 76.18 6.52
CA SER F 403 42.37 76.76 6.70
C SER F 403 42.70 76.90 8.18
N THR F 404 44.01 76.99 8.47
CA THR F 404 44.47 76.99 9.85
C THR F 404 44.25 78.32 10.56
N SER F 405 44.12 79.42 9.82
CA SER F 405 43.93 80.72 10.44
C SER F 405 42.57 80.85 11.12
N ASN F 406 41.59 80.06 10.71
CA ASN F 406 40.25 80.16 11.27
C ASN F 406 40.07 79.19 12.45
N GLU F 411 41.00 77.48 18.85
CA GLU F 411 40.53 77.40 20.22
C GLU F 411 39.04 77.72 20.31
N MET F 412 38.70 78.97 20.01
CA MET F 412 37.29 79.36 20.02
C MET F 412 36.54 78.74 18.85
N THR F 413 37.18 78.64 17.69
CA THR F 413 36.55 78.00 16.54
C THR F 413 36.37 76.51 16.77
N ALA F 414 37.26 75.87 17.54
CA ALA F 414 37.09 74.45 17.84
C ALA F 414 35.90 74.22 18.76
N GLY F 415 35.77 75.03 19.81
CA GLY F 415 34.60 74.94 20.67
C GLY F 415 33.32 75.24 19.92
N GLN F 416 33.35 76.22 19.02
CA GLN F 416 32.19 76.53 18.19
C GLN F 416 31.86 75.38 17.25
N ILE F 417 32.88 74.69 16.75
CA ILE F 417 32.64 73.53 15.87
C ILE F 417 31.98 72.41 16.66
N CYS F 418 32.50 72.10 17.84
CA CYS F 418 31.95 70.99 18.62
C CYS F 418 30.60 71.33 19.24
N ASN F 419 30.29 72.60 19.45
CA ASN F 419 28.91 72.97 19.76
C ASN F 419 28.05 72.89 18.51
N LEU F 420 28.63 73.15 17.34
CA LEU F 420 27.90 73.03 16.09
C LEU F 420 27.50 71.59 15.81
N VAL F 421 28.10 70.63 16.52
CA VAL F 421 27.71 69.23 16.38
C VAL F 421 26.92 68.74 17.58
N ALA F 422 27.10 69.33 18.75
CA ALA F 422 26.47 68.84 19.97
C ALA F 422 25.12 69.47 20.26
N ILE F 423 24.91 70.73 19.89
CA ILE F 423 23.64 71.41 20.13
C ILE F 423 22.97 71.87 18.83
N ASP F 424 23.74 72.40 17.88
CA ASP F 424 23.13 72.89 16.64
C ASP F 424 22.54 71.74 15.82
N THR F 425 23.28 70.65 15.66
CA THR F 425 22.78 69.51 14.89
C THR F 425 21.58 68.85 15.59
N ASN F 426 21.64 68.75 16.91
CA ASN F 426 20.49 68.20 17.64
C ASN F 426 19.27 69.10 17.48
N GLN F 427 19.47 70.42 17.49
CA GLN F 427 18.37 71.34 17.24
C GLN F 427 17.78 71.11 15.86
N LEU F 428 18.65 71.04 14.84
CA LEU F 428 18.17 70.78 13.49
C LEU F 428 17.35 69.50 13.43
N MET F 429 17.87 68.42 14.02
CA MET F 429 17.19 67.12 13.91
C MET F 429 15.88 67.10 14.68
N TRP F 430 15.83 67.73 15.86
CA TRP F 430 14.57 67.76 16.60
C TRP F 430 13.55 68.66 15.92
N PHE F 431 14.01 69.73 15.28
CA PHE F 431 13.11 70.52 14.45
C PHE F 431 12.57 69.70 13.29
N PHE F 432 13.39 68.83 12.72
CA PHE F 432 12.89 67.98 11.66
C PHE F 432 11.93 66.92 12.20
N PHE F 433 12.11 66.51 13.45
CA PHE F 433 11.08 65.71 14.13
C PHE F 433 9.75 66.47 14.13
N LEU F 434 9.77 67.71 14.59
CA LEU F 434 8.55 68.47 14.80
C LEU F 434 8.01 69.15 13.54
N CYS F 435 8.69 69.04 12.41
CA CYS F 435 8.22 69.66 11.17
C CYS F 435 6.79 69.27 10.81
N PRO F 436 6.40 67.99 10.72
CA PRO F 436 5.02 67.68 10.32
C PRO F 436 3.97 68.14 11.32
N ASN F 437 4.34 68.21 12.61
CA ASN F 437 3.42 68.75 13.60
C ASN F 437 3.07 70.20 13.31
N LEU F 438 4.02 70.97 12.77
CA LEU F 438 3.75 72.37 12.45
C LEU F 438 2.75 72.51 11.31
N TRP F 439 2.71 71.54 10.39
CA TRP F 439 1.70 71.56 9.35
C TRP F 439 0.36 71.02 9.83
N ALA F 440 0.37 70.05 10.74
CA ALA F 440 -0.87 69.40 11.17
C ALA F 440 -1.56 70.12 12.32
N MET F 441 -0.90 71.04 13.02
CA MET F 441 -1.55 71.73 14.13
C MET F 441 -2.66 72.67 13.67
N PRO F 442 -2.45 73.54 12.67
CA PRO F 442 -3.53 74.49 12.32
C PRO F 442 -4.82 73.81 11.88
N VAL F 443 -4.72 72.77 11.04
CA VAL F 443 -5.92 72.07 10.61
C VAL F 443 -6.62 71.44 11.81
N GLN F 444 -5.86 70.98 12.79
CA GLN F 444 -6.45 70.38 13.98
C GLN F 444 -7.25 71.41 14.77
N ILE F 445 -6.67 72.57 15.04
CA ILE F 445 -7.41 73.57 15.82
C ILE F 445 -8.60 74.11 15.03
N ILE F 446 -8.47 74.22 13.71
CA ILE F 446 -9.58 74.73 12.88
C ILE F 446 -10.75 73.74 12.90
N VAL F 447 -10.47 72.47 12.64
CA VAL F 447 -11.53 71.46 12.69
C VAL F 447 -12.15 71.40 14.08
N GLY F 448 -11.33 71.52 15.12
CA GLY F 448 -11.85 71.51 16.48
C GLY F 448 -12.84 72.64 16.73
N VAL F 449 -12.45 73.87 16.37
CA VAL F 449 -13.32 75.01 16.65
C VAL F 449 -14.61 74.94 15.82
N ILE F 450 -14.49 74.55 14.54
CA ILE F 450 -15.71 74.50 13.71
C ILE F 450 -16.63 73.39 14.19
N LEU F 451 -16.07 72.27 14.66
CA LEU F 451 -16.91 71.18 15.14
C LEU F 451 -17.60 71.55 16.44
N LEU F 452 -16.87 72.16 17.38
CA LEU F 452 -17.51 72.52 18.64
C LEU F 452 -18.54 73.63 18.46
N TYR F 453 -18.35 74.50 17.47
CA TYR F 453 -19.37 75.53 17.21
C TYR F 453 -20.71 74.91 16.82
N TYR F 454 -20.69 73.89 15.97
CA TYR F 454 -21.94 73.30 15.50
C TYR F 454 -22.60 72.41 16.54
N ILE F 455 -21.93 72.14 17.66
CA ILE F 455 -22.50 71.32 18.72
C ILE F 455 -23.05 72.18 19.86
N LEU F 456 -22.39 73.30 20.16
CA LEU F 456 -22.80 74.16 21.27
C LEU F 456 -23.27 75.54 20.82
N GLY F 457 -23.18 75.87 19.53
CA GLY F 457 -23.65 77.16 19.07
C GLY F 457 -22.70 78.29 19.42
N VAL F 458 -23.27 79.49 19.51
CA VAL F 458 -22.48 80.71 19.74
C VAL F 458 -21.64 80.58 21.00
N SER F 459 -22.22 80.04 22.08
CA SER F 459 -21.48 79.86 23.33
C SER F 459 -20.17 79.11 23.10
N ALA F 460 -20.20 78.10 22.23
CA ALA F 460 -19.00 77.34 21.91
C ALA F 460 -17.84 78.27 21.56
N LEU F 461 -18.10 79.24 20.68
CA LEU F 461 -17.08 80.21 20.29
C LEU F 461 -16.36 80.77 21.50
N ILE F 462 -17.12 81.24 22.50
CA ILE F 462 -16.51 81.82 23.70
C ILE F 462 -15.55 80.81 24.31
N GLY F 463 -16.01 79.59 24.56
CA GLY F 463 -15.11 78.56 25.06
C GLY F 463 -13.92 78.34 24.15
N ALA F 464 -14.17 78.29 22.84
CA ALA F 464 -13.10 78.08 21.88
C ALA F 464 -12.04 79.16 21.97
N ALA F 465 -12.37 80.33 22.50
CA ALA F 465 -11.35 81.35 22.72
C ALA F 465 -10.45 80.98 23.89
N VAL F 466 -11.06 80.63 25.03
CA VAL F 466 -10.30 80.47 26.27
C VAL F 466 -9.16 79.47 26.10
N ILE F 467 -9.49 78.27 25.64
CA ILE F 467 -8.48 77.24 25.42
C ILE F 467 -7.38 77.77 24.51
N ILE F 468 -7.77 78.41 23.40
CA ILE F 468 -6.77 78.91 22.46
C ILE F 468 -5.87 79.93 23.16
N LEU F 469 -6.45 80.74 24.05
CA LEU F 469 -5.67 81.75 24.76
C LEU F 469 -4.56 81.15 25.62
N LEU F 470 -4.65 79.85 25.95
CA LEU F 470 -3.59 79.24 26.73
C LEU F 470 -2.33 79.01 25.89
N ALA F 471 -2.48 78.90 24.56
CA ALA F 471 -1.32 78.55 23.74
C ALA F 471 -0.28 79.65 23.70
N PRO F 472 -0.62 80.92 23.41
CA PRO F 472 0.43 81.97 23.48
C PRO F 472 0.98 82.15 24.88
N VAL F 473 0.12 82.19 25.90
CA VAL F 473 0.57 82.36 27.28
C VAL F 473 1.63 81.32 27.62
N GLN F 474 1.34 80.05 27.33
CA GLN F 474 2.32 78.99 27.53
C GLN F 474 3.69 79.39 26.98
N TYR F 475 3.73 79.81 25.72
CA TYR F 475 4.98 80.22 25.10
C TYR F 475 5.70 81.24 25.98
N PHE F 476 4.99 82.30 26.37
CA PHE F 476 5.57 83.31 27.25
C PHE F 476 6.20 82.65 28.47
N VAL F 477 5.43 81.80 29.17
CA VAL F 477 5.94 81.10 30.34
C VAL F 477 7.24 80.41 30.00
N ALA F 478 7.24 79.63 28.91
CA ALA F 478 8.43 78.91 28.50
C ALA F 478 9.63 79.84 28.41
N THR F 479 9.46 80.97 27.73
CA THR F 479 10.57 81.91 27.58
C THR F 479 11.15 82.30 28.94
N LYS F 480 10.29 82.64 29.89
CA LYS F 480 10.76 82.99 31.23
C LYS F 480 11.64 81.88 31.78
N LEU F 481 11.17 80.64 31.72
CA LEU F 481 11.95 79.49 32.13
C LEU F 481 13.37 79.58 31.57
N SER F 482 13.47 79.70 30.24
CA SER F 482 14.77 79.76 29.59
C SER F 482 15.65 80.81 30.24
N GLN F 483 15.14 82.03 30.38
CA GLN F 483 15.91 83.10 31.02
C GLN F 483 16.44 82.63 32.36
N ALA F 484 15.52 82.17 33.22
CA ALA F 484 15.92 81.67 34.54
C ALA F 484 17.04 80.65 34.39
N GLN F 485 16.82 79.65 33.53
CA GLN F 485 17.81 78.61 33.31
C GLN F 485 19.20 79.21 33.12
N ARG F 486 19.32 80.15 32.18
CA ARG F 486 20.60 80.77 31.90
C ARG F 486 21.26 81.23 33.20
N SER F 487 20.57 82.10 33.94
CA SER F 487 21.12 82.62 35.18
C SER F 487 21.61 81.48 36.07
N THR F 488 20.73 80.51 36.32
CA THR F 488 21.09 79.41 37.21
C THR F 488 22.37 78.74 36.73
N LEU F 489 22.44 78.43 35.43
CA LEU F 489 23.60 77.73 34.90
C LEU F 489 24.88 78.46 35.30
N GLU F 490 24.89 79.78 35.12
CA GLU F 490 26.05 80.57 35.48
C GLU F 490 26.53 80.22 36.88
N HIS F 491 25.64 80.42 37.88
CA HIS F 491 26.01 80.13 39.26
C HIS F 491 26.56 78.71 39.38
N SER F 492 25.85 77.74 38.80
CA SER F 492 26.27 76.35 38.91
C SER F 492 27.71 76.20 38.48
N ASN F 493 28.06 76.76 37.32
CA ASN F 493 29.41 76.62 36.80
C ASN F 493 30.43 77.09 37.84
N GLU F 494 30.20 78.29 38.40
CA GLU F 494 31.14 78.82 39.39
C GLU F 494 31.31 77.85 40.54
N ARG F 495 30.21 77.29 41.04
CA ARG F 495 30.30 76.34 42.14
C ARG F 495 31.28 75.22 41.81
N LEU F 496 31.14 74.65 40.60
CA LEU F 496 32.02 73.55 40.21
C LEU F 496 33.47 73.94 40.34
N LYS F 497 33.82 75.17 39.92
CA LYS F 497 35.20 75.62 40.05
C LYS F 497 35.64 75.55 41.50
N GLN F 498 34.85 76.15 42.40
CA GLN F 498 35.21 76.16 43.82
C GLN F 498 35.25 74.77 44.42
N THR F 499 34.76 73.76 43.70
CA THR F 499 34.89 72.37 44.16
C THR F 499 36.15 71.73 43.64
N ASN F 500 36.52 72.01 42.38
CA ASN F 500 37.63 71.32 41.75
C ASN F 500 38.93 71.52 42.52
N GLU F 501 39.07 72.64 43.20
CA GLU F 501 40.24 72.86 44.03
C GLU F 501 40.24 71.92 45.24
N MET F 502 39.12 71.89 45.97
CA MET F 502 39.08 71.12 47.22
C MET F 502 39.33 69.64 46.97
N LEU F 503 38.78 69.10 45.89
CA LEU F 503 38.97 67.69 45.56
C LEU F 503 40.30 67.42 44.86
N ARG F 504 41.22 68.38 44.86
CA ARG F 504 42.58 68.13 44.39
C ARG F 504 43.63 68.38 45.45
N GLY F 505 43.50 69.46 46.22
CA GLY F 505 44.40 69.70 47.33
C GLY F 505 43.94 68.98 48.58
N MET F 506 43.53 67.73 48.41
CA MET F 506 42.92 66.97 49.50
C MET F 506 43.88 66.85 50.68
N LYS F 507 45.08 66.30 50.45
CA LYS F 507 46.04 66.16 51.54
C LYS F 507 46.45 67.53 52.07
N LEU F 508 46.72 68.48 51.17
CA LEU F 508 47.01 69.84 51.62
C LEU F 508 45.88 70.38 52.48
N LEU F 509 44.63 70.20 52.02
CA LEU F 509 43.48 70.74 52.76
C LEU F 509 43.39 70.15 54.15
N LYS F 510 43.44 68.82 54.25
CA LYS F 510 43.26 68.16 55.54
C LYS F 510 44.50 68.19 56.41
N LEU F 511 45.65 68.60 55.87
CA LEU F 511 46.87 68.63 56.67
C LEU F 511 46.84 69.72 57.74
N TYR F 512 45.99 70.74 57.58
CA TYR F 512 45.83 71.78 58.59
C TYR F 512 44.37 72.04 58.91
N ALA F 513 43.45 71.25 58.35
CA ALA F 513 42.02 71.34 58.64
C ALA F 513 41.45 72.72 58.35
N TRP F 514 41.85 73.30 57.22
CA TRP F 514 41.19 74.48 56.70
C TRP F 514 39.96 74.12 55.86
N GLU F 515 39.50 72.86 55.94
CA GLU F 515 38.45 72.40 55.05
C GLU F 515 37.11 73.05 55.36
N SER F 516 36.76 73.21 56.64
CA SER F 516 35.51 73.86 57.00
C SER F 516 35.47 75.29 56.50
N ILE F 517 36.63 75.96 56.46
CA ILE F 517 36.69 77.35 55.99
C ILE F 517 36.28 77.43 54.52
N PHE F 518 36.71 76.45 53.72
CA PHE F 518 36.31 76.43 52.31
C PHE F 518 34.88 75.91 52.14
N CYS F 519 34.43 75.02 53.01
CA CYS F 519 33.05 74.54 52.93
C CYS F 519 32.06 75.65 53.20
N SER F 520 32.42 76.61 54.06
CA SER F 520 31.58 77.78 54.27
C SER F 520 31.39 78.54 52.97
N ARG F 521 32.48 78.76 52.23
CA ARG F 521 32.40 79.44 50.94
C ARG F 521 31.56 78.65 49.94
N VAL F 522 31.75 77.33 49.91
CA VAL F 522 30.97 76.48 49.00
C VAL F 522 29.48 76.60 49.32
N GLU F 523 29.12 76.62 50.61
CA GLU F 523 27.72 76.78 50.99
C GLU F 523 27.21 78.18 50.64
N VAL F 524 28.06 79.19 50.77
CA VAL F 524 27.68 80.54 50.32
C VAL F 524 27.28 80.50 48.85
N THR F 525 28.01 79.81 47.98
CA THR F 525 27.57 79.77 46.57
C THR F 525 26.20 79.07 46.37
N ARG F 526 26.03 78.01 47.14
CA ARG F 526 24.85 77.17 47.07
C ARG F 526 23.57 77.94 47.34
N ARG F 527 23.59 78.86 48.29
CA ARG F 527 22.39 79.64 48.60
C ARG F 527 21.94 80.48 47.40
N LYS F 528 22.90 81.07 46.67
CA LYS F 528 22.59 81.86 45.48
C LYS F 528 21.95 80.94 44.42
N GLU F 529 22.54 79.75 44.30
CA GLU F 529 21.99 78.79 43.35
C GLU F 529 20.54 78.42 43.73
N MET F 530 20.28 78.24 45.02
CA MET F 530 18.96 77.91 45.53
C MET F 530 17.98 79.03 45.23
N THR F 531 18.44 80.26 45.38
CA THR F 531 17.61 81.43 45.13
C THR F 531 17.15 81.45 43.69
N SER F 532 18.02 81.11 42.74
CA SER F 532 17.55 81.13 41.34
C SER F 532 16.40 80.14 41.01
N LEU F 533 16.56 78.96 41.58
CA LEU F 533 15.75 77.74 41.49
C LEU F 533 14.33 77.98 41.97
N ARG F 534 14.15 78.89 42.94
CA ARG F 534 12.81 79.22 43.41
C ARG F 534 11.96 79.80 42.29
N ALA F 535 12.49 80.80 41.57
CA ALA F 535 11.74 81.40 40.47
C ALA F 535 11.51 80.39 39.35
N PHE F 536 12.53 79.59 39.03
CA PHE F 536 12.36 78.56 37.99
C PHE F 536 11.23 77.61 38.34
N ALA F 537 11.21 77.13 39.58
CA ALA F 537 10.16 76.20 39.99
C ALA F 537 8.81 76.88 40.11
N VAL F 538 8.79 78.18 40.40
CA VAL F 538 7.53 78.92 40.37
C VAL F 538 6.96 78.94 38.96
N TYR F 539 7.81 79.15 37.95
CA TYR F 539 7.33 79.12 36.58
C TYR F 539 6.88 77.72 36.19
N THR F 540 7.61 76.69 36.62
CA THR F 540 7.19 75.31 36.38
C THR F 540 5.82 75.05 36.99
N SER F 541 5.61 75.56 38.22
CA SER F 541 4.32 75.40 38.89
C SER F 541 3.21 76.10 38.12
N ILE F 542 3.49 77.30 37.61
CA ILE F 542 2.49 78.02 36.83
C ILE F 542 2.12 77.24 35.58
N SER F 543 3.12 76.64 34.93
CA SER F 543 2.86 75.83 33.74
C SER F 543 1.97 74.63 34.07
N ILE F 544 2.35 73.85 35.08
CA ILE F 544 1.57 72.68 35.46
C ILE F 544 0.16 73.11 35.89
N PHE F 545 0.04 74.27 36.53
CA PHE F 545 -1.25 74.75 36.99
C PHE F 545 -2.16 75.08 35.82
N MET F 546 -1.66 75.86 34.86
CA MET F 546 -2.47 76.18 33.69
C MET F 546 -2.85 74.92 32.92
N ASN F 547 -1.95 73.93 32.88
CA ASN F 547 -2.18 72.70 32.13
C ASN F 547 -3.54 72.08 32.45
N THR F 548 -3.86 71.95 33.74
CA THR F 548 -5.14 71.38 34.15
C THR F 548 -6.17 72.41 34.56
N ALA F 549 -5.80 73.70 34.61
CA ALA F 549 -6.77 74.74 34.93
C ALA F 549 -7.59 75.13 33.72
N ILE F 550 -6.95 75.24 32.54
CA ILE F 550 -7.69 75.63 31.34
C ILE F 550 -8.75 74.62 30.95
N PRO F 551 -8.52 73.30 31.04
CA PRO F 551 -9.63 72.36 30.79
C PRO F 551 -10.83 72.59 31.71
N ILE F 552 -10.60 72.89 32.98
CA ILE F 552 -11.72 73.15 33.89
C ILE F 552 -12.39 74.48 33.54
N ALA F 553 -11.58 75.51 33.28
CA ALA F 553 -12.13 76.84 33.02
C ALA F 553 -12.95 76.87 31.74
N ALA F 554 -12.52 76.13 30.71
CA ALA F 554 -13.28 76.07 29.48
C ALA F 554 -14.70 75.57 29.73
N VAL F 555 -14.83 74.43 30.40
CA VAL F 555 -16.15 73.86 30.67
C VAL F 555 -16.95 74.78 31.58
N LEU F 556 -16.29 75.36 32.59
CA LEU F 556 -16.98 76.28 33.50
C LEU F 556 -17.62 77.43 32.73
N ILE F 557 -16.78 78.29 32.12
CA ILE F 557 -17.26 79.48 31.44
C ILE F 557 -18.03 79.17 30.16
N THR F 558 -18.01 77.92 29.71
CA THR F 558 -18.82 77.56 28.54
C THR F 558 -20.22 77.09 28.95
N PHE F 559 -20.30 76.11 29.85
CA PHE F 559 -21.60 75.59 30.25
C PHE F 559 -22.38 76.61 31.06
N VAL F 560 -21.72 77.32 31.98
CA VAL F 560 -22.44 78.36 32.71
C VAL F 560 -22.87 79.47 31.76
N GLY F 561 -22.02 79.79 30.78
CA GLY F 561 -22.32 80.81 29.80
C GLY F 561 -23.19 80.38 28.63
N HIS F 562 -23.59 79.10 28.58
CA HIS F 562 -24.45 78.62 27.51
C HIS F 562 -25.91 78.54 27.93
N VAL F 563 -26.18 77.78 29.00
CA VAL F 563 -27.56 77.54 29.42
C VAL F 563 -28.09 78.73 30.20
N SER F 564 -27.45 79.05 31.33
CA SER F 564 -27.94 80.10 32.21
C SER F 564 -27.61 81.50 31.74
N PHE F 565 -27.06 81.66 30.53
CA PHE F 565 -26.74 82.98 30.01
C PHE F 565 -27.48 83.32 28.74
N PHE F 566 -27.42 82.47 27.71
CA PHE F 566 -27.74 82.91 26.36
C PHE F 566 -29.15 82.54 25.92
N LYS F 567 -29.48 81.24 25.90
CA LYS F 567 -30.72 80.83 25.27
C LYS F 567 -31.50 79.77 26.05
N GLU F 568 -31.04 79.37 27.22
CA GLU F 568 -31.73 78.38 28.07
C GLU F 568 -31.99 77.08 27.32
N SER F 569 -31.18 76.78 26.32
CA SER F 569 -31.37 75.58 25.52
C SER F 569 -31.11 74.33 26.33
N ASP F 570 -31.99 73.35 26.19
CA ASP F 570 -31.84 72.09 26.91
C ASP F 570 -30.60 71.37 26.42
N LEU F 571 -29.64 71.18 27.32
CA LEU F 571 -28.33 70.62 26.99
C LEU F 571 -28.38 69.12 27.20
N SER F 572 -28.62 68.39 26.12
CA SER F 572 -28.62 66.93 26.19
C SER F 572 -27.26 66.43 26.63
N PRO F 573 -27.18 65.26 27.28
CA PRO F 573 -25.88 64.73 27.71
C PRO F 573 -24.88 64.62 26.57
N SER F 574 -25.36 64.35 25.36
CA SER F 574 -24.47 64.22 24.20
C SER F 574 -23.68 65.49 23.96
N VAL F 575 -24.35 66.64 24.00
CA VAL F 575 -23.66 67.91 23.74
C VAL F 575 -22.54 68.14 24.73
N ALA F 576 -22.85 68.02 26.03
CA ALA F 576 -21.85 68.29 27.06
C ALA F 576 -20.68 67.32 26.98
N PHE F 577 -20.97 66.03 26.79
CA PHE F 577 -19.89 65.06 26.79
C PHE F 577 -19.05 65.14 25.52
N ALA F 578 -19.67 65.46 24.37
CA ALA F 578 -18.88 65.69 23.17
C ALA F 578 -17.99 66.91 23.33
N SER F 579 -18.50 67.96 23.97
CA SER F 579 -17.67 69.14 24.24
C SER F 579 -16.50 68.77 25.14
N LEU F 580 -16.74 67.93 26.15
CA LEU F 580 -15.66 67.48 27.03
C LEU F 580 -14.59 66.75 26.25
N SER F 581 -15.00 65.76 25.44
CA SER F 581 -14.05 65.02 24.62
C SER F 581 -13.25 65.94 23.73
N LEU F 582 -13.93 66.84 23.01
CA LEU F 582 -13.22 67.76 22.13
C LEU F 582 -12.28 68.68 22.90
N PHE F 583 -12.66 69.07 24.12
CA PHE F 583 -11.77 69.89 24.94
C PHE F 583 -10.48 69.17 25.23
N HIS F 584 -10.54 67.88 25.56
CA HIS F 584 -9.28 67.17 25.81
C HIS F 584 -8.50 66.96 24.52
N ILE F 585 -9.20 66.59 23.45
CA ILE F 585 -8.55 66.33 22.17
C ILE F 585 -7.94 67.59 21.58
N LEU F 586 -8.36 68.76 22.04
CA LEU F 586 -7.75 70.03 21.64
C LEU F 586 -6.70 70.53 22.62
N VAL F 587 -6.82 70.18 23.90
CA VAL F 587 -5.80 70.56 24.87
C VAL F 587 -4.50 69.83 24.59
N THR F 588 -4.59 68.55 24.21
CA THR F 588 -3.36 67.80 23.94
C THR F 588 -2.47 68.45 22.87
N PRO F 589 -2.98 68.86 21.70
CA PRO F 589 -2.08 69.46 20.71
C PRO F 589 -1.62 70.86 21.07
N LEU F 590 -2.39 71.62 21.87
CA LEU F 590 -2.09 73.03 22.09
C LEU F 590 -0.70 73.25 22.69
N PHE F 591 -0.33 72.43 23.68
CA PHE F 591 0.97 72.57 24.31
C PHE F 591 2.10 72.43 23.31
N LEU F 592 1.94 71.58 22.30
CA LEU F 592 3.03 71.28 21.39
C LEU F 592 3.35 72.44 20.46
N LEU F 593 2.38 73.32 20.20
CA LEU F 593 2.63 74.44 19.29
C LEU F 593 3.70 75.39 19.85
N SER F 594 3.70 75.61 21.15
CA SER F 594 4.69 76.50 21.76
C SER F 594 6.10 75.96 21.58
N SER F 595 6.32 74.70 21.99
CA SER F 595 7.60 74.06 21.79
C SER F 595 7.97 74.00 20.32
N VAL F 596 6.99 73.83 19.42
CA VAL F 596 7.26 73.81 17.99
C VAL F 596 7.79 75.16 17.52
N VAL F 597 7.18 76.24 17.97
CA VAL F 597 7.64 77.58 17.57
C VAL F 597 9.05 77.82 18.09
N ARG F 598 9.30 77.48 19.35
CA ARG F 598 10.64 77.67 19.89
C ARG F 598 11.66 76.85 19.10
N SER F 599 11.33 75.58 18.85
CA SER F 599 12.24 74.71 18.12
C SER F 599 12.50 75.23 16.71
N THR F 600 11.48 75.79 16.07
CA THR F 600 11.62 76.26 14.70
C THR F 600 12.54 77.48 14.63
N VAL F 601 12.34 78.45 15.53
CA VAL F 601 13.21 79.63 15.49
C VAL F 601 14.64 79.25 15.86
N LYS F 602 14.80 78.35 16.83
CA LYS F 602 16.14 77.92 17.20
C LYS F 602 16.82 77.17 16.05
N ALA F 603 16.06 76.37 15.32
CA ALA F 603 16.62 75.65 14.18
C ALA F 603 16.99 76.59 13.05
N LEU F 604 16.18 77.63 12.83
CA LEU F 604 16.53 78.63 11.83
C LEU F 604 17.86 79.29 12.17
N VAL F 605 18.04 79.67 13.43
CA VAL F 605 19.30 80.28 13.85
C VAL F 605 20.45 79.30 13.68
N SER F 606 20.24 78.03 14.04
CA SER F 606 21.30 77.04 13.94
C SER F 606 21.69 76.75 12.50
N VAL F 607 20.72 76.79 11.58
CA VAL F 607 21.08 76.57 10.18
C VAL F 607 21.77 77.80 9.59
N GLN F 608 21.41 79.01 10.03
CA GLN F 608 22.20 80.17 9.65
C GLN F 608 23.64 80.01 10.13
N LYS F 609 23.83 79.52 11.35
CA LYS F 609 25.17 79.28 11.87
C LYS F 609 25.91 78.22 11.05
N LEU F 610 25.22 77.12 10.74
CA LEU F 610 25.83 76.06 9.94
C LEU F 610 26.25 76.55 8.57
N SER F 611 25.44 77.43 7.97
CA SER F 611 25.78 77.99 6.67
C SER F 611 26.98 78.92 6.77
N GLU F 612 27.02 79.75 7.82
CA GLU F 612 28.17 80.63 8.02
C GLU F 612 29.45 79.82 8.19
N PHE F 613 29.37 78.70 8.90
CA PHE F 613 30.56 77.87 9.10
C PHE F 613 30.92 77.13 7.82
N LEU F 614 29.99 76.34 7.29
CA LEU F 614 30.25 75.47 6.13
C LEU F 614 30.75 76.24 4.92
N SER F 615 30.63 77.57 4.92
CA SER F 615 31.00 78.36 3.75
C SER F 615 32.08 79.38 4.10
N SER F 616 33.12 78.95 4.81
CA SER F 616 34.23 79.84 5.15
C SER F 616 35.48 79.49 4.36
N ILE F 996 15.24 49.54 39.89
CA ILE F 996 15.60 50.29 41.08
C ILE F 996 14.54 50.05 42.16
N PRO F 997 14.98 49.71 43.37
CA PRO F 997 14.04 49.37 44.43
C PRO F 997 13.31 50.59 44.98
N TRP F 998 12.36 50.35 45.87
CA TRP F 998 11.66 51.42 46.55
C TRP F 998 12.50 52.10 47.62
N ARG F 999 13.73 51.61 47.87
CA ARG F 999 14.53 52.18 48.95
C ARG F 999 15.11 53.53 48.55
N ALA F 1000 15.55 53.68 47.30
CA ALA F 1000 16.08 54.96 46.87
C ALA F 1000 15.03 56.06 46.94
N CYS F 1001 13.82 55.78 46.42
CA CYS F 1001 12.72 56.73 46.52
C CYS F 1001 12.30 56.94 47.97
N THR F 1002 12.35 55.89 48.78
CA THR F 1002 12.00 56.02 50.20
C THR F 1002 12.93 57.01 50.89
N LYS F 1003 14.23 56.86 50.67
CA LYS F 1003 15.18 57.81 51.25
C LYS F 1003 15.00 59.20 50.68
N TYR F 1004 14.73 59.29 49.37
CA TYR F 1004 14.52 60.60 48.75
C TYR F 1004 13.35 61.33 49.38
N LEU F 1005 12.24 60.63 49.62
CA LEU F 1005 11.07 61.27 50.18
C LEU F 1005 11.15 61.45 51.69
N SER F 1006 11.92 60.59 52.38
CA SER F 1006 12.13 60.76 53.80
C SER F 1006 13.10 61.89 54.12
N SER F 1007 13.95 62.26 53.16
CA SER F 1007 14.73 63.49 53.33
C SER F 1007 13.83 64.71 53.35
N ALA F 1008 12.65 64.63 52.71
CA ALA F 1008 11.69 65.73 52.79
C ALA F 1008 11.05 65.80 54.16
N GLY F 1009 10.75 64.64 54.75
CA GLY F 1009 10.13 64.58 56.06
C GLY F 1009 8.65 64.24 55.98
N ILE F 1010 8.09 63.91 57.14
CA ILE F 1010 6.67 63.61 57.23
C ILE F 1010 5.81 64.84 57.03
N LEU F 1011 6.40 66.04 57.11
CA LEU F 1011 5.61 67.27 57.04
C LEU F 1011 4.98 67.44 55.66
N LEU F 1012 5.72 67.15 54.59
CA LEU F 1012 5.26 67.44 53.25
C LEU F 1012 4.83 66.21 52.47
N LEU F 1013 5.21 65.01 52.91
CA LEU F 1013 4.83 63.80 52.20
C LEU F 1013 3.31 63.66 52.11
N SER F 1014 2.63 63.66 53.25
CA SER F 1014 1.18 63.55 53.26
C SER F 1014 0.53 64.78 52.63
N LEU F 1015 1.08 65.97 52.89
CA LEU F 1015 0.56 67.19 52.30
C LEU F 1015 0.55 67.12 50.78
N LEU F 1016 1.50 66.38 50.20
CA LEU F 1016 1.50 66.16 48.75
C LEU F 1016 0.50 65.08 48.35
N VAL F 1017 0.59 63.91 49.01
CA VAL F 1017 -0.15 62.75 48.54
C VAL F 1017 -1.66 62.95 48.67
N PHE F 1018 -2.11 63.40 49.85
CA PHE F 1018 -3.54 63.59 50.06
C PHE F 1018 -4.08 64.72 49.18
N SER F 1019 -3.28 65.76 48.97
CA SER F 1019 -3.72 66.84 48.08
C SER F 1019 -3.89 66.35 46.65
N GLN F 1020 -2.99 65.49 46.18
CA GLN F 1020 -3.14 64.91 44.85
C GLN F 1020 -4.39 64.05 44.77
N LEU F 1021 -4.59 63.18 45.76
CA LEU F 1021 -5.79 62.35 45.79
C LEU F 1021 -7.05 63.20 45.75
N LEU F 1022 -7.08 64.30 46.51
CA LEU F 1022 -8.26 65.14 46.57
C LEU F 1022 -8.47 65.89 45.26
N LYS F 1023 -7.39 66.34 44.61
CA LYS F 1023 -7.53 67.00 43.32
C LYS F 1023 -8.13 66.06 42.28
N HIS F 1024 -7.65 64.81 42.25
CA HIS F 1024 -8.21 63.87 41.28
C HIS F 1024 -9.65 63.51 41.62
N MET F 1025 -9.97 63.41 42.92
CA MET F 1025 -11.35 63.15 43.31
C MET F 1025 -12.27 64.29 42.89
N VAL F 1026 -11.80 65.53 43.00
CA VAL F 1026 -12.60 66.67 42.53
C VAL F 1026 -12.76 66.62 41.01
N LEU F 1027 -11.67 66.29 40.31
CA LEU F 1027 -11.71 66.25 38.84
C LEU F 1027 -12.66 65.17 38.33
N VAL F 1028 -12.85 64.09 39.08
CA VAL F 1028 -13.85 63.11 38.66
C VAL F 1028 -15.25 63.51 39.12
N ALA F 1029 -15.36 64.08 40.34
CA ALA F 1029 -16.67 64.40 40.89
C ALA F 1029 -17.36 65.51 40.11
N ILE F 1030 -16.59 66.43 39.52
CA ILE F 1030 -17.23 67.48 38.72
C ILE F 1030 -17.99 66.87 37.54
N ASP F 1031 -17.37 65.90 36.86
CA ASP F 1031 -18.05 65.22 35.76
C ASP F 1031 -19.17 64.32 36.26
N TYR F 1032 -18.97 63.69 37.42
CA TYR F 1032 -20.04 62.86 37.99
C TYR F 1032 -21.29 63.70 38.26
N TRP F 1033 -21.11 64.92 38.77
CA TRP F 1033 -22.26 65.80 39.00
C TRP F 1033 -22.80 66.35 37.68
N LEU F 1034 -21.94 66.60 36.70
CA LEU F 1034 -22.41 67.03 35.39
C LEU F 1034 -23.32 65.96 34.76
N ALA F 1035 -23.01 64.69 35.01
CA ALA F 1035 -23.86 63.60 34.50
C ALA F 1035 -25.30 63.76 34.98
N LYS F 1036 -25.50 64.09 36.25
CA LYS F 1036 -26.85 64.33 36.75
C LYS F 1036 -27.37 65.69 36.29
N TRP F 1037 -26.47 66.64 36.06
CA TRP F 1037 -26.86 67.93 35.51
C TRP F 1037 -27.59 67.75 34.18
N THR F 1038 -27.11 66.82 33.34
CA THR F 1038 -27.56 66.74 31.97
C THR F 1038 -29.07 66.58 31.87
N ASP F 1039 -29.60 65.47 32.37
CA ASP F 1039 -31.01 65.16 32.17
C ASP F 1039 -31.91 66.16 32.88
N SER F 1040 -32.92 66.66 32.16
CA SER F 1040 -33.84 67.63 32.71
C SER F 1040 -35.16 67.64 31.94
N ASP F 1060 -34.44 72.09 38.38
CA ASP F 1060 -33.50 72.90 39.16
C ASP F 1060 -32.19 73.07 38.42
N GLN F 1061 -32.27 73.64 37.21
CA GLN F 1061 -31.08 73.80 36.39
C GLN F 1061 -30.12 74.84 36.98
N SER F 1062 -30.66 75.88 37.60
CA SER F 1062 -29.83 76.95 38.15
C SER F 1062 -28.98 76.45 39.31
N VAL F 1063 -29.60 75.73 40.24
CA VAL F 1063 -28.86 75.14 41.36
C VAL F 1063 -27.79 74.18 40.84
N TYR F 1064 -28.14 73.40 39.81
CA TYR F 1064 -27.18 72.51 39.17
C TYR F 1064 -25.96 73.26 38.67
N ALA F 1065 -26.18 74.35 37.93
CA ALA F 1065 -25.07 75.12 37.40
C ALA F 1065 -24.24 75.76 38.51
N MET F 1066 -24.89 76.18 39.60
CA MET F 1066 -24.14 76.75 40.71
C MET F 1066 -23.24 75.71 41.37
N VAL F 1067 -23.75 74.48 41.53
CA VAL F 1067 -22.91 73.41 42.08
C VAL F 1067 -21.75 73.13 41.15
N PHE F 1068 -22.00 73.15 39.84
CA PHE F 1068 -20.93 72.98 38.87
C PHE F 1068 -19.84 74.04 39.05
N THR F 1069 -20.26 75.30 39.27
CA THR F 1069 -19.30 76.38 39.48
C THR F 1069 -18.46 76.16 40.74
N LEU F 1070 -19.12 75.72 41.82
CA LEU F 1070 -18.39 75.43 43.05
C LEU F 1070 -17.32 74.36 42.83
N LEU F 1071 -17.69 73.28 42.15
CA LEU F 1071 -16.70 72.24 41.87
C LEU F 1071 -15.54 72.77 41.03
N CYS F 1072 -15.86 73.58 40.00
CA CYS F 1072 -14.82 74.15 39.14
C CYS F 1072 -13.85 75.00 39.94
N SER F 1073 -14.34 75.76 40.92
CA SER F 1073 -13.43 76.57 41.74
C SER F 1073 -12.55 75.70 42.64
N LEU F 1074 -13.16 74.70 43.28
CA LEU F 1074 -12.39 73.79 44.14
C LEU F 1074 -11.24 73.16 43.36
N GLY F 1075 -11.50 72.76 42.11
CA GLY F 1075 -10.47 72.10 41.33
C GLY F 1075 -9.23 72.95 41.15
N ILE F 1076 -9.41 74.20 40.73
CA ILE F 1076 -8.27 75.05 40.43
C ILE F 1076 -7.51 75.42 41.69
N VAL F 1077 -8.24 75.68 42.78
CA VAL F 1077 -7.54 76.01 44.04
C VAL F 1077 -6.66 74.85 44.47
N LEU F 1078 -7.22 73.63 44.43
CA LEU F 1078 -6.46 72.46 44.86
C LEU F 1078 -5.27 72.21 43.95
N CYS F 1079 -5.42 72.45 42.65
CA CYS F 1079 -4.31 72.25 41.72
C CYS F 1079 -3.15 73.19 42.04
N LEU F 1080 -3.45 74.47 42.28
CA LEU F 1080 -2.40 75.41 42.67
C LEU F 1080 -1.70 74.95 43.95
N VAL F 1081 -2.48 74.50 44.94
CA VAL F 1081 -1.88 74.04 46.19
C VAL F 1081 -0.91 72.89 45.94
N THR F 1082 -1.34 71.90 45.14
CA THR F 1082 -0.49 70.74 44.87
C THR F 1082 0.80 71.14 44.18
N SER F 1083 0.70 72.04 43.20
CA SER F 1083 1.90 72.44 42.46
C SER F 1083 2.90 73.13 43.38
N VAL F 1084 2.42 74.06 44.21
CA VAL F 1084 3.32 74.74 45.15
C VAL F 1084 3.95 73.74 46.11
N THR F 1085 3.19 72.74 46.53
CA THR F 1085 3.72 71.72 47.42
C THR F 1085 4.89 70.98 46.77
N VAL F 1086 4.69 70.52 45.54
CA VAL F 1086 5.75 69.79 44.84
C VAL F 1086 7.00 70.65 44.73
N GLU F 1087 6.83 71.92 44.35
CA GLU F 1087 7.97 72.83 44.23
C GLU F 1087 8.75 72.93 45.53
N TRP F 1088 8.06 73.32 46.61
CA TRP F 1088 8.72 73.54 47.89
C TRP F 1088 9.44 72.28 48.35
N THR F 1089 8.78 71.13 48.23
CA THR F 1089 9.36 69.87 48.68
C THR F 1089 10.62 69.54 47.89
N GLY F 1090 10.56 69.66 46.56
CA GLY F 1090 11.73 69.36 45.75
C GLY F 1090 12.92 70.23 46.12
N LEU F 1091 12.67 71.53 46.32
CA LEU F 1091 13.78 72.43 46.66
C LEU F 1091 14.39 72.07 48.01
N LYS F 1092 13.55 71.81 49.02
CA LYS F 1092 14.08 71.43 50.33
C LYS F 1092 14.90 70.14 50.25
N VAL F 1093 14.42 69.16 49.47
CA VAL F 1093 15.14 67.90 49.36
C VAL F 1093 16.50 68.11 48.70
N ALA F 1094 16.53 68.90 47.64
CA ALA F 1094 17.81 69.19 46.99
C ALA F 1094 18.79 69.83 47.96
N LYS F 1095 18.32 70.83 48.71
CA LYS F 1095 19.17 71.48 49.72
C LYS F 1095 19.77 70.47 50.68
N ARG F 1096 18.90 69.70 51.34
CA ARG F 1096 19.39 68.79 52.38
C ARG F 1096 20.31 67.73 51.81
N LEU F 1097 19.99 67.22 50.61
CA LEU F 1097 20.83 66.19 50.01
C LEU F 1097 22.21 66.73 49.68
N HIS F 1098 22.29 67.93 49.12
CA HIS F 1098 23.60 68.51 48.81
C HIS F 1098 24.41 68.73 50.08
N ARG F 1099 23.78 69.30 51.11
CA ARG F 1099 24.52 69.57 52.34
C ARG F 1099 25.03 68.28 52.97
N SER F 1100 24.19 67.24 53.02
CA SER F 1100 24.62 65.97 53.60
C SER F 1100 25.74 65.33 52.79
N LEU F 1101 25.66 65.42 51.46
CA LEU F 1101 26.72 64.87 50.62
C LEU F 1101 28.04 65.57 50.89
N LEU F 1102 28.02 66.90 50.95
CA LEU F 1102 29.24 67.64 51.24
C LEU F 1102 29.82 67.25 52.59
N ASN F 1103 28.98 67.22 53.62
CA ASN F 1103 29.46 66.90 54.97
C ASN F 1103 30.05 65.49 55.02
N ARG F 1104 29.39 64.52 54.37
CA ARG F 1104 29.90 63.15 54.42
C ARG F 1104 31.17 62.99 53.61
N ILE F 1105 31.35 63.79 52.55
CA ILE F 1105 32.60 63.72 51.80
C ILE F 1105 33.73 64.39 52.57
N ILE F 1106 33.41 65.35 53.43
CA ILE F 1106 34.46 66.07 54.15
C ILE F 1106 35.21 65.16 55.11
N LEU F 1107 34.48 64.29 55.83
CA LEU F 1107 35.07 63.51 56.92
C LEU F 1107 35.66 62.18 56.46
N ALA F 1108 36.09 62.08 55.19
CA ALA F 1108 36.62 60.81 54.71
C ALA F 1108 38.13 60.72 54.94
N PRO F 1109 38.67 59.51 55.09
CA PRO F 1109 40.12 59.37 55.24
C PRO F 1109 40.85 59.68 53.94
N MET F 1110 42.14 59.95 54.09
CA MET F 1110 42.96 60.34 52.95
C MET F 1110 43.12 59.19 51.96
N ARG F 1111 43.32 57.96 52.46
CA ARG F 1111 43.52 56.82 51.57
C ARG F 1111 42.27 56.56 50.73
N PHE F 1112 41.09 56.89 51.25
CA PHE F 1112 39.88 56.79 50.44
C PHE F 1112 39.94 57.75 49.25
N PHE F 1113 40.31 59.00 49.51
CA PHE F 1113 40.41 59.97 48.42
C PHE F 1113 41.47 59.57 47.39
N GLU F 1114 42.58 58.99 47.87
CA GLU F 1114 43.63 58.56 46.95
C GLU F 1114 43.20 57.33 46.14
N THR F 1115 42.36 56.47 46.72
CA THR F 1115 41.96 55.24 46.04
C THR F 1115 40.97 55.52 44.93
N THR F 1116 39.94 56.32 45.20
CA THR F 1116 38.88 56.57 44.24
C THR F 1116 39.33 57.59 43.20
N PRO F 1117 39.13 57.34 41.91
CA PRO F 1117 39.46 58.35 40.90
C PRO F 1117 38.68 59.64 41.13
N LEU F 1118 39.21 60.73 40.56
CA LEU F 1118 38.57 62.03 40.74
C LEU F 1118 37.29 62.15 39.93
N GLY F 1119 37.21 61.47 38.79
CA GLY F 1119 36.05 61.60 37.92
C GLY F 1119 34.75 61.23 38.60
N SER F 1120 34.74 60.12 39.33
CA SER F 1120 33.51 59.66 39.97
C SER F 1120 33.10 60.58 41.11
N ILE F 1121 34.05 60.96 41.98
CA ILE F 1121 33.73 61.86 43.09
C ILE F 1121 33.26 63.20 42.59
N LEU F 1122 33.94 63.77 41.60
CA LEU F 1122 33.52 65.07 41.05
C LEU F 1122 32.23 65.01 40.24
N ASN F 1123 32.09 63.92 39.50
CA ASN F 1123 30.97 63.76 38.60
C ASN F 1123 29.64 63.72 39.30
N ARG F 1124 29.55 63.11 40.48
CA ARG F 1124 28.24 63.07 41.15
C ARG F 1124 27.75 64.50 41.40
N PHE F 1125 28.60 65.33 41.98
CA PHE F 1125 28.23 66.72 42.24
C PHE F 1125 27.96 67.49 40.97
N SER F 1126 28.76 67.24 39.94
CA SER F 1126 28.58 67.94 38.67
C SER F 1126 27.27 67.65 37.99
N SER F 1127 26.83 66.39 38.02
CA SER F 1127 25.61 66.03 37.30
C SER F 1127 24.49 65.60 38.20
N ASP F 1128 24.67 64.48 38.88
CA ASP F 1128 23.64 63.98 39.78
C ASP F 1128 22.89 65.14 40.45
N CYS F 1129 23.62 66.11 40.98
CA CYS F 1129 22.94 67.20 41.66
C CYS F 1129 22.13 68.03 40.68
N ASN F 1130 22.80 68.36 39.57
CA ASN F 1130 22.19 69.16 38.54
C ASN F 1130 21.02 68.44 37.91
N THR F 1131 21.23 67.16 37.62
CA THR F 1131 20.19 66.39 36.98
C THR F 1131 18.97 66.33 37.86
N ILE F 1132 19.17 66.07 39.14
CA ILE F 1132 18.04 65.95 40.04
C ILE F 1132 17.30 67.26 40.11
N ASP F 1133 18.03 68.36 40.29
CA ASP F 1133 17.34 69.64 40.45
C ASP F 1133 16.57 70.01 39.19
N GLN F 1134 17.15 69.77 38.03
CA GLN F 1134 16.47 70.09 36.79
C GLN F 1134 15.27 69.21 36.45
N HIS F 1135 15.38 67.91 36.68
CA HIS F 1135 14.31 67.02 36.22
C HIS F 1135 13.51 66.17 37.19
N ILE F 1136 14.00 65.96 38.41
CA ILE F 1136 13.22 65.07 39.28
C ILE F 1136 11.88 65.66 39.67
N PRO F 1137 11.76 66.94 40.06
CA PRO F 1137 10.42 67.41 40.49
C PRO F 1137 9.37 67.38 39.40
N SER F 1138 9.70 67.87 38.20
CA SER F 1138 8.74 67.90 37.11
C SER F 1138 8.30 66.48 36.71
N THR F 1139 9.28 65.59 36.56
CA THR F 1139 8.96 64.21 36.16
C THR F 1139 8.17 63.50 37.25
N LEU F 1140 8.49 63.74 38.52
CA LEU F 1140 7.71 63.14 39.60
C LEU F 1140 6.27 63.63 39.59
N GLU F 1141 6.09 64.94 39.41
CA GLU F 1141 4.74 65.49 39.31
C GLU F 1141 3.97 64.88 38.15
N CYS F 1142 4.62 64.74 36.99
CA CYS F 1142 3.95 64.19 35.82
C CYS F 1142 3.58 62.72 36.05
N LEU F 1143 4.48 61.94 36.63
CA LEU F 1143 4.19 60.55 36.93
C LEU F 1143 3.01 60.41 37.87
N SER F 1144 2.98 61.23 38.93
CA SER F 1144 1.87 61.16 39.89
C SER F 1144 0.55 61.53 39.21
N ARG F 1145 0.54 62.64 38.46
CA ARG F 1145 -0.69 63.03 37.78
C ARG F 1145 -1.16 61.93 36.82
N SER F 1146 -0.23 61.34 36.07
CA SER F 1146 -0.61 60.31 35.11
C SER F 1146 -1.20 59.09 35.80
N THR F 1147 -0.52 58.58 36.83
CA THR F 1147 -1.01 57.36 37.47
C THR F 1147 -2.35 57.61 38.15
N LEU F 1148 -2.54 58.78 38.78
CA LEU F 1148 -3.81 59.03 39.45
C LEU F 1148 -4.93 59.26 38.44
N LEU F 1149 -4.64 59.93 37.31
CA LEU F 1149 -5.64 60.09 36.27
C LEU F 1149 -6.06 58.74 35.69
N CYS F 1150 -5.10 57.83 35.51
CA CYS F 1150 -5.43 56.52 34.98
C CYS F 1150 -6.30 55.73 35.96
N VAL F 1151 -5.93 55.74 37.24
CA VAL F 1151 -6.74 55.03 38.24
C VAL F 1151 -8.14 55.63 38.31
N SER F 1152 -8.23 56.96 38.26
CA SER F 1152 -9.55 57.61 38.28
C SER F 1152 -10.38 57.22 37.07
N ALA F 1153 -9.77 57.17 35.89
CA ALA F 1153 -10.53 56.81 34.70
C ALA F 1153 -11.02 55.37 34.77
N LEU F 1154 -10.17 54.46 35.27
CA LEU F 1154 -10.61 53.07 35.43
C LEU F 1154 -11.77 52.99 36.41
N THR F 1155 -11.69 53.71 37.53
CA THR F 1155 -12.79 53.71 38.49
C THR F 1155 -14.07 54.28 37.90
N VAL F 1156 -13.94 55.31 37.05
CA VAL F 1156 -15.12 55.90 36.41
C VAL F 1156 -15.79 54.89 35.50
N ILE F 1157 -15.02 54.29 34.58
CA ILE F 1157 -15.61 53.34 33.64
C ILE F 1157 -16.08 52.08 34.35
N SER F 1158 -15.61 51.83 35.56
CA SER F 1158 -16.15 50.72 36.35
C SER F 1158 -17.48 51.10 36.98
N TYR F 1159 -17.55 52.27 37.62
CA TYR F 1159 -18.79 52.70 38.27
C TYR F 1159 -19.91 52.88 37.27
N VAL F 1160 -19.59 53.36 36.06
CA VAL F 1160 -20.60 53.52 35.03
C VAL F 1160 -21.24 52.18 34.70
N THR F 1161 -20.42 51.22 34.27
CA THR F 1161 -20.89 49.88 33.95
C THR F 1161 -20.21 48.87 34.87
N PRO F 1162 -20.92 48.26 35.81
CA PRO F 1162 -20.25 47.31 36.72
C PRO F 1162 -19.60 46.14 36.02
N VAL F 1163 -20.32 45.46 35.13
CA VAL F 1163 -19.77 44.28 34.45
C VAL F 1163 -18.51 44.63 33.67
N PHE F 1164 -18.46 45.84 33.09
CA PHE F 1164 -17.27 46.26 32.36
C PHE F 1164 -16.02 46.16 33.22
N LEU F 1165 -16.15 46.47 34.51
CA LEU F 1165 -15.03 46.30 35.44
C LEU F 1165 -14.43 44.91 35.32
N VAL F 1166 -15.27 43.88 35.42
CA VAL F 1166 -14.76 42.51 35.42
C VAL F 1166 -14.10 42.17 34.09
N ALA F 1167 -14.42 42.91 33.03
CA ALA F 1167 -13.78 42.65 31.74
C ALA F 1167 -12.44 43.37 31.60
N LEU F 1168 -12.20 44.42 32.38
CA LEU F 1168 -11.01 45.24 32.21
C LEU F 1168 -9.79 44.74 32.99
N LEU F 1169 -10.00 43.93 34.02
CA LEU F 1169 -8.89 43.42 34.81
C LEU F 1169 -8.04 42.42 34.03
N PRO F 1170 -8.63 41.54 33.17
CA PRO F 1170 -7.78 40.74 32.28
C PRO F 1170 -6.81 41.58 31.46
N LEU F 1171 -7.35 42.52 30.67
CA LEU F 1171 -6.52 43.32 29.78
C LEU F 1171 -5.39 44.03 30.53
N ALA F 1172 -5.72 44.62 31.68
CA ALA F 1172 -4.69 45.31 32.47
C ALA F 1172 -3.56 44.37 32.85
N VAL F 1173 -3.89 43.12 33.21
CA VAL F 1173 -2.85 42.15 33.53
C VAL F 1173 -1.95 41.93 32.32
N VAL F 1174 -2.53 41.95 31.12
CA VAL F 1174 -1.74 41.91 29.90
C VAL F 1174 -0.65 42.97 29.93
N CYS F 1175 -1.04 44.21 30.29
CA CYS F 1175 -0.08 45.31 30.35
C CYS F 1175 1.10 44.98 31.26
N TYR F 1176 0.88 44.23 32.33
CA TYR F 1176 1.99 43.85 33.20
C TYR F 1176 3.08 43.14 32.39
N PHE F 1177 2.68 42.15 31.59
CA PHE F 1177 3.66 41.47 30.76
C PHE F 1177 4.31 42.42 29.75
N ILE F 1178 3.55 43.41 29.29
CA ILE F 1178 4.14 44.39 28.37
C ILE F 1178 5.09 45.32 29.09
N GLN F 1179 4.96 45.43 30.41
CA GLN F 1179 5.83 46.34 31.16
C GLN F 1179 7.24 45.78 31.26
N LYS F 1180 7.39 44.61 31.88
CA LYS F 1180 8.70 44.02 32.11
C LYS F 1180 9.55 44.02 30.84
N TYR F 1181 9.09 43.28 29.82
CA TYR F 1181 9.84 43.15 28.58
C TYR F 1181 10.26 44.49 28.01
N PHE F 1182 9.49 45.55 28.29
CA PHE F 1182 9.89 46.85 27.80
C PHE F 1182 11.10 47.38 28.57
N ARG F 1183 10.97 47.50 29.89
CA ARG F 1183 11.98 48.22 30.67
C ARG F 1183 13.35 47.59 30.51
N VAL F 1184 13.42 46.27 30.70
CA VAL F 1184 14.69 45.54 30.62
C VAL F 1184 15.39 45.71 29.27
N ALA F 1185 14.70 46.26 28.27
CA ALA F 1185 15.33 46.67 27.03
C ALA F 1185 15.43 48.18 26.89
N SER F 1186 14.38 48.90 27.30
CA SER F 1186 14.36 50.35 27.09
C SER F 1186 15.49 51.01 27.88
N ARG F 1187 15.75 50.55 29.10
CA ARG F 1187 16.93 51.00 29.82
C ARG F 1187 18.18 50.69 29.01
N ASP F 1188 18.34 49.42 28.59
CA ASP F 1188 19.57 48.98 27.94
C ASP F 1188 19.90 49.84 26.74
N LEU F 1189 19.04 49.81 25.71
CA LEU F 1189 19.24 50.66 24.54
C LEU F 1189 19.61 52.08 24.95
N GLN F 1190 18.91 52.63 25.95
CA GLN F 1190 19.17 53.99 26.39
C GLN F 1190 20.66 54.21 26.64
N GLN F 1191 21.24 53.42 27.54
CA GLN F 1191 22.64 53.60 27.87
C GLN F 1191 23.53 53.42 26.63
N LEU F 1192 23.19 52.46 25.77
CA LEU F 1192 23.97 52.28 24.55
C LEU F 1192 24.05 53.58 23.77
N ASP F 1193 22.91 54.28 23.62
CA ASP F 1193 22.90 55.58 22.96
C ASP F 1193 23.98 56.48 23.55
N ASP F 1194 23.95 56.65 24.88
CA ASP F 1194 24.93 57.50 25.54
C ASP F 1194 26.34 57.12 25.11
N THR F 1195 26.64 55.82 25.11
CA THR F 1195 28.00 55.41 24.77
C THR F 1195 28.34 55.81 23.34
N THR F 1196 27.42 55.59 22.38
CA THR F 1196 27.80 55.94 21.01
C THR F 1196 27.87 57.44 20.80
N GLN F 1197 27.39 58.23 21.76
CA GLN F 1197 27.52 59.68 21.65
C GLN F 1197 28.87 60.16 22.17
N LEU F 1198 29.54 59.38 23.03
CA LEU F 1198 30.71 59.92 23.71
C LEU F 1198 31.97 59.90 22.83
N PRO F 1199 32.40 58.77 22.27
CA PRO F 1199 33.60 58.81 21.41
C PRO F 1199 33.39 59.56 20.11
N LEU F 1200 32.17 59.72 19.64
CA LEU F 1200 31.96 60.47 18.40
C LEU F 1200 32.42 61.91 18.56
N LEU F 1201 31.77 62.66 19.45
CA LEU F 1201 32.14 64.05 19.68
C LEU F 1201 33.62 64.20 19.96
N SER F 1202 34.14 63.41 20.92
CA SER F 1202 35.56 63.46 21.23
C SER F 1202 36.41 63.33 19.97
N HIS F 1203 36.05 62.36 19.11
CA HIS F 1203 36.78 62.18 17.85
C HIS F 1203 36.85 63.48 17.08
N PHE F 1204 35.71 64.14 16.90
CA PHE F 1204 35.68 65.44 16.23
C PHE F 1204 36.77 66.35 16.76
N ALA F 1205 36.83 66.52 18.09
CA ALA F 1205 37.81 67.43 18.68
C ALA F 1205 39.24 67.03 18.32
N GLU F 1206 39.53 65.72 18.36
CA GLU F 1206 40.88 65.27 18.03
C GLU F 1206 41.27 65.67 16.62
N THR F 1207 40.32 65.68 15.69
CA THR F 1207 40.63 66.07 14.32
C THR F 1207 40.93 67.56 14.23
N VAL F 1208 40.29 68.37 15.07
CA VAL F 1208 40.41 69.81 14.93
C VAL F 1208 41.80 70.29 15.37
N GLU F 1209 42.26 69.81 16.52
CA GLU F 1209 43.55 70.27 17.04
C GLU F 1209 44.70 69.82 16.16
N GLY F 1210 44.88 68.50 16.01
CA GLY F 1210 45.95 67.98 15.19
C GLY F 1210 45.61 67.96 13.71
N LEU F 1211 45.00 69.04 13.23
CA LEU F 1211 44.54 69.08 11.84
C LEU F 1211 45.71 69.09 10.87
N THR F 1212 46.77 69.84 11.18
CA THR F 1212 47.92 69.91 10.29
C THR F 1212 48.60 68.55 10.16
N THR F 1213 48.75 67.83 11.27
CA THR F 1213 49.38 66.51 11.22
C THR F 1213 48.56 65.56 10.36
N ILE F 1214 47.23 65.63 10.46
CA ILE F 1214 46.38 64.70 9.74
C ILE F 1214 46.34 65.03 8.25
N ARG F 1215 46.31 66.33 7.91
CA ARG F 1215 46.40 66.70 6.50
C ARG F 1215 47.80 66.44 5.93
N ALA F 1216 48.82 66.40 6.78
CA ALA F 1216 50.17 66.12 6.32
C ALA F 1216 50.36 64.64 6.04
N PHE F 1217 49.97 63.78 6.97
CA PHE F 1217 50.08 62.34 6.77
C PHE F 1217 49.21 61.84 5.62
N ARG F 1218 48.31 62.67 5.09
CA ARG F 1218 47.35 62.27 4.07
C ARG F 1218 46.44 61.15 4.56
N TYR F 1219 46.21 61.09 5.87
CA TYR F 1219 45.38 60.07 6.49
C TYR F 1219 43.90 60.44 6.51
N GLU F 1220 43.47 61.33 5.61
CA GLU F 1220 42.10 61.82 5.66
C GLU F 1220 41.09 60.71 5.37
N ALA F 1221 41.44 59.79 4.46
CA ALA F 1221 40.52 58.73 4.07
C ALA F 1221 40.18 57.81 5.24
N ARG F 1222 41.21 57.33 5.95
CA ARG F 1222 40.96 56.42 7.06
C ARG F 1222 40.16 57.09 8.16
N PHE F 1223 40.43 58.37 8.41
CA PHE F 1223 39.67 59.06 9.46
C PHE F 1223 38.23 59.28 9.06
N GLN F 1224 37.98 59.59 7.78
CA GLN F 1224 36.60 59.70 7.31
C GLN F 1224 35.88 58.36 7.42
N GLN F 1225 36.61 57.27 7.14
CA GLN F 1225 36.04 55.94 7.35
C GLN F 1225 35.66 55.73 8.82
N LYS F 1226 36.55 56.12 9.73
CA LYS F 1226 36.26 55.99 11.16
C LYS F 1226 35.03 56.80 11.55
N LEU F 1227 34.88 58.00 10.99
CA LEU F 1227 33.74 58.82 11.38
C LEU F 1227 32.44 58.29 10.80
N LEU F 1228 32.47 57.73 9.58
CA LEU F 1228 31.29 57.05 9.08
C LEU F 1228 30.91 55.88 9.96
N GLU F 1229 31.91 55.11 10.41
CA GLU F 1229 31.67 54.01 11.34
C GLU F 1229 31.00 54.51 12.62
N TYR F 1230 31.53 55.59 13.19
CA TYR F 1230 31.00 56.09 14.45
C TYR F 1230 29.58 56.63 14.29
N THR F 1231 29.30 57.36 13.21
CA THR F 1231 27.96 57.89 13.03
C THR F 1231 26.96 56.78 12.73
N ASP F 1232 27.41 55.69 12.08
CA ASP F 1232 26.53 54.54 11.92
C ASP F 1232 26.23 53.89 13.26
N SER F 1233 27.25 53.73 14.12
CA SER F 1233 27.03 53.15 15.43
C SER F 1233 26.13 54.01 16.30
N ASN F 1234 26.16 55.33 16.08
CA ASN F 1234 25.24 56.21 16.79
C ASN F 1234 23.82 56.07 16.26
N ASN F 1235 23.67 56.02 14.93
CA ASN F 1235 22.35 56.01 14.33
C ASN F 1235 21.62 54.68 14.61
N ILE F 1236 22.34 53.56 14.60
CA ILE F 1236 21.68 52.29 14.86
C ILE F 1236 21.06 52.30 16.26
N ALA F 1237 21.76 52.87 17.23
CA ALA F 1237 21.23 52.92 18.60
C ALA F 1237 20.06 53.89 18.70
N SER F 1238 20.24 55.12 18.21
CA SER F 1238 19.16 56.11 18.27
C SER F 1238 17.97 55.71 17.42
N LEU F 1239 18.11 54.70 16.58
CA LEU F 1239 17.05 54.19 15.73
C LEU F 1239 16.31 53.03 16.39
N PHE F 1240 17.04 52.08 16.96
CA PHE F 1240 16.41 51.01 17.71
C PHE F 1240 15.64 51.56 18.90
N LEU F 1241 16.12 52.66 19.50
CA LEU F 1241 15.41 53.24 20.64
C LEU F 1241 14.04 53.76 20.22
N THR F 1242 13.98 54.50 19.10
CA THR F 1242 12.69 54.99 18.63
C THR F 1242 11.80 53.87 18.13
N ALA F 1243 12.39 52.80 17.57
CA ALA F 1243 11.59 51.66 17.17
C ALA F 1243 10.94 50.99 18.37
N ALA F 1244 11.68 50.84 19.47
CA ALA F 1244 11.11 50.21 20.68
C ALA F 1244 10.05 51.10 21.30
N ASN F 1245 10.28 52.41 21.32
CA ASN F 1245 9.24 53.32 21.83
C ASN F 1245 7.97 53.21 21.00
N ARG F 1246 8.11 53.15 19.67
CA ARG F 1246 6.94 52.95 18.82
C ARG F 1246 6.24 51.64 19.11
N TRP F 1247 7.02 50.58 19.35
CA TRP F 1247 6.42 49.28 19.67
C TRP F 1247 5.54 49.37 20.91
N LEU F 1248 6.12 49.83 22.02
CA LEU F 1248 5.35 49.96 23.25
C LEU F 1248 4.13 50.85 23.05
N GLU F 1249 4.31 51.97 22.35
CA GLU F 1249 3.20 52.88 22.10
C GLU F 1249 2.05 52.18 21.39
N VAL F 1250 2.34 51.53 20.27
CA VAL F 1250 1.28 50.95 19.45
C VAL F 1250 0.56 49.85 20.21
N ARG F 1251 1.30 49.01 20.94
CA ARG F 1251 0.62 47.91 21.62
C ARG F 1251 -0.24 48.41 22.78
N MET F 1252 0.30 49.33 23.59
CA MET F 1252 -0.52 49.92 24.65
C MET F 1252 -1.74 50.61 24.08
N GLU F 1253 -1.61 51.23 22.90
CA GLU F 1253 -2.75 51.90 22.30
C GLU F 1253 -3.79 50.91 21.79
N TYR F 1254 -3.35 49.80 21.19
CA TYR F 1254 -4.29 48.77 20.77
C TYR F 1254 -5.09 48.26 21.95
N ILE F 1255 -4.45 48.09 23.11
CA ILE F 1255 -5.20 47.65 24.29
C ILE F 1255 -6.13 48.76 24.79
N GLY F 1256 -5.67 50.02 24.74
CA GLY F 1256 -6.53 51.13 25.12
C GLY F 1256 -7.72 51.33 24.21
N ALA F 1257 -7.67 50.78 23.00
CA ALA F 1257 -8.83 50.79 22.12
C ALA F 1257 -9.72 49.57 22.36
N CYS F 1258 -9.11 48.41 22.66
CA CYS F 1258 -9.91 47.26 23.07
C CYS F 1258 -10.78 47.59 24.27
N VAL F 1259 -10.24 48.35 25.24
CA VAL F 1259 -11.00 48.60 26.45
C VAL F 1259 -12.19 49.50 26.16
N VAL F 1260 -12.03 50.50 25.28
CA VAL F 1260 -13.17 51.36 24.97
C VAL F 1260 -14.19 50.61 24.12
N LEU F 1261 -13.73 49.72 23.22
CA LEU F 1261 -14.67 48.88 22.50
C LEU F 1261 -15.54 48.07 23.45
N ILE F 1262 -14.90 47.37 24.39
CA ILE F 1262 -15.67 46.53 25.32
C ILE F 1262 -16.56 47.38 26.20
N ALA F 1263 -16.06 48.55 26.62
CA ALA F 1263 -16.85 49.42 27.48
C ALA F 1263 -18.11 49.89 26.77
N ALA F 1264 -17.98 50.34 25.51
CA ALA F 1264 -19.14 50.80 24.77
C ALA F 1264 -20.11 49.66 24.48
N ALA F 1265 -19.57 48.48 24.15
CA ALA F 1265 -20.43 47.33 23.86
C ALA F 1265 -21.23 46.91 25.09
N THR F 1266 -20.64 47.01 26.28
CA THR F 1266 -21.40 46.72 27.49
C THR F 1266 -22.35 47.85 27.85
N SER F 1267 -21.98 49.09 27.57
CA SER F 1267 -22.81 50.23 27.95
C SER F 1267 -24.07 50.31 27.11
N ILE F 1268 -23.96 50.01 25.82
CA ILE F 1268 -25.12 50.14 24.94
C ILE F 1268 -26.23 49.17 25.35
N SER F 1269 -25.86 48.01 25.87
CA SER F 1269 -26.86 47.00 26.22
C SER F 1269 -27.26 47.11 27.69
N ASN F 1270 -26.29 47.06 28.59
CA ASN F 1270 -26.61 47.00 30.01
C ASN F 1270 -27.28 48.28 30.49
N SER F 1271 -26.75 49.44 30.08
CA SER F 1271 -27.25 50.71 30.58
C SER F 1271 -28.46 51.24 29.82
N LEU F 1272 -28.86 50.58 28.74
CA LEU F 1272 -30.04 50.98 27.99
C LEU F 1272 -31.17 49.96 28.05
N HIS F 1273 -30.88 48.70 27.72
CA HIS F 1273 -31.92 47.69 27.69
C HIS F 1273 -32.49 47.42 29.07
N ARG F 1274 -31.62 47.23 30.06
CA ARG F 1274 -32.06 46.91 31.41
C ARG F 1274 -32.01 48.12 32.35
N GLU F 1275 -30.86 48.79 32.45
CA GLU F 1275 -30.72 49.86 33.44
C GLU F 1275 -31.49 51.11 33.04
N LEU F 1276 -31.56 51.39 31.73
CA LEU F 1276 -32.20 52.60 31.17
C LEU F 1276 -31.81 53.85 31.95
N SER F 1277 -30.50 54.13 31.96
CA SER F 1277 -29.95 55.33 32.57
C SER F 1277 -28.96 55.94 31.60
N ALA F 1278 -29.22 57.18 31.18
CA ALA F 1278 -28.46 57.80 30.10
C ALA F 1278 -27.27 58.61 30.58
N GLY F 1279 -27.32 59.12 31.82
CA GLY F 1279 -26.19 59.87 32.33
C GLY F 1279 -24.94 59.04 32.52
N LEU F 1280 -25.07 57.71 32.50
CA LEU F 1280 -23.93 56.83 32.70
C LEU F 1280 -23.03 56.77 31.47
N VAL F 1281 -23.62 56.42 30.32
CA VAL F 1281 -22.84 56.13 29.11
C VAL F 1281 -21.96 57.31 28.73
N GLY F 1282 -22.38 58.53 29.04
CA GLY F 1282 -21.59 59.70 28.74
C GLY F 1282 -20.22 59.66 29.40
N LEU F 1283 -20.21 59.52 30.72
CA LEU F 1283 -18.95 59.48 31.46
C LEU F 1283 -18.06 58.33 30.98
N GLY F 1284 -18.65 57.15 30.83
CA GLY F 1284 -17.88 55.99 30.43
C GLY F 1284 -17.23 56.18 29.06
N LEU F 1285 -18.02 56.61 28.08
CA LEU F 1285 -17.47 56.83 26.74
C LEU F 1285 -16.42 57.93 26.75
N THR F 1286 -16.68 59.03 27.44
CA THR F 1286 -15.72 60.14 27.43
C THR F 1286 -14.40 59.77 28.10
N TYR F 1287 -14.44 58.93 29.14
CA TYR F 1287 -13.20 58.55 29.79
C TYR F 1287 -12.49 57.42 29.05
N ALA F 1288 -13.23 56.51 28.42
CA ALA F 1288 -12.61 55.42 27.68
C ALA F 1288 -12.08 55.87 26.33
N LEU F 1289 -12.58 56.98 25.78
CA LEU F 1289 -12.00 57.53 24.56
C LEU F 1289 -10.60 58.08 24.78
N MET F 1290 -10.22 58.35 26.04
CA MET F 1290 -8.96 59.00 26.33
C MET F 1290 -8.07 58.25 27.31
N VAL F 1291 -8.54 57.17 27.92
CA VAL F 1291 -7.74 56.43 28.91
C VAL F 1291 -6.37 56.02 28.34
N SER F 1292 -6.30 55.81 27.02
CA SER F 1292 -5.07 55.30 26.44
C SER F 1292 -3.91 56.30 26.53
N ASN F 1293 -4.20 57.58 26.31
CA ASN F 1293 -3.15 58.58 26.37
C ASN F 1293 -2.62 58.74 27.79
N TYR F 1294 -3.52 58.67 28.78
CA TYR F 1294 -3.07 58.68 30.18
C TYR F 1294 -2.23 57.45 30.49
N LEU F 1295 -2.61 56.29 29.96
CA LEU F 1295 -1.79 55.09 30.13
C LEU F 1295 -0.39 55.29 29.57
N ASN F 1296 -0.28 55.89 28.38
CA ASN F 1296 1.03 56.06 27.77
C ASN F 1296 1.88 57.05 28.54
N TRP F 1297 1.29 58.18 28.94
CA TRP F 1297 1.98 59.10 29.83
C TRP F 1297 2.52 58.37 31.05
N MET F 1298 1.68 57.54 31.67
CA MET F 1298 2.06 56.77 32.84
C MET F 1298 3.31 55.95 32.57
N VAL F 1299 3.28 55.12 31.52
CA VAL F 1299 4.37 54.16 31.34
C VAL F 1299 5.67 54.88 30.98
N ARG F 1300 5.60 55.89 30.12
CA ARG F 1300 6.82 56.58 29.72
C ARG F 1300 7.44 57.34 30.89
N ASN F 1301 6.62 58.08 31.64
CA ASN F 1301 7.14 58.77 32.82
C ASN F 1301 7.67 57.80 33.85
N LEU F 1302 7.09 56.60 33.93
CA LEU F 1302 7.63 55.59 34.85
C LEU F 1302 9.03 55.17 34.45
N ALA F 1303 9.25 54.93 33.16
CA ALA F 1303 10.59 54.58 32.70
C ALA F 1303 11.59 55.69 33.02
N ASP F 1304 11.22 56.93 32.74
CA ASP F 1304 12.12 58.06 33.02
C ASP F 1304 12.41 58.18 34.52
N MET F 1305 11.38 58.05 35.35
CA MET F 1305 11.58 58.15 36.79
C MET F 1305 12.49 57.04 37.28
N GLU F 1306 12.40 55.85 36.68
CA GLU F 1306 13.27 54.76 37.11
C GLU F 1306 14.73 55.03 36.76
N ILE F 1307 14.99 55.55 35.55
CA ILE F 1307 16.39 55.83 35.23
C ILE F 1307 16.94 56.97 36.09
N GLN F 1308 16.10 57.94 36.42
CA GLN F 1308 16.56 59.05 37.25
C GLN F 1308 16.79 58.60 38.69
N LEU F 1309 15.95 57.69 39.21
CA LEU F 1309 16.16 57.16 40.55
C LEU F 1309 17.42 56.30 40.61
N GLY F 1310 17.68 55.53 39.54
CA GLY F 1310 18.95 54.82 39.46
C GLY F 1310 20.14 55.74 39.44
N ALA F 1311 19.99 56.92 38.82
CA ALA F 1311 21.04 57.93 38.90
C ALA F 1311 21.20 58.46 40.33
N VAL F 1312 20.08 58.62 41.04
CA VAL F 1312 20.13 59.15 42.39
C VAL F 1312 20.83 58.17 43.34
N LYS F 1313 20.60 56.87 43.16
CA LYS F 1313 21.11 55.87 44.10
C LYS F 1313 22.61 55.99 44.33
N ARG F 1314 23.38 56.44 43.34
CA ARG F 1314 24.82 56.56 43.53
C ARG F 1314 25.17 57.67 44.51
N ILE F 1315 24.29 58.67 44.67
CA ILE F 1315 24.53 59.69 45.69
C ILE F 1315 24.51 59.07 47.08
N HIS F 1316 23.53 58.19 47.34
CA HIS F 1316 23.50 57.48 48.61
C HIS F 1316 24.68 56.51 48.73
N ALA F 1317 25.08 55.90 47.62
CA ALA F 1317 26.27 55.07 47.63
C ALA F 1317 27.49 55.86 48.09
N LEU F 1318 27.58 57.13 47.68
CA LEU F 1318 28.63 58.01 48.17
C LEU F 1318 28.38 58.50 49.59
N LEU F 1319 27.12 58.50 50.05
CA LEU F 1319 26.80 59.03 51.36
C LEU F 1319 27.37 58.18 52.49
N LYS F 1320 27.54 56.87 52.26
CA LYS F 1320 27.95 55.94 53.32
C LYS F 1320 29.46 55.73 53.37
N THR F 1321 30.24 56.73 53.01
CA THR F 1321 31.70 56.61 53.05
C THR F 1321 32.24 57.02 54.41
N HIS G 46 19.04 10.19 -27.55
CA HIS G 46 19.26 8.88 -28.14
C HIS G 46 18.61 8.78 -29.51
N LYS G 47 19.29 8.09 -30.42
CA LYS G 47 18.81 7.94 -31.77
C LYS G 47 18.89 6.47 -32.17
N ASN G 48 17.92 6.05 -32.99
CA ASN G 48 17.89 4.72 -33.58
C ASN G 48 17.85 3.64 -32.48
N ILE G 49 16.80 3.69 -31.67
CA ILE G 49 16.54 2.65 -30.66
C ILE G 49 15.72 1.55 -31.31
N ARG G 50 16.28 0.34 -31.37
CA ARG G 50 15.54 -0.81 -31.90
C ARG G 50 14.47 -1.20 -30.87
N GLU G 51 13.36 -0.47 -30.93
CA GLU G 51 12.28 -0.74 -30.00
C GLU G 51 11.73 -2.13 -30.24
N GLN G 52 11.89 -3.03 -29.28
CA GLN G 52 11.24 -4.33 -29.34
C GLN G 52 9.99 -4.36 -28.48
N GLY G 53 9.54 -3.20 -28.01
CA GLY G 53 8.32 -3.08 -27.28
C GLY G 53 8.48 -3.05 -25.77
N ARG G 54 9.70 -3.27 -25.26
CA ARG G 54 9.88 -3.23 -23.81
C ARG G 54 9.50 -1.88 -23.22
N PHE G 55 9.44 -0.82 -24.03
CA PHE G 55 9.04 0.50 -23.55
C PHE G 55 7.63 0.51 -23.01
N LEU G 56 6.74 -0.24 -23.63
CA LEU G 56 5.42 -0.42 -23.05
C LEU G 56 5.31 -1.68 -22.21
N GLN G 57 6.21 -2.66 -22.41
CA GLN G 57 6.12 -3.91 -21.65
C GLN G 57 6.31 -3.70 -20.15
N ASP G 58 6.75 -2.52 -19.75
CA ASP G 58 6.98 -2.09 -18.38
C ASP G 58 5.76 -1.36 -17.86
N VAL G 59 4.59 -1.90 -18.20
CA VAL G 59 3.31 -1.20 -18.25
C VAL G 59 3.13 -0.22 -17.12
N PHE G 60 3.30 -0.66 -15.88
CA PHE G 60 3.09 0.28 -14.80
C PHE G 60 4.38 0.96 -14.35
N THR G 61 5.53 0.33 -14.53
CA THR G 61 6.77 1.05 -14.28
C THR G 61 7.07 2.08 -15.37
N THR G 62 6.25 2.13 -16.40
CA THR G 62 6.31 3.24 -17.35
C THR G 62 5.51 4.42 -16.84
N LEU G 63 4.24 4.20 -16.50
CA LEU G 63 3.37 5.31 -16.14
C LEU G 63 3.61 5.83 -14.74
N VAL G 64 4.20 5.03 -13.84
CA VAL G 64 4.60 5.58 -12.55
C VAL G 64 5.76 6.56 -12.69
N ASP G 65 6.38 6.62 -13.85
CA ASP G 65 7.38 7.65 -14.11
C ASP G 65 6.75 8.98 -14.47
N LEU G 66 5.51 8.99 -14.96
CA LEU G 66 4.93 10.17 -15.60
C LEU G 66 4.74 11.31 -14.62
N LYS G 67 4.30 12.45 -15.14
CA LYS G 67 3.93 13.55 -14.28
C LYS G 67 2.64 13.22 -13.55
N TRP G 68 2.17 14.17 -12.77
CA TRP G 68 0.93 14.02 -12.05
C TRP G 68 -0.31 14.25 -12.91
N PRO G 69 -0.34 15.28 -13.76
CA PRO G 69 -1.54 15.44 -14.61
C PRO G 69 -1.77 14.28 -15.54
N HIS G 70 -0.72 13.75 -16.19
CA HIS G 70 -0.92 12.62 -17.08
C HIS G 70 -1.38 11.39 -16.32
N THR G 71 -0.77 11.12 -15.17
CA THR G 71 -1.15 9.93 -14.43
C THR G 71 -2.57 10.06 -13.91
N LEU G 72 -2.97 11.25 -13.44
CA LEU G 72 -4.34 11.43 -13.00
C LEU G 72 -5.31 11.30 -14.17
N LEU G 73 -4.93 11.84 -15.34
CA LEU G 73 -5.77 11.69 -16.52
C LEU G 73 -5.97 10.22 -16.87
N ILE G 74 -4.89 9.44 -16.87
CA ILE G 74 -5.05 8.06 -17.31
C ILE G 74 -5.76 7.23 -16.25
N PHE G 75 -5.71 7.64 -14.99
CA PHE G 75 -6.48 6.93 -13.97
C PHE G 75 -7.97 7.23 -14.08
N THR G 76 -8.32 8.51 -14.27
CA THR G 76 -9.73 8.76 -14.47
C THR G 76 -10.23 8.10 -15.74
N MET G 77 -9.38 7.99 -16.76
CA MET G 77 -9.80 7.35 -18.00
C MET G 77 -9.97 5.85 -17.84
N SER G 78 -9.10 5.20 -17.05
CA SER G 78 -9.33 3.81 -16.68
C SER G 78 -10.68 3.63 -15.99
N PHE G 79 -10.94 4.45 -14.97
CA PHE G 79 -12.16 4.26 -14.22
C PHE G 79 -13.39 4.52 -15.09
N LEU G 80 -13.41 5.63 -15.83
CA LEU G 80 -14.56 5.93 -16.67
C LEU G 80 -14.73 4.90 -17.77
N CYS G 81 -13.63 4.42 -18.34
CA CYS G 81 -13.74 3.37 -19.35
C CYS G 81 -14.46 2.17 -18.79
N SER G 82 -14.01 1.66 -17.63
CA SER G 82 -14.66 0.46 -17.11
C SER G 82 -16.12 0.72 -16.76
N TRP G 83 -16.41 1.86 -16.15
CA TRP G 83 -17.78 2.16 -15.76
C TRP G 83 -18.70 2.21 -16.98
N LEU G 84 -18.27 2.89 -18.05
CA LEU G 84 -19.12 2.99 -19.22
C LEU G 84 -19.30 1.64 -19.90
N LEU G 85 -18.24 0.82 -19.93
CA LEU G 85 -18.38 -0.51 -20.51
C LEU G 85 -19.49 -1.29 -19.81
N PHE G 86 -19.42 -1.38 -18.48
CA PHE G 86 -20.43 -2.19 -17.81
C PHE G 86 -21.80 -1.53 -17.79
N ALA G 87 -21.86 -0.19 -17.83
CA ALA G 87 -23.17 0.45 -17.93
C ALA G 87 -23.84 0.10 -19.25
N MET G 88 -23.06 0.05 -20.33
CA MET G 88 -23.62 -0.35 -21.61
C MET G 88 -24.12 -1.79 -21.56
N VAL G 89 -23.31 -2.70 -21.03
CA VAL G 89 -23.75 -4.09 -21.03
C VAL G 89 -25.00 -4.28 -20.16
N TRP G 90 -25.12 -3.50 -19.07
CA TRP G 90 -26.31 -3.62 -18.24
C TRP G 90 -27.53 -3.03 -18.92
N TRP G 91 -27.38 -1.85 -19.51
CA TRP G 91 -28.47 -1.30 -20.31
C TRP G 91 -28.95 -2.37 -21.29
N LEU G 92 -28.03 -3.03 -21.97
CA LEU G 92 -28.42 -4.00 -22.98
C LEU G 92 -29.11 -5.21 -22.37
N ILE G 93 -28.64 -5.66 -21.22
CA ILE G 93 -29.24 -6.88 -20.68
C ILE G 93 -30.65 -6.58 -20.18
N ALA G 94 -30.87 -5.41 -19.57
CA ALA G 94 -32.22 -5.02 -19.16
C ALA G 94 -33.11 -4.80 -20.37
N PHE G 95 -32.56 -4.29 -21.47
CA PHE G 95 -33.34 -4.16 -22.69
C PHE G 95 -33.74 -5.53 -23.22
N ALA G 96 -32.79 -6.46 -23.23
CA ALA G 96 -33.00 -7.76 -23.84
C ALA G 96 -33.96 -8.62 -23.03
N HIS G 97 -33.84 -8.60 -21.70
CA HIS G 97 -34.81 -9.39 -20.94
C HIS G 97 -36.23 -8.93 -21.21
N GLY G 98 -36.41 -7.69 -21.66
CA GLY G 98 -37.72 -7.12 -21.81
C GLY G 98 -38.21 -6.42 -20.58
N ASP G 99 -37.49 -6.52 -19.46
CA ASP G 99 -37.79 -5.73 -18.28
C ASP G 99 -37.69 -4.24 -18.55
N LEU G 100 -37.02 -3.85 -19.63
CA LEU G 100 -36.92 -2.44 -19.97
C LEU G 100 -38.23 -1.91 -20.51
N ALA G 101 -39.01 -2.75 -21.18
CA ALA G 101 -40.32 -2.40 -21.68
C ALA G 101 -41.24 -2.13 -20.48
N PRO G 102 -41.67 -0.89 -20.29
CA PRO G 102 -42.47 -0.56 -19.11
C PRO G 102 -43.79 -1.33 -19.12
N GLY G 103 -43.95 -2.21 -18.13
CA GLY G 103 -45.14 -3.02 -18.04
C GLY G 103 -45.42 -3.36 -16.59
N GLU G 104 -46.71 -3.44 -16.27
CA GLU G 104 -47.17 -3.71 -14.91
C GLU G 104 -47.63 -5.17 -14.85
N GLY G 105 -46.93 -5.98 -14.06
CA GLY G 105 -47.31 -7.36 -13.86
C GLY G 105 -46.69 -8.30 -14.88
N THR G 106 -46.94 -9.59 -14.64
CA THR G 106 -46.45 -10.70 -15.48
C THR G 106 -44.93 -10.74 -15.57
N ASN G 107 -44.23 -9.94 -14.79
CA ASN G 107 -42.78 -9.94 -14.78
C ASN G 107 -42.28 -9.29 -13.50
N VAL G 108 -41.01 -9.52 -13.22
CA VAL G 108 -40.28 -8.72 -12.24
C VAL G 108 -38.96 -8.39 -12.91
N PRO G 109 -38.55 -7.13 -12.98
CA PRO G 109 -37.31 -6.80 -13.66
C PRO G 109 -36.13 -7.48 -12.98
N CYS G 110 -35.14 -7.88 -13.77
CA CYS G 110 -33.92 -8.42 -13.18
C CYS G 110 -33.29 -7.40 -12.26
N VAL G 111 -33.40 -6.13 -12.60
CA VAL G 111 -32.99 -5.02 -11.74
C VAL G 111 -34.22 -4.16 -11.52
N THR G 112 -34.71 -4.14 -10.28
CA THR G 112 -35.94 -3.42 -10.00
C THR G 112 -35.74 -1.93 -10.27
N SER G 113 -36.80 -1.29 -10.76
CA SER G 113 -36.80 0.16 -10.98
C SER G 113 -35.65 0.59 -11.89
N ILE G 114 -35.66 0.07 -13.12
CA ILE G 114 -34.76 0.53 -14.16
C ILE G 114 -35.62 1.03 -15.32
N HIS G 115 -35.30 2.24 -15.79
CA HIS G 115 -36.13 2.84 -16.83
C HIS G 115 -35.37 3.17 -18.09
N SER G 116 -34.22 3.83 -17.97
CA SER G 116 -33.55 4.34 -19.15
C SER G 116 -32.06 4.11 -19.01
N PHE G 117 -31.32 4.59 -20.01
CA PHE G 117 -29.88 4.45 -19.97
C PHE G 117 -29.29 5.18 -18.77
N SER G 118 -29.82 6.36 -18.45
CA SER G 118 -29.27 7.13 -17.34
C SER G 118 -29.35 6.34 -16.05
N SER G 119 -30.52 5.82 -15.72
CA SER G 119 -30.62 5.06 -14.49
C SER G 119 -29.76 3.81 -14.54
N ALA G 120 -29.51 3.27 -15.74
CA ALA G 120 -28.64 2.10 -15.83
C ALA G 120 -27.20 2.47 -15.52
N PHE G 121 -26.71 3.59 -16.04
CA PHE G 121 -25.37 4.05 -15.71
C PHE G 121 -25.27 4.40 -14.23
N LEU G 122 -26.36 4.90 -13.64
CA LEU G 122 -26.39 5.11 -12.21
C LEU G 122 -26.28 3.78 -11.46
N PHE G 123 -26.89 2.73 -11.98
CA PHE G 123 -26.74 1.42 -11.34
C PHE G 123 -25.32 0.91 -11.48
N SER G 124 -24.71 1.14 -12.63
CA SER G 124 -23.34 0.68 -12.84
C SER G 124 -22.39 1.36 -11.87
N ILE G 125 -22.48 2.68 -11.74
CA ILE G 125 -21.61 3.34 -10.78
C ILE G 125 -22.02 3.02 -9.35
N GLU G 126 -23.27 2.60 -9.12
CA GLU G 126 -23.69 2.25 -7.77
C GLU G 126 -23.10 0.93 -7.31
N VAL G 127 -23.00 -0.04 -8.21
CA VAL G 127 -22.45 -1.32 -7.80
C VAL G 127 -20.93 -1.38 -8.00
N GLN G 128 -20.40 -0.71 -9.01
CA GLN G 128 -18.97 -0.82 -9.27
C GLN G 128 -18.17 -0.26 -8.11
N VAL G 129 -18.32 1.04 -7.83
CA VAL G 129 -17.41 1.71 -6.91
C VAL G 129 -17.87 1.47 -5.49
N THR G 130 -18.81 0.55 -5.32
CA THR G 130 -19.20 0.01 -4.01
C THR G 130 -19.77 1.08 -3.08
N ILE G 131 -20.65 1.92 -3.62
CA ILE G 131 -21.51 2.76 -2.80
C ILE G 131 -22.80 2.02 -2.42
N GLY G 132 -23.36 1.26 -3.37
CA GLY G 132 -24.54 0.45 -3.11
C GLY G 132 -25.78 1.18 -2.63
N PHE G 133 -26.40 1.98 -3.51
CA PHE G 133 -27.52 2.82 -3.10
C PHE G 133 -28.76 1.99 -2.80
N GLY G 134 -29.01 0.96 -3.59
CA GLY G 134 -30.11 0.06 -3.31
C GLY G 134 -31.49 0.54 -3.69
N GLY G 135 -31.61 1.66 -4.41
CA GLY G 135 -32.90 2.04 -4.94
C GLY G 135 -33.34 1.12 -6.05
N ARG G 136 -32.39 0.67 -6.86
CA ARG G 136 -32.64 -0.33 -7.87
C ARG G 136 -32.01 -1.63 -7.40
N MET G 137 -32.81 -2.68 -7.31
CA MET G 137 -32.43 -3.94 -6.71
C MET G 137 -32.25 -4.96 -7.83
N VAL G 138 -31.10 -5.60 -7.85
CA VAL G 138 -30.90 -6.78 -8.69
C VAL G 138 -31.53 -7.97 -7.98
N THR G 139 -32.28 -8.78 -8.72
CA THR G 139 -33.17 -9.78 -8.15
C THR G 139 -32.67 -11.19 -8.46
N GLU G 140 -33.26 -12.16 -7.77
CA GLU G 140 -32.89 -13.56 -7.88
C GLU G 140 -33.67 -14.30 -8.96
N GLU G 141 -34.26 -13.58 -9.90
CA GLU G 141 -34.99 -14.19 -11.00
C GLU G 141 -34.10 -14.51 -12.20
N CYS G 142 -33.04 -13.72 -12.41
CA CYS G 142 -32.18 -13.86 -13.59
C CYS G 142 -30.75 -14.16 -13.19
N PRO G 143 -30.25 -15.38 -13.43
CA PRO G 143 -28.84 -15.68 -13.09
C PRO G 143 -27.84 -14.99 -13.99
N LEU G 144 -28.25 -14.53 -15.18
CA LEU G 144 -27.33 -13.82 -16.04
C LEU G 144 -26.87 -12.51 -15.40
N ALA G 145 -27.79 -11.80 -14.72
CA ALA G 145 -27.41 -10.61 -13.97
C ALA G 145 -26.48 -10.95 -12.82
N ILE G 146 -26.65 -12.13 -12.23
CA ILE G 146 -25.73 -12.55 -11.18
C ILE G 146 -24.33 -12.70 -11.76
N LEU G 147 -24.21 -13.29 -12.95
CA LEU G 147 -22.90 -13.43 -13.57
C LEU G 147 -22.28 -12.08 -13.87
N ILE G 148 -23.08 -11.16 -14.44
CA ILE G 148 -22.49 -9.87 -14.79
C ILE G 148 -22.05 -9.14 -13.52
N LEU G 149 -22.77 -9.30 -12.41
CA LEU G 149 -22.33 -8.68 -11.17
C LEU G 149 -21.05 -9.32 -10.66
N ILE G 150 -20.96 -10.65 -10.72
CA ILE G 150 -19.84 -11.36 -10.12
C ILE G 150 -18.57 -11.18 -10.93
N VAL G 151 -18.67 -10.73 -12.18
CA VAL G 151 -17.47 -10.32 -12.89
C VAL G 151 -17.22 -8.82 -12.75
N GLN G 152 -18.29 -8.02 -12.73
CA GLN G 152 -18.13 -6.58 -12.53
C GLN G 152 -17.35 -6.32 -11.27
N ASN G 153 -17.74 -6.93 -10.17
CA ASN G 153 -17.11 -6.59 -8.90
C ASN G 153 -15.66 -7.02 -8.84
N ILE G 154 -15.34 -8.23 -9.34
CA ILE G 154 -13.94 -8.64 -9.27
C ILE G 154 -13.08 -7.78 -10.19
N VAL G 155 -13.55 -7.42 -11.38
CA VAL G 155 -12.69 -6.57 -12.20
C VAL G 155 -12.56 -5.20 -11.55
N GLY G 156 -13.63 -4.72 -10.94
CA GLY G 156 -13.53 -3.46 -10.24
C GLY G 156 -12.49 -3.53 -9.14
N LEU G 157 -12.49 -4.61 -8.40
CA LEU G 157 -11.56 -4.71 -7.28
C LEU G 157 -10.12 -4.83 -7.77
N MET G 158 -9.91 -5.54 -8.87
CA MET G 158 -8.55 -5.68 -9.35
C MET G 158 -8.01 -4.35 -9.85
N ILE G 159 -8.82 -3.61 -10.61
CA ILE G 159 -8.34 -2.34 -11.16
C ILE G 159 -8.20 -1.29 -10.07
N ASN G 160 -9.01 -1.38 -9.01
CA ASN G 160 -8.81 -0.54 -7.85
C ASN G 160 -7.50 -0.89 -7.14
N ALA G 161 -7.17 -2.18 -7.06
CA ALA G 161 -5.95 -2.58 -6.37
C ALA G 161 -4.72 -2.07 -7.11
N ILE G 162 -4.69 -2.24 -8.43
CA ILE G 162 -3.53 -1.75 -9.17
C ILE G 162 -3.48 -0.22 -9.13
N MET G 163 -4.63 0.46 -9.27
CA MET G 163 -4.61 1.91 -9.29
C MET G 163 -4.36 2.51 -7.92
N LEU G 164 -4.31 1.69 -6.88
CA LEU G 164 -3.76 2.20 -5.64
C LEU G 164 -2.29 1.87 -5.48
N GLY G 165 -1.89 0.63 -5.78
CA GLY G 165 -0.49 0.28 -5.66
C GLY G 165 0.40 1.16 -6.51
N CYS G 166 0.00 1.44 -7.76
CA CYS G 166 0.88 2.24 -8.59
C CYS G 166 0.94 3.69 -8.12
N ILE G 167 -0.16 4.29 -7.66
CA ILE G 167 -0.04 5.66 -7.15
C ILE G 167 0.84 5.66 -5.90
N PHE G 168 0.78 4.60 -5.07
CA PHE G 168 1.68 4.64 -3.92
C PHE G 168 3.13 4.47 -4.35
N MET G 169 3.37 3.54 -5.28
CA MET G 169 4.73 3.37 -5.82
C MET G 169 5.23 4.67 -6.42
N LYS G 170 4.30 5.53 -6.84
CA LYS G 170 4.67 6.86 -7.30
C LYS G 170 5.06 7.76 -6.14
N THR G 171 4.24 7.84 -5.11
CA THR G 171 4.55 8.77 -4.03
C THR G 171 5.88 8.46 -3.33
N ALA G 172 6.56 7.38 -3.74
CA ALA G 172 7.98 7.20 -3.42
C ALA G 172 8.89 7.80 -4.48
N GLN G 173 8.39 8.75 -5.26
CA GLN G 173 9.28 9.58 -6.06
C GLN G 173 9.98 10.51 -5.08
N ALA G 174 11.28 10.28 -4.88
CA ALA G 174 12.08 11.16 -4.04
C ALA G 174 13.11 11.93 -4.84
N HIS G 175 13.04 11.90 -6.18
CA HIS G 175 13.88 12.78 -6.96
C HIS G 175 13.74 14.22 -6.50
N ARG G 176 12.55 14.64 -6.05
CA ARG G 176 12.44 15.99 -5.48
C ARG G 176 13.50 16.20 -4.40
N ARG G 177 13.70 15.20 -3.53
CA ARG G 177 14.86 15.23 -2.64
C ARG G 177 16.16 15.23 -3.40
N ALA G 178 16.20 14.74 -4.64
CA ALA G 178 17.38 15.02 -5.41
C ALA G 178 17.41 16.47 -5.86
N ASN H 24 -36.94 -6.63 -33.64
CA ASN H 24 -36.13 -5.98 -32.62
C ASN H 24 -35.01 -5.16 -33.23
N GLY H 25 -35.37 -4.17 -34.06
CA GLY H 25 -34.36 -3.40 -34.75
C GLY H 25 -33.45 -2.63 -33.81
N CYS H 26 -34.04 -1.94 -32.83
CA CYS H 26 -33.22 -1.21 -31.87
C CYS H 26 -32.30 -2.15 -31.10
N PHE H 27 -32.75 -3.37 -30.84
CA PHE H 27 -31.90 -4.34 -30.15
C PHE H 27 -30.64 -4.64 -30.96
N VAL H 28 -30.79 -4.84 -32.27
CA VAL H 28 -29.63 -5.13 -33.09
C VAL H 28 -28.76 -3.89 -33.26
N ASP H 29 -29.37 -2.70 -33.29
CA ASP H 29 -28.58 -1.48 -33.32
C ASP H 29 -27.68 -1.38 -32.09
N ALA H 30 -28.25 -1.65 -30.91
CA ALA H 30 -27.44 -1.62 -29.69
C ALA H 30 -26.35 -2.69 -29.72
N LEU H 31 -26.72 -3.90 -30.15
CA LEU H 31 -25.74 -4.97 -30.25
C LEU H 31 -24.58 -4.58 -31.16
N ASN H 32 -24.84 -3.76 -32.17
CA ASN H 32 -23.75 -3.25 -32.99
C ASN H 32 -22.95 -2.17 -32.27
N VAL H 33 -23.63 -1.34 -31.48
CA VAL H 33 -22.93 -0.26 -30.80
C VAL H 33 -21.93 -0.82 -29.80
N VAL H 34 -22.21 -1.99 -29.24
CA VAL H 34 -21.36 -2.52 -28.15
C VAL H 34 -19.90 -2.68 -28.54
N PRO H 35 -19.54 -3.39 -29.62
CA PRO H 35 -18.10 -3.67 -29.85
C PRO H 35 -17.26 -2.44 -30.15
N HIS H 36 -17.82 -1.46 -30.86
CA HIS H 36 -17.13 -0.19 -31.03
C HIS H 36 -16.76 0.40 -29.68
N VAL H 37 -17.70 0.34 -28.73
CA VAL H 37 -17.46 0.85 -27.39
C VAL H 37 -16.33 0.08 -26.71
N PHE H 38 -16.35 -1.25 -26.85
CA PHE H 38 -15.30 -2.07 -26.26
C PHE H 38 -13.91 -1.64 -26.75
N LEU H 39 -13.79 -1.44 -28.07
CA LEU H 39 -12.50 -1.08 -28.64
C LEU H 39 -12.09 0.33 -28.26
N LEU H 40 -13.03 1.29 -28.34
CA LEU H 40 -12.73 2.65 -27.94
C LEU H 40 -12.35 2.74 -26.47
N PHE H 41 -12.77 1.77 -25.66
CA PHE H 41 -12.40 1.83 -24.27
C PHE H 41 -11.06 1.18 -23.98
N ILE H 42 -10.73 0.10 -24.70
CA ILE H 42 -9.39 -0.44 -24.52
C ILE H 42 -8.32 0.42 -25.19
N THR H 43 -8.67 1.22 -26.18
CA THR H 43 -7.63 1.99 -26.87
C THR H 43 -7.12 3.13 -26.03
N PHE H 44 -7.90 3.62 -25.06
CA PHE H 44 -7.55 4.89 -24.44
C PHE H 44 -6.41 4.80 -23.43
N PRO H 45 -6.32 3.75 -22.62
CA PRO H 45 -5.12 3.60 -21.79
C PRO H 45 -3.84 3.55 -22.61
N ILE H 46 -3.79 2.65 -23.59
CA ILE H 46 -2.58 2.52 -24.38
C ILE H 46 -2.29 3.79 -25.14
N LEU H 47 -3.33 4.40 -25.74
CA LEU H 47 -3.11 5.64 -26.47
C LEU H 47 -2.63 6.75 -25.55
N PHE H 48 -3.06 6.75 -24.29
CA PHE H 48 -2.65 7.81 -23.39
C PHE H 48 -1.27 7.59 -22.81
N ILE H 49 -0.87 6.33 -22.65
CA ILE H 49 0.53 6.05 -22.28
C ILE H 49 1.45 6.42 -23.44
N GLY H 50 1.06 6.05 -24.66
CA GLY H 50 1.88 6.37 -25.82
C GLY H 50 1.93 7.85 -26.12
N TRP H 51 0.87 8.58 -25.80
CA TRP H 51 0.87 10.03 -26.03
C TRP H 51 1.54 10.81 -24.90
N GLY H 52 1.52 10.26 -23.69
CA GLY H 52 2.16 10.91 -22.56
C GLY H 52 3.68 10.86 -22.60
N SER H 63 13.93 5.29 -33.31
CA SER H 63 13.47 5.73 -34.62
C SER H 63 13.59 4.61 -35.66
N THR H 64 12.88 3.51 -35.44
CA THR H 64 12.84 2.38 -36.36
C THR H 64 11.40 2.08 -36.74
N TRP H 65 11.13 2.06 -38.05
CA TRP H 65 9.79 1.80 -38.57
C TRP H 65 9.72 0.35 -39.05
N LEU H 66 8.81 -0.41 -38.46
CA LEU H 66 8.55 -1.79 -38.83
C LEU H 66 7.23 -1.86 -39.58
N HIS H 67 7.24 -2.39 -40.79
CA HIS H 67 6.03 -2.51 -41.60
C HIS H 67 5.59 -3.96 -41.68
N PHE H 68 4.28 -4.14 -41.76
CA PHE H 68 3.71 -5.47 -41.82
C PHE H 68 3.00 -5.69 -43.15
N PRO H 69 2.94 -6.93 -43.64
CA PRO H 69 2.22 -7.18 -44.89
C PRO H 69 0.76 -6.79 -44.77
N GLY H 70 0.23 -6.18 -45.82
CA GLY H 70 -1.13 -5.69 -45.83
C GLY H 70 -1.29 -4.29 -45.28
N HIS H 71 -0.20 -3.62 -44.92
CA HIS H 71 -0.28 -2.27 -44.39
C HIS H 71 -1.03 -1.35 -45.33
N ASN H 72 -0.57 -1.27 -46.59
CA ASN H 72 -1.22 -0.40 -47.57
C ASN H 72 -2.65 -0.86 -47.84
N LEU H 73 -2.85 -2.17 -47.94
CA LEU H 73 -4.21 -2.68 -48.05
C LEU H 73 -5.04 -2.29 -46.85
N ARG H 74 -4.45 -2.33 -45.65
CA ARG H 74 -5.21 -1.95 -44.45
C ARG H 74 -5.65 -0.50 -44.53
N TRP H 75 -4.75 0.40 -44.92
CA TRP H 75 -5.11 1.80 -44.99
C TRP H 75 -6.12 2.09 -46.08
N ILE H 76 -5.97 1.45 -47.24
CA ILE H 76 -6.96 1.59 -48.30
C ILE H 76 -8.33 1.16 -47.80
N LEU H 77 -8.40 -0.03 -47.19
CA LEU H 77 -9.67 -0.50 -46.67
C LEU H 77 -10.21 0.43 -45.60
N THR H 78 -9.33 1.04 -44.79
CA THR H 78 -9.80 1.94 -43.76
C THR H 78 -10.40 3.20 -44.35
N PHE H 79 -9.84 3.70 -45.45
CA PHE H 79 -10.46 4.85 -46.11
C PHE H 79 -11.79 4.46 -46.73
N ILE H 80 -11.89 3.24 -47.27
CA ILE H 80 -13.18 2.80 -47.79
C ILE H 80 -14.21 2.71 -46.67
N LEU H 81 -13.77 2.26 -45.49
CA LEU H 81 -14.65 2.24 -44.32
C LEU H 81 -15.11 3.64 -43.96
N LEU H 82 -14.18 4.60 -43.95
CA LEU H 82 -14.55 5.98 -43.71
C LEU H 82 -15.66 6.43 -44.64
N PHE H 83 -15.51 6.12 -45.94
CA PHE H 83 -16.53 6.51 -46.91
C PHE H 83 -17.88 5.87 -46.61
N VAL H 84 -17.88 4.54 -46.41
CA VAL H 84 -19.15 3.86 -46.16
C VAL H 84 -19.79 4.36 -44.87
N LEU H 85 -18.98 4.76 -43.89
CA LEU H 85 -19.54 5.29 -42.65
C LEU H 85 -20.18 6.65 -42.87
N VAL H 86 -19.58 7.47 -43.73
CA VAL H 86 -20.24 8.72 -44.12
C VAL H 86 -21.60 8.42 -44.74
N CYS H 87 -21.66 7.39 -45.59
CA CYS H 87 -22.94 7.04 -46.21
C CYS H 87 -23.95 6.58 -45.16
N GLU H 88 -23.51 5.83 -44.16
CA GLU H 88 -24.42 5.39 -43.11
C GLU H 88 -24.95 6.57 -42.31
N ILE H 89 -24.09 7.56 -42.03
CA ILE H 89 -24.56 8.76 -41.34
C ILE H 89 -25.60 9.47 -42.19
N ALA H 90 -25.40 9.49 -43.52
CA ALA H 90 -26.40 10.07 -44.40
C ALA H 90 -27.74 9.33 -44.26
N GLU H 91 -27.70 8.00 -44.24
CA GLU H 91 -28.93 7.24 -44.05
C GLU H 91 -29.61 7.57 -42.73
N GLY H 92 -28.81 7.69 -41.67
CA GLY H 92 -29.37 8.01 -40.37
C GLY H 92 -30.00 9.39 -40.32
N ILE H 93 -29.44 10.33 -41.06
CA ILE H 93 -30.06 11.65 -41.16
C ILE H 93 -31.38 11.55 -41.94
N LEU H 94 -31.39 10.77 -43.02
CA LEU H 94 -32.60 10.65 -43.82
C LEU H 94 -33.73 10.02 -43.02
N SER H 95 -33.41 9.03 -42.19
CA SER H 95 -34.45 8.33 -41.46
C SER H 95 -35.06 9.21 -40.37
N ASP H 96 -34.23 9.78 -39.52
CA ASP H 96 -34.70 10.56 -38.38
C ASP H 96 -35.48 11.81 -38.82
N HIS H 103 -34.94 9.46 -33.16
CA HIS H 103 -34.40 8.10 -33.08
C HIS H 103 -32.87 8.07 -33.07
N LEU H 104 -32.26 8.37 -31.92
CA LEU H 104 -30.80 8.38 -31.80
C LEU H 104 -30.22 6.99 -31.98
N HIS H 105 -30.77 6.02 -31.25
CA HIS H 105 -30.27 4.65 -31.24
C HIS H 105 -30.28 3.99 -32.61
N LEU H 106 -30.92 4.60 -33.60
CA LEU H 106 -30.99 4.01 -34.93
C LEU H 106 -29.83 4.42 -35.83
N TYR H 107 -29.20 5.58 -35.58
CA TYR H 107 -28.03 5.97 -36.35
C TYR H 107 -26.77 6.05 -35.49
N MET H 108 -26.82 5.67 -34.21
CA MET H 108 -25.58 5.65 -33.45
C MET H 108 -24.52 4.67 -33.97
N PRO H 109 -24.86 3.49 -34.51
CA PRO H 109 -23.79 2.56 -34.94
C PRO H 109 -22.77 3.17 -35.89
N ALA H 110 -23.19 4.04 -36.79
CA ALA H 110 -22.24 4.67 -37.71
C ALA H 110 -21.30 5.60 -36.96
N GLY H 111 -21.86 6.47 -36.11
CA GLY H 111 -21.04 7.37 -35.32
C GLY H 111 -20.07 6.65 -34.41
N MET H 112 -20.38 5.42 -34.02
CA MET H 112 -19.44 4.66 -33.19
C MET H 112 -18.38 3.96 -34.03
N ALA H 113 -18.78 3.34 -35.15
CA ALA H 113 -17.78 2.73 -36.02
C ALA H 113 -16.80 3.77 -36.55
N PHE H 114 -17.24 5.02 -36.66
CA PHE H 114 -16.33 6.08 -37.12
C PHE H 114 -15.15 6.22 -36.16
N MET H 115 -15.45 6.43 -34.88
CA MET H 115 -14.39 6.52 -33.88
C MET H 115 -13.65 5.21 -33.72
N ALA H 116 -14.33 4.07 -33.93
CA ALA H 116 -13.66 2.79 -33.82
C ALA H 116 -12.61 2.62 -34.93
N ALA H 117 -12.94 3.01 -36.15
CA ALA H 117 -11.98 2.92 -37.25
C ALA H 117 -10.85 3.93 -37.07
N ILE H 118 -11.16 5.14 -36.60
CA ILE H 118 -10.09 6.08 -36.33
C ILE H 118 -9.18 5.55 -35.22
N THR H 119 -9.74 4.91 -34.21
CA THR H 119 -8.91 4.34 -33.16
C THR H 119 -8.16 3.11 -33.63
N SER H 120 -8.71 2.36 -34.59
CA SER H 120 -7.95 1.30 -35.21
C SER H 120 -6.76 1.87 -35.96
N VAL H 121 -6.94 3.00 -36.63
CA VAL H 121 -5.82 3.68 -37.26
C VAL H 121 -4.79 4.09 -36.21
N VAL H 122 -5.25 4.61 -35.08
CA VAL H 122 -4.32 5.03 -34.03
C VAL H 122 -3.56 3.83 -33.48
N TYR H 123 -4.25 2.71 -33.30
CA TYR H 123 -3.59 1.49 -32.88
C TYR H 123 -2.53 1.07 -33.89
N TYR H 124 -2.89 1.10 -35.18
CA TYR H 124 -1.93 0.63 -36.16
C TYR H 124 -0.74 1.58 -36.27
N HIS H 125 -0.95 2.86 -36.03
CA HIS H 125 0.20 3.75 -35.96
C HIS H 125 1.08 3.42 -34.75
N ASN H 126 0.45 3.13 -33.61
CA ASN H 126 1.20 2.78 -32.41
C ASN H 126 1.92 1.45 -32.55
N ILE H 127 1.44 0.58 -33.42
CA ILE H 127 2.11 -0.69 -33.66
C ILE H 127 3.20 -0.56 -34.71
N GLU H 128 2.98 0.25 -35.74
CA GLU H 128 4.05 0.51 -36.69
C GLU H 128 5.23 1.17 -36.00
N THR H 129 4.96 2.02 -35.00
CA THR H 129 6.08 2.68 -34.35
C THR H 129 6.80 1.73 -33.38
N SER H 130 6.08 0.82 -32.74
CA SER H 130 6.69 -0.17 -31.85
C SER H 130 5.90 -1.46 -31.95
N ASN H 131 6.58 -2.55 -32.29
CA ASN H 131 5.86 -3.77 -32.61
C ASN H 131 5.47 -4.53 -31.35
N PHE H 132 4.35 -5.23 -31.42
CA PHE H 132 3.86 -6.07 -30.34
C PHE H 132 3.09 -7.24 -30.94
N PRO H 133 3.03 -8.35 -30.24
CA PRO H 133 2.13 -9.43 -30.67
C PRO H 133 0.74 -9.30 -30.07
N LYS H 134 0.60 -8.47 -29.04
CA LYS H 134 -0.65 -8.45 -28.31
C LYS H 134 -1.61 -7.42 -28.84
N LEU H 135 -1.13 -6.23 -29.20
CA LEU H 135 -2.03 -5.21 -29.71
C LEU H 135 -2.76 -5.71 -30.95
N LEU H 136 -2.08 -6.51 -31.80
CA LEU H 136 -2.71 -7.07 -32.99
C LEU H 136 -3.88 -7.98 -32.62
N ILE H 137 -3.68 -8.88 -31.66
CA ILE H 137 -4.81 -9.69 -31.19
C ILE H 137 -5.91 -8.80 -30.65
N ALA H 138 -5.53 -7.71 -29.97
CA ALA H 138 -6.53 -6.76 -29.52
C ALA H 138 -7.34 -6.20 -30.70
N LEU H 139 -6.74 -6.04 -31.86
CA LEU H 139 -7.55 -5.64 -32.99
C LEU H 139 -8.40 -6.80 -33.49
N LEU H 140 -7.83 -8.00 -33.49
CA LEU H 140 -8.50 -9.13 -34.13
C LEU H 140 -9.80 -9.46 -33.41
N ILE H 141 -9.80 -9.33 -32.08
CA ILE H 141 -11.02 -9.59 -31.32
C ILE H 141 -12.15 -8.68 -31.81
N TYR H 142 -11.86 -7.39 -31.90
CA TYR H 142 -12.87 -6.43 -32.32
C TYR H 142 -13.36 -6.74 -33.73
N TRP H 143 -12.45 -7.08 -34.64
CA TRP H 143 -12.90 -7.38 -36.01
C TRP H 143 -13.89 -8.55 -36.01
N THR H 144 -13.56 -9.62 -35.27
CA THR H 144 -14.46 -10.77 -35.24
C THR H 144 -15.84 -10.40 -34.70
N LEU H 145 -15.87 -9.62 -33.61
CA LEU H 145 -17.16 -9.30 -33.02
C LEU H 145 -17.98 -8.40 -33.93
N ALA H 146 -17.33 -7.44 -34.60
CA ALA H 146 -18.07 -6.57 -35.51
C ALA H 146 -18.62 -7.37 -36.69
N PHE H 147 -17.84 -8.35 -37.17
CA PHE H 147 -18.34 -9.21 -38.24
C PHE H 147 -19.58 -9.97 -37.79
N ILE H 148 -19.57 -10.49 -36.57
CA ILE H 148 -20.73 -11.21 -36.05
C ILE H 148 -21.97 -10.32 -36.03
N THR H 149 -21.83 -9.10 -35.49
CA THR H 149 -22.98 -8.21 -35.41
C THR H 149 -23.51 -7.87 -36.80
N LYS H 150 -22.62 -7.59 -37.74
CA LYS H 150 -23.07 -7.26 -39.09
C LYS H 150 -23.79 -8.44 -39.73
N THR H 151 -23.32 -9.67 -39.47
CA THR H 151 -23.99 -10.85 -40.00
C THR H 151 -25.41 -10.96 -39.45
N ILE H 152 -25.58 -10.72 -38.15
CA ILE H 152 -26.92 -10.78 -37.58
C ILE H 152 -27.82 -9.74 -38.25
N LYS H 153 -27.30 -8.52 -38.45
CA LYS H 153 -28.07 -7.49 -39.13
C LYS H 153 -28.51 -7.97 -40.52
N PHE H 154 -27.58 -8.56 -41.27
CA PHE H 154 -27.88 -8.99 -42.63
C PHE H 154 -28.96 -10.06 -42.65
N VAL H 155 -28.87 -11.03 -41.74
CA VAL H 155 -29.89 -12.09 -41.69
C VAL H 155 -31.26 -11.49 -41.41
N LYS H 156 -31.35 -10.68 -40.35
CA LYS H 156 -32.64 -10.13 -39.99
C LYS H 156 -33.20 -9.23 -41.08
N PHE H 157 -32.32 -8.62 -41.89
CA PHE H 157 -32.83 -7.84 -43.01
C PHE H 157 -33.32 -8.75 -44.13
N TYR H 158 -32.59 -9.84 -44.41
CA TYR H 158 -33.00 -10.74 -45.47
C TYR H 158 -34.37 -11.34 -45.18
N ASP H 159 -34.65 -11.64 -43.91
CA ASP H 159 -35.97 -12.19 -43.58
C ASP H 159 -37.09 -11.23 -43.93
N HIS H 160 -36.81 -9.93 -43.97
CA HIS H 160 -37.82 -8.95 -44.35
C HIS H 160 -37.68 -8.54 -45.81
N LEU H 167 -31.94 0.79 -49.45
CA LEU H 167 -30.64 1.47 -49.36
C LEU H 167 -29.77 0.82 -48.27
N ARG H 168 -30.42 0.44 -47.17
CA ARG H 168 -29.68 -0.14 -46.04
C ARG H 168 -28.90 -1.38 -46.48
N PHE H 169 -29.50 -2.17 -47.37
CA PHE H 169 -28.94 -3.46 -47.75
C PHE H 169 -27.53 -3.31 -48.32
N CYS H 170 -27.35 -2.38 -49.26
CA CYS H 170 -26.07 -2.22 -49.93
C CYS H 170 -24.99 -1.76 -48.96
N LEU H 171 -25.30 -0.76 -48.12
CA LEU H 171 -24.31 -0.26 -47.17
C LEU H 171 -23.89 -1.35 -46.19
N THR H 172 -24.86 -2.08 -45.64
CA THR H 172 -24.50 -3.14 -44.70
C THR H 172 -23.64 -4.20 -45.38
N GLY H 173 -23.96 -4.56 -46.63
CA GLY H 173 -23.13 -5.54 -47.33
C GLY H 173 -21.71 -5.06 -47.55
N LEU H 174 -21.56 -3.80 -47.96
CA LEU H 174 -20.22 -3.27 -48.18
C LEU H 174 -19.41 -3.28 -46.90
N LEU H 175 -20.03 -2.90 -45.78
CA LEU H 175 -19.33 -2.96 -44.50
C LEU H 175 -18.92 -4.38 -44.15
N VAL H 176 -19.81 -5.35 -44.43
CA VAL H 176 -19.47 -6.74 -44.15
C VAL H 176 -18.23 -7.16 -44.93
N ILE H 177 -18.21 -6.83 -46.23
CA ILE H 177 -17.08 -7.24 -47.07
C ILE H 177 -15.79 -6.60 -46.57
N LEU H 178 -15.84 -5.31 -46.23
CA LEU H 178 -14.63 -4.63 -45.79
C LEU H 178 -14.11 -5.20 -44.48
N TYR H 179 -15.00 -5.43 -43.51
CA TYR H 179 -14.56 -6.01 -42.25
C TYR H 179 -13.97 -7.40 -42.46
N GLY H 180 -14.57 -8.18 -43.36
CA GLY H 180 -14.03 -9.50 -43.63
C GLY H 180 -12.64 -9.44 -44.24
N MET H 181 -12.43 -8.53 -45.18
CA MET H 181 -11.10 -8.40 -45.78
C MET H 181 -10.07 -7.95 -44.75
N LEU H 182 -10.46 -7.04 -43.85
CA LEU H 182 -9.53 -6.63 -42.79
C LEU H 182 -9.22 -7.79 -41.85
N LEU H 183 -10.22 -8.62 -41.57
CA LEU H 183 -9.99 -9.83 -40.79
C LEU H 183 -8.97 -10.74 -41.46
N LEU H 184 -9.12 -10.94 -42.77
CA LEU H 184 -8.17 -11.76 -43.50
C LEU H 184 -6.78 -11.17 -43.45
N VAL H 185 -6.69 -9.83 -43.49
CA VAL H 185 -5.39 -9.17 -43.35
C VAL H 185 -4.77 -9.49 -42.00
N GLU H 186 -5.57 -9.41 -40.93
CA GLU H 186 -5.05 -9.74 -39.60
C GLU H 186 -4.61 -11.19 -39.51
N VAL H 187 -5.37 -12.09 -40.15
CA VAL H 187 -4.98 -13.49 -40.15
C VAL H 187 -3.66 -13.68 -40.90
N ASN H 188 -3.49 -12.94 -42.00
CA ASN H 188 -2.22 -12.97 -42.70
C ASN H 188 -1.08 -12.50 -41.80
N VAL H 189 -1.33 -11.45 -41.02
CA VAL H 189 -0.29 -10.89 -40.16
C VAL H 189 0.12 -11.89 -39.09
N ILE H 190 -0.84 -12.58 -38.48
CA ILE H 190 -0.45 -13.60 -37.49
C ILE H 190 0.22 -14.78 -38.19
N ARG H 191 -0.20 -15.10 -39.42
CA ARG H 191 0.44 -16.18 -40.16
C ARG H 191 1.89 -15.85 -40.48
N VAL H 192 2.22 -14.57 -40.59
CA VAL H 192 3.56 -14.17 -41.02
C VAL H 192 4.57 -14.39 -39.91
N ARG H 193 4.35 -13.67 -38.81
CA ARG H 193 5.15 -13.78 -37.60
C ARG H 193 4.57 -14.85 -36.67
N ARG H 194 5.10 -14.95 -35.46
CA ARG H 194 4.69 -15.99 -34.52
C ARG H 194 3.90 -15.59 -33.26
N TYR H 195 2.98 -14.64 -33.36
CA TYR H 195 2.25 -14.23 -32.16
C TYR H 195 1.47 -15.40 -31.53
N ILE H 196 0.66 -16.08 -32.32
CA ILE H 196 -0.08 -17.25 -31.82
C ILE H 196 0.68 -18.57 -32.07
N PHE H 197 1.72 -18.48 -32.88
CA PHE H 197 2.59 -19.61 -33.23
C PHE H 197 3.61 -19.87 -32.13
N PHE H 198 4.36 -20.95 -32.26
CA PHE H 198 5.34 -21.29 -31.24
C PHE H 198 6.35 -20.14 -31.11
N LYS H 199 6.67 -19.83 -29.86
CA LYS H 199 7.56 -18.75 -29.41
C LYS H 199 8.05 -17.69 -30.41
N THR H 200 9.14 -17.99 -31.10
CA THR H 200 9.76 -17.05 -32.02
C THR H 200 9.06 -16.64 -33.32
N PRO H 201 9.27 -15.36 -33.64
CA PRO H 201 8.82 -14.70 -34.88
C PRO H 201 9.72 -14.92 -36.08
N ARG H 202 11.04 -14.96 -35.87
CA ARG H 202 11.95 -14.83 -36.99
C ARG H 202 11.65 -13.48 -37.61
N GLU H 203 11.48 -12.50 -36.72
CA GLU H 203 11.07 -11.15 -37.09
C GLU H 203 12.13 -10.47 -37.96
N VAL H 204 11.66 -9.55 -38.80
CA VAL H 204 12.45 -9.04 -39.92
C VAL H 204 13.75 -8.34 -39.55
N LYS H 205 13.77 -7.53 -38.49
CA LYS H 205 14.99 -6.77 -38.22
C LYS H 205 14.90 -5.44 -38.96
N PRO H 206 14.19 -4.47 -38.39
CA PRO H 206 13.64 -3.33 -39.15
C PRO H 206 14.56 -2.81 -40.23
N PRO H 207 13.99 -2.40 -41.37
CA PRO H 207 14.78 -2.16 -42.59
C PRO H 207 15.84 -1.09 -42.39
N GLU H 208 17.10 -1.45 -42.63
CA GLU H 208 18.20 -0.51 -42.51
C GLU H 208 18.37 0.38 -43.73
N ASP H 209 17.72 0.03 -44.85
CA ASP H 209 17.84 0.85 -46.05
C ASP H 209 17.43 2.29 -45.78
N LEU H 210 16.23 2.48 -45.22
CA LEU H 210 15.69 3.81 -44.98
C LEU H 210 15.73 4.23 -43.52
N GLN H 211 16.23 3.35 -42.64
CA GLN H 211 16.24 3.67 -41.22
C GLN H 211 17.63 3.66 -40.59
N ASP H 212 18.62 3.01 -41.19
CA ASP H 212 19.94 3.11 -40.61
C ASP H 212 20.48 4.55 -40.76
N LEU H 213 21.82 4.63 -40.85
CA LEU H 213 22.60 5.87 -40.66
C LEU H 213 22.06 7.18 -41.19
N GLY H 214 22.25 8.25 -40.46
CA GLY H 214 21.63 9.51 -40.83
C GLY H 214 21.28 9.72 -42.29
N VAL H 215 19.97 9.87 -42.49
CA VAL H 215 19.28 10.12 -43.76
C VAL H 215 18.06 10.99 -43.45
N ARG H 216 17.53 11.75 -44.41
CA ARG H 216 16.42 12.58 -43.99
C ARG H 216 15.24 12.43 -44.94
N PHE H 217 15.50 12.27 -46.23
CA PHE H 217 14.42 12.07 -47.20
C PHE H 217 13.92 10.64 -47.08
N LEU H 218 12.94 10.43 -46.19
CA LEU H 218 12.28 9.15 -46.00
C LEU H 218 10.91 9.20 -46.67
N GLN H 219 10.89 9.02 -47.98
CA GLN H 219 9.60 8.87 -48.63
C GLN H 219 9.10 7.43 -48.61
N PRO H 220 9.91 6.43 -48.98
CA PRO H 220 9.36 5.06 -49.03
C PRO H 220 9.09 4.45 -47.67
N PHE H 221 9.46 5.10 -46.57
CA PHE H 221 9.40 4.47 -45.26
C PHE H 221 8.48 5.19 -44.28
N VAL H 222 7.27 5.55 -44.70
CA VAL H 222 6.31 6.24 -43.83
C VAL H 222 4.92 5.66 -44.02
N ASN H 223 3.98 6.13 -43.20
CA ASN H 223 2.60 5.65 -43.21
C ASN H 223 1.91 6.03 -44.51
N LEU H 224 1.18 5.08 -45.10
CA LEU H 224 0.63 5.27 -46.44
C LEU H 224 -0.31 6.46 -46.52
N LEU H 225 -0.74 7.00 -45.38
CA LEU H 225 -1.44 8.28 -45.40
C LEU H 225 -0.46 9.42 -45.65
N SER H 226 0.67 9.42 -44.96
CA SER H 226 1.66 10.46 -45.16
C SER H 226 2.34 10.34 -46.52
N LYS H 227 2.47 9.11 -47.06
CA LYS H 227 2.92 8.96 -48.43
C LYS H 227 2.07 9.76 -49.41
N GLY H 228 0.84 10.08 -49.02
CA GLY H 228 -0.05 10.89 -49.82
C GLY H 228 -0.05 12.35 -49.43
N THR H 229 -0.11 12.65 -48.13
CA THR H 229 -0.26 14.03 -47.66
C THR H 229 1.06 14.65 -47.22
N TYR H 230 2.18 13.94 -47.37
CA TYR H 230 3.52 14.49 -47.14
C TYR H 230 3.66 15.08 -45.73
N TRP H 231 3.10 14.37 -44.75
CA TRP H 231 3.12 14.89 -43.38
C TRP H 231 4.53 14.89 -42.79
N TRP H 232 5.40 14.00 -43.28
CA TRP H 232 6.76 13.93 -42.77
C TRP H 232 7.56 15.19 -43.07
N MET H 233 7.09 16.07 -43.95
CA MET H 233 7.78 17.29 -44.26
C MET H 233 7.54 18.41 -43.25
N ASN H 234 6.60 18.22 -42.32
CA ASN H 234 6.35 19.24 -41.31
C ASN H 234 7.60 19.51 -40.49
N ALA H 235 8.25 18.44 -40.02
CA ALA H 235 9.45 18.62 -39.20
C ALA H 235 10.56 19.29 -40.00
N PHE H 236 10.81 18.80 -41.22
CA PHE H 236 11.86 19.40 -42.04
C PHE H 236 11.62 20.88 -42.26
N ILE H 237 10.40 21.25 -42.66
CA ILE H 237 10.14 22.65 -43.00
C ILE H 237 10.19 23.53 -41.75
N LYS H 238 9.73 23.02 -40.60
CA LYS H 238 9.81 23.81 -39.38
C LYS H 238 11.26 24.03 -38.95
N THR H 239 12.09 22.99 -39.01
CA THR H 239 13.50 23.18 -38.71
C THR H 239 14.16 24.09 -39.72
N ALA H 240 13.73 24.01 -40.98
CA ALA H 240 14.30 24.84 -42.03
C ALA H 240 14.01 26.31 -41.82
N HIS H 241 12.86 26.63 -41.23
CA HIS H 241 12.54 28.04 -40.97
C HIS H 241 13.62 28.70 -40.14
N LYS H 242 14.17 28.01 -39.15
CA LYS H 242 15.14 28.59 -38.23
C LYS H 242 16.56 28.49 -38.76
N LYS H 243 17.04 27.27 -39.01
CA LYS H 243 18.43 27.03 -39.37
C LYS H 243 18.57 26.90 -40.88
N PRO H 244 19.55 27.55 -41.50
CA PRO H 244 19.67 27.49 -42.96
C PRO H 244 20.07 26.09 -43.42
N ILE H 245 19.35 25.59 -44.43
CA ILE H 245 19.57 24.24 -44.93
C ILE H 245 20.89 24.18 -45.67
N ASP H 246 21.53 23.00 -45.62
CA ASP H 246 22.72 22.76 -46.40
C ASP H 246 22.85 21.24 -46.59
N LEU H 247 23.90 20.84 -47.31
CA LEU H 247 24.10 19.42 -47.60
C LEU H 247 24.42 18.63 -46.33
N ARG H 248 24.97 19.29 -45.31
CA ARG H 248 25.13 18.64 -44.02
C ARG H 248 23.81 18.54 -43.27
N ALA H 249 22.92 19.51 -43.46
CA ALA H 249 21.59 19.46 -42.88
C ALA H 249 20.60 18.67 -43.74
N ILE H 250 21.01 18.27 -44.94
CA ILE H 250 20.16 17.51 -45.82
C ILE H 250 20.47 16.03 -45.64
N GLY H 251 19.57 15.17 -46.09
CA GLY H 251 19.74 13.74 -45.96
C GLY H 251 20.65 13.16 -47.02
N LYS H 252 20.56 11.83 -47.18
CA LYS H 252 21.24 11.12 -48.25
C LYS H 252 20.23 10.18 -48.89
N LEU H 253 20.35 9.99 -50.21
CA LEU H 253 19.30 9.30 -50.94
C LEU H 253 19.20 7.85 -50.50
N PRO H 254 17.98 7.30 -50.41
CA PRO H 254 17.82 5.89 -50.03
C PRO H 254 18.42 4.96 -51.07
N ILE H 255 18.60 3.71 -50.66
CA ILE H 255 19.07 2.67 -51.57
C ILE H 255 18.08 2.44 -52.70
N ALA H 256 16.83 2.87 -52.53
CA ALA H 256 15.83 2.68 -53.58
C ALA H 256 16.05 3.58 -54.78
N MET H 257 16.88 4.61 -54.66
CA MET H 257 17.08 5.55 -55.75
C MET H 257 18.47 6.16 -55.61
N ARG H 258 19.40 5.64 -56.40
CA ARG H 258 20.76 6.16 -56.45
C ARG H 258 21.19 6.19 -57.91
N ALA H 259 22.47 6.50 -58.13
CA ALA H 259 23.04 6.26 -59.45
C ALA H 259 23.18 4.76 -59.69
N LEU H 260 23.64 4.02 -58.68
CA LEU H 260 23.90 2.59 -58.85
C LEU H 260 22.62 1.80 -59.09
N THR H 261 21.56 2.09 -58.34
CA THR H 261 20.33 1.31 -58.46
C THR H 261 19.70 1.49 -59.84
N ASN H 262 19.49 2.74 -60.24
CA ASN H 262 18.88 3.01 -61.54
C ASN H 262 19.78 2.57 -62.68
N TYR H 263 21.09 2.76 -62.54
CA TYR H 263 22.02 2.26 -63.54
C TYR H 263 21.94 0.75 -63.65
N GLN H 264 21.78 0.06 -62.52
CA GLN H 264 21.69 -1.39 -62.52
C GLN H 264 20.45 -1.87 -63.25
N ARG H 265 19.29 -1.28 -62.91
CA ARG H 265 18.05 -1.68 -63.58
C ARG H 265 18.11 -1.38 -65.07
N LEU H 266 18.62 -0.20 -65.44
CA LEU H 266 18.68 0.16 -66.86
C LEU H 266 19.65 -0.73 -67.61
N CYS H 267 20.80 -1.06 -67.03
CA CYS H 267 21.75 -1.92 -67.74
C CYS H 267 21.24 -3.35 -67.81
N VAL H 268 20.48 -3.80 -66.82
CA VAL H 268 19.87 -5.13 -66.91
C VAL H 268 18.87 -5.17 -68.06
N ALA H 269 18.03 -4.15 -68.17
CA ALA H 269 17.07 -4.12 -69.28
C ALA H 269 17.79 -4.02 -70.62
N PHE H 270 18.80 -3.15 -70.72
CA PHE H 270 19.56 -3.02 -71.95
C PHE H 270 20.25 -4.32 -72.32
N ASP H 271 20.74 -5.06 -71.32
CA ASP H 271 21.38 -6.35 -71.57
C ASP H 271 20.38 -7.38 -72.07
N ALA H 272 19.22 -7.48 -71.40
CA ALA H 272 18.21 -8.44 -71.82
C ALA H 272 17.66 -8.11 -73.20
N GLN H 273 17.70 -6.84 -73.60
CA GLN H 273 17.24 -6.46 -74.93
C GLN H 273 18.31 -6.60 -76.01
N ALA H 274 19.58 -6.37 -75.68
CA ALA H 274 20.66 -6.47 -76.65
C ALA H 274 21.14 -7.90 -76.85
N ARG H 275 20.92 -8.79 -75.87
CA ARG H 275 21.25 -10.19 -76.07
C ARG H 275 20.32 -10.85 -77.08
N LYS H 276 19.18 -10.23 -77.38
CA LYS H 276 18.23 -10.74 -78.36
C LYS H 276 18.39 -10.08 -79.73
N ASP H 277 19.45 -9.30 -79.93
CA ASP H 277 19.71 -8.67 -81.23
C ASP H 277 20.07 -9.72 -82.28
N GLY H 283 20.58 0.72 -81.13
CA GLY H 283 19.36 1.11 -81.82
C GLY H 283 18.47 2.02 -81.01
N ALA H 284 17.68 2.84 -81.72
CA ALA H 284 16.80 3.79 -81.03
C ALA H 284 15.62 3.09 -80.38
N ARG H 285 14.87 2.30 -81.16
CA ARG H 285 13.74 1.56 -80.61
C ARG H 285 14.18 0.62 -79.50
N ALA H 286 15.38 0.04 -79.62
CA ALA H 286 15.87 -0.87 -78.59
C ALA H 286 16.07 -0.14 -77.26
N ILE H 287 16.79 0.98 -77.28
CA ILE H 287 17.00 1.77 -76.07
C ILE H 287 15.68 2.25 -75.51
N TRP H 288 14.75 2.62 -76.39
CA TRP H 288 13.44 3.06 -75.92
C TRP H 288 12.74 1.96 -75.14
N ARG H 289 12.54 0.80 -75.77
CA ARG H 289 11.90 -0.33 -75.09
C ARG H 289 12.66 -0.74 -73.84
N ALA H 290 13.98 -0.58 -73.84
CA ALA H 290 14.76 -0.90 -72.66
C ALA H 290 14.38 0.01 -71.50
N LEU H 291 14.34 1.34 -71.75
CA LEU H 291 13.90 2.28 -70.73
C LEU H 291 12.48 1.95 -70.26
N CYS H 292 11.60 1.61 -71.22
CA CYS H 292 10.21 1.32 -70.89
C CYS H 292 10.11 0.14 -69.93
N HIS H 293 10.71 -0.99 -70.31
CA HIS H 293 10.68 -2.19 -69.47
C HIS H 293 11.46 -2.00 -68.18
N ALA H 294 12.41 -1.06 -68.14
CA ALA H 294 13.21 -0.85 -66.94
C ALA H 294 12.46 -0.02 -65.91
N PHE H 295 11.66 0.97 -66.36
CA PHE H 295 10.97 1.84 -65.42
C PHE H 295 9.52 1.45 -65.18
N GLY H 296 8.96 0.59 -66.02
CA GLY H 296 7.83 -0.25 -65.66
C GLY H 296 6.72 0.30 -64.79
N ARG H 297 6.57 -0.34 -63.62
CA ARG H 297 5.31 -0.26 -62.88
C ARG H 297 5.04 1.14 -62.34
N ARG H 298 6.08 1.88 -61.96
CA ARG H 298 5.88 3.19 -61.34
C ARG H 298 5.15 4.14 -62.28
N LEU H 299 5.54 4.16 -63.54
CA LEU H 299 4.96 5.10 -64.49
C LEU H 299 3.48 4.81 -64.71
N ILE H 300 3.12 3.54 -64.90
CA ILE H 300 1.72 3.20 -65.14
C ILE H 300 0.90 3.41 -63.88
N LEU H 301 1.50 3.20 -62.70
CA LEU H 301 0.82 3.49 -61.44
C LEU H 301 0.48 4.97 -61.35
N SER H 302 1.45 5.82 -61.66
CA SER H 302 1.18 7.27 -61.69
C SER H 302 0.08 7.58 -62.69
N SER H 303 0.13 6.97 -63.87
CA SER H 303 -0.86 7.26 -64.90
C SER H 303 -2.27 6.88 -64.46
N THR H 304 -2.40 5.76 -63.75
CA THR H 304 -3.75 5.34 -63.36
C THR H 304 -4.27 6.16 -62.17
N PHE H 305 -3.40 6.51 -61.22
CA PHE H 305 -3.75 7.55 -60.24
C PHE H 305 -4.32 8.76 -60.96
N ARG H 306 -3.63 9.19 -62.01
CA ARG H 306 -3.99 10.41 -62.73
C ARG H 306 -5.35 10.29 -63.40
N ILE H 307 -5.63 9.14 -64.04
CA ILE H 307 -6.91 9.02 -64.74
C ILE H 307 -8.06 8.94 -63.74
N LEU H 308 -7.86 8.27 -62.60
CA LEU H 308 -8.93 8.23 -61.61
C LEU H 308 -9.21 9.63 -61.06
N ALA H 309 -8.15 10.40 -60.81
CA ALA H 309 -8.35 11.78 -60.37
C ALA H 309 -9.10 12.59 -61.43
N ASP H 310 -8.77 12.40 -62.71
CA ASP H 310 -9.47 13.11 -63.78
C ASP H 310 -10.95 12.76 -63.78
N LEU H 311 -11.29 11.49 -63.58
CA LEU H 311 -12.69 11.08 -63.53
C LEU H 311 -13.43 11.80 -62.40
N LEU H 312 -12.87 11.77 -61.19
CA LEU H 312 -13.55 12.43 -60.07
C LEU H 312 -13.67 13.93 -60.29
N GLY H 313 -12.68 14.54 -60.94
CA GLY H 313 -12.75 15.96 -61.23
C GLY H 313 -13.86 16.29 -62.21
N PHE H 314 -14.02 15.45 -63.24
CA PHE H 314 -15.19 15.59 -64.11
C PHE H 314 -16.49 15.32 -63.36
N ALA H 315 -16.42 14.57 -62.25
CA ALA H 315 -17.62 14.22 -61.51
C ALA H 315 -18.13 15.36 -60.62
N GLY H 316 -17.23 16.16 -60.05
CA GLY H 316 -17.63 17.22 -59.13
C GLY H 316 -18.78 18.12 -59.58
N PRO H 317 -18.62 18.77 -60.74
CA PRO H 317 -19.68 19.68 -61.22
C PRO H 317 -21.05 19.04 -61.38
N LEU H 318 -21.13 17.73 -61.60
CA LEU H 318 -22.45 17.11 -61.74
C LEU H 318 -23.19 17.09 -60.42
N CYS H 319 -22.50 16.84 -59.31
CA CYS H 319 -23.16 16.92 -58.02
C CYS H 319 -23.47 18.36 -57.66
N ILE H 320 -22.65 19.30 -58.11
CA ILE H 320 -23.06 20.71 -58.02
C ILE H 320 -24.41 20.91 -58.70
N PHE H 321 -24.52 20.42 -59.93
CA PHE H 321 -25.75 20.53 -60.71
C PHE H 321 -26.93 19.91 -59.96
N GLY H 322 -26.72 18.73 -59.40
CA GLY H 322 -27.79 18.08 -58.65
C GLY H 322 -28.26 18.90 -57.46
N ILE H 323 -27.31 19.45 -56.70
CA ILE H 323 -27.68 20.32 -55.58
C ILE H 323 -28.50 21.50 -56.07
N VAL H 324 -28.03 22.16 -57.14
CA VAL H 324 -28.74 23.33 -57.64
C VAL H 324 -30.16 22.97 -58.06
N ASP H 325 -30.32 21.78 -58.64
CA ASP H 325 -31.67 21.33 -59.02
C ASP H 325 -32.54 21.12 -57.80
N HIS H 326 -32.02 20.41 -56.80
CA HIS H 326 -32.84 20.02 -55.66
C HIS H 326 -33.41 21.21 -54.93
N LEU H 327 -32.62 22.27 -54.74
CA LEU H 327 -33.09 23.41 -53.97
C LEU H 327 -34.13 24.24 -54.74
N GLY H 328 -33.99 24.31 -56.06
CA GLY H 328 -34.95 25.06 -56.85
C GLY H 328 -36.33 24.43 -56.88
N LYS H 329 -36.41 23.13 -56.62
CA LYS H 329 -37.69 22.42 -56.69
C LYS H 329 -38.06 21.85 -55.33
N ASN H 354 -31.89 15.91 -49.65
CA ASN H 354 -31.06 15.12 -50.55
C ASN H 354 -29.88 15.97 -51.04
N ALA H 355 -29.64 17.08 -50.36
CA ALA H 355 -28.61 18.01 -50.77
C ALA H 355 -27.42 18.09 -49.81
N TYR H 356 -27.65 17.96 -48.50
CA TYR H 356 -26.51 17.88 -47.57
C TYR H 356 -25.62 16.71 -47.91
N VAL H 357 -26.22 15.58 -48.27
CA VAL H 357 -25.46 14.40 -48.67
C VAL H 357 -24.59 14.72 -49.88
N LEU H 358 -25.15 15.41 -50.86
CA LEU H 358 -24.38 15.79 -52.04
C LEU H 358 -23.26 16.76 -51.67
N ALA H 359 -23.49 17.64 -50.69
CA ALA H 359 -22.44 18.57 -50.28
C ALA H 359 -21.27 17.84 -49.65
N VAL H 360 -21.54 16.94 -48.70
CA VAL H 360 -20.44 16.22 -48.07
C VAL H 360 -19.75 15.30 -49.08
N LEU H 361 -20.52 14.73 -50.02
CA LEU H 361 -19.91 13.92 -51.06
C LEU H 361 -19.00 14.77 -51.94
N LEU H 362 -19.41 16.01 -52.23
CA LEU H 362 -18.57 16.92 -52.98
C LEU H 362 -17.27 17.21 -52.25
N PHE H 363 -17.37 17.45 -50.94
CA PHE H 363 -16.18 17.65 -50.13
C PHE H 363 -15.23 16.47 -50.23
N LEU H 364 -15.76 15.26 -50.00
CA LEU H 364 -14.93 14.05 -50.05
C LEU H 364 -14.31 13.86 -51.42
N ALA H 365 -15.10 14.04 -52.48
CA ALA H 365 -14.60 13.82 -53.83
C ALA H 365 -13.53 14.83 -54.20
N LEU H 366 -13.70 16.09 -53.79
CA LEU H 366 -12.67 17.09 -54.04
C LEU H 366 -11.36 16.69 -53.38
N LEU H 367 -11.41 16.38 -52.08
CA LEU H 367 -10.16 16.07 -51.38
C LEU H 367 -9.49 14.83 -51.96
N LEU H 368 -10.28 13.80 -52.29
CA LEU H 368 -9.70 12.57 -52.81
C LEU H 368 -9.12 12.77 -54.20
N GLN H 369 -9.85 13.46 -55.09
CA GLN H 369 -9.37 13.72 -56.43
C GLN H 369 -8.05 14.47 -56.39
N ARG H 370 -7.98 15.54 -55.60
CA ARG H 370 -6.77 16.34 -55.57
C ARG H 370 -5.61 15.57 -54.94
N THR H 371 -5.89 14.76 -53.91
CA THR H 371 -4.84 13.94 -53.32
C THR H 371 -4.25 12.96 -54.33
N PHE H 372 -5.13 12.31 -55.10
CA PHE H 372 -4.67 11.37 -56.11
C PHE H 372 -3.88 12.08 -57.21
N LEU H 373 -4.35 13.26 -57.63
CA LEU H 373 -3.61 14.04 -58.61
C LEU H 373 -2.19 14.33 -58.13
N GLN H 374 -2.05 14.72 -56.86
CA GLN H 374 -0.74 15.09 -56.34
C GLN H 374 0.17 13.88 -56.21
N ALA H 375 -0.36 12.77 -55.70
CA ALA H 375 0.43 11.54 -55.67
C ALA H 375 0.90 11.15 -57.06
N SER H 376 0.03 11.33 -58.07
CA SER H 376 0.42 11.05 -59.45
C SER H 376 1.59 11.91 -59.87
N TYR H 377 1.48 13.23 -59.67
CA TYR H 377 2.58 14.12 -60.01
C TYR H 377 3.88 13.64 -59.37
N TYR H 378 3.85 13.34 -58.07
CA TYR H 378 5.09 13.01 -57.38
C TYR H 378 5.69 11.72 -57.91
N VAL H 379 4.87 10.69 -58.11
CA VAL H 379 5.42 9.42 -58.58
C VAL H 379 6.04 9.59 -59.95
N ALA H 380 5.39 10.38 -60.82
CA ALA H 380 5.98 10.64 -62.13
C ALA H 380 7.31 11.38 -62.02
N ILE H 381 7.36 12.40 -61.15
CA ILE H 381 8.59 13.18 -61.00
C ILE H 381 9.72 12.29 -60.51
N GLU H 382 9.41 11.38 -59.59
CA GLU H 382 10.46 10.53 -59.05
C GLU H 382 10.96 9.54 -60.08
N THR H 383 10.05 8.96 -60.87
CA THR H 383 10.48 8.11 -61.97
C THR H 383 11.38 8.88 -62.94
N GLY H 384 11.03 10.14 -63.22
CA GLY H 384 11.86 10.94 -64.10
C GLY H 384 13.24 11.21 -63.54
N ILE H 385 13.32 11.50 -62.23
CA ILE H 385 14.61 11.76 -61.62
C ILE H 385 15.48 10.49 -61.64
N ASN H 386 14.86 9.34 -61.34
CA ASN H 386 15.56 8.08 -61.51
C ASN H 386 16.14 7.96 -62.91
N LEU H 387 15.30 8.20 -63.92
CA LEU H 387 15.74 8.04 -65.31
C LEU H 387 16.89 8.97 -65.64
N ARG H 388 16.83 10.22 -65.15
CA ARG H 388 17.91 11.16 -65.42
C ARG H 388 19.21 10.66 -64.83
N GLY H 389 19.19 10.30 -63.54
CA GLY H 389 20.40 9.76 -62.93
C GLY H 389 20.95 8.56 -63.68
N ALA H 390 20.05 7.65 -64.08
CA ALA H 390 20.46 6.43 -64.75
C ALA H 390 21.14 6.72 -66.08
N ILE H 391 20.47 7.45 -66.97
CA ILE H 391 21.05 7.66 -68.29
C ILE H 391 22.26 8.57 -68.20
N GLN H 392 22.34 9.43 -67.18
CA GLN H 392 23.53 10.26 -67.01
C GLN H 392 24.74 9.41 -66.65
N THR H 393 24.62 8.56 -65.63
CA THR H 393 25.75 7.71 -65.30
C THR H 393 26.06 6.72 -66.43
N LYS H 394 25.05 6.35 -67.22
CA LYS H 394 25.30 5.44 -68.34
C LYS H 394 26.13 6.12 -69.42
N ILE H 395 25.73 7.33 -69.83
CA ILE H 395 26.52 8.02 -70.85
C ILE H 395 27.87 8.46 -70.30
N TYR H 396 28.02 8.54 -68.98
CA TYR H 396 29.37 8.75 -68.45
C TYR H 396 30.20 7.47 -68.50
N ASN H 397 29.57 6.32 -68.28
CA ASN H 397 30.26 5.04 -68.44
C ASN H 397 30.71 4.87 -69.88
N LYS H 398 29.89 5.33 -70.84
CA LYS H 398 30.27 5.28 -72.25
C LYS H 398 31.41 6.23 -72.56
N ILE H 399 31.53 7.33 -71.80
CA ILE H 399 32.59 8.31 -72.04
C ILE H 399 33.96 7.72 -71.78
N MET H 400 34.03 6.60 -71.06
CA MET H 400 35.32 6.00 -70.74
C MET H 400 35.87 5.15 -71.88
N HIS H 401 35.00 4.51 -72.66
CA HIS H 401 35.43 3.56 -73.67
C HIS H 401 35.52 4.16 -75.07
N LEU H 402 35.20 5.44 -75.24
CA LEU H 402 35.18 6.02 -76.56
C LEU H 402 36.60 6.29 -77.06
N SER H 403 36.71 6.45 -78.37
CA SER H 403 38.00 6.62 -79.03
C SER H 403 38.33 8.10 -79.17
N THR H 404 39.62 8.39 -79.34
CA THR H 404 40.09 9.77 -79.36
C THR H 404 39.80 10.48 -80.68
N SER H 405 39.61 9.74 -81.77
CA SER H 405 39.34 10.37 -83.06
C SER H 405 37.98 11.05 -83.11
N ASN H 406 37.04 10.64 -82.27
CA ASN H 406 35.71 11.21 -82.29
C ASN H 406 35.59 12.38 -81.32
N GLU H 411 36.63 18.78 -79.66
CA GLU H 411 36.17 20.16 -79.55
C GLU H 411 34.66 20.25 -79.78
N MET H 412 34.25 19.95 -81.02
CA MET H 412 32.82 19.97 -81.32
C MET H 412 32.10 18.80 -80.66
N THR H 413 32.75 17.64 -80.60
CA THR H 413 32.15 16.49 -79.92
C THR H 413 32.05 16.72 -78.43
N ALA H 414 32.98 17.48 -77.84
CA ALA H 414 32.90 17.78 -76.42
C ALA H 414 31.72 18.70 -76.11
N GLY H 415 31.55 19.76 -76.92
CA GLY H 415 30.39 20.62 -76.76
C GLY H 415 29.09 19.88 -76.99
N GLN H 416 29.07 18.97 -77.97
CA GLN H 416 27.89 18.15 -78.21
C GLN H 416 27.62 17.21 -77.05
N ILE H 417 28.67 16.70 -76.41
CA ILE H 417 28.50 15.83 -75.24
C ILE H 417 27.90 16.62 -74.08
N CYS H 418 28.44 17.80 -73.80
CA CYS H 418 27.96 18.58 -72.66
C CYS H 418 26.60 19.20 -72.93
N ASN H 419 26.22 19.42 -74.18
CA ASN H 419 24.82 19.73 -74.47
C ASN H 419 23.96 18.48 -74.35
N LEU H 420 24.52 17.31 -74.64
CA LEU H 420 23.79 16.06 -74.48
C LEU H 420 23.47 15.78 -73.02
N VAL H 421 24.13 16.49 -72.09
CA VAL H 421 23.82 16.35 -70.67
C VAL H 421 23.06 17.56 -70.13
N ALA H 422 23.21 18.72 -70.74
CA ALA H 422 22.62 19.94 -70.21
C ALA H 422 21.23 20.23 -70.76
N ILE H 423 20.95 19.87 -72.01
CA ILE H 423 19.65 20.12 -72.63
C ILE H 423 18.95 18.82 -73.04
N ASP H 424 19.68 17.86 -73.61
CA ASP H 424 19.04 16.63 -74.07
C ASP H 424 18.51 15.80 -72.90
N THR H 425 19.31 15.65 -71.83
CA THR H 425 18.87 14.88 -70.67
C THR H 425 17.72 15.58 -69.95
N ASN H 426 17.78 16.90 -69.85
CA ASN H 426 16.67 17.63 -69.23
C ASN H 426 15.40 17.48 -70.06
N GLN H 427 15.53 17.49 -71.39
CA GLN H 427 14.38 17.24 -72.25
C GLN H 427 13.79 15.86 -71.99
N LEU H 428 14.66 14.84 -71.96
CA LEU H 428 14.20 13.49 -71.68
C LEU H 428 13.45 13.43 -70.36
N MET H 429 14.03 14.02 -69.31
CA MET H 429 13.43 13.91 -67.98
C MET H 429 12.12 14.69 -67.88
N TRP H 430 12.04 15.86 -68.50
CA TRP H 430 10.79 16.61 -68.45
C TRP H 430 9.71 15.94 -69.30
N PHE H 431 10.10 15.30 -70.39
CA PHE H 431 9.16 14.47 -71.14
C PHE H 431 8.67 13.31 -70.29
N PHE H 432 9.53 12.73 -69.47
CA PHE H 432 9.07 11.67 -68.59
C PHE H 432 8.18 12.22 -67.48
N PHE H 433 8.39 13.47 -67.07
CA PHE H 433 7.41 14.15 -66.22
C PHE H 433 6.04 14.15 -66.90
N LEU H 434 5.99 14.61 -68.14
CA LEU H 434 4.73 14.83 -68.84
C LEU H 434 4.14 13.58 -69.48
N CYS H 435 4.83 12.44 -69.41
CA CYS H 435 4.32 11.20 -70.00
C CYS H 435 2.91 10.85 -69.54
N PRO H 436 2.59 10.75 -68.23
CA PRO H 436 1.23 10.36 -67.85
C PRO H 436 0.17 11.37 -68.25
N ASN H 437 0.53 12.65 -68.33
CA ASN H 437 -0.41 13.65 -68.82
C ASN H 437 -0.85 13.36 -70.25
N LEU H 438 0.05 12.82 -71.08
CA LEU H 438 -0.29 12.50 -72.45
C LEU H 438 -1.30 11.37 -72.54
N TRP H 439 -1.29 10.45 -71.57
CA TRP H 439 -2.30 9.41 -71.54
C TRP H 439 -3.61 9.89 -70.92
N ALA H 440 -3.54 10.80 -69.96
CA ALA H 440 -4.74 11.24 -69.24
C ALA H 440 -5.47 12.38 -69.91
N MET H 441 -4.86 13.09 -70.86
CA MET H 441 -5.54 14.20 -71.52
C MET H 441 -6.71 13.75 -72.39
N PRO H 442 -6.55 12.74 -73.28
CA PRO H 442 -7.69 12.39 -74.16
C PRO H 442 -8.93 11.96 -73.41
N VAL H 443 -8.78 11.12 -72.38
CA VAL H 443 -9.94 10.69 -71.61
C VAL H 443 -10.60 11.89 -70.94
N GLN H 444 -9.81 12.88 -70.53
CA GLN H 444 -10.36 14.07 -69.89
C GLN H 444 -11.22 14.86 -70.88
N ILE H 445 -10.70 15.13 -72.07
CA ILE H 445 -11.49 15.91 -73.02
C ILE H 445 -12.71 15.13 -73.50
N ILE H 446 -12.59 13.80 -73.62
CA ILE H 446 -13.73 12.98 -74.06
C ILE H 446 -14.84 13.00 -73.02
N VAL H 447 -14.50 12.74 -71.75
CA VAL H 447 -15.50 12.79 -70.68
C VAL H 447 -16.11 14.19 -70.59
N GLY H 448 -15.29 15.22 -70.75
CA GLY H 448 -15.81 16.59 -70.71
C GLY H 448 -16.86 16.84 -71.79
N VAL H 449 -16.54 16.48 -73.04
CA VAL H 449 -17.47 16.76 -74.13
C VAL H 449 -18.76 15.94 -73.97
N ILE H 450 -18.62 14.66 -73.61
CA ILE H 450 -19.84 13.83 -73.49
C ILE H 450 -20.69 14.31 -72.32
N LEU H 451 -20.07 14.78 -71.24
CA LEU H 451 -20.84 15.26 -70.10
C LEU H 451 -21.55 16.57 -70.43
N LEU H 452 -20.85 17.50 -71.08
CA LEU H 452 -21.50 18.77 -71.40
C LEU H 452 -22.60 18.59 -72.46
N TYR H 453 -22.46 17.60 -73.33
CA TYR H 453 -23.54 17.35 -74.30
C TYR H 453 -24.84 16.96 -73.61
N TYR H 454 -24.77 16.10 -72.59
CA TYR H 454 -25.99 15.64 -71.93
C TYR H 454 -26.59 16.68 -71.01
N ILE H 455 -25.90 17.79 -70.77
CA ILE H 455 -26.43 18.86 -69.92
C ILE H 455 -27.02 20.00 -70.76
N LEU H 456 -26.42 20.30 -71.90
CA LEU H 456 -26.88 21.41 -72.74
C LEU H 456 -27.42 20.96 -74.09
N GLY H 457 -27.35 19.67 -74.43
CA GLY H 457 -27.90 19.22 -75.69
C GLY H 457 -27.01 19.56 -76.88
N VAL H 458 -27.65 19.66 -78.04
CA VAL H 458 -26.93 19.88 -79.30
C VAL H 458 -26.07 21.14 -79.22
N SER H 459 -26.62 22.22 -78.64
CA SER H 459 -25.87 23.47 -78.50
C SER H 459 -24.52 23.24 -77.83
N ALA H 460 -24.49 22.37 -76.82
CA ALA H 460 -23.25 22.04 -76.13
C ALA H 460 -22.15 21.69 -77.12
N LEU H 461 -22.47 20.82 -78.08
CA LEU H 461 -21.51 20.42 -79.10
C LEU H 461 -20.82 21.63 -79.71
N ILE H 462 -21.60 22.63 -80.13
CA ILE H 462 -21.02 23.82 -80.74
C ILE H 462 -20.00 24.43 -79.79
N GLY H 463 -20.39 24.68 -78.55
CA GLY H 463 -19.43 25.19 -77.57
C GLY H 463 -18.24 24.27 -77.41
N ALA H 464 -18.48 22.96 -77.35
CA ALA H 464 -17.41 21.99 -77.21
C ALA H 464 -16.41 22.08 -78.34
N ALA H 465 -16.80 22.62 -79.49
CA ALA H 465 -15.84 22.83 -80.57
C ALA H 465 -14.92 23.99 -80.25
N VAL H 466 -15.50 25.14 -79.86
CA VAL H 466 -14.73 26.37 -79.75
C VAL H 466 -13.54 26.20 -78.81
N ILE H 467 -13.80 25.74 -77.59
CA ILE H 467 -12.73 25.52 -76.62
C ILE H 467 -11.67 24.60 -77.21
N ILE H 468 -12.10 23.49 -77.83
CA ILE H 468 -11.13 22.55 -78.39
C ILE H 468 -10.29 23.25 -79.45
N LEU H 469 -10.91 24.15 -80.22
CA LEU H 469 -10.19 24.85 -81.28
C LEU H 469 -9.04 25.71 -80.74
N LEU H 470 -9.06 26.03 -79.44
CA LEU H 470 -7.96 26.81 -78.89
C LEU H 470 -6.69 25.97 -78.74
N ALA H 471 -6.84 24.64 -78.61
CA ALA H 471 -5.66 23.82 -78.33
C ALA H 471 -4.69 23.77 -79.50
N PRO H 472 -5.10 23.49 -80.74
CA PRO H 472 -4.11 23.55 -81.84
C PRO H 472 -3.57 24.95 -82.05
N VAL H 473 -4.43 25.97 -82.05
CA VAL H 473 -3.98 27.35 -82.25
C VAL H 473 -2.86 27.69 -81.27
N GLN H 474 -3.08 27.40 -79.98
CA GLN H 474 -2.05 27.59 -78.97
C GLN H 474 -0.70 27.04 -79.46
N TYR H 475 -0.69 25.77 -79.88
CA TYR H 475 0.54 25.15 -80.36
C TYR H 475 1.20 26.04 -81.41
N PHE H 476 0.43 26.43 -82.43
CA PHE H 476 0.96 27.31 -83.47
C PHE H 476 1.62 28.52 -82.85
N VAL H 477 0.91 29.22 -81.96
CA VAL H 477 1.46 30.39 -81.29
C VAL H 477 2.80 30.05 -80.67
N ALA H 478 2.83 28.96 -79.89
CA ALA H 478 4.06 28.54 -79.24
C ALA H 478 5.21 28.45 -80.23
N THR H 479 4.97 27.78 -81.36
CA THR H 479 6.03 27.61 -82.36
C THR H 479 6.59 28.97 -82.77
N LYS H 480 5.71 29.93 -83.06
CA LYS H 480 6.17 31.26 -83.45
C LYS H 480 7.12 31.81 -82.39
N LEU H 481 6.71 31.75 -81.12
CA LEU H 481 7.56 32.16 -80.02
C LEU H 481 8.97 31.59 -80.19
N SER H 482 9.06 30.27 -80.31
CA SER H 482 10.35 29.61 -80.44
C SER H 482 11.18 30.26 -81.54
N GLN H 483 10.60 30.40 -82.73
CA GLN H 483 11.31 31.04 -83.84
C GLN H 483 11.86 32.38 -83.40
N ALA H 484 10.98 33.25 -82.90
CA ALA H 484 11.41 34.56 -82.42
C ALA H 484 12.58 34.41 -81.46
N GLN H 485 12.41 33.54 -80.45
CA GLN H 485 13.46 33.32 -79.47
C GLN H 485 14.81 33.13 -80.14
N ARG H 486 14.88 32.18 -81.09
CA ARG H 486 16.12 31.91 -81.78
C ARG H 486 16.76 33.20 -82.27
N SER H 487 16.02 33.95 -83.10
CA SER H 487 16.55 35.18 -83.66
C SER H 487 17.11 36.07 -82.55
N THR H 488 16.28 36.32 -81.53
CA THR H 488 16.71 37.21 -80.44
C THR H 488 18.02 36.73 -79.85
N LEU H 489 18.10 35.43 -79.54
CA LEU H 489 19.30 34.89 -78.91
C LEU H 489 20.53 35.29 -79.71
N GLU H 490 20.47 35.11 -81.03
CA GLU H 490 21.59 35.47 -81.89
C GLU H 490 22.09 36.87 -81.56
N HIS H 491 21.20 37.86 -81.71
CA HIS H 491 21.59 39.24 -81.45
C HIS H 491 22.22 39.36 -80.07
N SER H 492 21.56 38.79 -79.05
CA SER H 492 22.06 38.89 -77.68
C SER H 492 23.51 38.45 -77.61
N ASN H 493 23.82 37.29 -78.20
CA ASN H 493 25.17 36.77 -78.13
C ASN H 493 26.16 37.81 -78.66
N GLU H 494 25.87 38.37 -79.83
CA GLU H 494 26.78 39.35 -80.42
C GLU H 494 27.01 40.50 -79.47
N ARG H 495 25.94 41.00 -78.84
CA ARG H 495 26.09 42.11 -77.90
C ARG H 495 27.13 41.77 -76.83
N LEU H 496 27.02 40.57 -76.26
CA LEU H 496 27.95 40.17 -75.21
C LEU H 496 29.39 40.29 -75.68
N LYS H 497 29.66 39.87 -76.93
CA LYS H 497 31.01 40.00 -77.46
C LYS H 497 31.47 41.45 -77.41
N GLN H 498 30.65 42.35 -77.96
CA GLN H 498 31.01 43.77 -77.99
C GLN H 498 31.12 44.37 -76.61
N THR H 499 30.69 43.65 -75.57
CA THR H 499 30.90 44.11 -74.20
C THR H 499 32.20 43.58 -73.62
N ASN H 500 32.55 42.32 -73.92
CA ASN H 500 33.69 41.69 -73.30
C ASN H 500 34.98 42.45 -73.56
N GLU H 501 35.06 43.14 -74.70
CA GLU H 501 36.22 43.97 -74.99
C GLU H 501 36.27 45.17 -74.05
N MET H 502 35.16 45.90 -73.95
CA MET H 502 35.17 47.15 -73.18
C MET H 502 35.50 46.90 -71.71
N LEU H 503 34.98 45.82 -71.14
CA LEU H 503 35.24 45.49 -69.75
C LEU H 503 36.59 44.79 -69.55
N ARG H 504 37.45 44.79 -70.56
CA ARG H 504 38.82 44.30 -70.39
C ARG H 504 39.86 45.37 -70.70
N GLY H 505 39.67 46.14 -71.77
CA GLY H 505 40.56 47.24 -72.06
C GLY H 505 40.15 48.49 -71.32
N MET H 506 39.80 48.32 -70.04
CA MET H 506 39.25 49.42 -69.25
C MET H 506 40.22 50.60 -69.17
N LYS H 507 41.44 50.36 -68.70
CA LYS H 507 42.41 51.44 -68.61
C LYS H 507 42.75 51.98 -70.00
N LEU H 508 42.95 51.08 -70.96
CA LEU H 508 43.17 51.52 -72.34
C LEU H 508 42.01 52.39 -72.82
N LEU H 509 40.78 51.94 -72.57
CA LEU H 509 39.60 52.67 -73.04
C LEU H 509 39.55 54.07 -72.45
N LYS H 510 39.67 54.17 -71.13
CA LYS H 510 39.54 55.46 -70.46
C LYS H 510 40.78 56.33 -70.55
N LEU H 511 41.90 55.78 -71.03
CA LEU H 511 43.11 56.58 -71.13
C LEU H 511 43.03 57.65 -72.20
N TYR H 512 42.13 57.49 -73.18
CA TYR H 512 41.91 58.50 -74.20
C TYR H 512 40.43 58.82 -74.39
N ALA H 513 39.56 58.27 -73.55
CA ALA H 513 38.13 58.56 -73.55
C ALA H 513 37.48 58.28 -74.90
N TRP H 514 37.84 57.14 -75.50
CA TRP H 514 37.11 56.62 -76.65
C TRP H 514 35.91 55.80 -76.22
N GLU H 515 35.52 55.88 -74.94
CA GLU H 515 34.49 54.99 -74.41
C GLU H 515 33.12 55.30 -74.99
N SER H 516 32.77 56.58 -75.12
CA SER H 516 31.48 56.94 -75.71
C SER H 516 31.36 56.45 -77.14
N ILE H 517 32.48 56.40 -77.87
CA ILE H 517 32.46 55.94 -79.24
C ILE H 517 32.05 54.47 -79.31
N PHE H 518 32.53 53.66 -78.36
CA PHE H 518 32.12 52.25 -78.31
C PHE H 518 30.73 52.09 -77.72
N CYS H 519 30.33 52.96 -76.80
CA CYS H 519 28.98 52.89 -76.24
C CYS H 519 27.93 53.16 -77.31
N SER H 520 28.24 54.02 -78.27
CA SER H 520 27.33 54.24 -79.39
C SER H 520 27.09 52.94 -80.15
N ARG H 521 28.16 52.19 -80.43
CA ARG H 521 28.04 50.90 -81.11
C ARG H 521 27.24 49.91 -80.27
N VAL H 522 27.50 49.88 -78.96
CA VAL H 522 26.77 48.97 -78.07
C VAL H 522 25.28 49.29 -78.10
N GLU H 523 24.93 50.58 -78.10
CA GLU H 523 23.52 50.96 -78.18
C GLU H 523 22.93 50.62 -79.55
N VAL H 524 23.72 50.75 -80.61
CA VAL H 524 23.26 50.30 -81.94
C VAL H 524 22.86 48.83 -81.88
N THR H 525 23.62 47.96 -81.22
CA THR H 525 23.18 46.55 -81.16
C THR H 525 21.86 46.35 -80.39
N ARG H 526 21.75 47.13 -79.32
CA ARG H 526 20.62 47.05 -78.42
C ARG H 526 19.30 47.33 -79.11
N ARG H 527 19.27 48.28 -80.03
CA ARG H 527 18.03 48.60 -80.74
C ARG H 527 17.53 47.40 -81.56
N LYS H 528 18.45 46.67 -82.20
CA LYS H 528 18.09 45.48 -82.97
C LYS H 528 17.50 44.42 -82.02
N GLU H 529 18.16 44.30 -80.86
CA GLU H 529 17.66 43.35 -79.87
C GLU H 529 16.24 43.73 -79.43
N MET H 530 15.99 45.03 -79.22
CA MET H 530 14.69 45.53 -78.82
C MET H 530 13.65 45.24 -79.89
N THR H 531 14.04 45.39 -81.14
CA THR H 531 13.14 45.15 -82.26
C THR H 531 12.68 43.70 -82.26
N SER H 532 13.56 42.75 -81.97
CA SER H 532 13.09 41.35 -81.97
C SER H 532 12.00 41.03 -80.91
N LEU H 533 12.22 41.60 -79.74
CA LEU H 533 11.48 41.50 -78.48
C LEU H 533 10.05 41.99 -78.64
N ARG H 534 9.83 42.97 -79.53
CA ARG H 534 8.47 43.43 -79.79
C ARG H 534 7.59 42.32 -80.32
N ALA H 535 8.06 41.60 -81.35
CA ALA H 535 7.27 40.50 -81.90
C ALA H 535 7.09 39.38 -80.89
N PHE H 536 8.15 39.06 -80.14
CA PHE H 536 8.04 38.02 -79.11
C PHE H 536 6.97 38.38 -78.09
N ALA H 537 6.98 39.61 -77.61
CA ALA H 537 5.98 40.02 -76.62
C ALA H 537 4.60 40.15 -77.23
N VAL H 538 4.50 40.44 -78.53
CA VAL H 538 3.21 40.42 -79.19
C VAL H 538 2.63 39.01 -79.18
N TYR H 539 3.47 38.00 -79.44
CA TYR H 539 2.98 36.62 -79.38
C TYR H 539 2.61 36.23 -77.96
N THR H 540 3.40 36.66 -76.97
CA THR H 540 3.05 36.42 -75.57
C THR H 540 1.71 37.04 -75.23
N SER H 541 1.47 38.26 -75.73
CA SER H 541 0.20 38.94 -75.50
C SER H 541 -0.95 38.18 -76.14
N ILE H 542 -0.75 37.67 -77.35
CA ILE H 542 -1.79 36.89 -78.01
C ILE H 542 -2.12 35.64 -77.21
N SER H 543 -1.08 34.99 -76.67
CA SER H 543 -1.31 33.80 -75.84
C SER H 543 -2.12 34.13 -74.60
N ILE H 544 -1.69 35.14 -73.84
CA ILE H 544 -2.41 35.52 -72.63
C ILE H 544 -3.84 35.95 -72.97
N PHE H 545 -4.02 36.60 -74.12
CA PHE H 545 -5.34 37.06 -74.53
C PHE H 545 -6.27 35.89 -74.82
N MET H 546 -5.82 34.93 -75.62
CA MET H 546 -6.64 33.76 -75.90
C MET H 546 -6.96 33.00 -74.62
N ASN H 547 -6.01 32.95 -73.68
CA ASN H 547 -6.17 32.20 -72.44
C ASN H 547 -7.49 32.52 -71.74
N THR H 548 -7.80 33.82 -71.60
CA THR H 548 -9.04 34.23 -70.95
C THR H 548 -10.12 34.64 -71.93
N ALA H 549 -9.83 34.69 -73.23
CA ALA H 549 -10.85 35.02 -74.21
C ALA H 549 -11.70 33.81 -74.56
N ILE H 550 -11.07 32.63 -74.70
CA ILE H 550 -11.84 31.43 -75.06
C ILE H 550 -12.84 31.04 -73.99
N PRO H 551 -12.53 31.13 -72.68
CA PRO H 551 -13.59 30.89 -71.68
C PRO H 551 -14.80 31.81 -71.85
N ILE H 552 -14.58 33.08 -72.15
CA ILE H 552 -15.71 33.99 -72.35
C ILE H 552 -16.45 33.65 -73.63
N ALA H 553 -15.71 33.39 -74.71
CA ALA H 553 -16.33 33.13 -76.01
C ALA H 553 -17.15 31.85 -76.00
N ALA H 554 -16.68 30.82 -75.29
CA ALA H 554 -17.45 29.59 -75.18
C ALA H 554 -18.84 29.85 -74.60
N VAL H 555 -18.90 30.52 -73.45
CA VAL H 555 -20.18 30.79 -72.82
C VAL H 555 -21.03 31.71 -73.68
N LEU H 556 -20.40 32.71 -74.30
CA LEU H 556 -21.14 33.63 -75.17
C LEU H 556 -21.84 32.86 -76.29
N ILE H 557 -21.06 32.25 -77.20
CA ILE H 557 -21.61 31.57 -78.36
C ILE H 557 -22.37 30.30 -78.00
N THR H 558 -22.28 29.83 -76.76
CA THR H 558 -23.07 28.68 -76.36
C THR H 558 -24.44 29.08 -75.80
N PHE H 559 -24.46 29.99 -74.82
CA PHE H 559 -25.73 30.39 -74.23
C PHE H 559 -26.56 31.20 -75.20
N VAL H 560 -25.94 32.12 -75.95
CA VAL H 560 -26.71 32.85 -76.94
C VAL H 560 -27.20 31.91 -78.03
N GLY H 561 -26.38 30.93 -78.40
CA GLY H 561 -26.74 29.94 -79.41
C GLY H 561 -27.59 28.78 -78.92
N HIS H 562 -27.92 28.73 -77.63
CA HIS H 562 -28.75 27.66 -77.10
C HIS H 562 -30.20 28.09 -76.93
N VAL H 563 -30.43 29.16 -76.16
CA VAL H 563 -31.79 29.58 -75.84
C VAL H 563 -32.39 30.37 -77.00
N SER H 564 -31.76 31.49 -77.36
CA SER H 564 -32.30 32.38 -78.37
C SER H 564 -32.05 31.91 -79.80
N PHE H 565 -31.51 30.70 -79.98
CA PHE H 565 -31.27 30.18 -81.32
C PHE H 565 -32.04 28.90 -81.62
N PHE H 566 -31.93 27.87 -80.78
CA PHE H 566 -32.28 26.52 -81.20
C PHE H 566 -33.67 26.09 -80.75
N LYS H 567 -33.93 26.07 -79.43
CA LYS H 567 -35.15 25.45 -78.95
C LYS H 567 -35.85 26.22 -77.85
N GLU H 568 -35.37 27.40 -77.47
CA GLU H 568 -36.01 28.24 -76.45
C GLU H 568 -36.19 27.50 -75.13
N SER H 569 -35.37 26.49 -74.89
CA SER H 569 -35.50 25.69 -73.68
C SER H 569 -35.16 26.50 -72.44
N ASP H 570 -35.99 26.37 -71.41
CA ASP H 570 -35.76 27.08 -70.16
C ASP H 570 -34.48 26.59 -69.52
N LEU H 571 -33.51 27.49 -69.38
CA LEU H 571 -32.18 27.15 -68.90
C LEU H 571 -32.14 27.35 -67.39
N SER H 572 -32.34 26.28 -66.65
CA SER H 572 -32.26 26.35 -65.19
C SER H 572 -30.87 26.78 -64.77
N PRO H 573 -30.73 27.43 -63.61
CA PRO H 573 -29.39 27.85 -63.15
C PRO H 573 -28.39 26.71 -63.10
N SER H 574 -28.86 25.50 -62.80
CA SER H 574 -27.97 24.34 -62.72
C SER H 574 -27.25 24.10 -64.03
N VAL H 575 -27.98 24.14 -65.14
CA VAL H 575 -27.38 23.87 -66.45
C VAL H 575 -26.26 24.87 -66.74
N ALA H 576 -26.56 26.16 -66.61
CA ALA H 576 -25.58 27.19 -66.93
C ALA H 576 -24.35 27.11 -66.03
N PHE H 577 -24.57 26.92 -64.73
CA PHE H 577 -23.43 26.91 -63.82
C PHE H 577 -22.60 25.64 -63.95
N ALA H 578 -23.24 24.50 -64.22
CA ALA H 578 -22.48 23.29 -64.50
C ALA H 578 -21.66 23.45 -65.77
N SER H 579 -22.22 24.09 -66.80
CA SER H 579 -21.46 24.36 -68.01
C SER H 579 -20.26 25.26 -67.72
N LEU H 580 -20.46 26.27 -66.86
CA LEU H 580 -19.35 27.14 -66.47
C LEU H 580 -18.24 26.36 -65.80
N SER H 581 -18.59 25.55 -64.79
CA SER H 581 -17.61 24.73 -64.10
C SER H 581 -16.86 23.83 -65.07
N LEU H 582 -17.60 23.12 -65.94
CA LEU H 582 -16.95 22.24 -66.89
C LEU H 582 -16.06 23.00 -67.86
N PHE H 583 -16.45 24.23 -68.23
CA PHE H 583 -15.61 25.05 -69.10
C PHE H 583 -14.27 25.32 -68.45
N HIS H 584 -14.26 25.66 -67.16
CA HIS H 584 -12.97 25.90 -66.52
C HIS H 584 -12.18 24.61 -66.36
N ILE H 585 -12.86 23.54 -65.95
CA ILE H 585 -12.20 22.25 -65.72
C ILE H 585 -11.66 21.67 -67.02
N LEU H 586 -12.15 22.13 -68.17
CA LEU H 586 -11.62 21.72 -69.46
C LEU H 586 -10.59 22.71 -70.03
N VAL H 587 -10.68 23.98 -69.67
CA VAL H 587 -9.69 24.95 -70.10
C VAL H 587 -8.35 24.67 -69.45
N THR H 588 -8.36 24.28 -68.17
CA THR H 588 -7.09 24.01 -67.49
C THR H 588 -6.25 22.94 -68.19
N PRO H 589 -6.79 21.78 -68.57
CA PRO H 589 -5.92 20.78 -69.22
C PRO H 589 -5.54 21.14 -70.64
N LEU H 590 -6.35 21.94 -71.35
CA LEU H 590 -6.13 22.16 -72.78
C LEU H 590 -4.76 22.76 -73.07
N PHE H 591 -4.34 23.75 -72.28
CA PHE H 591 -3.04 24.38 -72.49
C PHE H 591 -1.91 23.37 -72.42
N LEU H 592 -2.03 22.36 -71.56
CA LEU H 592 -0.93 21.45 -71.32
C LEU H 592 -0.67 20.51 -72.50
N LEU H 593 -1.69 20.26 -73.33
CA LEU H 593 -1.50 19.34 -74.46
C LEU H 593 -0.49 19.90 -75.46
N SER H 594 -0.50 21.21 -75.68
CA SER H 594 0.45 21.82 -76.63
C SER H 594 1.88 21.62 -76.17
N SER H 595 2.17 22.03 -74.93
CA SER H 595 3.49 21.83 -74.35
C SER H 595 3.86 20.36 -74.32
N VAL H 596 2.88 19.46 -74.09
CA VAL H 596 3.15 18.04 -74.08
C VAL H 596 3.60 17.56 -75.46
N VAL H 597 2.93 18.02 -76.51
CA VAL H 597 3.31 17.62 -77.87
C VAL H 597 4.71 18.13 -78.20
N ARG H 598 4.98 19.39 -77.87
CA ARG H 598 6.31 19.93 -78.13
C ARG H 598 7.37 19.13 -77.37
N SER H 599 7.12 18.88 -76.08
CA SER H 599 8.07 18.14 -75.26
C SER H 599 8.29 16.74 -75.80
N THR H 600 7.24 16.10 -76.30
CA THR H 600 7.36 14.73 -76.78
C THR H 600 8.20 14.66 -78.05
N VAL H 601 7.95 15.56 -79.01
CA VAL H 601 8.75 15.51 -80.23
C VAL H 601 10.20 15.88 -79.94
N LYS H 602 10.42 16.85 -79.05
CA LYS H 602 11.78 17.21 -78.70
C LYS H 602 12.50 16.06 -77.99
N ALA H 603 11.78 15.33 -77.15
CA ALA H 603 12.37 14.20 -76.45
C ALA H 603 12.69 13.06 -77.42
N LEU H 604 11.82 12.84 -78.41
CA LEU H 604 12.11 11.84 -79.43
C LEU H 604 13.40 12.18 -80.16
N VAL H 605 13.56 13.44 -80.55
CA VAL H 605 14.79 13.86 -81.23
C VAL H 605 16.00 13.69 -80.31
N SER H 606 15.85 14.04 -79.04
CA SER H 606 16.97 13.94 -78.11
C SER H 606 17.37 12.50 -77.84
N VAL H 607 16.40 11.57 -77.83
CA VAL H 607 16.76 10.18 -77.63
C VAL H 607 17.38 9.59 -78.89
N GLN H 608 16.95 10.03 -80.08
CA GLN H 608 17.68 9.65 -81.29
C GLN H 608 19.13 10.12 -81.20
N LYS H 609 19.35 11.34 -80.73
CA LYS H 609 20.70 11.86 -80.56
C LYS H 609 21.49 11.04 -79.55
N LEU H 610 20.87 10.73 -78.41
CA LEU H 610 21.54 9.92 -77.39
C LEU H 610 21.92 8.55 -77.91
N SER H 611 21.06 7.96 -78.74
CA SER H 611 21.37 6.66 -79.32
C SER H 611 22.52 6.75 -80.31
N GLU H 612 22.50 7.80 -81.14
CA GLU H 612 23.61 7.99 -82.08
C GLU H 612 24.93 8.16 -81.35
N PHE H 613 24.91 8.88 -80.22
CA PHE H 613 26.15 9.06 -79.47
C PHE H 613 26.55 7.78 -78.74
N LEU H 614 25.67 7.26 -77.90
CA LEU H 614 25.96 6.10 -77.05
C LEU H 614 26.42 4.89 -77.85
N SER H 615 26.22 4.88 -79.17
CA SER H 615 26.55 3.71 -79.98
C SER H 615 27.57 4.06 -81.06
N SER H 616 28.63 4.77 -80.69
CA SER H 616 29.69 5.10 -81.64
C SER H 616 30.96 4.31 -81.36
N ILE H 996 12.55 39.89 -50.29
CA ILE H 996 12.88 41.08 -51.06
C ILE H 996 11.84 42.15 -50.76
N PRO H 997 12.30 43.36 -50.45
CA PRO H 997 11.38 44.43 -50.05
C PRO H 997 10.59 44.98 -51.23
N TRP H 998 9.65 45.87 -50.93
CA TRP H 998 8.90 46.56 -51.96
C TRP H 998 9.71 47.62 -52.68
N ARG H 999 10.96 47.87 -52.27
CA ARG H 999 11.73 48.94 -52.88
C ARG H 999 12.24 48.55 -54.26
N ALA H 1000 12.66 47.30 -54.43
CA ALA H 1000 13.12 46.86 -55.75
C ALA H 1000 12.00 46.94 -56.78
N CYS H 1001 10.81 46.42 -56.44
CA CYS H 1001 9.66 46.53 -57.32
C CYS H 1001 9.23 47.98 -57.51
N THR H 1002 9.34 48.80 -56.46
CA THR H 1002 8.99 50.21 -56.57
C THR H 1002 9.87 50.90 -57.61
N LYS H 1003 11.17 50.67 -57.54
CA LYS H 1003 12.07 51.25 -58.53
C LYS H 1003 11.81 50.68 -59.91
N TYR H 1004 11.53 49.38 -59.99
CA TYR H 1004 11.25 48.76 -61.28
C TYR H 1004 10.04 49.39 -61.95
N LEU H 1005 8.97 49.64 -61.19
CA LEU H 1005 7.76 50.20 -61.77
C LEU H 1005 7.84 51.70 -61.94
N SER H 1006 8.67 52.39 -61.13
CA SER H 1006 8.86 53.82 -61.31
C SER H 1006 9.77 54.13 -62.49
N SER H 1007 10.59 53.17 -62.91
CA SER H 1007 11.31 53.33 -64.18
C SER H 1007 10.34 53.37 -65.35
N ALA H 1008 9.17 52.73 -65.20
CA ALA H 1008 8.14 52.81 -66.25
C ALA H 1008 7.50 54.18 -66.28
N GLY H 1009 7.27 54.77 -65.11
CA GLY H 1009 6.66 56.08 -65.01
C GLY H 1009 5.20 56.01 -64.58
N ILE H 1010 4.66 57.17 -64.23
CA ILE H 1010 3.27 57.27 -63.84
C ILE H 1010 2.34 57.07 -65.02
N LEU H 1011 2.86 57.14 -66.26
CA LEU H 1011 2.00 57.08 -67.44
C LEU H 1011 1.36 55.70 -67.58
N LEU H 1012 2.11 54.63 -67.32
CA LEU H 1012 1.63 53.29 -67.59
C LEU H 1012 1.27 52.51 -66.34
N LEU H 1013 1.71 52.95 -65.16
CA LEU H 1013 1.40 52.24 -63.92
C LEU H 1013 -0.11 52.15 -63.71
N SER H 1014 -0.78 53.30 -63.67
CA SER H 1014 -2.23 53.31 -63.48
C SER H 1014 -2.95 52.69 -64.67
N LEU H 1015 -2.46 52.95 -65.89
CA LEU H 1015 -3.05 52.35 -67.08
C LEU H 1015 -3.06 50.84 -67.00
N LEU H 1016 -2.07 50.25 -66.32
CA LEU H 1016 -2.07 48.80 -66.10
C LEU H 1016 -3.00 48.41 -64.96
N VAL H 1017 -2.85 49.07 -63.81
CA VAL H 1017 -3.53 48.60 -62.60
C VAL H 1017 -5.05 48.74 -62.72
N PHE H 1018 -5.51 49.92 -63.15
CA PHE H 1018 -6.95 50.12 -63.26
C PHE H 1018 -7.56 49.26 -64.35
N SER H 1019 -6.82 49.04 -65.44
CA SER H 1019 -7.32 48.16 -66.49
C SER H 1019 -7.46 46.72 -65.99
N GLN H 1020 -6.52 46.25 -65.18
CA GLN H 1020 -6.64 44.92 -64.59
C GLN H 1020 -7.84 44.84 -63.67
N LEU H 1021 -7.99 45.83 -62.79
CA LEU H 1021 -9.14 45.86 -61.89
C LEU H 1021 -10.45 45.83 -62.67
N LEU H 1022 -10.53 46.59 -63.77
CA LEU H 1022 -11.76 46.66 -64.53
C LEU H 1022 -12.02 45.35 -65.28
N LYS H 1023 -10.96 44.70 -65.78
CA LYS H 1023 -11.15 43.40 -66.43
C LYS H 1023 -11.69 42.37 -65.47
N HIS H 1024 -11.15 42.33 -64.25
CA HIS H 1024 -11.66 41.37 -63.28
C HIS H 1024 -13.08 41.71 -62.84
N MET H 1025 -13.38 43.01 -62.72
CA MET H 1025 -14.74 43.41 -62.38
C MET H 1025 -15.73 42.99 -63.46
N VAL H 1026 -15.33 43.10 -64.73
CA VAL H 1026 -16.20 42.63 -65.82
C VAL H 1026 -16.35 41.11 -65.77
N LEU H 1027 -15.26 40.40 -65.49
CA LEU H 1027 -15.30 38.94 -65.45
C LEU H 1027 -16.19 38.43 -64.33
N VAL H 1028 -16.31 39.18 -63.24
CA VAL H 1028 -17.26 38.76 -62.20
C VAL H 1028 -18.68 39.23 -62.53
N ALA H 1029 -18.81 40.45 -63.08
CA ALA H 1029 -20.13 41.00 -63.33
C ALA H 1029 -20.89 40.23 -64.39
N ILE H 1030 -20.18 39.64 -65.36
CA ILE H 1030 -20.87 38.84 -66.37
C ILE H 1030 -21.60 37.66 -65.72
N ASP H 1031 -20.93 36.98 -64.78
CA ASP H 1031 -21.58 35.87 -64.08
C ASP H 1031 -22.64 36.38 -63.11
N TYR H 1032 -22.41 37.54 -62.49
CA TYR H 1032 -23.43 38.11 -61.61
C TYR H 1032 -24.72 38.38 -62.37
N TRP H 1033 -24.61 38.90 -63.60
CA TRP H 1033 -25.80 39.13 -64.41
C TRP H 1033 -26.38 37.82 -64.93
N LEU H 1034 -25.53 36.83 -65.23
CA LEU H 1034 -26.03 35.52 -65.63
C LEU H 1034 -26.88 34.90 -64.52
N ALA H 1035 -26.50 35.14 -63.26
CA ALA H 1035 -27.29 34.64 -62.13
C ALA H 1035 -28.74 35.12 -62.21
N LYS H 1036 -28.95 36.40 -62.51
CA LYS H 1036 -30.31 36.90 -62.69
C LYS H 1036 -30.91 36.44 -64.01
N TRP H 1037 -30.06 36.20 -65.02
CA TRP H 1037 -30.53 35.66 -66.28
C TRP H 1037 -31.25 34.33 -66.07
N THR H 1038 -30.72 33.49 -65.16
CA THR H 1038 -31.18 32.12 -65.06
C THR H 1038 -32.67 32.03 -64.82
N ASP H 1039 -33.14 32.53 -63.67
CA ASP H 1039 -34.52 32.34 -63.28
C ASP H 1039 -35.48 33.04 -64.23
N SER H 1040 -36.51 32.33 -64.67
CA SER H 1040 -37.49 32.88 -65.59
C SER H 1040 -38.81 32.12 -65.53
N ASP H 1060 -38.32 38.56 -70.01
CA ASP H 1060 -37.43 39.34 -70.86
C ASP H 1060 -36.13 38.59 -71.11
N GLN H 1061 -36.25 37.39 -71.67
CA GLN H 1061 -35.07 36.56 -71.91
C GLN H 1061 -34.17 37.14 -73.00
N SER H 1062 -34.77 37.77 -74.01
CA SER H 1062 -33.99 38.31 -75.12
C SER H 1062 -33.11 39.47 -74.67
N VAL H 1063 -33.68 40.41 -73.91
CA VAL H 1063 -32.91 41.52 -73.36
C VAL H 1063 -31.79 40.99 -72.46
N TYR H 1064 -32.10 39.97 -71.67
CA TYR H 1064 -31.09 39.33 -70.82
C TYR H 1064 -29.92 38.82 -71.66
N ALA H 1065 -30.20 38.09 -72.73
CA ALA H 1065 -29.14 37.55 -73.56
C ALA H 1065 -28.34 38.66 -74.24
N MET H 1066 -29.01 39.75 -74.63
CA MET H 1066 -28.29 40.86 -75.24
C MET H 1066 -27.34 41.51 -74.25
N VAL H 1067 -27.77 41.68 -72.99
CA VAL H 1067 -26.87 42.22 -71.97
C VAL H 1067 -25.69 41.29 -71.76
N PHE H 1068 -25.95 39.98 -71.77
CA PHE H 1068 -24.88 39.00 -71.65
C PHE H 1068 -23.85 39.18 -72.78
N THR H 1069 -24.34 39.40 -74.01
CA THR H 1069 -23.44 39.61 -75.14
C THR H 1069 -22.59 40.87 -74.96
N LEU H 1070 -23.21 41.95 -74.49
CA LEU H 1070 -22.47 43.18 -74.24
C LEU H 1070 -21.34 42.95 -73.24
N LEU H 1071 -21.65 42.27 -72.14
CA LEU H 1071 -20.60 41.99 -71.15
C LEU H 1071 -19.48 41.15 -71.75
N CYS H 1072 -19.85 40.12 -72.54
CA CYS H 1072 -18.85 39.26 -73.16
C CYS H 1072 -17.92 40.05 -74.08
N SER H 1073 -18.45 41.03 -74.80
CA SER H 1073 -17.58 41.85 -75.67
C SER H 1073 -16.66 42.75 -74.84
N LEU H 1074 -17.20 43.39 -73.81
CA LEU H 1074 -16.38 44.24 -72.95
C LEU H 1074 -15.20 43.46 -72.38
N GLY H 1075 -15.44 42.21 -71.97
CA GLY H 1075 -14.38 41.42 -71.36
C GLY H 1075 -13.19 41.24 -72.28
N ILE H 1076 -13.45 40.82 -73.52
CA ILE H 1076 -12.35 40.52 -74.43
C ILE H 1076 -11.61 41.78 -74.85
N VAL H 1077 -12.34 42.88 -75.07
CA VAL H 1077 -11.67 44.13 -75.44
C VAL H 1077 -10.72 44.56 -74.32
N LEU H 1078 -11.21 44.52 -73.08
CA LEU H 1078 -10.39 44.94 -71.95
C LEU H 1078 -9.18 44.03 -71.76
N CYS H 1079 -9.35 42.73 -72.00
CA CYS H 1079 -8.24 41.80 -71.86
C CYS H 1079 -7.12 42.12 -72.86
N LEU H 1080 -7.50 42.36 -74.13
CA LEU H 1080 -6.50 42.74 -75.12
C LEU H 1080 -5.78 44.02 -74.71
N VAL H 1081 -6.52 45.02 -74.21
CA VAL H 1081 -5.89 46.27 -73.79
C VAL H 1081 -4.86 46.00 -72.69
N THR H 1082 -5.24 45.21 -71.68
CA THR H 1082 -4.33 44.94 -70.57
C THR H 1082 -3.06 44.24 -71.04
N SER H 1083 -3.21 43.26 -71.93
CA SER H 1083 -2.05 42.52 -72.41
C SER H 1083 -1.08 43.44 -73.15
N VAL H 1084 -1.61 44.27 -74.05
CA VAL H 1084 -0.75 45.20 -74.78
C VAL H 1084 -0.05 46.16 -73.82
N THR H 1085 -0.76 46.59 -72.77
CA THR H 1085 -0.17 47.48 -71.78
C THR H 1085 1.04 46.82 -71.11
N VAL H 1086 0.86 45.58 -70.64
CA VAL H 1086 1.96 44.88 -69.97
C VAL H 1086 3.16 44.77 -70.91
N GLU H 1087 2.91 44.39 -72.16
CA GLU H 1087 4.00 44.27 -73.13
C GLU H 1087 4.78 45.57 -73.28
N TRP H 1088 4.07 46.65 -73.62
CA TRP H 1088 4.72 47.93 -73.88
C TRP H 1088 5.51 48.39 -72.66
N THR H 1089 4.92 48.26 -71.47
CA THR H 1089 5.57 48.72 -70.25
C THR H 1089 6.85 47.92 -69.99
N GLY H 1090 6.77 46.59 -70.11
CA GLY H 1090 7.96 45.77 -69.88
C GLY H 1090 9.09 46.14 -70.81
N LEU H 1091 8.78 46.34 -72.10
CA LEU H 1091 9.83 46.68 -73.06
C LEU H 1091 10.47 48.03 -72.74
N LYS H 1092 9.65 49.04 -72.42
CA LYS H 1092 10.20 50.34 -72.07
C LYS H 1092 11.09 50.26 -70.83
N VAL H 1093 10.66 49.48 -69.83
CA VAL H 1093 11.45 49.37 -68.61
C VAL H 1093 12.79 48.71 -68.89
N ALA H 1094 12.78 47.64 -69.69
CA ALA H 1094 14.04 46.99 -70.05
C ALA H 1094 14.98 47.96 -70.74
N LYS H 1095 14.46 48.71 -71.72
CA LYS H 1095 15.27 49.72 -72.41
C LYS H 1095 15.94 50.67 -71.44
N ARG H 1096 15.12 51.34 -70.62
CA ARG H 1096 15.65 52.38 -69.74
C ARG H 1096 16.63 51.80 -68.74
N LEU H 1097 16.34 50.60 -68.20
CA LEU H 1097 17.23 50.00 -67.22
C LEU H 1097 18.59 49.67 -67.84
N HIS H 1098 18.59 49.11 -69.05
CA HIS H 1098 19.86 48.79 -69.69
C HIS H 1098 20.66 50.06 -69.97
N ARG H 1099 20.01 51.09 -70.49
CA ARG H 1099 20.74 52.32 -70.80
C ARG H 1099 21.32 52.95 -69.55
N SER H 1100 20.54 52.99 -68.46
CA SER H 1100 21.04 53.57 -67.22
C SER H 1100 22.19 52.76 -66.64
N LEU H 1101 22.10 51.43 -66.72
CA LEU H 1101 23.19 50.59 -66.23
C LEU H 1101 24.47 50.85 -67.01
N LEU H 1102 24.37 50.92 -68.34
CA LEU H 1102 25.55 51.20 -69.15
C LEU H 1102 26.16 52.55 -68.79
N ASN H 1103 25.32 53.59 -68.71
CA ASN H 1103 25.82 54.93 -68.41
C ASN H 1103 26.49 54.98 -67.04
N ARG H 1104 25.89 54.33 -66.03
CA ARG H 1104 26.48 54.38 -64.69
C ARG H 1104 27.75 53.56 -64.61
N ILE H 1105 27.88 52.51 -65.42
CA ILE H 1105 29.13 51.75 -65.42
C ILE H 1105 30.22 52.52 -66.15
N ILE H 1106 29.85 53.38 -67.11
CA ILE H 1106 30.87 54.09 -67.87
C ILE H 1106 31.67 55.05 -67.00
N LEU H 1107 30.99 55.77 -66.10
CA LEU H 1107 31.63 56.86 -65.35
C LEU H 1107 32.29 56.39 -64.05
N ALA H 1108 32.72 55.13 -63.97
CA ALA H 1108 33.32 54.64 -62.74
C ALA H 1108 34.83 54.87 -62.73
N PRO H 1109 35.44 55.01 -61.56
CA PRO H 1109 36.89 55.16 -61.49
C PRO H 1109 37.60 53.86 -61.85
N MET H 1110 38.88 54.00 -62.19
CA MET H 1110 39.67 52.86 -62.62
C MET H 1110 39.89 51.86 -61.49
N ARG H 1111 40.16 52.37 -60.28
CA ARG H 1111 40.42 51.47 -59.15
C ARG H 1111 39.19 50.64 -58.82
N PHE H 1112 37.99 51.16 -59.08
CA PHE H 1112 36.79 50.35 -58.92
C PHE H 1112 36.79 49.17 -59.87
N PHE H 1113 37.09 49.42 -61.15
CA PHE H 1113 37.13 48.34 -62.12
C PHE H 1113 38.20 47.31 -61.78
N GLU H 1114 39.35 47.78 -61.26
CA GLU H 1114 40.41 46.85 -60.89
C GLU H 1114 40.05 46.05 -59.64
N THR H 1115 39.26 46.63 -58.73
CA THR H 1115 38.94 45.95 -57.49
C THR H 1115 37.93 44.84 -57.70
N THR H 1116 36.85 45.12 -58.45
CA THR H 1116 35.78 44.16 -58.64
C THR H 1116 36.17 43.12 -59.69
N PRO H 1117 35.98 41.83 -59.42
CA PRO H 1117 36.24 40.82 -60.46
C PRO H 1117 35.39 41.05 -61.70
N LEU H 1118 35.86 40.49 -62.81
CA LEU H 1118 35.15 40.66 -64.08
C LEU H 1118 33.86 39.86 -64.13
N GLY H 1119 33.82 38.72 -63.44
CA GLY H 1119 32.65 37.86 -63.51
C GLY H 1119 31.37 38.54 -63.06
N SER H 1120 31.43 39.27 -61.95
CA SER H 1120 30.23 39.91 -61.43
C SER H 1120 29.77 41.05 -62.32
N ILE H 1121 30.70 41.92 -62.76
CA ILE H 1121 30.34 43.03 -63.62
C ILE H 1121 29.79 42.53 -64.96
N LEU H 1122 30.43 41.55 -65.55
CA LEU H 1122 29.93 41.00 -66.83
C LEU H 1122 28.65 40.19 -66.70
N ASN H 1123 28.57 39.45 -65.60
CA ASN H 1123 27.46 38.56 -65.37
C ASN H 1123 26.13 39.26 -65.27
N ARG H 1124 26.08 40.43 -64.65
CA ARG H 1124 24.78 41.11 -64.54
C ARG H 1124 24.21 41.36 -65.93
N PHE H 1125 25.02 41.95 -66.81
CA PHE H 1125 24.57 42.20 -68.17
C PHE H 1125 24.25 40.94 -68.93
N SER H 1126 25.06 39.91 -68.73
CA SER H 1126 24.84 38.64 -69.41
C SER H 1126 23.54 37.96 -69.05
N SER H 1127 23.17 37.99 -67.77
CA SER H 1127 21.97 37.27 -67.34
C SER H 1127 20.88 38.17 -66.84
N ASP H 1128 21.13 38.86 -65.74
CA ASP H 1128 20.13 39.76 -65.19
C ASP H 1128 19.32 40.43 -66.29
N CYS H 1129 19.99 40.96 -67.31
CA CYS H 1129 19.25 41.65 -68.36
C CYS H 1129 18.40 40.66 -69.15
N ASN H 1130 19.04 39.56 -69.51
CA ASN H 1130 18.39 38.52 -70.28
C ASN H 1130 17.26 37.90 -69.48
N THR H 1131 17.53 37.61 -68.22
CA THR H 1131 16.54 36.97 -67.39
C THR H 1131 15.32 37.86 -67.27
N ILE H 1132 15.55 39.14 -67.01
CA ILE H 1132 14.43 40.04 -66.83
C ILE H 1132 13.62 40.11 -68.10
N ASP H 1133 14.28 40.29 -69.24
CA ASP H 1133 13.53 40.45 -70.47
C ASP H 1133 12.73 39.20 -70.81
N GLN H 1134 13.32 38.04 -70.60
CA GLN H 1134 12.62 36.80 -70.88
C GLN H 1134 11.47 36.46 -69.94
N HIS H 1135 11.65 36.69 -68.64
CA HIS H 1135 10.63 36.23 -67.69
C HIS H 1135 9.88 37.21 -66.80
N ILE H 1136 10.39 38.42 -66.62
CA ILE H 1136 9.67 39.29 -65.69
C ILE H 1136 8.29 39.69 -66.20
N PRO H 1137 8.10 40.08 -67.47
CA PRO H 1137 6.74 40.52 -67.87
C PRO H 1137 5.69 39.43 -67.77
N SER H 1138 5.99 38.22 -68.28
CA SER H 1138 5.02 37.14 -68.25
C SER H 1138 4.67 36.74 -66.82
N THR H 1139 5.69 36.59 -65.98
CA THR H 1139 5.45 36.18 -64.59
C THR H 1139 4.70 37.28 -63.83
N LEU H 1140 5.01 38.55 -64.09
CA LEU H 1140 4.27 39.63 -63.44
C LEU H 1140 2.81 39.62 -63.86
N GLU H 1141 2.55 39.45 -65.15
CA GLU H 1141 1.17 39.35 -65.63
C GLU H 1141 0.43 38.19 -64.97
N CYS H 1142 1.09 37.03 -64.87
CA CYS H 1142 0.44 35.86 -64.28
C CYS H 1142 0.16 36.09 -62.80
N LEU H 1143 1.11 36.67 -62.07
CA LEU H 1143 0.89 36.97 -60.66
C LEU H 1143 -0.28 37.92 -60.46
N SER H 1144 -0.35 38.98 -61.28
CA SER H 1144 -1.44 39.93 -61.14
C SER H 1144 -2.78 39.27 -61.44
N ARG H 1145 -2.86 38.51 -62.54
CA ARG H 1145 -4.11 37.83 -62.86
C ARG H 1145 -4.52 36.88 -61.74
N SER H 1146 -3.56 36.13 -61.20
CA SER H 1146 -3.89 35.16 -60.16
C SER H 1146 -4.41 35.85 -58.91
N THR H 1147 -3.70 36.88 -58.44
CA THR H 1147 -4.11 37.53 -57.19
C THR H 1147 -5.47 38.21 -57.35
N LEU H 1148 -5.72 38.84 -58.51
CA LEU H 1148 -7.00 39.52 -58.69
C LEU H 1148 -8.13 38.50 -58.86
N LEU H 1149 -7.88 37.38 -59.54
CA LEU H 1149 -8.90 36.34 -59.65
C LEU H 1149 -9.24 35.76 -58.28
N CYS H 1150 -8.23 35.58 -57.43
CA CYS H 1150 -8.49 35.04 -56.10
C CYS H 1150 -9.31 36.03 -55.26
N VAL H 1151 -8.93 37.31 -55.29
CA VAL H 1151 -9.70 38.31 -54.53
C VAL H 1151 -11.14 38.38 -55.05
N SER H 1152 -11.30 38.33 -56.38
CA SER H 1152 -12.65 38.37 -56.95
C SER H 1152 -13.46 37.16 -56.52
N ALA H 1153 -12.86 35.97 -56.51
CA ALA H 1153 -13.59 34.78 -56.10
C ALA H 1153 -14.00 34.85 -54.63
N LEU H 1154 -13.10 35.35 -53.77
CA LEU H 1154 -13.46 35.52 -52.36
C LEU H 1154 -14.62 36.50 -52.22
N THR H 1155 -14.58 37.61 -52.94
CA THR H 1155 -15.67 38.58 -52.87
C THR H 1155 -16.98 37.99 -53.38
N VAL H 1156 -16.91 37.15 -54.41
CA VAL H 1156 -18.12 36.51 -54.94
C VAL H 1156 -18.73 35.60 -53.89
N ILE H 1157 -17.94 34.68 -53.33
CA ILE H 1157 -18.48 33.74 -52.35
C ILE H 1157 -18.87 34.45 -51.06
N SER H 1158 -18.38 35.66 -50.84
CA SER H 1158 -18.86 36.45 -49.71
C SER H 1158 -20.21 37.08 -50.00
N TYR H 1159 -20.34 37.72 -51.17
CA TYR H 1159 -21.60 38.38 -51.53
C TYR H 1159 -22.74 37.38 -51.65
N VAL H 1160 -22.44 36.18 -52.14
CA VAL H 1160 -23.47 35.15 -52.25
C VAL H 1160 -24.03 34.81 -50.87
N THR H 1161 -23.16 34.39 -49.96
CA THR H 1161 -23.55 34.06 -48.60
C THR H 1161 -22.81 34.98 -47.63
N PRO H 1162 -23.49 35.92 -46.98
CA PRO H 1162 -22.76 36.83 -46.07
C PRO H 1162 -22.04 36.12 -44.95
N VAL H 1163 -22.73 35.24 -44.21
CA VAL H 1163 -22.12 34.56 -43.07
C VAL H 1163 -20.89 33.77 -43.49
N PHE H 1164 -20.90 33.20 -44.70
CA PHE H 1164 -19.74 32.46 -45.19
C PHE H 1164 -18.48 33.31 -45.16
N LEU H 1165 -18.63 34.60 -45.46
CA LEU H 1165 -17.50 35.53 -45.36
C LEU H 1165 -16.82 35.41 -44.00
N VAL H 1166 -17.60 35.51 -42.92
CA VAL H 1166 -17.01 35.51 -41.58
C VAL H 1166 -16.34 34.18 -41.28
N ALA H 1167 -16.70 33.12 -42.01
CA ALA H 1167 -16.05 31.83 -41.78
C ALA H 1167 -14.76 31.68 -42.57
N LEU H 1168 -14.57 32.46 -43.64
CA LEU H 1168 -13.43 32.29 -44.53
C LEU H 1168 -12.19 33.06 -44.09
N LEU H 1169 -12.34 34.10 -43.27
CA LEU H 1169 -11.21 34.88 -42.82
C LEU H 1169 -10.30 34.09 -41.87
N PRO H 1170 -10.85 33.24 -40.97
CA PRO H 1170 -9.95 32.34 -40.22
C PRO H 1170 -9.04 31.52 -41.11
N LEU H 1171 -9.63 30.73 -42.02
CA LEU H 1171 -8.85 29.84 -42.86
C LEU H 1171 -7.76 30.58 -43.63
N ALA H 1172 -8.12 31.74 -44.21
CA ALA H 1172 -7.13 32.53 -44.95
C ALA H 1172 -5.94 32.90 -44.07
N VAL H 1173 -6.20 33.26 -42.81
CA VAL H 1173 -5.11 33.57 -41.90
C VAL H 1173 -4.20 32.36 -41.73
N VAL H 1174 -4.78 31.16 -41.72
CA VAL H 1174 -4.00 29.94 -41.72
C VAL H 1174 -2.97 29.97 -42.85
N CYS H 1175 -3.43 30.34 -44.06
CA CYS H 1175 -2.53 30.40 -45.21
C CYS H 1175 -1.33 31.29 -44.95
N TYR H 1176 -1.51 32.37 -44.19
CA TYR H 1176 -0.38 33.23 -43.87
C TYR H 1176 0.75 32.42 -43.22
N PHE H 1177 0.41 31.61 -42.21
CA PHE H 1177 1.42 30.78 -41.59
C PHE H 1177 2.01 29.77 -42.57
N ILE H 1178 1.20 29.31 -43.52
CA ILE H 1178 1.72 28.39 -44.53
C ILE H 1178 2.62 29.11 -45.51
N GLN H 1179 2.50 30.44 -45.61
CA GLN H 1179 3.31 31.18 -46.57
C GLN H 1179 4.75 31.28 -46.10
N LYS H 1180 4.97 31.89 -44.94
CA LYS H 1180 6.31 32.12 -44.41
C LYS H 1180 7.15 30.85 -44.47
N TYR H 1181 6.73 29.82 -43.71
CA TYR H 1181 7.49 28.59 -43.61
C TYR H 1181 7.83 28.01 -44.98
N PHE H 1182 7.01 28.30 -45.99
CA PHE H 1182 7.33 27.81 -47.32
C PHE H 1182 8.51 28.57 -47.91
N ARG H 1183 8.37 29.89 -48.03
CA ARG H 1183 9.35 30.67 -48.80
C ARG H 1183 10.75 30.51 -48.24
N VAL H 1184 10.90 30.70 -46.93
CA VAL H 1184 12.20 30.61 -46.27
C VAL H 1184 12.89 29.26 -46.49
N ALA H 1185 12.16 28.26 -46.99
CA ALA H 1185 12.76 27.02 -47.44
C ALA H 1185 12.78 26.88 -48.95
N SER H 1186 11.69 27.29 -49.61
CA SER H 1186 11.59 27.09 -51.06
C SER H 1186 12.68 27.87 -51.79
N ARG H 1187 12.97 29.09 -51.34
CA ARG H 1187 14.13 29.80 -51.85
C ARG H 1187 15.40 28.99 -51.60
N ASP H 1188 15.62 28.57 -50.36
CA ASP H 1188 16.87 27.92 -49.98
C ASP H 1188 17.15 26.72 -50.87
N LEU H 1189 16.29 25.69 -50.79
CA LEU H 1189 16.43 24.52 -51.65
C LEU H 1189 16.73 24.93 -53.08
N GLN H 1190 16.00 25.93 -53.60
CA GLN H 1190 16.19 26.37 -54.97
C GLN H 1190 17.66 26.61 -55.27
N GLN H 1191 18.29 27.51 -54.51
CA GLN H 1191 19.68 27.85 -54.77
C GLN H 1191 20.57 26.60 -54.65
N LEU H 1192 20.29 25.74 -53.66
CA LEU H 1192 21.07 24.52 -53.53
C LEU H 1192 21.07 23.73 -54.83
N ASP H 1193 19.90 23.59 -55.47
CA ASP H 1193 19.81 22.93 -56.76
C ASP H 1193 20.83 23.52 -57.72
N ASP H 1194 20.80 24.85 -57.89
CA ASP H 1194 21.74 25.51 -58.80
C ASP H 1194 23.16 25.07 -58.49
N THR H 1195 23.54 25.07 -57.22
CA THR H 1195 24.92 24.73 -56.89
C THR H 1195 25.23 23.29 -57.29
N THR H 1196 24.32 22.34 -57.03
CA THR H 1196 24.67 20.97 -57.40
C THR H 1196 24.65 20.76 -58.91
N GLN H 1197 24.14 21.72 -59.67
CA GLN H 1197 24.19 21.61 -61.12
C GLN H 1197 25.51 22.13 -61.68
N LEU H 1198 26.23 22.98 -60.93
CA LEU H 1198 27.36 23.66 -61.54
C LEU H 1198 28.62 22.78 -61.59
N PRO H 1199 29.11 22.21 -60.48
CA PRO H 1199 30.30 21.35 -60.59
C PRO H 1199 30.05 20.05 -61.33
N LEU H 1200 28.81 19.58 -61.42
CA LEU H 1200 28.56 18.35 -62.16
C LEU H 1200 28.94 18.51 -63.63
N LEU H 1201 28.25 19.40 -64.34
CA LEU H 1201 28.54 19.63 -65.75
C LEU H 1201 30.01 19.91 -65.98
N SER H 1202 30.58 20.86 -65.22
CA SER H 1202 32.00 21.17 -65.35
C SER H 1202 32.85 19.90 -65.26
N HIS H 1203 32.55 19.04 -64.28
CA HIS H 1203 33.27 17.79 -64.13
C HIS H 1203 33.27 17.01 -65.44
N PHE H 1204 32.09 16.84 -66.04
CA PHE H 1204 31.99 16.17 -67.33
C PHE H 1204 33.03 16.70 -68.30
N ALA H 1205 33.08 18.03 -68.48
CA ALA H 1205 34.01 18.62 -69.44
C ALA H 1205 35.46 18.25 -69.12
N GLU H 1206 35.82 18.28 -67.83
CA GLU H 1206 37.19 17.96 -67.46
C GLU H 1206 37.56 16.54 -67.88
N THR H 1207 36.60 15.62 -67.83
CA THR H 1207 36.89 14.25 -68.25
C THR H 1207 37.11 14.16 -69.75
N VAL H 1208 36.42 14.99 -70.52
CA VAL H 1208 36.46 14.85 -71.97
C VAL H 1208 37.82 15.29 -72.53
N GLU H 1209 38.32 16.44 -72.07
CA GLU H 1209 39.58 16.95 -72.60
C GLU H 1209 40.74 16.07 -72.21
N GLY H 1210 41.00 15.92 -70.91
CA GLY H 1210 42.09 15.10 -70.45
C GLY H 1210 41.75 13.62 -70.41
N LEU H 1211 41.08 13.14 -71.46
CA LEU H 1211 40.61 11.75 -71.47
C LEU H 1211 41.78 10.78 -71.55
N THR H 1212 42.79 11.09 -72.36
CA THR H 1212 43.93 10.19 -72.50
C THR H 1212 44.69 10.06 -71.17
N THR H 1213 44.89 11.17 -70.47
CA THR H 1213 45.59 11.11 -69.19
C THR H 1213 44.82 10.26 -68.19
N ILE H 1214 43.49 10.36 -68.18
CA ILE H 1214 42.70 9.64 -67.20
C ILE H 1214 42.63 8.15 -67.54
N ARG H 1215 42.53 7.81 -68.83
CA ARG H 1215 42.59 6.40 -69.21
C ARG H 1215 43.99 5.83 -69.03
N ALA H 1216 45.02 6.67 -69.04
CA ALA H 1216 46.38 6.21 -68.84
C ALA H 1216 46.65 5.93 -67.37
N PHE H 1217 46.31 6.86 -66.49
CA PHE H 1217 46.51 6.66 -65.06
C PHE H 1217 45.67 5.51 -64.51
N ARG H 1218 44.72 4.99 -65.29
CA ARG H 1218 43.78 3.96 -64.84
C ARG H 1218 42.93 4.46 -63.67
N TYR H 1219 42.72 5.77 -63.59
CA TYR H 1219 41.94 6.40 -62.53
C TYR H 1219 40.44 6.42 -62.81
N GLU H 1220 39.96 5.52 -63.68
CA GLU H 1220 38.56 5.57 -64.09
C GLU H 1220 37.62 5.29 -62.93
N ALA H 1221 38.02 4.38 -62.03
CA ALA H 1221 37.16 3.99 -60.92
C ALA H 1221 36.88 5.16 -59.98
N ARG H 1222 37.93 5.86 -59.56
CA ARG H 1222 37.74 6.97 -58.63
C ARG H 1222 36.90 8.08 -59.26
N PHE H 1223 37.10 8.33 -60.55
CA PHE H 1223 36.31 9.38 -61.20
C PHE H 1223 34.85 8.98 -61.34
N GLN H 1224 34.59 7.71 -61.63
CA GLN H 1224 33.20 7.24 -61.66
C GLN H 1224 32.56 7.35 -60.29
N GLN H 1225 33.34 7.07 -59.24
CA GLN H 1225 32.85 7.28 -57.87
C GLN H 1225 32.49 8.75 -57.64
N LYS H 1226 33.36 9.66 -58.08
CA LYS H 1226 33.09 11.09 -57.94
C LYS H 1226 31.81 11.49 -58.67
N LEU H 1227 31.59 10.93 -59.86
CA LEU H 1227 30.41 11.32 -60.62
C LEU H 1227 29.14 10.74 -60.02
N LEU H 1228 29.20 9.52 -59.46
CA LEU H 1228 28.05 9.02 -58.72
C LEU H 1228 27.75 9.91 -57.52
N GLU H 1229 28.79 10.36 -56.81
CA GLU H 1229 28.61 11.28 -55.70
C GLU H 1229 27.92 12.57 -56.16
N TYR H 1230 28.39 13.14 -57.27
CA TYR H 1230 27.84 14.40 -57.74
C TYR H 1230 26.39 14.24 -58.19
N THR H 1231 26.07 13.16 -58.91
CA THR H 1231 24.70 12.99 -59.37
C THR H 1231 23.76 12.69 -58.20
N ASP H 1232 24.27 12.04 -57.14
CA ASP H 1232 23.46 11.88 -55.94
C ASP H 1232 23.19 13.22 -55.27
N SER H 1233 24.22 14.07 -55.17
CA SER H 1233 24.05 15.39 -54.57
C SER H 1233 23.10 16.26 -55.39
N ASN H 1234 23.05 16.04 -56.71
CA ASN H 1234 22.09 16.76 -57.53
C ASN H 1234 20.68 16.23 -57.31
N ASN H 1235 20.53 14.90 -57.25
CA ASN H 1235 19.20 14.31 -57.17
C ASN H 1235 18.56 14.58 -55.81
N ILE H 1236 19.33 14.57 -54.73
CA ILE H 1236 18.75 14.84 -53.42
C ILE H 1236 18.13 16.23 -53.39
N ALA H 1237 18.80 17.21 -54.00
CA ALA H 1237 18.27 18.58 -54.02
C ALA H 1237 17.05 18.68 -54.93
N SER H 1238 17.16 18.19 -56.16
CA SER H 1238 16.03 18.26 -57.09
C SER H 1238 14.86 17.41 -56.62
N LEU H 1239 15.06 16.56 -55.62
CA LEU H 1239 14.02 15.72 -55.05
C LEU H 1239 13.35 16.38 -53.86
N PHE H 1240 14.14 16.95 -52.94
CA PHE H 1240 13.57 17.70 -51.84
C PHE H 1240 12.77 18.89 -52.35
N LEU H 1241 13.19 19.49 -53.47
CA LEU H 1241 12.45 20.63 -54.01
C LEU H 1241 11.05 20.22 -54.45
N THR H 1242 10.95 19.10 -55.17
CA THR H 1242 9.64 18.63 -55.61
C THR H 1242 8.80 18.14 -54.43
N ALA H 1243 9.45 17.58 -53.40
CA ALA H 1243 8.72 17.18 -52.21
C ALA H 1243 8.10 18.38 -51.51
N ALA H 1244 8.86 19.48 -51.40
CA ALA H 1244 8.33 20.68 -50.75
C ALA H 1244 7.22 21.32 -51.57
N ASN H 1245 7.38 21.33 -52.89
CA ASN H 1245 6.30 21.85 -53.74
C ASN H 1245 5.03 21.02 -53.56
N ARG H 1246 5.17 19.69 -53.52
CA ARG H 1246 4.01 18.84 -53.25
C ARG H 1246 3.38 19.14 -51.89
N TRP H 1247 4.22 19.38 -50.88
CA TRP H 1247 3.70 19.69 -49.55
C TRP H 1247 2.82 20.93 -49.60
N LEU H 1248 3.38 22.04 -50.08
CA LEU H 1248 2.60 23.27 -50.17
C LEU H 1248 1.33 23.08 -50.99
N GLU H 1249 1.45 22.38 -52.12
CA GLU H 1249 0.29 22.14 -52.97
C GLU H 1249 -0.82 21.43 -52.20
N VAL H 1250 -0.50 20.30 -51.57
CA VAL H 1250 -1.52 19.49 -50.93
C VAL H 1250 -2.18 20.25 -49.79
N ARG H 1251 -1.40 20.98 -48.99
CA ARG H 1251 -2.01 21.66 -47.85
C ARG H 1251 -2.90 22.82 -48.31
N MET H 1252 -2.41 23.63 -49.25
CA MET H 1252 -3.25 24.70 -49.79
C MET H 1252 -4.51 24.13 -50.42
N GLU H 1253 -4.42 22.95 -51.05
CA GLU H 1253 -5.60 22.35 -51.65
C GLU H 1253 -6.58 21.85 -50.60
N TYR H 1254 -6.08 21.25 -49.52
CA TYR H 1254 -6.96 20.83 -48.43
C TYR H 1254 -7.73 22.01 -47.88
N ILE H 1255 -7.07 23.17 -47.75
CA ILE H 1255 -7.80 24.35 -47.27
C ILE H 1255 -8.78 24.85 -48.32
N GLY H 1256 -8.40 24.80 -49.60
CA GLY H 1256 -9.31 25.19 -50.66
C GLY H 1256 -10.52 24.28 -50.79
N ALA H 1257 -10.45 23.07 -50.26
CA ALA H 1257 -11.60 22.19 -50.19
C ALA H 1257 -12.42 22.43 -48.92
N CYS H 1258 -11.75 22.73 -47.81
CA CYS H 1258 -12.48 23.14 -46.61
C CYS H 1258 -13.36 24.35 -46.89
N VAL H 1259 -12.86 25.31 -47.67
CA VAL H 1259 -13.63 26.53 -47.89
C VAL H 1259 -14.87 26.25 -48.72
N VAL H 1260 -14.78 25.37 -49.72
CA VAL H 1260 -15.96 25.05 -50.52
C VAL H 1260 -16.94 24.21 -49.73
N LEU H 1261 -16.44 23.31 -48.86
CA LEU H 1261 -17.33 22.59 -47.95
C LEU H 1261 -18.14 23.54 -47.10
N ILE H 1262 -17.47 24.48 -46.43
CA ILE H 1262 -18.18 25.41 -45.55
C ILE H 1262 -19.11 26.30 -46.35
N ALA H 1263 -18.68 26.72 -47.54
CA ALA H 1263 -19.52 27.58 -48.37
C ALA H 1263 -20.80 26.87 -48.77
N ALA H 1264 -20.70 25.62 -49.23
CA ALA H 1264 -21.89 24.88 -49.63
C ALA H 1264 -22.79 24.59 -48.43
N ALA H 1265 -22.19 24.26 -47.28
CA ALA H 1265 -22.99 23.97 -46.09
C ALA H 1265 -23.76 25.20 -45.62
N THR H 1266 -23.17 26.39 -45.76
CA THR H 1266 -23.90 27.60 -45.42
C THR H 1266 -24.92 27.97 -46.49
N SER H 1267 -24.62 27.68 -47.76
CA SER H 1267 -25.51 28.07 -48.84
C SER H 1267 -26.78 27.23 -48.85
N ILE H 1268 -26.66 25.94 -48.57
CA ILE H 1268 -27.83 25.07 -48.63
C ILE H 1268 -28.88 25.48 -47.60
N SER H 1269 -28.44 26.00 -46.46
CA SER H 1269 -29.37 26.35 -45.39
C SER H 1269 -29.78 27.82 -45.48
N ASN H 1270 -28.81 28.72 -45.48
CA ASN H 1270 -29.11 30.15 -45.40
C ASN H 1270 -29.85 30.62 -46.64
N SER H 1271 -29.39 30.21 -47.83
CA SER H 1271 -29.96 30.72 -49.07
C SER H 1271 -31.20 29.96 -49.53
N LEU H 1272 -31.57 28.88 -48.85
CA LEU H 1272 -32.77 28.14 -49.19
C LEU H 1272 -33.84 28.20 -48.10
N HIS H 1273 -33.48 27.87 -46.86
CA HIS H 1273 -34.46 27.84 -45.79
C HIS H 1273 -35.02 29.22 -45.50
N ARG H 1274 -34.13 30.21 -45.35
CA ARG H 1274 -34.54 31.56 -45.01
C ARG H 1274 -34.57 32.50 -46.21
N GLU H 1275 -33.45 32.60 -46.95
CA GLU H 1275 -33.37 33.58 -48.02
C GLU H 1275 -34.21 33.19 -49.23
N LEU H 1276 -34.30 31.89 -49.51
CA LEU H 1276 -35.01 31.32 -50.68
C LEU H 1276 -34.69 32.11 -51.95
N SER H 1277 -33.40 32.11 -52.30
CA SER H 1277 -32.91 32.72 -53.53
C SER H 1277 -31.96 31.74 -54.20
N ALA H 1278 -32.29 31.33 -55.42
CA ALA H 1278 -31.57 30.24 -56.08
C ALA H 1278 -30.43 30.73 -56.96
N GLY H 1279 -30.50 31.96 -57.46
CA GLY H 1279 -29.41 32.47 -58.28
C GLY H 1279 -28.12 32.66 -57.51
N LEU H 1280 -28.17 32.63 -56.18
CA LEU H 1280 -26.98 32.83 -55.36
C LEU H 1280 -26.09 31.59 -55.36
N VAL H 1281 -26.66 30.45 -54.97
CA VAL H 1281 -25.87 29.24 -54.73
C VAL H 1281 -25.06 28.85 -55.96
N GLY H 1282 -25.55 29.17 -57.16
CA GLY H 1282 -24.82 28.86 -58.36
C GLY H 1282 -23.45 29.52 -58.41
N LEU H 1283 -23.43 30.85 -58.27
CA LEU H 1283 -22.16 31.58 -58.30
C LEU H 1283 -21.22 31.09 -57.20
N GLY H 1284 -21.74 30.95 -55.98
CA GLY H 1284 -20.90 30.54 -54.87
C GLY H 1284 -20.27 29.17 -55.09
N LEU H 1285 -21.09 28.19 -55.49
CA LEU H 1285 -20.56 26.85 -55.73
C LEU H 1285 -19.57 26.86 -56.89
N THR H 1286 -19.88 27.55 -57.98
CA THR H 1286 -19.00 27.54 -59.14
C THR H 1286 -17.66 28.20 -58.84
N TYR H 1287 -17.64 29.24 -58.00
CA TYR H 1287 -16.37 29.88 -57.69
C TYR H 1287 -15.61 29.15 -56.60
N ALA H 1288 -16.30 28.52 -55.65
CA ALA H 1288 -15.63 27.77 -54.60
C ALA H 1288 -15.12 26.42 -55.08
N LEU H 1289 -15.68 25.87 -56.16
CA LEU H 1289 -15.14 24.66 -56.74
C LEU H 1289 -13.77 24.86 -57.37
N MET H 1290 -13.40 26.12 -57.67
CA MET H 1290 -12.18 26.41 -58.38
C MET H 1290 -11.24 27.39 -57.68
N VAL H 1291 -11.66 28.00 -56.58
CA VAL H 1291 -10.81 28.98 -55.88
C VAL H 1291 -9.43 28.41 -55.55
N SER H 1292 -9.34 27.09 -55.35
CA SER H 1292 -8.09 26.51 -54.90
C SER H 1292 -6.99 26.60 -55.97
N ASN H 1293 -7.35 26.37 -57.23
CA ASN H 1293 -6.36 26.43 -58.29
C ASN H 1293 -5.84 27.85 -58.48
N TYR H 1294 -6.73 28.85 -58.35
CA TYR H 1294 -6.27 30.24 -58.39
C TYR H 1294 -5.36 30.55 -57.21
N LEU H 1295 -5.68 30.02 -56.03
CA LEU H 1295 -4.79 30.18 -54.88
C LEU H 1295 -3.40 29.62 -55.16
N ASN H 1296 -3.34 28.43 -55.76
CA ASN H 1296 -2.04 27.82 -56.01
C ASN H 1296 -1.24 28.59 -57.04
N TRP H 1297 -1.89 28.98 -58.14
CA TRP H 1297 -1.25 29.87 -59.10
C TRP H 1297 -0.66 31.09 -58.39
N MET H 1298 -1.46 31.72 -57.52
CA MET H 1298 -1.03 32.89 -56.78
C MET H 1298 0.26 32.61 -56.02
N VAL H 1299 0.27 31.56 -55.20
CA VAL H 1299 1.41 31.37 -54.30
C VAL H 1299 2.67 31.01 -55.09
N ARG H 1300 2.54 30.15 -56.10
CA ARG H 1300 3.72 29.74 -56.86
C ARG H 1300 4.30 30.92 -57.65
N ASN H 1301 3.44 31.67 -58.34
CA ASN H 1301 3.92 32.85 -59.06
C ASN H 1301 4.51 33.87 -58.11
N LEU H 1302 4.00 33.96 -56.88
CA LEU H 1302 4.60 34.88 -55.90
C LEU H 1302 6.03 34.47 -55.57
N ALA H 1303 6.25 33.18 -55.34
CA ALA H 1303 7.61 32.71 -55.06
C ALA H 1303 8.55 33.04 -56.23
N ASP H 1304 8.11 32.75 -57.45
CA ASP H 1304 8.93 33.03 -58.62
C ASP H 1304 9.23 34.53 -58.76
N MET H 1305 8.21 35.36 -58.58
CA MET H 1305 8.41 36.80 -58.68
C MET H 1305 9.38 37.29 -57.63
N GLU H 1306 9.35 36.69 -56.44
CA GLU H 1306 10.28 37.11 -55.39
C GLU H 1306 11.72 36.76 -55.75
N ILE H 1307 11.95 35.55 -56.28
CA ILE H 1307 13.34 35.22 -56.64
C ILE H 1307 13.82 36.09 -57.81
N GLN H 1308 12.93 36.42 -58.74
CA GLN H 1308 13.33 37.25 -59.86
C GLN H 1308 13.59 38.69 -59.43
N LEU H 1309 12.81 39.21 -58.47
CA LEU H 1309 13.05 40.54 -57.96
C LEU H 1309 14.35 40.60 -57.17
N GLY H 1310 14.65 39.53 -56.42
CA GLY H 1310 15.96 39.44 -55.77
C GLY H 1310 17.10 39.42 -56.76
N ALA H 1311 16.88 38.80 -57.93
CA ALA H 1311 17.88 38.88 -59.00
C ALA H 1311 18.01 40.31 -59.53
N VAL H 1312 16.88 41.02 -59.63
CA VAL H 1312 16.91 42.38 -60.16
C VAL H 1312 17.66 43.32 -59.22
N LYS H 1313 17.50 43.14 -57.91
CA LYS H 1313 18.08 44.08 -56.94
C LYS H 1313 19.57 44.31 -57.15
N ARG H 1314 20.31 43.31 -57.64
CA ARG H 1314 21.74 43.50 -57.84
C ARG H 1314 22.03 44.47 -58.96
N ILE H 1315 21.10 44.64 -59.91
CA ILE H 1315 21.28 45.66 -60.95
C ILE H 1315 21.30 47.05 -60.31
N HIS H 1316 20.37 47.31 -59.40
CA HIS H 1316 20.39 48.59 -58.67
C HIS H 1316 21.62 48.70 -57.78
N ALA H 1317 22.05 47.59 -57.19
CA ALA H 1317 23.29 47.59 -56.43
C ALA H 1317 24.46 48.04 -57.29
N LEU H 1318 24.48 47.64 -58.56
CA LEU H 1318 25.48 48.12 -59.50
C LEU H 1318 25.21 49.54 -59.98
N LEU H 1319 23.95 50.01 -59.89
CA LEU H 1319 23.61 51.33 -60.41
C LEU H 1319 24.22 52.45 -59.58
N LYS H 1320 24.47 52.22 -58.29
CA LYS H 1320 24.94 53.28 -57.39
C LYS H 1320 26.45 53.32 -57.26
N THR H 1321 27.17 52.96 -58.31
CA THR H 1321 28.64 52.99 -58.27
C THR H 1321 29.16 54.36 -58.71
O3 GBM I . 5.93 -58.67 -20.07
O4 GBM I . 3.88 -59.80 -21.54
O5 GBM I . 4.62 -61.56 -22.86
O6 GBM I . 1.53 -64.39 -19.97
CL1 GBM I . -3.72 -66.17 -16.94
S2 GBM I . 4.82 -60.89 -21.60
O7 GBM I . -0.65 -63.58 -21.36
N8 GBM I . 8.03 -59.11 -20.58
N9 GBM I . 6.34 -60.34 -21.53
N10 GBM I . 1.39 -65.33 -17.95
C11 GBM I . 9.06 -59.97 -21.10
C12 GBM I . 9.31 -61.08 -20.10
C13 GBM I . 10.32 -59.14 -21.28
C14 GBM I . 10.51 -61.94 -20.49
C15 GBM I . 11.54 -59.99 -21.65
C16 GBM I . 11.75 -61.08 -20.61
C17 GBM I . 6.73 -59.34 -20.71
C18 GBM I . 4.52 -61.90 -20.41
C19 GBM I . 3.96 -63.66 -18.32
C20 GBM I . 3.63 -64.60 -17.19
C21 GBM I . 5.23 -63.10 -20.29
C22 GBM I . 3.52 -61.60 -19.48
C23 GBM I . 4.95 -63.97 -19.24
C24 GBM I . 3.25 -62.47 -18.44
C25 GBM I . 2.12 -64.55 -16.96
C26 GBM I . 0.85 -64.82 -19.06
C27 GBM I . -0.64 -64.80 -19.18
C28 GBM I . -1.34 -64.17 -20.34
C29 GBM I . -1.39 -65.39 -18.18
C30 GBM I . -2.73 -64.21 -20.38
C31 GBM I . -2.79 -65.39 -18.26
C32 GBM I . -3.44 -64.81 -19.35
C33 GBM I . -0.43 -64.27 -22.59
O3 GBM J . 9.16 -20.14 58.23
O4 GBM J . 7.17 -21.61 59.47
O5 GBM J . 8.01 -22.93 61.18
O6 GBM J . 5.09 -20.04 64.18
CL1 GBM J . -0.04 -16.98 66.27
S2 GBM J . 8.17 -21.67 60.50
O7 GBM J . 2.86 -21.42 63.50
N8 GBM J . 11.28 -20.66 58.55
N9 GBM J . 9.66 -21.60 59.87
N10 GBM J . 5.01 -18.01 65.13
C11 GBM J . 12.36 -21.19 59.35
C12 GBM J . 12.68 -20.18 60.44
C13 GBM J . 13.57 -21.37 58.45
C14 GBM J . 13.92 -20.58 61.23
C15 GBM J . 14.83 -21.74 59.23
C16 GBM J . 15.11 -20.70 60.31
C17 GBM J . 9.99 -20.78 58.86
C18 GBM J . 7.93 -20.48 61.54
C19 GBM J . 7.48 -18.39 63.32
C20 GBM J . 7.21 -17.26 64.28
C21 GBM J . 8.71 -20.36 62.69
C22 GBM J . 6.92 -19.55 61.29
C23 GBM J . 8.48 -19.32 63.58
C24 GBM J . 6.71 -18.51 62.18
C25 GBM J . 5.70 -17.03 64.32
C26 GBM J . 4.44 -19.12 64.65
C27 GBM J . 2.95 -19.23 64.72
C28 GBM J . 2.21 -20.39 64.13
C29 GBM J . 2.24 -18.24 65.35
C30 GBM J . 0.83 -20.42 64.24
C31 GBM J . 0.84 -18.31 65.43
C32 GBM J . 0.16 -19.39 64.89
C33 GBM J . 3.11 -22.65 64.18
O3 GBM K . 10.48 58.18 19.63
O4 GBM K . 8.58 59.43 21.21
O5 GBM K . 9.50 61.14 22.48
O6 GBM K . 6.43 64.15 19.76
CL1 GBM K . 1.14 66.25 17.00
S2 GBM K . 9.58 60.45 21.22
O7 GBM K . 4.28 63.47 21.27
N8 GBM K . 12.62 58.49 20.03
N9 GBM K . 11.06 59.82 21.06
N10 GBM K . 6.24 65.10 17.74
C11 GBM K . 13.73 59.28 20.50
C12 GBM K . 14.00 60.38 19.48
C13 GBM K . 14.95 58.39 20.61
C14 GBM K . 15.26 61.17 19.81
C15 GBM K . 16.23 59.16 20.91
C16 GBM K . 16.46 60.24 19.86
C17 GBM K . 11.35 58.80 20.23
C18 GBM K . 9.28 61.49 20.04
C19 GBM K . 8.72 63.28 17.98
C20 GBM K . 8.39 64.24 16.87
C21 GBM K . 10.05 62.65 19.88
C22 GBM K . 8.22 61.25 19.17
C23 GBM K . 9.77 63.53 18.85
C24 GBM K . 7.95 62.13 18.14
C25 GBM K . 6.87 64.29 16.73
C26 GBM K . 5.73 64.62 18.88
C27 GBM K . 4.25 64.69 19.08
C28 GBM K . 3.57 64.11 20.28
C29 GBM K . 3.48 65.33 18.13
C30 GBM K . 2.20 64.22 20.39
C31 GBM K . 2.10 65.41 18.28
C32 GBM K . 1.47 64.87 19.40
C33 GBM K . 4.60 64.15 22.48
O3 GBM L . 7.25 19.65 -58.66
O4 GBM L . 5.29 21.23 -59.80
O5 GBM L . 6.11 22.50 -61.56
O6 GBM L . 2.87 19.80 -64.39
CL1 GBM L . -2.54 17.06 -66.20
S2 GBM L . 6.23 21.24 -60.88
O7 GBM L . 0.77 21.31 -63.59
N8 GBM L . 9.37 20.04 -59.10
N9 GBM L . 7.74 21.08 -60.33
N10 GBM L . 2.62 17.78 -65.33
C11 GBM L . 10.44 20.50 -59.95
C12 GBM L . 10.64 19.49 -61.06
C13 GBM L . 11.70 20.62 -59.12
C14 GBM L . 11.85 19.81 -61.91
C15 GBM L . 12.94 20.91 -59.97
C16 GBM L . 13.10 19.86 -61.06
C17 GBM L . 8.08 20.24 -59.34
C18 GBM L . 5.87 20.06 -61.90
C19 GBM L . 5.20 18.01 -63.66
C20 GBM L . 4.81 16.90 -64.60
C21 GBM L . 6.57 19.91 -63.10
C22 GBM L . 4.82 19.20 -61.60
C23 GBM L . 6.24 18.88 -63.97
C24 GBM L . 4.50 18.17 -62.47
C25 GBM L . 3.29 16.76 -64.56
C26 GBM L . 2.14 18.92 -64.83
C27 GBM L . 0.66 19.13 -64.81
C28 GBM L . 0.02 20.33 -64.19
C29 GBM L . -0.15 18.18 -65.41
C30 GBM L . -1.36 20.44 -64.23
C31 GBM L . -1.53 18.33 -65.42
C32 GBM L . -2.12 19.45 -64.84
C33 GBM L . 1.05 22.52 -64.29
#